data_4GPK
#
_entry.id   4GPK
#
_cell.length_a   122.240
_cell.length_b   133.350
_cell.length_c   137.500
_cell.angle_alpha   108.25
_cell.angle_beta   104.83
_cell.angle_gamma   103.83
#
_symmetry.space_group_name_H-M   'P 1'
#
loop_
_entity.id
_entity.type
_entity.pdbx_description
1 polymer NprR
2 polymer 'NprX peptide'
#
loop_
_entity_poly.entity_id
_entity_poly.type
_entity_poly.pdbx_seq_one_letter_code
_entity_poly.pdbx_strand_id
1 'polypeptide(L)'
;MAVTDLRDVEEDVKGKLDEWLNALVHLDKQQVERIYEELQGEMKHVLDFEIINYYKLLYTRYLIMKRDISALEEELDKLK
KVYKKYSPFQKLLYMYGRGLLCCLQYRWKDGLDYLLKTEVMAKEQGYHETGLYYNIALAYTHLDIHHLAIHFVNMALEGF
RSEYKFRNIINCQILIAVSYTEKGQYEEALKMYESILREATSFADKDVLLAITLSNMGSIYYKKGKYQQAKKYYLDSLQL
QKQIDLNYLDTIYEMALVCIKLEELEEARTLIDKGIDAAKQEERFNAKLYLLLMLRYKYFEEAKDYKAFLENEAIPLYKS
AGNKIELKKVYVELAEHFSSLSRFEESNRYYRLVIDLMNDNKEERSHHHHHH
;
A,B,C,D,E,F,G,H,I,J,K,L
2 'polypeptide(L)' SSKPDIVG M,N,O,P,Q,R,S,T,U,V,W,X
#
# COMPACT_ATOMS: atom_id res chain seq x y z
N ARG A 7 21.75 -71.63 -29.81
CA ARG A 7 20.58 -70.92 -29.28
C ARG A 7 20.42 -71.14 -27.79
N ASP A 8 20.98 -72.24 -27.30
CA ASP A 8 20.98 -72.53 -25.86
C ASP A 8 22.25 -71.96 -25.24
N VAL A 9 23.22 -71.64 -26.09
CA VAL A 9 24.48 -71.08 -25.67
C VAL A 9 24.28 -69.70 -25.06
N GLU A 10 23.23 -69.00 -25.52
CA GLU A 10 22.94 -67.64 -25.07
C GLU A 10 22.81 -67.53 -23.56
N GLU A 11 21.99 -68.40 -22.96
CA GLU A 11 21.79 -68.36 -21.51
C GLU A 11 22.98 -68.92 -20.73
N ASP A 12 23.85 -69.66 -21.41
CA ASP A 12 25.08 -70.13 -20.80
C ASP A 12 26.08 -68.98 -20.67
N VAL A 13 26.25 -68.25 -21.77
CA VAL A 13 27.13 -67.09 -21.80
C VAL A 13 26.60 -66.01 -20.85
N LYS A 14 25.28 -65.79 -20.88
CA LYS A 14 24.63 -64.88 -19.96
C LYS A 14 24.82 -65.36 -18.52
N GLY A 15 24.83 -66.67 -18.35
CA GLY A 15 25.08 -67.27 -17.05
C GLY A 15 26.45 -66.91 -16.53
N LYS A 16 27.48 -67.15 -17.33
CA LYS A 16 28.85 -66.83 -16.96
C LYS A 16 29.05 -65.32 -16.79
N LEU A 17 28.26 -64.52 -17.49
CA LEU A 17 28.28 -63.07 -17.32
C LEU A 17 27.72 -62.71 -15.96
N ASP A 18 26.68 -63.42 -15.55
CA ASP A 18 26.10 -63.22 -14.23
C ASP A 18 27.06 -63.66 -13.14
N GLU A 19 27.85 -64.68 -13.43
CA GLU A 19 28.87 -65.15 -12.50
C GLU A 19 30.00 -64.14 -12.39
N TRP A 20 30.35 -63.51 -13.50
CA TRP A 20 31.38 -62.48 -13.50
C TRP A 20 30.89 -61.25 -12.74
N LEU A 21 29.60 -60.96 -12.88
CA LEU A 21 28.98 -59.86 -12.14
C LEU A 21 29.02 -60.16 -10.65
N ASN A 22 28.66 -61.39 -10.29
CA ASN A 22 28.71 -61.83 -8.91
C ASN A 22 30.11 -61.72 -8.32
N ALA A 23 31.10 -62.07 -9.14
CA ALA A 23 32.50 -61.98 -8.73
C ALA A 23 32.96 -60.53 -8.59
N LEU A 24 32.39 -59.65 -9.42
CA LEU A 24 32.73 -58.24 -9.37
C LEU A 24 32.11 -57.55 -8.15
N VAL A 25 30.94 -58.02 -7.75
CA VAL A 25 30.26 -57.46 -6.57
C VAL A 25 30.99 -57.87 -5.29
N HIS A 26 31.36 -59.14 -5.21
CA HIS A 26 32.08 -59.66 -4.04
C HIS A 26 33.57 -59.36 -4.13
N LEU A 27 33.99 -58.81 -5.27
CA LEU A 27 35.39 -58.45 -5.52
C LEU A 27 36.35 -59.64 -5.41
N ASP A 28 35.85 -60.83 -5.71
CA ASP A 28 36.69 -62.03 -5.73
C ASP A 28 37.63 -61.98 -6.92
N LYS A 29 38.74 -61.27 -6.76
CA LYS A 29 39.67 -61.01 -7.86
C LYS A 29 40.16 -62.26 -8.58
N GLN A 30 40.26 -63.36 -7.84
CA GLN A 30 40.64 -64.65 -8.43
C GLN A 30 39.55 -65.09 -9.40
N GLN A 31 38.32 -65.14 -8.92
CA GLN A 31 37.17 -65.49 -9.74
C GLN A 31 36.98 -64.47 -10.87
N VAL A 32 37.22 -63.20 -10.54
CA VAL A 32 37.10 -62.12 -11.52
C VAL A 32 38.02 -62.35 -12.71
N GLU A 33 39.31 -62.57 -12.43
CA GLU A 33 40.29 -62.80 -13.49
C GLU A 33 40.01 -64.10 -14.24
N ARG A 34 39.64 -65.14 -13.49
CA ARG A 34 39.35 -66.45 -14.08
C ARG A 34 38.23 -66.36 -15.09
N ILE A 35 37.09 -65.83 -14.67
CA ILE A 35 35.94 -65.68 -15.57
C ILE A 35 36.24 -64.68 -16.68
N TYR A 36 37.06 -63.68 -16.38
CA TYR A 36 37.48 -62.70 -17.38
C TYR A 36 38.18 -63.39 -18.54
N GLU A 37 39.20 -64.19 -18.24
CA GLU A 37 39.92 -64.92 -19.27
C GLU A 37 39.13 -66.14 -19.76
N GLU A 38 38.01 -66.42 -19.11
CA GLU A 38 37.13 -67.51 -19.53
C GLU A 38 36.15 -67.01 -20.59
N LEU A 39 35.87 -65.72 -20.56
CA LEU A 39 34.86 -65.13 -21.45
C LEU A 39 35.45 -64.21 -22.52
N GLN A 40 36.61 -63.63 -22.24
CA GLN A 40 37.24 -62.70 -23.16
C GLN A 40 37.58 -63.35 -24.50
N GLY A 41 37.84 -64.66 -24.45
CA GLY A 41 38.13 -65.42 -25.66
C GLY A 41 36.91 -66.14 -26.20
N GLU A 42 35.92 -66.35 -25.34
CA GLU A 42 34.70 -67.04 -25.73
C GLU A 42 33.67 -66.06 -26.27
N MET A 43 33.95 -64.76 -26.13
CA MET A 43 33.03 -63.72 -26.58
C MET A 43 33.18 -63.48 -28.09
N LYS A 44 34.08 -64.22 -28.72
CA LYS A 44 34.34 -64.04 -30.15
C LYS A 44 33.18 -64.46 -31.03
N HIS A 45 32.33 -65.34 -30.52
CA HIS A 45 31.21 -65.87 -31.29
C HIS A 45 29.87 -65.35 -30.79
N VAL A 46 29.86 -64.13 -30.25
CA VAL A 46 28.63 -63.53 -29.75
C VAL A 46 28.14 -62.41 -30.69
N LEU A 47 26.88 -62.51 -31.11
CA LEU A 47 26.31 -61.54 -32.03
C LEU A 47 25.14 -60.78 -31.41
N ASP A 48 24.62 -61.30 -30.30
CA ASP A 48 23.50 -60.67 -29.61
C ASP A 48 23.93 -59.35 -28.98
N PHE A 49 23.16 -58.30 -29.22
CA PHE A 49 23.49 -56.97 -28.71
C PHE A 49 23.50 -56.90 -27.19
N GLU A 50 22.50 -57.52 -26.56
CA GLU A 50 22.37 -57.50 -25.11
C GLU A 50 23.62 -58.06 -24.42
N ILE A 51 24.00 -59.28 -24.80
CA ILE A 51 25.18 -59.93 -24.22
C ILE A 51 26.44 -59.10 -24.40
N ILE A 52 26.63 -58.58 -25.62
CA ILE A 52 27.77 -57.72 -25.92
C ILE A 52 27.81 -56.50 -25.00
N ASN A 53 26.66 -55.86 -24.82
CA ASN A 53 26.59 -54.70 -23.95
C ASN A 53 26.81 -55.04 -22.47
N TYR A 54 26.36 -56.23 -22.07
CA TYR A 54 26.60 -56.72 -20.72
C TYR A 54 28.09 -56.88 -20.46
N TYR A 55 28.77 -57.53 -21.41
CA TYR A 55 30.21 -57.70 -21.33
C TYR A 55 30.92 -56.35 -21.30
N LYS A 56 30.50 -55.45 -22.19
CA LYS A 56 31.10 -54.12 -22.28
C LYS A 56 30.91 -53.30 -21.01
N LEU A 57 29.81 -53.54 -20.31
CA LEU A 57 29.52 -52.81 -19.08
C LEU A 57 30.19 -53.41 -17.85
N LEU A 58 30.32 -54.74 -17.83
CA LEU A 58 31.02 -55.41 -16.75
C LEU A 58 32.51 -55.12 -16.85
N TYR A 59 32.99 -55.00 -18.09
CA TYR A 59 34.40 -54.70 -18.33
C TYR A 59 34.77 -53.30 -17.82
N THR A 60 33.77 -52.44 -17.68
CA THR A 60 33.99 -51.11 -17.11
C THR A 60 34.30 -51.22 -15.63
N ARG A 61 33.57 -52.09 -14.93
CA ARG A 61 33.81 -52.32 -13.52
C ARG A 61 35.13 -53.06 -13.31
N TYR A 62 35.42 -53.99 -14.22
CA TYR A 62 36.71 -54.68 -14.21
C TYR A 62 37.83 -53.67 -14.43
N LEU A 63 37.54 -52.62 -15.18
CA LEU A 63 38.51 -51.57 -15.45
C LEU A 63 38.62 -50.64 -14.26
N ILE A 64 37.55 -50.59 -13.46
CA ILE A 64 37.58 -49.86 -12.19
C ILE A 64 38.47 -50.59 -11.20
N MET A 65 38.41 -51.93 -11.24
CA MET A 65 39.30 -52.74 -10.41
C MET A 65 40.77 -52.46 -10.70
N LYS A 66 41.08 -52.15 -11.95
CA LYS A 66 42.46 -51.88 -12.37
C LYS A 66 42.83 -50.42 -12.16
N ARG A 67 41.85 -49.60 -11.80
CA ARG A 67 42.04 -48.17 -11.58
C ARG A 67 42.61 -47.45 -12.80
N ASP A 68 42.19 -47.90 -13.98
CA ASP A 68 42.60 -47.26 -15.22
C ASP A 68 41.53 -46.26 -15.64
N ILE A 69 41.64 -45.04 -15.13
CA ILE A 69 40.61 -44.02 -15.35
C ILE A 69 40.53 -43.56 -16.81
N SER A 70 41.64 -43.64 -17.52
CA SER A 70 41.69 -43.23 -18.92
C SER A 70 40.84 -44.15 -19.80
N ALA A 71 41.21 -45.42 -19.81
CA ALA A 71 40.50 -46.42 -20.60
C ALA A 71 39.05 -46.55 -20.15
N LEU A 72 38.81 -46.30 -18.87
CA LEU A 72 37.45 -46.33 -18.33
C LEU A 72 36.61 -45.20 -18.90
N GLU A 73 37.17 -44.00 -18.87
CA GLU A 73 36.48 -42.82 -19.40
C GLU A 73 36.24 -42.95 -20.89
N GLU A 74 37.22 -43.47 -21.60
CA GLU A 74 37.09 -43.68 -23.05
C GLU A 74 36.03 -44.73 -23.37
N GLU A 75 36.02 -45.80 -22.58
CA GLU A 75 35.03 -46.86 -22.76
C GLU A 75 33.62 -46.35 -22.50
N LEU A 76 33.48 -45.58 -21.44
CA LEU A 76 32.18 -44.98 -21.10
C LEU A 76 31.75 -44.00 -22.19
N ASP A 77 32.71 -43.30 -22.78
CA ASP A 77 32.44 -42.40 -23.89
C ASP A 77 31.94 -43.19 -25.10
N LYS A 78 32.50 -44.38 -25.29
CA LYS A 78 32.06 -45.26 -26.38
C LYS A 78 30.65 -45.76 -26.12
N LEU A 79 30.34 -46.04 -24.86
CA LEU A 79 29.06 -46.63 -24.48
C LEU A 79 27.99 -45.57 -24.21
N LYS A 80 28.37 -44.30 -24.34
CA LYS A 80 27.42 -43.21 -24.14
C LYS A 80 26.53 -43.05 -25.36
N LYS A 81 27.07 -43.38 -26.53
CA LYS A 81 26.33 -43.26 -27.79
C LYS A 81 25.25 -44.32 -27.91
N VAL A 82 25.46 -45.45 -27.25
CA VAL A 82 24.53 -46.58 -27.34
C VAL A 82 23.74 -46.76 -26.05
N TYR A 83 23.72 -45.70 -25.23
CA TYR A 83 23.01 -45.73 -23.96
C TYR A 83 21.50 -45.81 -24.13
N LYS A 84 21.02 -45.34 -25.28
CA LYS A 84 19.58 -45.25 -25.54
C LYS A 84 18.91 -46.61 -25.64
N LYS A 85 19.60 -47.59 -26.20
CA LYS A 85 19.02 -48.91 -26.41
C LYS A 85 19.24 -49.84 -25.21
N TYR A 86 19.87 -49.30 -24.16
CA TYR A 86 20.21 -50.11 -22.99
C TYR A 86 18.99 -50.53 -22.17
N SER A 87 19.08 -51.70 -21.57
CA SER A 87 18.11 -52.16 -20.59
C SER A 87 18.25 -51.28 -19.36
N PRO A 88 17.17 -51.13 -18.57
CA PRO A 88 17.24 -50.32 -17.35
C PRO A 88 18.36 -50.76 -16.41
N PHE A 89 18.64 -52.06 -16.37
CA PHE A 89 19.74 -52.56 -15.56
C PHE A 89 21.09 -52.19 -16.17
N GLN A 90 21.15 -52.17 -17.50
CA GLN A 90 22.34 -51.75 -18.22
C GLN A 90 22.58 -50.26 -18.01
N LYS A 91 21.49 -49.50 -17.99
CA LYS A 91 21.55 -48.07 -17.69
C LYS A 91 22.04 -47.88 -16.26
N LEU A 92 21.60 -48.75 -15.37
CA LEU A 92 22.04 -48.76 -13.98
C LEU A 92 23.55 -48.95 -13.91
N LEU A 93 24.05 -49.97 -14.60
CA LEU A 93 25.47 -50.26 -14.63
C LEU A 93 26.28 -49.10 -15.21
N TYR A 94 25.75 -48.48 -16.26
CA TYR A 94 26.42 -47.34 -16.89
C TYR A 94 26.50 -46.15 -15.95
N MET A 95 25.39 -45.81 -15.31
CA MET A 95 25.35 -44.71 -14.35
C MET A 95 26.30 -44.95 -13.19
N TYR A 96 26.35 -46.20 -12.73
CA TYR A 96 27.23 -46.58 -11.65
C TYR A 96 28.69 -46.44 -12.04
N GLY A 97 29.02 -46.92 -13.24
CA GLY A 97 30.37 -46.83 -13.77
C GLY A 97 30.82 -45.38 -13.93
N ARG A 98 29.93 -44.54 -14.44
CA ARG A 98 30.23 -43.13 -14.60
C ARG A 98 30.37 -42.46 -13.23
N GLY A 99 29.61 -42.95 -12.25
CA GLY A 99 29.69 -42.44 -10.90
C GLY A 99 31.05 -42.70 -10.27
N LEU A 100 31.49 -43.96 -10.32
CA LEU A 100 32.80 -44.32 -9.81
C LEU A 100 33.91 -43.66 -10.61
N LEU A 101 33.64 -43.41 -11.89
CA LEU A 101 34.58 -42.71 -12.75
C LEU A 101 34.78 -41.29 -12.26
N CYS A 102 33.68 -40.62 -11.92
CA CYS A 102 33.74 -39.26 -11.41
C CYS A 102 34.36 -39.23 -10.01
N CYS A 103 34.15 -40.30 -9.25
CA CYS A 103 34.73 -40.40 -7.91
C CYS A 103 36.24 -40.62 -7.96
N LEU A 104 36.70 -41.31 -9.00
CA LEU A 104 38.13 -41.54 -9.18
C LEU A 104 38.85 -40.28 -9.64
N GLN A 105 38.11 -39.39 -10.29
CA GLN A 105 38.66 -38.12 -10.73
C GLN A 105 38.46 -37.05 -9.67
N TYR A 106 38.04 -37.49 -8.48
CA TYR A 106 37.86 -36.63 -7.31
C TYR A 106 36.84 -35.52 -7.51
N ARG A 107 35.91 -35.72 -8.45
CA ARG A 107 34.78 -34.82 -8.62
C ARG A 107 33.59 -35.42 -7.89
N TRP A 108 33.57 -35.28 -6.57
CA TRP A 108 32.59 -35.96 -5.72
C TRP A 108 31.16 -35.46 -5.89
N LYS A 109 31.01 -34.29 -6.50
CA LYS A 109 29.67 -33.74 -6.75
C LYS A 109 28.99 -34.50 -7.88
N ASP A 110 29.68 -34.57 -9.02
CA ASP A 110 29.18 -35.30 -10.17
C ASP A 110 29.02 -36.78 -9.81
N GLY A 111 30.01 -37.30 -9.10
CA GLY A 111 29.96 -38.67 -8.61
C GLY A 111 28.73 -38.89 -7.75
N LEU A 112 28.43 -37.92 -6.88
CA LEU A 112 27.24 -37.99 -6.05
C LEU A 112 25.98 -38.01 -6.91
N ASP A 113 25.97 -37.20 -7.96
CA ASP A 113 24.83 -37.16 -8.88
C ASP A 113 24.58 -38.53 -9.50
N TYR A 114 25.59 -39.07 -10.17
CA TYR A 114 25.46 -40.36 -10.84
C TYR A 114 25.18 -41.50 -9.86
N LEU A 115 25.69 -41.39 -8.64
CA LEU A 115 25.46 -42.41 -7.63
C LEU A 115 24.04 -42.34 -7.05
N LEU A 116 23.47 -41.13 -7.03
CA LEU A 116 22.10 -40.96 -6.57
C LEU A 116 21.13 -41.45 -7.64
N LYS A 117 21.42 -41.14 -8.89
CA LYS A 117 20.63 -41.66 -10.01
C LYS A 117 20.72 -43.19 -10.04
N THR A 118 21.92 -43.70 -9.77
CA THR A 118 22.13 -45.13 -9.69
C THR A 118 21.33 -45.71 -8.52
N GLU A 119 21.20 -44.92 -7.46
CA GLU A 119 20.48 -45.34 -6.26
C GLU A 119 18.99 -45.48 -6.55
N VAL A 120 18.40 -44.47 -7.18
CA VAL A 120 16.97 -44.53 -7.51
C VAL A 120 16.67 -45.57 -8.58
N MET A 121 17.60 -45.72 -9.53
CA MET A 121 17.44 -46.74 -10.58
C MET A 121 17.50 -48.14 -9.98
N ALA A 122 18.39 -48.35 -9.02
CA ALA A 122 18.49 -49.63 -8.33
C ALA A 122 17.30 -49.84 -7.42
N LYS A 123 16.71 -48.73 -6.96
CA LYS A 123 15.56 -48.79 -6.07
C LYS A 123 14.30 -49.18 -6.83
N GLU A 124 14.19 -48.72 -8.08
CA GLU A 124 13.05 -49.04 -8.92
C GLU A 124 13.03 -50.51 -9.33
N GLN A 125 14.20 -51.03 -9.70
CA GLN A 125 14.30 -52.39 -10.21
C GLN A 125 14.37 -53.44 -9.09
N GLY A 126 14.38 -52.96 -7.85
CA GLY A 126 14.44 -53.85 -6.69
C GLY A 126 15.82 -54.43 -6.49
N TYR A 127 16.79 -53.93 -7.26
CA TYR A 127 18.17 -54.39 -7.16
C TYR A 127 18.83 -53.82 -5.91
N HIS A 128 19.84 -54.52 -5.40
CA HIS A 128 20.49 -54.10 -4.16
C HIS A 128 21.97 -54.45 -4.11
N GLU A 129 22.81 -53.43 -4.30
CA GLU A 129 24.24 -53.56 -4.05
C GLU A 129 24.61 -52.77 -2.80
N THR A 130 25.10 -53.48 -1.79
CA THR A 130 25.43 -52.86 -0.50
C THR A 130 26.54 -51.82 -0.65
N GLY A 131 27.46 -52.08 -1.56
CA GLY A 131 28.60 -51.19 -1.77
C GLY A 131 28.20 -49.82 -2.29
N LEU A 132 27.04 -49.75 -2.95
CA LEU A 132 26.56 -48.49 -3.50
C LEU A 132 26.33 -47.45 -2.39
N TYR A 133 25.65 -47.88 -1.33
CA TYR A 133 25.39 -47.01 -0.19
C TYR A 133 26.70 -46.53 0.43
N TYR A 134 27.69 -47.42 0.47
CA TYR A 134 29.00 -47.06 0.99
C TYR A 134 29.67 -46.00 0.11
N ASN A 135 29.53 -46.14 -1.20
CA ASN A 135 30.11 -45.17 -2.13
C ASN A 135 29.46 -43.79 -1.98
N ILE A 136 28.14 -43.77 -1.98
CA ILE A 136 27.39 -42.53 -1.80
C ILE A 136 27.78 -41.86 -0.47
N ALA A 137 27.87 -42.68 0.57
CA ALA A 137 28.25 -42.21 1.89
C ALA A 137 29.65 -41.60 1.87
N LEU A 138 30.55 -42.26 1.14
CA LEU A 138 31.94 -41.81 1.02
C LEU A 138 31.98 -40.44 0.35
N ALA A 139 31.19 -40.28 -0.71
CA ALA A 139 31.08 -39.01 -1.39
C ALA A 139 30.56 -37.94 -0.44
N TYR A 140 29.55 -38.29 0.36
CA TYR A 140 29.00 -37.39 1.34
C TYR A 140 30.03 -36.94 2.38
N THR A 141 30.87 -37.86 2.82
CA THR A 141 31.92 -37.55 3.77
C THR A 141 32.96 -36.63 3.12
N HIS A 142 33.22 -36.86 1.84
CA HIS A 142 34.12 -36.00 1.08
C HIS A 142 33.54 -34.61 0.91
N LEU A 143 32.21 -34.51 0.97
CA LEU A 143 31.54 -33.22 0.80
C LEU A 143 31.28 -32.51 2.13
N ASP A 144 32.33 -32.37 2.93
CA ASP A 144 32.27 -31.65 4.21
C ASP A 144 31.20 -32.18 5.15
N ILE A 145 31.44 -33.39 5.67
CA ILE A 145 30.57 -34.11 6.63
C ILE A 145 29.06 -33.82 6.58
N HIS A 146 28.32 -34.73 5.97
CA HIS A 146 26.87 -34.63 5.93
C HIS A 146 26.22 -35.60 6.91
N HIS A 147 24.95 -35.36 7.21
CA HIS A 147 24.17 -36.27 8.03
C HIS A 147 23.78 -37.47 7.18
N LEU A 148 23.63 -37.23 5.89
CA LEU A 148 23.36 -38.28 4.93
C LEU A 148 24.53 -39.26 4.87
N ALA A 149 25.70 -38.80 5.26
CA ALA A 149 26.86 -39.67 5.37
C ALA A 149 26.61 -40.72 6.44
N ILE A 150 26.15 -40.28 7.60
CA ILE A 150 25.80 -41.18 8.69
C ILE A 150 24.66 -42.12 8.29
N HIS A 151 23.63 -41.56 7.68
CA HIS A 151 22.49 -42.35 7.23
C HIS A 151 22.91 -43.46 6.27
N PHE A 152 23.73 -43.10 5.30
CA PHE A 152 24.16 -44.05 4.27
C PHE A 152 25.21 -45.05 4.75
N VAL A 153 26.08 -44.66 5.68
CA VAL A 153 27.01 -45.64 6.25
C VAL A 153 26.24 -46.61 7.13
N ASN A 154 25.15 -46.15 7.72
CA ASN A 154 24.28 -47.04 8.48
C ASN A 154 23.56 -48.04 7.57
N MET A 155 22.98 -47.52 6.48
CA MET A 155 22.31 -48.37 5.51
C MET A 155 23.27 -49.37 4.87
N ALA A 156 24.53 -48.97 4.76
CA ALA A 156 25.56 -49.85 4.21
C ALA A 156 25.97 -50.90 5.23
N LEU A 157 26.02 -50.49 6.51
CA LEU A 157 26.37 -51.39 7.59
C LEU A 157 25.32 -52.48 7.76
N GLU A 158 24.05 -52.11 7.59
CA GLU A 158 22.96 -53.08 7.73
C GLU A 158 23.08 -54.22 6.72
N GLY A 159 23.68 -53.94 5.57
CA GLY A 159 23.84 -54.93 4.53
C GLY A 159 25.18 -55.66 4.60
N PHE A 160 26.22 -54.95 5.01
CA PHE A 160 27.56 -55.53 5.10
C PHE A 160 27.62 -56.62 6.18
N ARG A 161 26.96 -56.38 7.30
CA ARG A 161 26.93 -57.35 8.38
C ARG A 161 26.15 -58.59 7.98
N SER A 162 25.27 -58.44 6.99
CA SER A 162 24.41 -59.53 6.55
C SER A 162 25.19 -60.63 5.84
N GLU A 163 26.26 -60.26 5.13
CA GLU A 163 27.07 -61.25 4.44
C GLU A 163 28.58 -61.11 4.67
N TYR A 164 28.93 -60.69 5.88
CA TYR A 164 30.27 -60.89 6.43
C TYR A 164 31.40 -60.13 5.73
N LYS A 165 31.10 -58.94 5.21
CA LYS A 165 32.15 -58.12 4.60
C LYS A 165 32.72 -57.13 5.62
N PHE A 166 33.55 -57.64 6.53
CA PHE A 166 34.07 -56.86 7.64
C PHE A 166 35.10 -55.82 7.20
N ARG A 167 35.82 -56.11 6.13
CA ARG A 167 36.82 -55.21 5.60
C ARG A 167 36.19 -53.91 5.12
N ASN A 168 34.91 -53.98 4.76
CA ASN A 168 34.15 -52.79 4.40
C ASN A 168 33.56 -52.15 5.65
N ILE A 169 33.14 -53.00 6.59
CA ILE A 169 32.57 -52.56 7.84
C ILE A 169 33.50 -51.62 8.59
N ILE A 170 34.79 -51.98 8.64
CA ILE A 170 35.79 -51.15 9.31
C ILE A 170 35.91 -49.77 8.67
N ASN A 171 35.82 -49.71 7.35
CA ASN A 171 35.83 -48.44 6.62
C ASN A 171 34.60 -47.61 6.95
N CYS A 172 33.46 -48.29 7.05
CA CYS A 172 32.23 -47.63 7.46
C CYS A 172 32.40 -47.02 8.85
N GLN A 173 33.05 -47.77 9.75
CA GLN A 173 33.32 -47.31 11.10
C GLN A 173 34.25 -46.10 11.09
N ILE A 174 35.18 -46.08 10.13
CA ILE A 174 36.07 -44.94 9.96
C ILE A 174 35.26 -43.71 9.56
N LEU A 175 34.34 -43.90 8.62
CA LEU A 175 33.46 -42.81 8.18
C LEU A 175 32.61 -42.29 9.32
N ILE A 176 32.15 -43.19 10.18
CA ILE A 176 31.39 -42.81 11.36
C ILE A 176 32.26 -42.02 12.33
N ALA A 177 33.51 -42.46 12.48
CA ALA A 177 34.45 -41.79 13.38
C ALA A 177 34.74 -40.37 12.90
N VAL A 178 34.83 -40.20 11.58
CA VAL A 178 35.00 -38.87 11.00
C VAL A 178 33.74 -38.05 11.23
N SER A 179 32.59 -38.72 11.13
CA SER A 179 31.30 -38.06 11.34
C SER A 179 31.20 -37.47 12.75
N TYR A 180 31.64 -38.24 13.74
CA TYR A 180 31.69 -37.75 15.11
C TYR A 180 32.78 -36.70 15.24
N THR A 181 33.83 -36.85 14.44
CA THR A 181 35.00 -35.98 14.53
C THR A 181 34.73 -34.53 14.14
N GLU A 182 34.31 -34.30 12.90
CA GLU A 182 34.23 -32.94 12.38
C GLU A 182 33.12 -32.08 12.96
N LYS A 183 31.91 -32.65 13.10
CA LYS A 183 30.77 -31.87 13.58
C LYS A 183 30.58 -31.92 15.09
N GLY A 184 31.04 -33.01 15.72
CA GLY A 184 30.83 -33.19 17.14
C GLY A 184 32.10 -33.28 17.97
N GLN A 185 31.97 -33.80 19.19
CA GLN A 185 33.11 -33.97 20.08
C GLN A 185 34.07 -35.03 19.57
N TYR A 186 35.23 -35.13 20.18
CA TYR A 186 36.32 -35.95 19.63
C TYR A 186 36.60 -37.22 20.41
N GLU A 187 36.25 -37.25 21.69
CA GLU A 187 36.59 -38.37 22.56
C GLU A 187 35.94 -39.69 22.12
N GLU A 188 34.67 -39.63 21.74
CA GLU A 188 33.96 -40.81 21.23
C GLU A 188 34.64 -41.30 19.96
N ALA A 189 34.99 -40.36 19.08
CA ALA A 189 35.70 -40.67 17.85
C ALA A 189 37.08 -41.26 18.15
N LEU A 190 37.67 -40.83 19.27
CA LEU A 190 38.95 -41.36 19.71
C LEU A 190 38.82 -42.80 20.18
N LYS A 191 37.71 -43.11 20.83
CA LYS A 191 37.42 -44.49 21.24
C LYS A 191 37.22 -45.35 20.00
N MET A 192 36.48 -44.79 19.04
CA MET A 192 36.26 -45.42 17.74
C MET A 192 37.59 -45.80 17.11
N TYR A 193 38.44 -44.81 16.90
CA TYR A 193 39.76 -45.02 16.30
C TYR A 193 40.65 -45.95 17.12
N GLU A 194 40.44 -45.96 18.42
CA GLU A 194 41.20 -46.84 19.31
C GLU A 194 40.84 -48.30 19.03
N SER A 195 39.56 -48.60 19.02
CA SER A 195 39.09 -49.94 18.71
C SER A 195 39.48 -50.33 17.29
N ILE A 196 39.43 -49.36 16.38
CA ILE A 196 39.84 -49.55 14.99
C ILE A 196 41.29 -50.00 14.91
N LEU A 197 42.17 -49.29 15.61
CA LEU A 197 43.58 -49.65 15.65
C LEU A 197 43.80 -51.01 16.30
N ARG A 198 43.00 -51.30 17.33
CA ARG A 198 43.12 -52.57 18.04
C ARG A 198 42.57 -53.75 17.25
N GLU A 199 41.82 -53.48 16.18
CA GLU A 199 41.22 -54.56 15.40
C GLU A 199 41.65 -54.59 13.93
N ALA A 200 42.47 -53.63 13.52
CA ALA A 200 42.91 -53.55 12.13
C ALA A 200 44.16 -54.40 11.89
N THR A 201 44.74 -54.92 12.98
CA THR A 201 45.95 -55.70 12.89
C THR A 201 45.69 -57.13 12.42
N SER A 202 44.42 -57.50 12.33
CA SER A 202 44.04 -58.84 11.91
C SER A 202 43.87 -58.91 10.38
N PHE A 203 43.80 -57.74 9.75
CA PHE A 203 43.63 -57.66 8.31
C PHE A 203 44.95 -57.82 7.56
N ALA A 204 44.86 -58.10 6.26
CA ALA A 204 46.04 -58.28 5.44
C ALA A 204 46.52 -56.95 4.86
N ASP A 205 45.78 -55.89 5.16
CA ASP A 205 46.16 -54.55 4.72
C ASP A 205 46.08 -53.57 5.89
N LYS A 206 46.94 -53.78 6.88
CA LYS A 206 46.93 -52.98 8.10
C LYS A 206 47.40 -51.55 7.87
N ASP A 207 48.43 -51.39 7.05
CA ASP A 207 49.10 -50.11 6.88
C ASP A 207 48.19 -48.96 6.42
N VAL A 208 47.29 -49.24 5.49
CA VAL A 208 46.38 -48.20 4.99
C VAL A 208 45.41 -47.73 6.08
N LEU A 209 44.78 -48.69 6.74
CA LEU A 209 43.86 -48.39 7.84
C LEU A 209 44.57 -47.63 8.95
N LEU A 210 45.78 -48.05 9.28
CA LEU A 210 46.57 -47.41 10.33
C LEU A 210 46.97 -45.99 9.94
N ALA A 211 47.30 -45.79 8.66
CA ALA A 211 47.68 -44.48 8.18
C ALA A 211 46.50 -43.51 8.24
N ILE A 212 45.38 -43.94 7.67
CA ILE A 212 44.15 -43.14 7.69
C ILE A 212 43.74 -42.80 9.12
N THR A 213 43.69 -43.83 9.97
CA THR A 213 43.30 -43.67 11.36
C THR A 213 44.21 -42.70 12.09
N LEU A 214 45.52 -42.91 11.99
CA LEU A 214 46.49 -42.05 12.66
C LEU A 214 46.42 -40.60 12.18
N SER A 215 46.18 -40.41 10.89
CA SER A 215 46.04 -39.07 10.33
C SER A 215 44.81 -38.38 10.92
N ASN A 216 43.68 -39.08 10.88
CA ASN A 216 42.43 -38.53 11.43
C ASN A 216 42.52 -38.24 12.91
N MET A 217 43.23 -39.09 13.65
CA MET A 217 43.46 -38.88 15.07
C MET A 217 44.35 -37.66 15.28
N GLY A 218 45.30 -37.46 14.37
CA GLY A 218 46.15 -36.30 14.40
C GLY A 218 45.33 -35.03 14.23
N SER A 219 44.38 -35.07 13.31
CA SER A 219 43.47 -33.95 13.12
C SER A 219 42.62 -33.73 14.37
N ILE A 220 42.16 -34.83 14.96
CA ILE A 220 41.40 -34.80 16.20
C ILE A 220 42.17 -34.05 17.29
N TYR A 221 43.43 -34.39 17.46
CA TYR A 221 44.28 -33.71 18.44
C TYR A 221 44.45 -32.24 18.09
N TYR A 222 44.96 -31.97 16.88
CA TYR A 222 45.17 -30.59 16.44
C TYR A 222 43.96 -29.68 16.70
N LYS A 223 42.77 -30.19 16.43
CA LYS A 223 41.55 -29.44 16.72
C LYS A 223 41.32 -29.33 18.22
N LYS A 224 41.48 -30.45 18.92
CA LYS A 224 41.28 -30.49 20.38
C LYS A 224 42.37 -29.72 21.11
N GLY A 225 43.59 -29.82 20.62
CA GLY A 225 44.73 -29.18 21.25
C GLY A 225 45.92 -30.11 21.35
N LYS A 226 46.99 -29.65 21.99
CA LYS A 226 48.22 -30.42 22.12
C LYS A 226 48.78 -30.78 20.74
N TYR A 227 49.32 -29.78 20.05
CA TYR A 227 49.88 -29.94 18.73
C TYR A 227 51.04 -30.95 18.74
N GLN A 228 51.80 -30.92 19.83
CA GLN A 228 52.96 -31.79 20.01
C GLN A 228 52.53 -33.25 20.05
N GLN A 229 51.30 -33.49 20.49
CA GLN A 229 50.74 -34.83 20.50
C GLN A 229 50.28 -35.22 19.10
N ALA A 230 49.96 -34.21 18.29
CA ALA A 230 49.44 -34.44 16.95
C ALA A 230 50.56 -34.77 15.96
N LYS A 231 51.70 -34.07 16.09
CA LYS A 231 52.83 -34.30 15.21
C LYS A 231 53.30 -35.76 15.19
N LYS A 232 53.29 -36.38 16.37
CA LYS A 232 53.70 -37.77 16.51
C LYS A 232 52.83 -38.70 15.68
N TYR A 233 51.51 -38.56 15.82
CA TYR A 233 50.56 -39.35 15.05
C TYR A 233 50.68 -39.08 13.56
N TYR A 234 50.83 -37.82 13.20
CA TYR A 234 50.99 -37.44 11.80
C TYR A 234 52.19 -38.11 11.15
N LEU A 235 53.34 -38.05 11.82
CA LEU A 235 54.53 -38.70 11.31
C LEU A 235 54.38 -40.22 11.29
N ASP A 236 53.73 -40.76 12.31
CA ASP A 236 53.50 -42.19 12.40
C ASP A 236 52.60 -42.70 11.28
N SER A 237 51.76 -41.82 10.74
CA SER A 237 50.93 -42.16 9.59
C SER A 237 51.72 -41.98 8.30
N LEU A 238 52.51 -40.91 8.24
CA LEU A 238 53.33 -40.61 7.08
C LEU A 238 54.36 -41.70 6.80
N GLN A 239 54.80 -42.39 7.85
CA GLN A 239 55.76 -43.47 7.69
C GLN A 239 55.07 -44.75 7.20
N LEU A 240 53.76 -44.70 7.09
CA LEU A 240 52.99 -45.86 6.67
C LEU A 240 52.31 -45.65 5.30
N GLN A 241 52.05 -44.39 4.96
CA GLN A 241 51.33 -44.07 3.73
C GLN A 241 52.02 -44.56 2.45
N LYS A 242 53.33 -44.38 2.38
CA LYS A 242 54.13 -44.81 1.23
C LYS A 242 53.67 -44.20 -0.09
N GLN A 243 52.72 -44.85 -0.76
CA GLN A 243 52.23 -44.39 -2.05
C GLN A 243 51.45 -43.08 -1.93
N ILE A 244 51.62 -42.21 -2.91
CA ILE A 244 51.00 -40.88 -2.88
C ILE A 244 49.55 -40.89 -3.36
N ASP A 245 48.67 -40.28 -2.55
CA ASP A 245 47.27 -40.10 -2.93
C ASP A 245 46.70 -38.84 -2.29
N LEU A 246 45.39 -38.72 -2.24
CA LEU A 246 44.72 -37.55 -1.69
C LEU A 246 44.98 -37.43 -0.19
N ASN A 247 44.87 -38.56 0.51
CA ASN A 247 45.08 -38.61 1.95
C ASN A 247 46.48 -38.17 2.35
N TYR A 248 47.44 -38.41 1.47
CA TYR A 248 48.83 -38.00 1.71
C TYR A 248 48.96 -36.48 1.67
N LEU A 249 48.46 -35.88 0.59
CA LEU A 249 48.47 -34.43 0.43
C LEU A 249 47.75 -33.75 1.58
N ASP A 250 46.60 -34.31 1.95
CA ASP A 250 45.83 -33.76 3.07
C ASP A 250 46.59 -33.92 4.37
N THR A 251 47.34 -35.01 4.50
CA THR A 251 48.12 -35.26 5.70
C THR A 251 49.26 -34.25 5.84
N ILE A 252 49.95 -33.95 4.75
CA ILE A 252 51.03 -32.98 4.80
C ILE A 252 50.47 -31.57 4.98
N TYR A 253 49.26 -31.33 4.48
CA TYR A 253 48.60 -30.05 4.70
C TYR A 253 48.25 -29.89 6.18
N GLU A 254 47.82 -30.98 6.80
CA GLU A 254 47.48 -30.99 8.21
C GLU A 254 48.71 -30.79 9.10
N MET A 255 49.78 -31.51 8.78
CA MET A 255 51.03 -31.40 9.52
C MET A 255 51.61 -30.00 9.38
N ALA A 256 51.52 -29.44 8.18
CA ALA A 256 51.95 -28.07 7.95
C ALA A 256 51.10 -27.11 8.77
N LEU A 257 49.81 -27.41 8.86
CA LEU A 257 48.87 -26.61 9.64
C LEU A 257 49.19 -26.67 11.13
N VAL A 258 49.81 -27.77 11.55
CA VAL A 258 50.21 -27.93 12.94
C VAL A 258 51.52 -27.19 13.23
N CYS A 259 52.48 -27.32 12.32
CA CYS A 259 53.80 -26.73 12.50
C CYS A 259 53.80 -25.20 12.46
N ILE A 260 52.89 -24.62 11.67
CA ILE A 260 52.81 -23.17 11.57
C ILE A 260 52.29 -22.54 12.87
N LYS A 261 51.53 -23.31 13.63
CA LYS A 261 51.04 -22.86 14.93
C LYS A 261 52.02 -23.24 16.03
N LEU A 262 52.94 -24.15 15.71
CA LEU A 262 53.94 -24.61 16.67
C LEU A 262 55.20 -23.73 16.58
N GLU A 263 55.08 -22.64 15.84
CA GLU A 263 56.17 -21.67 15.68
C GLU A 263 57.44 -22.28 15.06
N GLU A 264 57.25 -23.22 14.15
CA GLU A 264 58.38 -23.78 13.41
C GLU A 264 58.48 -23.10 12.04
N LEU A 265 57.35 -22.61 11.55
CA LEU A 265 57.29 -21.76 10.36
C LEU A 265 57.89 -22.38 9.10
N GLU A 266 59.06 -21.86 8.71
CA GLU A 266 59.70 -22.18 7.44
C GLU A 266 59.80 -23.67 7.13
N GLU A 267 60.09 -24.46 8.15
CA GLU A 267 60.16 -25.91 8.00
C GLU A 267 58.90 -26.44 7.31
N ALA A 268 57.75 -26.09 7.89
CA ALA A 268 56.46 -26.49 7.32
C ALA A 268 56.35 -26.08 5.86
N ARG A 269 56.85 -24.89 5.53
CA ARG A 269 56.80 -24.40 4.16
C ARG A 269 57.45 -25.38 3.20
N THR A 270 58.59 -25.94 3.62
CA THR A 270 59.28 -26.93 2.80
C THR A 270 58.31 -28.08 2.51
N LEU A 271 57.70 -28.58 3.58
CA LEU A 271 56.71 -29.64 3.44
C LEU A 271 55.59 -29.21 2.50
N ILE A 272 55.16 -27.96 2.63
CA ILE A 272 54.13 -27.43 1.75
C ILE A 272 54.59 -27.56 0.31
N ASP A 273 55.83 -27.17 0.05
CA ASP A 273 56.40 -27.31 -1.29
C ASP A 273 56.42 -28.78 -1.69
N LYS A 274 56.79 -29.64 -0.73
CA LYS A 274 56.84 -31.08 -0.97
C LYS A 274 55.46 -31.58 -1.40
N GLY A 275 54.42 -30.87 -0.98
CA GLY A 275 53.07 -31.22 -1.37
C GLY A 275 52.62 -30.49 -2.62
N ILE A 276 53.18 -29.30 -2.83
CA ILE A 276 52.76 -28.47 -3.97
C ILE A 276 53.17 -29.07 -5.30
N ASP A 277 54.45 -29.42 -5.42
CA ASP A 277 54.97 -30.02 -6.66
C ASP A 277 54.35 -31.39 -6.91
N ALA A 278 54.01 -32.09 -5.83
CA ALA A 278 53.40 -33.40 -5.93
C ALA A 278 51.93 -33.29 -6.31
N ALA A 279 51.34 -32.12 -6.09
CA ALA A 279 49.95 -31.88 -6.41
C ALA A 279 49.79 -31.37 -7.84
N LYS A 280 50.91 -31.10 -8.49
CA LYS A 280 50.90 -30.64 -9.87
C LYS A 280 51.02 -31.81 -10.84
N GLN A 281 51.37 -32.97 -10.31
CA GLN A 281 51.55 -34.16 -11.13
C GLN A 281 50.23 -34.69 -11.67
N GLU A 282 49.19 -34.65 -10.83
CA GLU A 282 47.88 -35.14 -11.23
C GLU A 282 46.84 -34.01 -11.32
N GLU A 283 45.89 -34.17 -12.23
CA GLU A 283 44.86 -33.17 -12.46
C GLU A 283 43.73 -33.33 -11.43
N ARG A 284 43.72 -34.45 -10.74
CA ARG A 284 42.68 -34.73 -9.74
C ARG A 284 43.04 -34.16 -8.38
N PHE A 285 44.30 -33.73 -8.22
CA PHE A 285 44.77 -33.21 -6.94
C PHE A 285 44.54 -31.71 -6.80
N ASN A 286 43.88 -31.12 -7.79
CA ASN A 286 43.64 -29.68 -7.82
C ASN A 286 43.04 -29.13 -6.54
N ALA A 287 41.99 -29.78 -6.05
CA ALA A 287 41.31 -29.37 -4.82
C ALA A 287 42.28 -29.21 -3.65
N LYS A 288 43.35 -29.99 -3.66
CA LYS A 288 44.39 -29.86 -2.65
C LYS A 288 45.42 -28.83 -3.10
N LEU A 289 45.84 -28.93 -4.36
CA LEU A 289 46.87 -28.07 -4.92
C LEU A 289 46.62 -26.61 -4.60
N TYR A 290 45.56 -26.05 -5.18
CA TYR A 290 45.16 -24.68 -4.94
C TYR A 290 45.05 -24.39 -3.44
N LEU A 291 44.52 -25.36 -2.69
CA LEU A 291 44.36 -25.19 -1.25
C LEU A 291 45.71 -24.91 -0.62
N LEU A 292 46.71 -25.73 -0.98
CA LEU A 292 48.07 -25.52 -0.49
C LEU A 292 48.53 -24.13 -0.88
N LEU A 293 48.26 -23.74 -2.12
CA LEU A 293 48.62 -22.41 -2.60
C LEU A 293 47.92 -21.36 -1.75
N MET A 294 46.65 -21.61 -1.43
CA MET A 294 45.87 -20.69 -0.62
C MET A 294 46.55 -20.45 0.73
N LEU A 295 47.31 -21.45 1.17
CA LEU A 295 48.06 -21.32 2.42
C LEU A 295 49.33 -20.50 2.20
N ARG A 296 50.05 -20.81 1.12
CA ARG A 296 51.34 -20.17 0.87
C ARG A 296 51.17 -18.67 0.74
N TYR A 297 50.33 -18.24 -0.20
CA TYR A 297 50.04 -16.83 -0.40
C TYR A 297 49.48 -16.17 0.85
N LYS A 298 49.00 -16.97 1.79
CA LYS A 298 48.43 -16.44 3.02
C LYS A 298 49.52 -16.05 4.02
N TYR A 299 50.67 -16.70 3.93
CA TYR A 299 51.73 -16.47 4.92
C TYR A 299 52.90 -15.62 4.43
N PHE A 300 53.54 -16.05 3.34
CA PHE A 300 54.72 -15.36 2.85
C PHE A 300 54.40 -14.32 1.79
N GLU A 301 53.12 -14.21 1.44
CA GLU A 301 52.69 -13.22 0.45
C GLU A 301 51.46 -12.43 0.92
N GLU A 302 51.55 -11.86 2.12
CA GLU A 302 50.44 -11.08 2.66
C GLU A 302 50.33 -9.72 1.96
N ALA A 303 49.39 -9.63 1.02
CA ALA A 303 49.17 -8.40 0.28
C ALA A 303 47.77 -8.36 -0.32
N LYS A 304 47.56 -7.48 -1.29
CA LYS A 304 46.28 -7.37 -1.97
C LYS A 304 46.12 -8.49 -3.00
N ASP A 305 47.25 -8.99 -3.48
CA ASP A 305 47.26 -10.09 -4.45
C ASP A 305 46.58 -11.34 -3.89
N TYR A 306 46.56 -11.42 -2.57
CA TYR A 306 45.88 -12.50 -1.85
C TYR A 306 44.41 -12.58 -2.26
N LYS A 307 43.74 -11.43 -2.25
CA LYS A 307 42.34 -11.33 -2.64
C LYS A 307 42.11 -11.84 -4.06
N ALA A 308 42.95 -11.38 -4.98
CA ALA A 308 42.84 -11.74 -6.40
C ALA A 308 43.05 -13.23 -6.62
N PHE A 309 44.07 -13.78 -5.99
CA PHE A 309 44.37 -15.20 -6.13
C PHE A 309 43.26 -16.05 -5.55
N LEU A 310 42.74 -15.67 -4.38
CA LEU A 310 41.67 -16.43 -3.76
C LEU A 310 40.33 -16.20 -4.47
N GLU A 311 40.27 -15.18 -5.32
CA GLU A 311 39.14 -15.00 -6.24
C GLU A 311 39.28 -16.02 -7.35
N ASN A 312 40.48 -16.08 -7.93
CA ASN A 312 40.81 -17.05 -8.96
C ASN A 312 40.63 -18.49 -8.47
N GLU A 313 40.66 -18.67 -7.16
CA GLU A 313 40.40 -19.97 -6.55
C GLU A 313 38.94 -20.09 -6.15
N ALA A 314 38.27 -18.96 -5.99
CA ALA A 314 36.86 -18.94 -5.68
C ALA A 314 36.05 -19.29 -6.93
N ILE A 315 36.66 -19.09 -8.09
CA ILE A 315 35.97 -19.41 -9.36
C ILE A 315 35.67 -20.90 -9.56
N PRO A 316 36.69 -21.78 -9.44
CA PRO A 316 36.38 -23.19 -9.70
C PRO A 316 35.86 -23.94 -8.47
N LEU A 317 36.29 -23.52 -7.28
CA LEU A 317 35.90 -24.22 -6.05
C LEU A 317 34.47 -23.90 -5.64
N TYR A 318 33.53 -24.62 -6.24
CA TYR A 318 32.12 -24.44 -5.93
C TYR A 318 31.71 -25.27 -4.72
N LYS A 329 32.82 -23.08 1.93
CA LYS A 329 33.81 -22.07 1.55
C LYS A 329 34.24 -21.28 2.78
N VAL A 330 35.48 -21.53 3.22
CA VAL A 330 36.01 -20.84 4.39
C VAL A 330 36.51 -19.44 3.99
N TYR A 331 36.58 -19.20 2.69
CA TYR A 331 37.14 -17.95 2.16
C TYR A 331 36.31 -16.72 2.50
N VAL A 332 35.00 -16.80 2.28
CA VAL A 332 34.10 -15.66 2.41
C VAL A 332 34.27 -14.83 3.69
N GLU A 333 34.31 -15.51 4.84
CA GLU A 333 34.50 -14.83 6.12
C GLU A 333 35.87 -14.16 6.20
N LEU A 334 36.88 -14.82 5.65
CA LEU A 334 38.24 -14.32 5.68
C LEU A 334 38.37 -13.05 4.82
N ALA A 335 37.74 -13.07 3.66
CA ALA A 335 37.71 -11.90 2.79
C ALA A 335 36.88 -10.81 3.42
N GLU A 336 35.92 -11.22 4.25
CA GLU A 336 35.07 -10.26 4.96
C GLU A 336 35.89 -9.50 6.00
N HIS A 337 36.69 -10.23 6.78
CA HIS A 337 37.53 -9.61 7.79
C HIS A 337 38.72 -8.93 7.14
N PHE A 338 38.97 -9.25 5.88
CA PHE A 338 39.99 -8.56 5.10
C PHE A 338 39.41 -7.25 4.59
N SER A 339 38.08 -7.20 4.49
CA SER A 339 37.38 -6.01 4.05
C SER A 339 37.10 -5.10 5.26
N SER A 340 37.51 -5.55 6.44
CA SER A 340 37.28 -4.80 7.66
C SER A 340 38.17 -3.57 7.76
N LEU A 341 39.31 -3.60 7.08
CA LEU A 341 40.26 -2.50 7.13
C LEU A 341 39.81 -1.30 6.29
N SER A 342 39.11 -1.58 5.19
CA SER A 342 38.63 -0.50 4.32
C SER A 342 37.13 -0.28 4.46
N ARG A 343 36.46 -0.10 3.33
CA ARG A 343 35.03 0.19 3.32
C ARG A 343 34.19 -0.97 3.82
N PHE A 344 33.12 -0.64 4.54
CA PHE A 344 32.31 -1.63 5.24
C PHE A 344 31.18 -2.20 4.40
N GLU A 345 30.34 -1.32 3.86
CA GLU A 345 29.07 -1.67 3.21
C GLU A 345 29.04 -2.94 2.35
N GLU A 346 30.00 -3.09 1.45
CA GLU A 346 30.00 -4.19 0.50
C GLU A 346 30.22 -5.57 1.13
N SER A 347 30.64 -5.57 2.39
CA SER A 347 31.01 -6.81 3.07
C SER A 347 29.87 -7.82 3.16
N ASN A 348 28.84 -7.48 3.94
CA ASN A 348 27.74 -8.40 4.27
C ASN A 348 27.15 -9.24 3.13
N ARG A 349 27.46 -8.89 1.89
CA ARG A 349 27.04 -9.68 0.75
C ARG A 349 27.72 -11.06 0.77
N TYR A 350 28.98 -11.08 1.17
CA TYR A 350 29.71 -12.34 1.32
C TYR A 350 29.11 -13.15 2.46
N TYR A 351 28.65 -12.46 3.49
CA TYR A 351 27.96 -13.09 4.62
C TYR A 351 26.65 -13.73 4.15
N ARG A 352 25.96 -13.06 3.24
CA ARG A 352 24.74 -13.59 2.66
C ARG A 352 25.06 -14.75 1.73
N LEU A 353 26.28 -14.76 1.20
CA LEU A 353 26.75 -15.88 0.40
C LEU A 353 26.98 -17.09 1.31
N VAL A 354 27.48 -16.82 2.52
CA VAL A 354 27.57 -17.85 3.55
C VAL A 354 26.18 -18.38 3.87
N ILE A 355 25.22 -17.46 3.98
CA ILE A 355 23.82 -17.84 4.23
C ILE A 355 23.30 -18.75 3.13
N ASP A 356 23.58 -18.41 1.88
CA ASP A 356 23.17 -19.22 0.75
C ASP A 356 23.90 -20.56 0.76
N LEU A 357 25.08 -20.59 1.37
CA LEU A 357 25.82 -21.84 1.54
C LEU A 357 25.11 -22.69 2.59
N MET A 358 24.51 -22.03 3.58
CA MET A 358 23.80 -22.73 4.64
C MET A 358 22.45 -23.25 4.14
N ASN A 359 21.88 -22.53 3.18
CA ASN A 359 20.60 -22.91 2.59
C ASN A 359 20.74 -24.06 1.60
N VAL B 9 53.96 -51.07 47.38
CA VAL B 9 52.64 -51.64 47.61
C VAL B 9 51.55 -50.59 47.49
N GLU B 10 51.76 -49.44 48.13
CA GLU B 10 50.73 -48.43 48.26
C GLU B 10 50.56 -47.53 47.04
N GLU B 11 51.53 -47.55 46.12
CA GLU B 11 51.49 -46.62 45.00
C GLU B 11 51.57 -47.24 43.61
N ASP B 12 50.46 -47.21 42.89
CA ASP B 12 50.40 -47.45 41.45
C ASP B 12 51.05 -48.74 40.94
N VAL B 13 50.53 -49.89 41.38
CA VAL B 13 50.88 -51.15 40.75
C VAL B 13 49.65 -51.65 39.99
N LYS B 14 48.48 -51.38 40.56
CA LYS B 14 47.21 -51.57 39.87
C LYS B 14 46.74 -50.18 39.44
N GLY B 15 47.46 -49.17 39.89
CA GLY B 15 47.18 -47.79 39.54
C GLY B 15 47.42 -47.51 38.06
N LYS B 16 48.17 -48.41 37.42
CA LYS B 16 48.36 -48.34 35.98
C LYS B 16 47.69 -49.54 35.31
N LEU B 17 46.94 -50.30 36.10
CA LEU B 17 46.17 -51.42 35.56
C LEU B 17 44.81 -50.94 35.10
N ASP B 18 44.71 -49.63 34.84
CA ASP B 18 43.53 -49.06 34.22
C ASP B 18 43.82 -48.92 32.73
N GLU B 19 45.11 -48.88 32.40
CA GLU B 19 45.55 -48.83 31.02
C GLU B 19 45.96 -50.23 30.58
N TRP B 20 46.37 -51.05 31.54
CA TRP B 20 46.82 -52.40 31.26
C TRP B 20 45.65 -53.36 31.11
N LEU B 21 44.61 -53.13 31.90
CA LEU B 21 43.41 -53.97 31.86
C LEU B 21 42.75 -53.91 30.48
N ASN B 22 42.72 -52.73 29.89
CA ASN B 22 42.19 -52.56 28.53
C ASN B 22 43.00 -53.37 27.51
N ALA B 23 44.30 -53.49 27.75
CA ALA B 23 45.15 -54.29 26.90
C ALA B 23 44.89 -55.77 27.14
N LEU B 24 44.52 -56.11 28.37
CA LEU B 24 44.22 -57.50 28.71
C LEU B 24 42.89 -57.96 28.13
N VAL B 25 41.96 -57.01 27.98
CA VAL B 25 40.62 -57.33 27.48
C VAL B 25 40.55 -57.26 25.96
N HIS B 26 41.19 -56.24 25.38
CA HIS B 26 41.15 -56.03 23.94
C HIS B 26 42.19 -56.85 23.18
N LEU B 27 42.92 -57.69 23.92
CA LEU B 27 43.92 -58.58 23.33
C LEU B 27 44.99 -57.86 22.52
N ASP B 28 45.39 -56.68 22.97
CA ASP B 28 46.44 -55.91 22.29
C ASP B 28 47.81 -56.38 22.77
N LYS B 29 48.43 -57.26 21.98
CA LYS B 29 49.71 -57.87 22.34
C LYS B 29 50.83 -56.84 22.57
N GLN B 30 50.72 -55.69 21.92
CA GLN B 30 51.75 -54.66 22.02
C GLN B 30 51.93 -54.16 23.45
N GLN B 31 50.90 -53.54 24.00
CA GLN B 31 50.95 -53.02 25.35
C GLN B 31 51.05 -54.13 26.39
N VAL B 32 50.40 -55.26 26.10
CA VAL B 32 50.45 -56.43 26.97
C VAL B 32 51.89 -56.88 27.20
N GLU B 33 52.63 -57.09 26.10
CA GLU B 33 54.01 -57.50 26.20
C GLU B 33 54.93 -56.31 26.53
N ARG B 34 54.36 -55.12 26.49
CA ARG B 34 55.11 -53.92 26.85
C ARG B 34 55.19 -53.78 28.37
N ILE B 35 54.13 -54.17 29.07
CA ILE B 35 54.09 -54.06 30.52
C ILE B 35 54.21 -55.43 31.20
N TYR B 36 54.31 -56.49 30.40
CA TYR B 36 54.48 -57.83 30.94
C TYR B 36 55.81 -57.99 31.69
N GLU B 37 56.91 -57.82 30.96
CA GLU B 37 58.23 -57.92 31.55
C GLU B 37 58.50 -56.80 32.55
N GLU B 38 57.85 -55.67 32.33
CA GLU B 38 57.92 -54.56 33.29
C GLU B 38 57.32 -55.00 34.61
N LEU B 39 56.19 -55.69 34.54
CA LEU B 39 55.55 -56.24 35.73
C LEU B 39 56.42 -57.31 36.37
N GLN B 40 57.04 -58.14 35.53
CA GLN B 40 57.89 -59.22 36.00
C GLN B 40 59.07 -58.67 36.81
N GLY B 41 59.49 -57.45 36.50
CA GLY B 41 60.56 -56.79 37.22
C GLY B 41 60.03 -55.84 38.28
N GLU B 42 58.72 -55.68 38.33
CA GLU B 42 58.09 -54.78 39.28
C GLU B 42 57.05 -55.53 40.13
N MET B 43 57.33 -56.80 40.42
CA MET B 43 56.41 -57.61 41.21
C MET B 43 57.12 -58.25 42.39
N LYS B 44 58.41 -57.95 42.53
CA LYS B 44 59.17 -58.43 43.68
C LYS B 44 59.16 -57.38 44.78
N HIS B 45 58.25 -56.43 44.66
CA HIS B 45 58.08 -55.38 45.66
C HIS B 45 56.94 -55.73 46.61
N VAL B 46 55.96 -56.46 46.09
CA VAL B 46 54.73 -56.73 46.83
C VAL B 46 54.84 -57.91 47.79
N LEU B 47 54.08 -57.84 48.86
CA LEU B 47 54.01 -58.93 49.85
C LEU B 47 52.55 -59.29 50.09
N ASP B 48 51.66 -58.52 49.49
CA ASP B 48 50.22 -58.71 49.68
C ASP B 48 49.74 -60.00 49.01
N PHE B 49 48.61 -60.51 49.48
CA PHE B 49 48.04 -61.74 48.96
C PHE B 49 47.22 -61.47 47.70
N GLU B 50 46.37 -60.46 47.76
CA GLU B 50 45.50 -60.11 46.65
C GLU B 50 46.31 -59.77 45.40
N ILE B 51 47.34 -58.96 45.58
CA ILE B 51 48.18 -58.52 44.47
C ILE B 51 48.79 -59.70 43.72
N ILE B 52 49.37 -60.65 44.44
CA ILE B 52 50.02 -61.79 43.80
C ILE B 52 49.04 -62.83 43.25
N ASN B 53 47.91 -63.01 43.94
CA ASN B 53 46.97 -64.07 43.59
C ASN B 53 46.34 -63.94 42.19
N TYR B 54 45.61 -62.85 41.97
CA TYR B 54 44.98 -62.67 40.66
C TYR B 54 45.95 -62.17 39.59
N TYR B 55 47.20 -61.91 39.97
CA TYR B 55 48.25 -61.68 38.98
C TYR B 55 48.81 -63.02 38.53
N LYS B 56 48.73 -64.03 39.40
CA LYS B 56 48.98 -65.40 38.98
C LYS B 56 47.81 -65.85 38.13
N LEU B 57 46.63 -65.35 38.47
CA LEU B 57 45.43 -65.62 37.67
C LEU B 57 45.38 -64.76 36.42
N LEU B 58 46.33 -63.84 36.29
CA LEU B 58 46.58 -63.18 35.02
C LEU B 58 47.61 -64.01 34.28
N TYR B 59 48.53 -64.60 35.04
CA TYR B 59 49.58 -65.45 34.49
C TYR B 59 49.01 -66.68 33.81
N THR B 60 47.88 -67.18 34.31
CA THR B 60 47.27 -68.37 33.72
C THR B 60 46.74 -68.11 32.31
N ARG B 61 46.17 -66.93 32.09
CA ARG B 61 45.70 -66.57 30.75
C ARG B 61 46.88 -66.09 29.90
N TYR B 62 47.92 -65.61 30.56
CA TYR B 62 49.16 -65.23 29.89
C TYR B 62 49.88 -66.48 29.39
N LEU B 63 49.54 -67.62 29.99
CA LEU B 63 50.20 -68.87 29.66
C LEU B 63 49.36 -69.70 28.70
N ILE B 64 48.03 -69.59 28.82
CA ILE B 64 47.14 -70.34 27.94
C ILE B 64 47.18 -69.79 26.51
N MET B 65 47.61 -68.54 26.37
CA MET B 65 47.77 -67.94 25.05
C MET B 65 49.12 -68.32 24.48
N LYS B 66 50.03 -68.74 25.37
CA LYS B 66 51.34 -69.22 24.96
C LYS B 66 51.35 -70.74 24.87
N ARG B 67 50.22 -71.34 25.27
CA ARG B 67 49.99 -72.79 25.16
C ARG B 67 51.02 -73.62 25.90
N ASP B 68 51.01 -73.53 27.23
CA ASP B 68 51.88 -74.36 28.08
C ASP B 68 51.02 -75.08 29.11
N ILE B 69 50.38 -76.16 28.67
CA ILE B 69 49.34 -76.85 29.44
C ILE B 69 49.79 -77.37 30.81
N SER B 70 50.98 -77.97 30.88
CA SER B 70 51.48 -78.57 32.10
C SER B 70 51.59 -77.56 33.25
N ALA B 71 52.27 -76.44 32.98
CA ALA B 71 52.45 -75.40 33.98
C ALA B 71 51.12 -74.78 34.39
N LEU B 72 50.18 -74.75 33.45
CA LEU B 72 48.82 -74.29 33.73
C LEU B 72 48.14 -75.23 34.72
N GLU B 73 48.34 -76.53 34.53
CA GLU B 73 47.75 -77.54 35.40
C GLU B 73 48.35 -77.48 36.80
N GLU B 74 49.66 -77.37 36.88
CA GLU B 74 50.35 -77.29 38.17
C GLU B 74 49.98 -76.00 38.91
N GLU B 75 49.91 -74.90 38.17
CA GLU B 75 49.51 -73.62 38.75
C GLU B 75 48.05 -73.68 39.22
N LEU B 76 47.24 -74.45 38.50
CA LEU B 76 45.86 -74.68 38.90
C LEU B 76 45.84 -75.40 40.24
N ASP B 77 46.65 -76.44 40.35
CA ASP B 77 46.74 -77.22 41.59
C ASP B 77 47.25 -76.38 42.76
N LYS B 78 48.15 -75.44 42.48
CA LYS B 78 48.70 -74.60 43.54
C LYS B 78 47.75 -73.47 43.93
N LEU B 79 46.90 -73.05 42.99
CA LEU B 79 45.94 -71.99 43.26
C LEU B 79 44.64 -72.56 43.81
N LYS B 80 44.51 -73.87 43.77
CA LYS B 80 43.31 -74.54 44.28
C LYS B 80 43.31 -74.61 45.80
N LYS B 81 44.49 -74.83 46.38
CA LYS B 81 44.62 -75.01 47.83
C LYS B 81 44.41 -73.72 48.62
N VAL B 82 44.44 -72.59 47.92
CA VAL B 82 44.26 -71.30 48.56
C VAL B 82 43.03 -70.60 48.01
N TYR B 83 42.32 -71.31 47.13
CA TYR B 83 41.12 -70.81 46.47
C TYR B 83 39.98 -70.48 47.44
N LYS B 84 39.99 -71.14 48.60
CA LYS B 84 38.88 -71.06 49.55
C LYS B 84 38.68 -69.69 50.17
N LYS B 85 39.76 -69.09 50.68
CA LYS B 85 39.66 -67.80 51.36
C LYS B 85 39.33 -66.65 50.41
N TYR B 86 40.28 -66.32 49.55
CA TYR B 86 40.13 -65.21 48.61
C TYR B 86 40.31 -65.70 47.18
N SER B 87 39.66 -65.07 46.21
CA SER B 87 38.77 -63.92 46.40
C SER B 87 37.69 -64.05 45.32
N PRO B 88 36.50 -63.47 45.54
CA PRO B 88 35.39 -63.52 44.57
C PRO B 88 35.80 -63.35 43.11
N PHE B 89 36.50 -62.26 42.79
CA PHE B 89 36.98 -62.06 41.42
C PHE B 89 38.07 -63.06 41.08
N GLN B 90 38.93 -63.35 42.07
CA GLN B 90 39.97 -64.36 41.91
C GLN B 90 39.34 -65.74 41.75
N LYS B 91 38.21 -65.95 42.42
CA LYS B 91 37.46 -67.20 42.28
C LYS B 91 36.92 -67.32 40.86
N LEU B 92 36.37 -66.22 40.34
CA LEU B 92 35.89 -66.17 38.97
C LEU B 92 37.02 -66.50 37.99
N LEU B 93 38.18 -65.90 38.23
CA LEU B 93 39.36 -66.12 37.38
C LEU B 93 39.83 -67.56 37.46
N TYR B 94 39.69 -68.18 38.62
CA TYR B 94 40.11 -69.56 38.80
C TYR B 94 39.15 -70.53 38.13
N MET B 95 37.86 -70.25 38.20
CA MET B 95 36.86 -71.10 37.56
C MET B 95 36.94 -70.99 36.05
N TYR B 96 37.18 -69.78 35.57
CA TYR B 96 37.38 -69.53 34.14
C TYR B 96 38.66 -70.21 33.67
N GLY B 97 39.70 -70.11 34.48
CA GLY B 97 40.98 -70.71 34.18
C GLY B 97 40.92 -72.23 34.12
N ARG B 98 40.30 -72.84 35.11
CA ARG B 98 40.16 -74.30 35.13
C ARG B 98 39.23 -74.75 34.02
N GLY B 99 38.24 -73.94 33.69
CA GLY B 99 37.33 -74.24 32.60
C GLY B 99 38.06 -74.31 31.28
N LEU B 100 38.80 -73.26 30.96
CA LEU B 100 39.56 -73.21 29.71
C LEU B 100 40.65 -74.28 29.66
N LEU B 101 41.41 -74.40 30.74
CA LEU B 101 42.49 -75.39 30.83
C LEU B 101 41.94 -76.80 30.65
N CYS B 102 40.75 -77.04 31.18
CA CYS B 102 40.10 -78.34 31.04
C CYS B 102 39.62 -78.54 29.61
N CYS B 103 39.17 -77.46 28.99
CA CYS B 103 38.73 -77.50 27.59
C CYS B 103 39.90 -77.77 26.65
N LEU B 104 41.10 -77.40 27.07
CA LEU B 104 42.30 -77.68 26.30
C LEU B 104 42.51 -79.19 26.16
N GLN B 105 42.60 -79.87 27.30
CA GLN B 105 42.80 -81.32 27.32
C GLN B 105 41.50 -82.06 27.11
N TYR B 106 40.88 -81.86 25.95
CA TYR B 106 39.61 -82.50 25.60
C TYR B 106 38.50 -82.22 26.62
N ARG B 107 38.53 -82.95 27.74
CA ARG B 107 37.51 -82.94 28.80
C ARG B 107 36.51 -81.77 28.79
N TRP B 108 35.63 -81.78 27.78
CA TRP B 108 34.70 -80.67 27.56
C TRP B 108 33.61 -80.58 28.63
N LYS B 109 33.21 -81.71 29.19
CA LYS B 109 32.15 -81.72 30.20
C LYS B 109 32.61 -81.08 31.49
N ASP B 110 33.78 -81.50 31.98
CA ASP B 110 34.33 -80.98 33.22
C ASP B 110 34.62 -79.49 33.10
N GLY B 111 34.93 -79.04 31.90
CA GLY B 111 35.13 -77.63 31.65
C GLY B 111 33.80 -76.89 31.62
N LEU B 112 32.79 -77.54 31.05
CA LEU B 112 31.46 -76.96 30.90
C LEU B 112 30.79 -76.73 32.25
N ASP B 113 30.76 -77.77 33.08
CA ASP B 113 30.07 -77.72 34.37
C ASP B 113 30.58 -76.62 35.28
N TYR B 114 31.85 -76.25 35.11
CA TYR B 114 32.45 -75.20 35.92
C TYR B 114 32.49 -73.86 35.17
N LEU B 115 32.29 -73.92 33.86
CA LEU B 115 32.21 -72.68 33.07
C LEU B 115 30.80 -72.12 33.16
N LEU B 116 29.86 -72.97 33.58
CA LEU B 116 28.50 -72.52 33.89
C LEU B 116 28.50 -71.79 35.22
N LYS B 117 29.25 -72.34 36.18
CA LYS B 117 29.44 -71.69 37.46
C LYS B 117 30.22 -70.39 37.25
N THR B 118 31.15 -70.42 36.30
CA THR B 118 31.89 -69.23 35.91
C THR B 118 30.92 -68.22 35.32
N GLU B 119 29.91 -68.72 34.61
CA GLU B 119 28.91 -67.87 33.99
C GLU B 119 28.04 -67.18 35.03
N VAL B 120 27.59 -67.94 36.03
CA VAL B 120 26.74 -67.36 37.08
C VAL B 120 27.54 -66.46 38.02
N MET B 121 28.83 -66.72 38.15
CA MET B 121 29.70 -65.88 38.96
C MET B 121 29.97 -64.55 38.25
N ALA B 122 30.23 -64.63 36.94
CA ALA B 122 30.45 -63.44 36.13
C ALA B 122 29.15 -62.64 36.00
N LYS B 123 28.02 -63.34 36.06
CA LYS B 123 26.71 -62.70 35.98
C LYS B 123 26.38 -61.99 37.29
N GLU B 124 26.65 -62.64 38.41
CA GLU B 124 26.37 -62.07 39.72
C GLU B 124 27.31 -60.92 40.05
N GLN B 125 28.57 -61.05 39.61
CA GLN B 125 29.56 -60.01 39.85
C GLN B 125 29.20 -58.72 39.11
N GLY B 126 28.65 -58.87 37.91
CA GLY B 126 28.27 -57.73 37.10
C GLY B 126 29.26 -57.48 35.99
N TYR B 127 30.41 -58.16 36.04
CA TYR B 127 31.43 -58.01 35.02
C TYR B 127 31.01 -58.73 33.75
N HIS B 128 31.50 -58.27 32.61
CA HIS B 128 31.07 -58.80 31.32
C HIS B 128 32.26 -59.25 30.47
N GLU B 129 32.34 -60.56 30.23
CA GLU B 129 33.39 -61.11 29.37
C GLU B 129 32.79 -61.81 28.15
N THR B 130 32.90 -61.16 27.00
CA THR B 130 32.41 -61.72 25.74
C THR B 130 33.13 -63.03 25.42
N GLY B 131 34.39 -63.11 25.82
CA GLY B 131 35.19 -64.30 25.64
C GLY B 131 34.60 -65.48 26.40
N LEU B 132 33.94 -65.20 27.51
CA LEU B 132 33.29 -66.24 28.29
C LEU B 132 32.13 -66.83 27.49
N TYR B 133 31.34 -65.95 26.88
CA TYR B 133 30.23 -66.37 26.04
C TYR B 133 30.75 -67.21 24.88
N TYR B 134 31.76 -66.70 24.19
CA TYR B 134 32.33 -67.39 23.04
C TYR B 134 32.89 -68.77 23.40
N ASN B 135 33.63 -68.84 24.50
CA ASN B 135 34.25 -70.08 24.93
C ASN B 135 33.25 -71.12 25.43
N ILE B 136 32.26 -70.67 26.21
CA ILE B 136 31.24 -71.59 26.69
C ILE B 136 30.38 -72.10 25.53
N ALA B 137 30.16 -71.24 24.54
CA ALA B 137 29.42 -71.63 23.35
C ALA B 137 30.24 -72.58 22.50
N LEU B 138 31.56 -72.44 22.57
CA LEU B 138 32.47 -73.33 21.86
C LEU B 138 32.41 -74.70 22.53
N ALA B 139 32.35 -74.70 23.85
CA ALA B 139 32.22 -75.93 24.62
C ALA B 139 30.91 -76.63 24.27
N TYR B 140 29.83 -75.85 24.23
CA TYR B 140 28.52 -76.35 23.83
C TYR B 140 28.59 -76.98 22.44
N THR B 141 29.28 -76.28 21.52
CA THR B 141 29.41 -76.73 20.15
C THR B 141 30.14 -78.06 20.07
N HIS B 142 31.22 -78.19 20.83
CA HIS B 142 31.98 -79.44 20.87
C HIS B 142 31.19 -80.54 21.57
N LEU B 143 30.22 -80.14 22.39
CA LEU B 143 29.35 -81.08 23.08
C LEU B 143 28.09 -81.37 22.27
N ASP B 144 28.11 -80.96 20.99
CA ASP B 144 27.06 -81.26 20.00
C ASP B 144 25.79 -80.42 20.05
N ILE B 145 25.44 -79.87 18.89
CA ILE B 145 24.17 -79.17 18.60
C ILE B 145 23.44 -78.48 19.75
N HIS B 146 24.17 -77.69 20.54
CA HIS B 146 23.54 -76.99 21.65
C HIS B 146 22.94 -75.65 21.25
N HIS B 147 21.75 -75.38 21.77
CA HIS B 147 21.00 -74.18 21.46
C HIS B 147 21.52 -73.04 22.33
N LEU B 148 22.10 -73.41 23.46
CA LEU B 148 22.77 -72.45 24.32
C LEU B 148 24.00 -71.90 23.62
N ALA B 149 24.55 -72.69 22.69
CA ALA B 149 25.65 -72.21 21.86
C ALA B 149 25.17 -71.06 21.00
N ILE B 150 24.01 -71.22 20.38
CA ILE B 150 23.40 -70.17 19.57
C ILE B 150 23.12 -68.94 20.43
N HIS B 151 22.47 -69.17 21.57
CA HIS B 151 22.14 -68.09 22.50
C HIS B 151 23.38 -67.29 22.88
N PHE B 152 24.44 -67.99 23.22
CA PHE B 152 25.67 -67.37 23.70
C PHE B 152 26.51 -66.72 22.59
N VAL B 153 26.44 -67.24 21.37
CA VAL B 153 27.14 -66.61 20.27
C VAL B 153 26.39 -65.38 19.79
N ASN B 154 25.08 -65.35 20.05
CA ASN B 154 24.31 -64.14 19.82
C ASN B 154 24.67 -63.09 20.86
N MET B 155 24.66 -63.52 22.13
CA MET B 155 25.05 -62.67 23.25
C MET B 155 26.47 -62.13 23.07
N ALA B 156 27.33 -62.91 22.42
CA ALA B 156 28.71 -62.53 22.20
C ALA B 156 28.84 -61.63 20.98
N LEU B 157 28.06 -61.91 19.95
CA LEU B 157 28.11 -61.14 18.71
C LEU B 157 27.60 -59.71 18.92
N GLU B 158 26.54 -59.58 19.72
CA GLU B 158 25.95 -58.28 20.02
C GLU B 158 26.99 -57.32 20.61
N GLY B 159 27.90 -57.86 21.41
CA GLY B 159 28.95 -57.07 22.02
C GLY B 159 30.15 -56.94 21.09
N PHE B 160 30.45 -58.02 20.38
CA PHE B 160 31.58 -58.04 19.45
C PHE B 160 31.45 -56.96 18.39
N ARG B 161 30.24 -56.76 17.89
CA ARG B 161 30.02 -55.74 16.87
C ARG B 161 30.27 -54.34 17.39
N SER B 162 30.05 -54.14 18.70
CA SER B 162 30.31 -52.85 19.32
C SER B 162 31.77 -52.74 19.74
N GLU B 163 32.45 -53.88 19.76
CA GLU B 163 33.87 -53.94 20.10
C GLU B 163 34.71 -54.15 18.85
N TYR B 164 34.03 -54.22 17.71
CA TYR B 164 34.67 -54.36 16.39
C TYR B 164 35.51 -55.62 16.26
N LYS B 165 35.18 -56.64 17.04
CA LYS B 165 35.91 -57.90 17.01
C LYS B 165 35.50 -58.75 15.80
N PHE B 166 35.81 -58.26 14.61
CA PHE B 166 35.44 -58.93 13.36
C PHE B 166 36.00 -60.36 13.31
N ARG B 167 37.24 -60.51 13.73
CA ARG B 167 37.92 -61.81 13.75
C ARG B 167 37.21 -62.77 14.69
N ASN B 168 36.51 -62.23 15.69
CA ASN B 168 35.70 -63.04 16.59
C ASN B 168 34.31 -63.26 16.03
N ILE B 169 33.77 -62.22 15.39
CA ILE B 169 32.45 -62.30 14.75
C ILE B 169 32.39 -63.44 13.75
N ILE B 170 33.42 -63.54 12.91
CA ILE B 170 33.48 -64.61 11.92
C ILE B 170 33.51 -65.98 12.58
N ASN B 171 34.16 -66.07 13.74
CA ASN B 171 34.20 -67.31 14.50
C ASN B 171 32.83 -67.67 15.07
N CYS B 172 32.11 -66.66 15.54
CA CYS B 172 30.73 -66.84 15.97
C CYS B 172 29.92 -67.39 14.82
N GLN B 173 30.11 -66.81 13.64
CA GLN B 173 29.42 -67.26 12.44
C GLN B 173 29.78 -68.70 12.10
N ILE B 174 31.01 -69.10 12.41
CA ILE B 174 31.43 -70.47 12.21
C ILE B 174 30.70 -71.41 13.17
N LEU B 175 30.54 -70.98 14.42
CA LEU B 175 29.81 -71.77 15.40
C LEU B 175 28.34 -71.94 15.03
N ILE B 176 27.72 -70.86 14.58
CA ILE B 176 26.34 -70.91 14.09
C ILE B 176 26.27 -71.84 12.88
N ALA B 177 27.32 -71.79 12.07
CA ALA B 177 27.40 -72.60 10.85
C ALA B 177 27.44 -74.10 11.14
N VAL B 178 28.28 -74.49 12.10
CA VAL B 178 28.37 -75.90 12.46
C VAL B 178 27.14 -76.35 13.24
N SER B 179 26.53 -75.42 13.97
CA SER B 179 25.27 -75.70 14.64
C SER B 179 24.21 -76.07 13.60
N TYR B 180 23.93 -75.14 12.69
CA TYR B 180 23.01 -75.37 11.58
C TYR B 180 23.36 -76.63 10.80
N THR B 181 24.66 -76.87 10.64
CA THR B 181 25.16 -78.02 9.91
C THR B 181 24.71 -79.32 10.56
N GLU B 182 25.15 -79.54 11.79
CA GLU B 182 24.86 -80.78 12.50
C GLU B 182 23.39 -80.90 12.90
N LYS B 183 22.65 -79.80 12.79
CA LYS B 183 21.23 -79.83 13.14
C LYS B 183 20.30 -80.27 12.00
N GLY B 184 20.46 -79.69 10.81
CA GLY B 184 19.54 -80.01 9.72
C GLY B 184 19.88 -79.67 8.29
N GLN B 185 19.45 -78.48 7.86
CA GLN B 185 19.33 -78.16 6.42
C GLN B 185 20.62 -78.14 5.60
N TYR B 186 21.76 -77.90 6.25
CA TYR B 186 23.07 -77.85 5.58
C TYR B 186 23.24 -76.62 4.66
N GLU B 187 22.23 -76.34 3.84
CA GLU B 187 22.32 -75.29 2.82
C GLU B 187 22.68 -73.91 3.35
N GLU B 188 22.06 -73.50 4.45
CA GLU B 188 22.38 -72.22 5.07
C GLU B 188 23.84 -72.18 5.50
N ALA B 189 24.31 -73.31 6.04
CA ALA B 189 25.70 -73.44 6.45
C ALA B 189 26.61 -73.40 5.22
N LEU B 190 26.14 -73.96 4.12
CA LEU B 190 26.89 -73.94 2.87
C LEU B 190 27.04 -72.52 2.35
N LYS B 191 25.98 -71.73 2.50
CA LYS B 191 26.01 -70.33 2.07
C LYS B 191 26.93 -69.51 2.96
N MET B 192 26.83 -69.74 4.27
CA MET B 192 27.67 -69.03 5.23
C MET B 192 29.15 -69.35 5.00
N TYR B 193 29.45 -70.61 4.71
CA TYR B 193 30.82 -71.01 4.39
C TYR B 193 31.24 -70.41 3.07
N GLU B 194 30.29 -70.29 2.14
CA GLU B 194 30.56 -69.71 0.83
C GLU B 194 30.93 -68.23 0.97
N SER B 195 30.37 -67.57 1.98
CA SER B 195 30.69 -66.17 2.23
C SER B 195 31.98 -66.03 3.05
N ILE B 196 32.19 -66.94 3.98
CA ILE B 196 33.40 -66.91 4.82
C ILE B 196 34.65 -67.15 3.98
N LEU B 197 34.60 -68.18 3.12
CA LEU B 197 35.74 -68.54 2.27
C LEU B 197 36.28 -67.36 1.47
N ARG B 198 35.39 -66.51 0.97
CA ARG B 198 35.81 -65.33 0.22
C ARG B 198 36.13 -64.17 1.15
N GLU B 199 35.51 -64.15 2.33
CA GLU B 199 35.72 -63.06 3.27
C GLU B 199 36.74 -63.38 4.36
N ALA B 200 37.40 -64.53 4.24
CA ALA B 200 38.47 -64.89 5.17
C ALA B 200 39.80 -64.39 4.67
N THR B 201 39.92 -64.25 3.34
CA THR B 201 41.17 -63.85 2.70
C THR B 201 41.55 -62.41 3.01
N SER B 202 40.63 -61.66 3.60
CA SER B 202 40.89 -60.27 3.98
C SER B 202 41.69 -60.21 5.29
N PHE B 203 41.69 -61.32 6.01
CA PHE B 203 42.42 -61.41 7.28
C PHE B 203 43.87 -61.82 7.04
N ALA B 204 44.71 -61.61 8.06
CA ALA B 204 46.11 -61.99 7.98
C ALA B 204 46.29 -63.46 8.34
N ASP B 205 45.37 -63.98 9.15
CA ASP B 205 45.41 -65.38 9.57
C ASP B 205 44.35 -66.19 8.82
N LYS B 206 44.33 -66.05 7.50
CA LYS B 206 43.30 -66.66 6.67
C LYS B 206 43.42 -68.17 6.58
N ASP B 207 44.63 -68.70 6.78
CA ASP B 207 44.89 -70.12 6.59
C ASP B 207 44.07 -71.02 7.51
N VAL B 208 43.99 -70.67 8.79
CA VAL B 208 43.24 -71.47 9.74
C VAL B 208 41.74 -71.46 9.42
N LEU B 209 41.22 -70.28 9.09
CA LEU B 209 39.82 -70.13 8.72
C LEU B 209 39.50 -70.97 7.50
N LEU B 210 40.34 -70.88 6.48
CA LEU B 210 40.18 -71.68 5.27
C LEU B 210 40.21 -73.17 5.59
N ALA B 211 41.12 -73.57 6.47
CA ALA B 211 41.26 -74.97 6.86
C ALA B 211 39.99 -75.50 7.52
N ILE B 212 39.56 -74.83 8.58
CA ILE B 212 38.37 -75.25 9.32
C ILE B 212 37.11 -75.23 8.46
N THR B 213 36.91 -74.12 7.74
CA THR B 213 35.74 -73.97 6.89
C THR B 213 35.68 -75.00 5.77
N LEU B 214 36.81 -75.23 5.11
CA LEU B 214 36.86 -76.26 4.07
C LEU B 214 36.67 -77.65 4.67
N SER B 215 37.08 -77.81 5.92
CA SER B 215 36.90 -79.08 6.62
C SER B 215 35.42 -79.38 6.85
N ASN B 216 34.72 -78.45 7.50
CA ASN B 216 33.30 -78.63 7.77
C ASN B 216 32.45 -78.67 6.50
N MET B 217 32.79 -77.80 5.55
CA MET B 217 32.12 -77.78 4.26
C MET B 217 32.36 -79.10 3.54
N GLY B 218 33.50 -79.71 3.82
CA GLY B 218 33.81 -81.03 3.31
C GLY B 218 32.99 -82.09 4.02
N SER B 219 32.65 -81.84 5.28
CA SER B 219 31.85 -82.76 6.05
C SER B 219 30.38 -82.74 5.63
N ILE B 220 29.94 -81.59 5.14
CA ILE B 220 28.55 -81.43 4.69
C ILE B 220 28.23 -82.33 3.48
N TYR B 221 29.14 -82.36 2.51
CA TYR B 221 28.94 -83.14 1.30
C TYR B 221 28.91 -84.65 1.57
N TYR B 222 29.37 -85.05 2.74
CA TYR B 222 29.28 -86.45 3.15
C TYR B 222 27.84 -86.83 3.42
N LYS B 223 27.15 -86.00 4.19
CA LYS B 223 25.74 -86.21 4.46
C LYS B 223 24.90 -85.93 3.22
N LYS B 224 25.39 -85.02 2.38
CA LYS B 224 24.70 -84.65 1.15
C LYS B 224 24.62 -85.83 0.18
N GLY B 225 25.76 -86.42 -0.14
CA GLY B 225 25.84 -87.49 -1.11
C GLY B 225 26.96 -87.21 -2.11
N LYS B 226 27.31 -88.23 -2.90
CA LYS B 226 28.42 -88.13 -3.84
C LYS B 226 29.69 -87.70 -3.11
N TYR B 227 30.29 -88.62 -2.39
CA TYR B 227 31.40 -88.33 -1.49
C TYR B 227 32.66 -87.87 -2.24
N GLN B 228 32.72 -88.15 -3.53
CA GLN B 228 33.83 -87.71 -4.38
C GLN B 228 33.90 -86.19 -4.42
N GLN B 229 32.73 -85.55 -4.33
CA GLN B 229 32.66 -84.09 -4.29
C GLN B 229 33.28 -83.57 -3.00
N ALA B 230 33.13 -84.34 -1.93
CA ALA B 230 33.71 -83.98 -0.64
C ALA B 230 35.21 -84.22 -0.61
N LYS B 231 35.64 -85.23 -1.36
CA LYS B 231 37.04 -85.65 -1.41
C LYS B 231 37.99 -84.48 -1.71
N LYS B 232 37.62 -83.63 -2.65
CA LYS B 232 38.45 -82.50 -3.03
C LYS B 232 38.54 -81.48 -1.90
N TYR B 233 37.42 -81.27 -1.20
CA TYR B 233 37.41 -80.35 -0.07
C TYR B 233 38.27 -80.87 1.07
N TYR B 234 38.22 -82.18 1.31
CA TYR B 234 39.08 -82.80 2.30
C TYR B 234 40.54 -82.68 1.90
N LEU B 235 40.80 -82.79 0.60
CA LEU B 235 42.16 -82.66 0.08
C LEU B 235 42.70 -81.24 0.33
N ASP B 236 41.90 -80.25 -0.04
CA ASP B 236 42.30 -78.85 0.14
C ASP B 236 42.45 -78.48 1.62
N SER B 237 41.58 -79.04 2.45
CA SER B 237 41.64 -78.78 3.90
C SER B 237 42.89 -79.40 4.50
N LEU B 238 43.19 -80.64 4.10
CA LEU B 238 44.37 -81.35 4.60
C LEU B 238 45.66 -80.73 4.09
N GLN B 239 45.60 -80.10 2.91
CA GLN B 239 46.76 -79.43 2.35
C GLN B 239 47.06 -78.12 3.09
N LEU B 240 46.09 -77.64 3.86
CA LEU B 240 46.26 -76.40 4.61
C LEU B 240 46.44 -76.64 6.10
N GLN B 241 46.42 -77.89 6.52
CA GLN B 241 46.64 -78.23 7.92
C GLN B 241 48.08 -77.92 8.32
N LYS B 242 48.24 -76.98 9.23
CA LYS B 242 49.56 -76.50 9.64
C LYS B 242 50.21 -77.36 10.74
N GLN B 243 49.72 -77.21 11.96
CA GLN B 243 50.26 -77.95 13.10
C GLN B 243 49.37 -79.12 13.49
N ILE B 244 49.19 -79.32 14.79
CA ILE B 244 48.39 -80.44 15.29
C ILE B 244 47.19 -79.97 16.10
N ASP B 245 46.08 -80.68 15.95
CA ASP B 245 44.83 -80.38 16.66
C ASP B 245 43.84 -81.51 16.40
N LEU B 246 42.72 -81.48 17.13
CA LEU B 246 41.70 -82.51 17.00
C LEU B 246 41.02 -82.47 15.63
N ASN B 247 40.75 -81.26 15.15
CA ASN B 247 40.05 -81.06 13.87
C ASN B 247 40.78 -81.68 12.68
N TYR B 248 42.10 -81.82 12.80
CA TYR B 248 42.89 -82.51 11.80
C TYR B 248 42.50 -83.98 11.75
N LEU B 249 42.45 -84.59 12.94
CA LEU B 249 42.04 -85.98 13.08
C LEU B 249 40.60 -86.17 12.61
N ASP B 250 39.78 -85.16 12.84
CA ASP B 250 38.40 -85.17 12.38
C ASP B 250 38.37 -85.18 10.85
N THR B 251 39.23 -84.37 10.25
CA THR B 251 39.32 -84.27 8.80
C THR B 251 39.74 -85.59 8.17
N ILE B 252 40.82 -86.18 8.70
CA ILE B 252 41.32 -87.44 8.15
C ILE B 252 40.35 -88.60 8.39
N TYR B 253 39.68 -88.59 9.54
CA TYR B 253 38.70 -89.63 9.84
C TYR B 253 37.48 -89.54 8.93
N GLU B 254 37.01 -88.31 8.70
CA GLU B 254 35.87 -88.10 7.81
C GLU B 254 36.24 -88.44 6.37
N MET B 255 37.51 -88.19 6.01
CA MET B 255 38.02 -88.59 4.72
C MET B 255 38.00 -90.12 4.62
N ALA B 256 38.33 -90.77 5.72
CA ALA B 256 38.30 -92.23 5.79
C ALA B 256 36.86 -92.75 5.66
N LEU B 257 35.90 -91.99 6.17
CA LEU B 257 34.49 -92.33 6.02
C LEU B 257 34.08 -92.22 4.56
N VAL B 258 34.50 -91.13 3.93
CA VAL B 258 34.28 -90.90 2.50
C VAL B 258 34.83 -92.06 1.69
N CYS B 259 35.99 -92.55 2.10
CA CYS B 259 36.61 -93.69 1.41
C CYS B 259 35.84 -95.00 1.62
N ILE B 260 35.60 -95.36 2.88
CA ILE B 260 34.94 -96.62 3.20
C ILE B 260 33.52 -96.71 2.64
N LYS B 261 32.84 -95.57 2.52
CA LYS B 261 31.51 -95.54 1.93
C LYS B 261 31.60 -95.61 0.41
N LEU B 262 32.73 -95.19 -0.14
CA LEU B 262 32.97 -95.25 -1.57
C LEU B 262 33.40 -96.66 -1.96
N GLU B 263 33.52 -96.89 -3.27
CA GLU B 263 33.90 -98.19 -3.80
C GLU B 263 35.29 -98.60 -3.34
N GLU B 264 36.22 -97.66 -3.37
CA GLU B 264 37.60 -97.90 -2.97
C GLU B 264 37.75 -98.04 -1.46
N LEU B 265 38.36 -99.13 -1.02
CA LEU B 265 38.58 -99.35 0.40
C LEU B 265 40.07 -99.46 0.72
N GLU B 266 40.89 -99.53 -0.31
CA GLU B 266 42.33 -99.72 -0.14
C GLU B 266 43.03 -98.51 0.49
N GLU B 267 42.62 -97.31 0.08
CA GLU B 267 43.21 -96.08 0.62
C GLU B 267 42.74 -95.88 2.06
N ALA B 268 41.48 -96.22 2.31
CA ALA B 268 40.88 -96.07 3.64
C ALA B 268 41.69 -96.78 4.72
N ARG B 269 42.31 -97.90 4.36
CA ARG B 269 43.15 -98.65 5.27
C ARG B 269 44.35 -97.81 5.71
N THR B 270 45.03 -97.22 4.72
CA THR B 270 46.19 -96.38 5.00
C THR B 270 45.81 -95.14 5.79
N LEU B 271 44.68 -94.52 5.43
CA LEU B 271 44.19 -93.36 6.15
C LEU B 271 43.87 -93.68 7.61
N ILE B 272 43.28 -94.85 7.83
CA ILE B 272 42.98 -95.31 9.18
C ILE B 272 44.26 -95.57 9.96
N ASP B 273 45.24 -96.19 9.31
CA ASP B 273 46.54 -96.43 9.92
C ASP B 273 47.20 -95.14 10.36
N LYS B 274 47.17 -94.13 9.48
CA LYS B 274 47.71 -92.82 9.78
C LYS B 274 46.96 -92.19 10.95
N GLY B 275 45.64 -92.36 10.97
CA GLY B 275 44.82 -91.87 12.04
C GLY B 275 45.21 -92.45 13.39
N ILE B 276 45.39 -93.77 13.42
CA ILE B 276 45.81 -94.47 14.64
C ILE B 276 47.18 -94.00 15.10
N ASP B 277 48.13 -93.95 14.16
CA ASP B 277 49.51 -93.58 14.48
C ASP B 277 49.61 -92.13 14.97
N ALA B 278 48.70 -91.28 14.50
CA ALA B 278 48.73 -89.87 14.88
C ALA B 278 47.94 -89.60 16.16
N ALA B 279 46.94 -90.43 16.43
CA ALA B 279 46.06 -90.22 17.58
C ALA B 279 46.65 -90.76 18.88
N LYS B 280 47.41 -91.85 18.79
CA LYS B 280 47.94 -92.50 19.98
C LYS B 280 49.17 -91.78 20.53
N GLN B 281 49.40 -90.57 20.04
CA GLN B 281 50.57 -89.78 20.45
C GLN B 281 50.32 -89.02 21.76
N GLU B 282 49.27 -88.22 21.78
CA GLU B 282 48.99 -87.38 22.94
C GLU B 282 47.71 -87.75 23.68
N GLU B 283 47.24 -86.83 24.52
CA GLU B 283 46.10 -87.08 25.39
C GLU B 283 44.78 -86.62 24.78
N ARG B 284 44.82 -85.53 24.04
CA ARG B 284 43.62 -84.89 23.51
C ARG B 284 43.00 -85.65 22.35
N PHE B 285 43.65 -86.73 21.93
CA PHE B 285 43.19 -87.50 20.78
C PHE B 285 42.53 -88.82 21.22
N ASN B 286 42.08 -88.86 22.46
CA ASN B 286 41.52 -90.08 23.05
C ASN B 286 40.27 -90.60 22.33
N ALA B 287 39.18 -89.85 22.46
CA ALA B 287 37.90 -90.24 21.89
C ALA B 287 37.98 -90.44 20.39
N LYS B 288 38.79 -89.62 19.73
CA LYS B 288 38.97 -89.72 18.29
C LYS B 288 39.67 -91.03 17.93
N LEU B 289 40.66 -91.40 18.72
CA LEU B 289 41.36 -92.67 18.55
C LEU B 289 40.41 -93.83 18.75
N TYR B 290 39.55 -93.73 19.75
CA TYR B 290 38.61 -94.80 20.06
C TYR B 290 37.49 -94.95 19.04
N LEU B 291 37.13 -93.85 18.39
CA LEU B 291 36.11 -93.92 17.33
C LEU B 291 36.75 -94.30 16.00
N LEU B 292 38.05 -94.08 15.87
CA LEU B 292 38.78 -94.46 14.67
C LEU B 292 39.17 -95.92 14.74
N LEU B 293 39.20 -96.46 15.95
CA LEU B 293 39.51 -97.87 16.17
C LEU B 293 38.23 -98.70 16.30
N MET B 294 37.09 -98.03 16.29
CA MET B 294 35.81 -98.70 16.44
C MET B 294 35.45 -99.52 15.21
N LEU B 295 35.29 -98.85 14.07
CA LEU B 295 34.91 -99.51 12.82
C LEU B 295 35.97 -100.51 12.35
N ARG B 296 37.21 -100.28 12.75
CA ARG B 296 38.32 -101.16 12.37
C ARG B 296 38.14 -102.56 12.97
N TYR B 297 37.77 -102.60 14.24
CA TYR B 297 37.55 -103.88 14.92
C TYR B 297 36.13 -104.39 14.72
N LYS B 298 35.23 -103.50 14.33
CA LYS B 298 33.82 -103.85 14.17
C LYS B 298 33.51 -104.47 12.80
N TYR B 299 34.18 -103.98 11.76
CA TYR B 299 33.85 -104.38 10.40
C TYR B 299 34.90 -105.26 9.73
N PHE B 300 36.03 -105.48 10.40
CA PHE B 300 37.07 -106.35 9.87
C PHE B 300 37.11 -107.67 10.62
N GLU B 301 37.27 -107.58 11.93
CA GLU B 301 37.48 -108.75 12.78
C GLU B 301 36.22 -109.61 12.91
N GLU B 302 35.07 -108.95 13.05
CA GLU B 302 33.77 -109.62 13.24
C GLU B 302 33.69 -110.42 14.54
N ALA B 303 34.68 -111.25 14.80
CA ALA B 303 34.73 -112.04 16.03
C ALA B 303 35.21 -111.22 17.22
N LYS B 304 35.86 -110.09 16.93
CA LYS B 304 36.36 -109.21 17.96
C LYS B 304 35.49 -107.96 18.05
N ASP B 305 34.27 -108.06 17.52
CA ASP B 305 33.35 -106.92 17.47
C ASP B 305 32.83 -106.53 18.84
N TYR B 306 32.18 -107.47 19.51
CA TYR B 306 31.54 -107.20 20.80
C TYR B 306 32.57 -106.90 21.90
N LYS B 307 33.81 -107.36 21.69
CA LYS B 307 34.87 -107.19 22.68
C LYS B 307 35.24 -105.73 22.90
N ALA B 308 35.41 -104.99 21.79
CA ALA B 308 35.78 -103.59 21.84
C ALA B 308 34.75 -102.78 22.64
N PHE B 309 33.48 -102.97 22.31
CA PHE B 309 32.40 -102.31 23.03
C PHE B 309 32.41 -102.73 24.49
N LEU B 310 32.53 -104.04 24.73
CA LEU B 310 32.59 -104.58 26.08
C LEU B 310 33.68 -103.90 26.91
N GLU B 311 34.75 -103.48 26.25
CA GLU B 311 35.83 -102.77 26.92
C GLU B 311 35.50 -101.29 27.11
N ASN B 312 34.89 -100.67 26.11
CA ASN B 312 34.57 -99.24 26.20
C ASN B 312 33.11 -98.87 25.92
N GLU B 313 32.18 -99.61 26.52
CA GLU B 313 30.78 -99.22 26.50
C GLU B 313 30.54 -98.20 27.61
N ALA B 314 31.41 -98.21 28.60
CA ALA B 314 31.30 -97.30 29.74
C ALA B 314 32.38 -96.23 29.70
N ILE B 315 33.09 -96.13 28.59
CA ILE B 315 34.11 -95.10 28.42
C ILE B 315 33.91 -94.20 27.20
N PRO B 316 32.76 -93.48 27.12
CA PRO B 316 32.70 -92.47 26.07
C PRO B 316 33.09 -91.10 26.61
N LEU B 317 33.11 -90.97 27.94
CA LEU B 317 33.46 -89.72 28.59
C LEU B 317 34.97 -89.58 28.72
N LYS B 328 25.93 -90.16 22.06
CA LYS B 328 25.45 -91.37 22.71
C LYS B 328 24.63 -92.23 21.76
N LYS B 329 23.83 -91.58 20.92
CA LYS B 329 22.87 -92.25 20.04
C LYS B 329 23.46 -93.34 19.16
N VAL B 330 24.47 -92.97 18.37
CA VAL B 330 25.02 -93.85 17.34
C VAL B 330 25.49 -95.21 17.84
N TYR B 331 26.40 -95.22 18.81
CA TYR B 331 27.02 -96.46 19.26
C TYR B 331 26.10 -97.33 20.14
N VAL B 332 25.05 -96.74 20.70
CA VAL B 332 24.08 -97.52 21.46
C VAL B 332 22.95 -97.99 20.56
N GLU B 333 22.87 -97.40 19.37
CA GLU B 333 21.90 -97.83 18.38
C GLU B 333 22.46 -98.96 17.53
N LEU B 334 23.73 -98.84 17.16
CA LEU B 334 24.39 -99.82 16.30
C LEU B 334 24.75 -101.09 17.05
N ALA B 335 25.03 -100.95 18.36
CA ALA B 335 25.30 -102.11 19.20
C ALA B 335 23.99 -102.79 19.60
N GLU B 336 22.89 -102.15 19.27
CA GLU B 336 21.56 -102.68 19.57
C GLU B 336 20.68 -102.72 18.32
N HIS B 337 21.31 -102.73 17.15
CA HIS B 337 20.58 -102.79 15.89
C HIS B 337 20.26 -104.24 15.52
N PHE B 338 21.21 -105.13 15.79
CA PHE B 338 20.98 -106.56 15.63
C PHE B 338 20.72 -107.17 17.00
N SER B 339 21.06 -106.42 18.04
CA SER B 339 20.74 -106.80 19.40
C SER B 339 19.31 -106.38 19.73
N SER B 340 18.57 -105.99 18.69
CA SER B 340 17.15 -105.77 18.78
C SER B 340 16.45 -107.11 18.57
N LEU B 341 17.25 -108.11 18.19
CA LEU B 341 16.77 -109.46 17.96
C LEU B 341 17.49 -110.44 18.89
N SER B 342 18.46 -109.93 19.65
CA SER B 342 19.23 -110.75 20.58
C SER B 342 19.55 -109.97 21.86
N ARG B 343 19.51 -110.67 23.00
CA ARG B 343 19.73 -110.05 24.30
C ARG B 343 18.76 -108.89 24.55
N PHE B 344 17.48 -109.21 24.64
CA PHE B 344 16.45 -108.19 24.82
C PHE B 344 16.50 -107.60 26.22
N GLU B 345 16.93 -108.40 27.19
CA GLU B 345 17.02 -107.97 28.58
C GLU B 345 18.02 -106.84 28.77
N GLU B 346 19.09 -106.88 27.99
CA GLU B 346 20.16 -105.89 28.10
C GLU B 346 19.85 -104.60 27.36
N SER B 347 19.45 -104.73 26.10
CA SER B 347 19.23 -103.57 25.24
C SER B 347 18.05 -102.70 25.69
N ASN B 348 16.90 -103.33 25.92
CA ASN B 348 15.68 -102.61 26.28
C ASN B 348 15.80 -101.72 27.51
N ARG B 349 16.61 -102.17 28.47
CA ARG B 349 16.83 -101.39 29.69
C ARG B 349 18.14 -100.62 29.65
N TYR B 350 18.60 -100.31 28.44
CA TYR B 350 19.79 -99.47 28.28
C TYR B 350 19.40 -98.16 27.61
N TYR B 351 18.16 -98.09 27.13
CA TYR B 351 17.62 -96.86 26.55
C TYR B 351 17.32 -95.84 27.65
N ARG B 352 17.45 -96.27 28.90
CA ARG B 352 17.14 -95.44 30.06
C ARG B 352 17.90 -94.11 30.05
N LEU B 353 19.22 -94.18 30.18
CA LEU B 353 20.05 -92.97 30.20
C LEU B 353 20.10 -92.34 28.81
N VAL B 354 19.85 -93.14 27.78
CA VAL B 354 19.83 -92.65 26.41
C VAL B 354 18.72 -91.62 26.21
N ILE B 355 17.55 -91.90 26.77
CA ILE B 355 16.43 -90.96 26.69
C ILE B 355 16.48 -89.95 27.84
N ASP B 356 17.11 -90.33 28.94
CA ASP B 356 17.19 -89.48 30.12
C ASP B 356 18.11 -88.28 29.89
N LEU B 357 19.22 -88.52 29.21
CA LEU B 357 20.18 -87.45 28.91
C LEU B 357 19.58 -86.44 27.94
N MET B 358 18.70 -86.92 27.06
CA MET B 358 18.02 -86.05 26.10
C MET B 358 16.88 -85.30 26.79
N ASN B 359 16.25 -85.94 27.77
CA ASN B 359 15.17 -85.32 28.53
C ASN B 359 15.65 -84.13 29.36
N ASP B 360 16.40 -84.42 30.42
CA ASP B 360 16.92 -83.38 31.30
C ASP B 360 18.11 -82.67 30.68
N ASP C 12 -6.67 -47.99 -14.21
CA ASP C 12 -6.41 -47.28 -12.97
C ASP C 12 -6.94 -48.07 -11.79
N VAL C 13 -7.87 -48.97 -12.05
CA VAL C 13 -8.46 -49.80 -11.00
C VAL C 13 -7.42 -50.79 -10.46
N LYS C 14 -6.43 -51.12 -11.28
CA LYS C 14 -5.36 -52.03 -10.88
C LYS C 14 -4.52 -51.44 -9.75
N GLY C 15 -4.28 -50.13 -9.82
CA GLY C 15 -3.52 -49.44 -8.79
C GLY C 15 -4.25 -49.43 -7.47
N LYS C 16 -5.57 -49.25 -7.53
CA LYS C 16 -6.39 -49.25 -6.33
C LYS C 16 -6.50 -50.67 -5.77
N LEU C 17 -6.40 -51.65 -6.67
CA LEU C 17 -6.35 -53.05 -6.25
C LEU C 17 -5.06 -53.30 -5.49
N ASP C 18 -3.97 -52.72 -5.98
CA ASP C 18 -2.69 -52.78 -5.28
C ASP C 18 -2.79 -52.09 -3.92
N GLU C 19 -3.57 -51.01 -3.88
CA GLU C 19 -3.80 -50.28 -2.64
C GLU C 19 -4.55 -51.16 -1.64
N TRP C 20 -5.56 -51.87 -2.11
CA TRP C 20 -6.33 -52.77 -1.25
C TRP C 20 -5.46 -53.94 -0.79
N LEU C 21 -4.52 -54.34 -1.64
CA LEU C 21 -3.54 -55.36 -1.27
C LEU C 21 -2.69 -54.86 -0.12
N ASN C 22 -2.18 -53.64 -0.26
CA ASN C 22 -1.37 -53.02 0.79
C ASN C 22 -2.16 -52.86 2.08
N ALA C 23 -3.45 -52.61 1.95
CA ALA C 23 -4.33 -52.50 3.11
C ALA C 23 -4.53 -53.86 3.77
N LEU C 24 -4.50 -54.91 2.94
CA LEU C 24 -4.63 -56.28 3.44
C LEU C 24 -3.34 -56.75 4.10
N VAL C 25 -2.22 -56.13 3.72
CA VAL C 25 -0.94 -56.46 4.32
C VAL C 25 -0.80 -55.85 5.70
N HIS C 26 -1.13 -54.56 5.81
CA HIS C 26 -0.98 -53.84 7.07
C HIS C 26 -2.20 -54.00 7.97
N LEU C 27 -3.18 -54.78 7.50
CA LEU C 27 -4.38 -55.09 8.26
C LEU C 27 -5.16 -53.86 8.73
N ASP C 28 -5.18 -52.82 7.90
CA ASP C 28 -5.98 -51.64 8.17
C ASP C 28 -7.46 -51.97 8.01
N LYS C 29 -8.06 -52.49 9.08
CA LYS C 29 -9.41 -53.05 9.04
C LYS C 29 -10.49 -52.15 8.45
N GLN C 30 -10.58 -50.91 8.93
CA GLN C 30 -11.59 -49.97 8.44
C GLN C 30 -11.30 -49.55 7.00
N GLN C 31 -10.03 -49.37 6.66
CA GLN C 31 -9.64 -49.04 5.29
C GLN C 31 -9.95 -50.20 4.35
N VAL C 32 -9.60 -51.41 4.77
CA VAL C 32 -9.93 -52.62 4.02
C VAL C 32 -11.43 -52.70 3.78
N GLU C 33 -12.20 -52.42 4.82
CA GLU C 33 -13.66 -52.49 4.75
C GLU C 33 -14.22 -51.49 3.75
N ARG C 34 -13.81 -50.23 3.87
CA ARG C 34 -14.33 -49.18 3.00
C ARG C 34 -13.91 -49.39 1.53
N ILE C 35 -12.65 -49.78 1.32
CA ILE C 35 -12.16 -50.03 -0.03
C ILE C 35 -12.88 -51.23 -0.63
N TYR C 36 -13.20 -52.21 0.20
CA TYR C 36 -13.99 -53.35 -0.22
C TYR C 36 -15.39 -52.90 -0.67
N GLU C 37 -16.01 -52.06 0.15
CA GLU C 37 -17.34 -51.54 -0.18
C GLU C 37 -17.31 -50.69 -1.45
N GLU C 38 -16.17 -50.09 -1.74
CA GLU C 38 -15.98 -49.37 -2.99
C GLU C 38 -15.84 -50.35 -4.14
N LEU C 39 -15.19 -51.48 -3.87
CA LEU C 39 -14.94 -52.50 -4.88
C LEU C 39 -16.20 -53.28 -5.25
N GLN C 40 -17.18 -53.30 -4.35
CA GLN C 40 -18.43 -53.98 -4.63
C GLN C 40 -19.21 -53.29 -5.75
N GLY C 41 -18.88 -52.03 -6.00
CA GLY C 41 -19.48 -51.28 -7.10
C GLY C 41 -18.49 -51.04 -8.22
N GLU C 42 -17.21 -51.01 -7.87
CA GLU C 42 -16.15 -50.80 -8.84
C GLU C 42 -15.95 -52.02 -9.74
N MET C 43 -16.13 -53.20 -9.17
CA MET C 43 -15.92 -54.45 -9.90
C MET C 43 -17.19 -54.95 -10.58
N LYS C 44 -17.78 -54.10 -11.42
CA LYS C 44 -18.95 -54.49 -12.20
C LYS C 44 -18.68 -54.35 -13.70
N HIS C 45 -17.77 -53.44 -14.04
CA HIS C 45 -17.44 -53.16 -15.43
C HIS C 45 -15.94 -53.26 -15.68
N VAL C 46 -15.44 -54.48 -15.80
CA VAL C 46 -14.01 -54.69 -16.04
C VAL C 46 -13.75 -55.80 -17.07
N LEU C 47 -14.09 -57.03 -16.72
CA LEU C 47 -13.97 -58.18 -17.62
C LEU C 47 -12.56 -58.41 -18.16
N ASP C 48 -11.56 -58.03 -17.37
CA ASP C 48 -10.17 -58.18 -17.81
C ASP C 48 -9.54 -59.49 -17.35
N PHE C 49 -10.37 -60.40 -16.83
CA PHE C 49 -9.93 -61.71 -16.37
C PHE C 49 -8.87 -61.65 -15.26
N GLU C 50 -7.68 -61.15 -15.60
CA GLU C 50 -6.58 -61.04 -14.64
C GLU C 50 -6.94 -60.13 -13.47
N ILE C 51 -7.64 -59.04 -13.77
CA ILE C 51 -8.08 -58.11 -12.74
C ILE C 51 -9.14 -58.76 -11.86
N ILE C 52 -10.04 -59.51 -12.49
CA ILE C 52 -11.09 -60.22 -11.78
C ILE C 52 -10.49 -61.26 -10.83
N ASN C 53 -9.52 -62.02 -11.31
CA ASN C 53 -8.83 -63.00 -10.48
C ASN C 53 -8.04 -62.36 -9.36
N TYR C 54 -7.44 -61.21 -9.66
CA TYR C 54 -6.71 -60.43 -8.67
C TYR C 54 -7.67 -60.06 -7.54
N TYR C 55 -8.85 -59.59 -7.91
CA TYR C 55 -9.88 -59.25 -6.94
C TYR C 55 -10.37 -60.46 -6.17
N LYS C 56 -10.43 -61.62 -6.84
CA LYS C 56 -10.87 -62.86 -6.21
C LYS C 56 -9.91 -63.28 -5.11
N LEU C 57 -8.62 -63.20 -5.41
CA LEU C 57 -7.59 -63.64 -4.47
C LEU C 57 -7.40 -62.63 -3.33
N LEU C 58 -7.50 -61.35 -3.67
CA LEU C 58 -7.45 -60.32 -2.64
C LEU C 58 -8.68 -60.42 -1.75
N TYR C 59 -9.77 -60.91 -2.32
CA TYR C 59 -10.98 -61.18 -1.55
C TYR C 59 -10.77 -62.42 -0.69
N THR C 60 -9.92 -63.33 -1.16
CA THR C 60 -9.52 -64.49 -0.36
C THR C 60 -8.80 -64.00 0.88
N ARG C 61 -7.90 -63.02 0.70
CA ARG C 61 -7.25 -62.38 1.83
C ARG C 61 -8.27 -61.67 2.72
N TYR C 62 -9.27 -61.04 2.10
CA TYR C 62 -10.35 -60.41 2.85
C TYR C 62 -11.05 -61.44 3.72
N LEU C 63 -11.11 -62.68 3.23
CA LEU C 63 -11.74 -63.76 3.97
C LEU C 63 -10.86 -64.28 5.10
N ILE C 64 -9.55 -64.34 4.86
CA ILE C 64 -8.64 -64.77 5.91
C ILE C 64 -8.55 -63.70 7.02
N MET C 65 -8.94 -62.47 6.69
CA MET C 65 -8.98 -61.41 7.69
C MET C 65 -10.27 -61.46 8.50
N LYS C 66 -11.36 -61.88 7.87
CA LYS C 66 -12.67 -61.92 8.52
C LYS C 66 -12.96 -63.25 9.21
N ARG C 67 -11.97 -64.15 9.19
CA ARG C 67 -12.08 -65.45 9.85
C ARG C 67 -13.27 -66.28 9.36
N ASP C 68 -13.61 -66.14 8.09
CA ASP C 68 -14.70 -66.92 7.50
C ASP C 68 -14.13 -68.17 6.85
N ILE C 69 -13.98 -69.22 7.66
CA ILE C 69 -13.31 -70.45 7.23
C ILE C 69 -14.02 -71.15 6.07
N SER C 70 -15.32 -71.40 6.23
CA SER C 70 -16.10 -72.11 5.22
C SER C 70 -16.07 -71.41 3.85
N ALA C 71 -16.41 -70.12 3.85
CA ALA C 71 -16.41 -69.33 2.63
C ALA C 71 -15.02 -69.26 2.02
N LEU C 72 -14.00 -69.30 2.87
CA LEU C 72 -12.62 -69.27 2.42
C LEU C 72 -12.26 -70.54 1.67
N GLU C 73 -12.55 -71.68 2.28
CA GLU C 73 -12.26 -72.98 1.67
C GLU C 73 -13.05 -73.15 0.38
N GLU C 74 -14.33 -72.78 0.40
CA GLU C 74 -15.18 -72.87 -0.77
C GLU C 74 -14.65 -72.00 -1.90
N GLU C 75 -14.31 -70.75 -1.58
CA GLU C 75 -13.78 -69.81 -2.57
C GLU C 75 -12.48 -70.34 -3.18
N LEU C 76 -11.62 -70.91 -2.33
CA LEU C 76 -10.35 -71.46 -2.80
C LEU C 76 -10.56 -72.68 -3.69
N ASP C 77 -11.57 -73.48 -3.37
CA ASP C 77 -11.92 -74.63 -4.21
C ASP C 77 -12.45 -74.17 -5.56
N LYS C 78 -13.22 -73.08 -5.55
CA LYS C 78 -13.72 -72.51 -6.80
C LYS C 78 -12.61 -71.81 -7.58
N LEU C 79 -11.51 -71.51 -6.89
CA LEU C 79 -10.40 -70.80 -7.50
C LEU C 79 -9.27 -71.73 -7.95
N LYS C 80 -9.34 -72.99 -7.51
CA LYS C 80 -8.32 -73.97 -7.85
C LYS C 80 -8.43 -74.44 -9.29
N LYS C 81 -9.65 -74.43 -9.82
CA LYS C 81 -9.91 -74.92 -11.18
C LYS C 81 -9.25 -74.07 -12.25
N VAL C 82 -9.02 -72.80 -11.95
CA VAL C 82 -8.41 -71.88 -12.90
C VAL C 82 -7.01 -71.45 -12.45
N TYR C 83 -6.39 -72.27 -11.62
CA TYR C 83 -5.05 -71.98 -11.09
C TYR C 83 -3.98 -72.00 -12.18
N LYS C 84 -4.28 -72.70 -13.27
CA LYS C 84 -3.34 -72.83 -14.39
C LYS C 84 -3.12 -71.50 -15.10
N LYS C 85 -4.13 -70.63 -15.07
CA LYS C 85 -4.10 -69.40 -15.84
C LYS C 85 -3.59 -68.20 -15.04
N TYR C 86 -3.26 -68.44 -13.77
CA TYR C 86 -2.78 -67.37 -12.90
C TYR C 86 -1.35 -66.95 -13.27
N SER C 87 -1.04 -65.69 -13.02
CA SER C 87 0.33 -65.20 -13.15
C SER C 87 1.10 -65.66 -11.90
N PRO C 88 2.44 -65.61 -11.94
CA PRO C 88 3.25 -66.02 -10.79
C PRO C 88 2.82 -65.35 -9.47
N PHE C 89 2.45 -64.08 -9.54
CA PHE C 89 1.96 -63.37 -8.36
C PHE C 89 0.66 -64.01 -7.87
N GLN C 90 -0.29 -64.19 -8.79
CA GLN C 90 -1.57 -64.80 -8.43
C GLN C 90 -1.40 -66.24 -7.95
N LYS C 91 -0.46 -66.96 -8.55
CA LYS C 91 -0.12 -68.30 -8.09
C LYS C 91 0.32 -68.24 -6.63
N LEU C 92 1.26 -67.34 -6.36
CA LEU C 92 1.76 -67.12 -5.01
C LEU C 92 0.63 -66.80 -4.02
N LEU C 93 -0.29 -65.94 -4.44
CA LEU C 93 -1.42 -65.55 -3.61
C LEU C 93 -2.33 -66.74 -3.31
N TYR C 94 -2.52 -67.60 -4.32
CA TYR C 94 -3.34 -68.80 -4.12
C TYR C 94 -2.67 -69.75 -3.13
N MET C 95 -1.36 -69.95 -3.27
CA MET C 95 -0.62 -70.82 -2.37
C MET C 95 -0.67 -70.30 -0.94
N TYR C 96 -0.46 -69.00 -0.78
CA TYR C 96 -0.48 -68.35 0.51
C TYR C 96 -1.85 -68.47 1.17
N GLY C 97 -2.89 -68.10 0.41
CA GLY C 97 -4.25 -68.16 0.91
C GLY C 97 -4.66 -69.57 1.30
N ARG C 98 -4.21 -70.55 0.51
CA ARG C 98 -4.47 -71.95 0.82
C ARG C 98 -3.78 -72.33 2.13
N GLY C 99 -2.53 -71.93 2.25
CA GLY C 99 -1.74 -72.20 3.43
C GLY C 99 -2.37 -71.67 4.71
N LEU C 100 -2.80 -70.42 4.66
CA LEU C 100 -3.46 -69.81 5.81
C LEU C 100 -4.84 -70.41 6.06
N LEU C 101 -5.48 -70.88 4.99
CA LEU C 101 -6.76 -71.57 5.10
C LEU C 101 -6.59 -72.84 5.92
N CYS C 102 -5.64 -73.67 5.55
CA CYS C 102 -5.41 -74.91 6.30
C CYS C 102 -4.70 -74.64 7.64
N CYS C 103 -4.18 -73.43 7.81
CA CYS C 103 -3.62 -73.02 9.09
C CYS C 103 -4.73 -72.71 10.08
N LEU C 104 -5.77 -72.03 9.60
CA LEU C 104 -6.92 -71.70 10.44
C LEU C 104 -7.71 -72.95 10.81
N GLN C 105 -7.55 -74.00 10.01
CA GLN C 105 -8.21 -75.27 10.28
C GLN C 105 -7.33 -76.16 11.16
N TYR C 106 -6.30 -75.56 11.75
CA TYR C 106 -5.38 -76.24 12.65
C TYR C 106 -4.69 -77.43 11.98
N ARG C 107 -4.42 -77.30 10.69
CA ARG C 107 -3.67 -78.30 9.94
C ARG C 107 -2.33 -77.70 9.54
N TRP C 108 -1.38 -77.69 10.46
CA TRP C 108 -0.11 -77.01 10.26
C TRP C 108 0.85 -77.79 9.36
N LYS C 109 0.47 -79.01 8.98
CA LYS C 109 1.25 -79.79 8.04
C LYS C 109 1.15 -79.19 6.64
N ASP C 110 -0.05 -79.26 6.08
CA ASP C 110 -0.34 -78.66 4.79
C ASP C 110 -0.02 -77.18 4.83
N GLY C 111 -0.34 -76.55 5.96
CA GLY C 111 -0.02 -75.16 6.19
C GLY C 111 1.46 -74.88 5.98
N LEU C 112 2.30 -75.68 6.62
CA LEU C 112 3.74 -75.55 6.49
C LEU C 112 4.17 -75.76 5.05
N ASP C 113 3.58 -76.75 4.38
CA ASP C 113 3.91 -77.04 2.99
C ASP C 113 3.65 -75.83 2.08
N TYR C 114 2.38 -75.38 2.06
CA TYR C 114 1.99 -74.26 1.23
C TYR C 114 2.73 -72.98 1.60
N LEU C 115 3.05 -72.82 2.88
CA LEU C 115 3.80 -71.65 3.33
C LEU C 115 5.24 -71.66 2.83
N LEU C 116 5.85 -72.84 2.82
CA LEU C 116 7.23 -72.98 2.33
C LEU C 116 7.28 -72.79 0.82
N LYS C 117 6.30 -73.35 0.12
CA LYS C 117 6.24 -73.20 -1.34
C LYS C 117 5.98 -71.74 -1.70
N THR C 118 5.15 -71.07 -0.90
CA THR C 118 4.88 -69.66 -1.07
C THR C 118 6.16 -68.86 -0.81
N GLU C 119 6.96 -69.36 0.12
CA GLU C 119 8.21 -68.71 0.48
C GLU C 119 9.21 -68.78 -0.67
N VAL C 120 9.37 -69.96 -1.26
CA VAL C 120 10.30 -70.11 -2.38
C VAL C 120 9.78 -69.38 -3.63
N MET C 121 8.46 -69.33 -3.78
CA MET C 121 7.86 -68.58 -4.88
C MET C 121 8.12 -67.09 -4.72
N ALA C 122 8.06 -66.61 -3.47
CA ALA C 122 8.31 -65.21 -3.18
C ALA C 122 9.79 -64.88 -3.33
N LYS C 123 10.64 -65.87 -3.07
CA LYS C 123 12.08 -65.68 -3.17
C LYS C 123 12.52 -65.71 -4.64
N GLU C 124 11.76 -66.42 -5.46
CA GLU C 124 12.03 -66.46 -6.90
C GLU C 124 11.45 -65.23 -7.59
N GLN C 125 10.34 -64.73 -7.08
CA GLN C 125 9.67 -63.58 -7.68
C GLN C 125 10.28 -62.26 -7.19
N GLY C 126 10.90 -62.31 -6.02
CA GLY C 126 11.49 -61.13 -5.42
C GLY C 126 10.50 -60.38 -4.55
N TYR C 127 9.53 -61.12 -4.02
CA TYR C 127 8.50 -60.54 -3.16
C TYR C 127 8.81 -60.83 -1.70
N HIS C 128 8.55 -59.85 -0.83
CA HIS C 128 8.88 -59.98 0.58
C HIS C 128 7.75 -59.57 1.51
N GLU C 129 7.36 -60.49 2.38
CA GLU C 129 6.40 -60.20 3.44
C GLU C 129 6.86 -60.84 4.75
N THR C 130 7.06 -60.01 5.76
CA THR C 130 7.52 -60.48 7.07
C THR C 130 6.48 -61.41 7.68
N GLY C 131 5.21 -61.11 7.41
CA GLY C 131 4.11 -61.91 7.89
C GLY C 131 4.22 -63.36 7.48
N LEU C 132 4.72 -63.59 6.27
CA LEU C 132 4.89 -64.95 5.77
C LEU C 132 5.88 -65.73 6.64
N TYR C 133 7.05 -65.14 6.85
CA TYR C 133 8.08 -65.75 7.68
C TYR C 133 7.58 -66.01 9.11
N TYR C 134 6.85 -65.03 9.65
CA TYR C 134 6.26 -65.19 10.98
C TYR C 134 5.30 -66.38 10.99
N ASN C 135 4.53 -66.53 9.92
CA ASN C 135 3.58 -67.62 9.81
C ASN C 135 4.24 -68.98 9.72
N ILE C 136 5.38 -69.02 9.04
CA ILE C 136 6.15 -70.25 8.92
C ILE C 136 6.77 -70.61 10.28
N ALA C 137 7.29 -69.61 10.98
CA ALA C 137 7.86 -69.80 12.30
C ALA C 137 6.79 -70.31 13.27
N LEU C 138 5.58 -69.76 13.14
CA LEU C 138 4.45 -70.19 13.98
C LEU C 138 4.06 -71.61 13.62
N ALA C 139 4.19 -71.96 12.34
CA ALA C 139 3.88 -73.29 11.87
C ALA C 139 4.84 -74.31 12.48
N TYR C 140 6.12 -73.93 12.55
CA TYR C 140 7.12 -74.78 13.18
C TYR C 140 6.91 -74.86 14.69
N THR C 141 6.46 -73.76 15.29
CA THR C 141 6.20 -73.72 16.72
C THR C 141 5.04 -74.64 17.09
N HIS C 142 4.01 -74.66 16.25
CA HIS C 142 2.88 -75.56 16.44
C HIS C 142 3.31 -77.01 16.26
N LEU C 143 4.36 -77.21 15.48
CA LEU C 143 4.93 -78.55 15.30
C LEU C 143 6.01 -78.80 16.35
N ASP C 144 5.77 -78.29 17.56
CA ASP C 144 6.61 -78.54 18.74
C ASP C 144 7.99 -77.88 18.66
N ILE C 145 8.96 -78.54 19.28
CA ILE C 145 10.31 -78.00 19.42
C ILE C 145 11.00 -77.84 18.07
N HIS C 146 11.46 -76.63 17.78
CA HIS C 146 12.12 -76.38 16.51
C HIS C 146 13.20 -75.29 16.55
N HIS C 147 14.33 -75.60 15.93
CA HIS C 147 15.39 -74.64 15.69
C HIS C 147 14.96 -73.74 14.53
N LEU C 148 14.14 -74.30 13.65
CA LEU C 148 13.60 -73.58 12.51
C LEU C 148 12.62 -72.50 12.96
N ALA C 149 11.94 -72.76 14.07
CA ALA C 149 11.02 -71.78 14.64
C ALA C 149 11.77 -70.51 15.02
N ILE C 150 12.88 -70.69 15.73
CA ILE C 150 13.74 -69.57 16.11
C ILE C 150 14.35 -68.93 14.87
N HIS C 151 14.80 -69.78 13.95
CA HIS C 151 15.44 -69.32 12.71
C HIS C 151 14.56 -68.37 11.92
N PHE C 152 13.28 -68.72 11.78
CA PHE C 152 12.35 -67.89 11.03
C PHE C 152 11.80 -66.74 11.86
N VAL C 153 11.70 -66.93 13.17
CA VAL C 153 11.19 -65.88 14.04
C VAL C 153 12.21 -64.76 14.21
N ASN C 154 13.48 -65.05 13.88
CA ASN C 154 14.50 -64.02 13.88
C ASN C 154 14.47 -63.15 12.62
N MET C 155 14.22 -63.79 11.48
CA MET C 155 14.03 -63.05 10.23
C MET C 155 12.77 -62.21 10.35
N ALA C 156 11.72 -62.82 10.89
CA ALA C 156 10.47 -62.12 11.16
C ALA C 156 10.72 -60.99 12.15
N LEU C 157 11.63 -61.21 13.08
CA LEU C 157 11.99 -60.20 14.06
C LEU C 157 12.58 -58.99 13.36
N GLU C 158 13.60 -59.23 12.53
CA GLU C 158 14.25 -58.15 11.78
C GLU C 158 13.26 -57.39 10.90
N GLY C 159 12.43 -58.14 10.18
CA GLY C 159 11.44 -57.55 9.30
C GLY C 159 10.44 -56.68 10.04
N PHE C 160 9.88 -57.21 11.11
CA PHE C 160 8.90 -56.48 11.90
C PHE C 160 9.52 -55.24 12.56
N ARG C 161 10.77 -55.37 12.99
CA ARG C 161 11.50 -54.24 13.57
C ARG C 161 11.76 -53.17 12.52
N SER C 162 11.90 -53.60 11.27
CA SER C 162 12.10 -52.66 10.16
C SER C 162 10.79 -52.00 9.76
N GLU C 163 9.68 -52.67 10.04
CA GLU C 163 8.36 -52.17 9.65
C GLU C 163 7.58 -51.59 10.84
N TYR C 164 8.26 -51.47 11.98
CA TYR C 164 7.67 -50.93 13.20
C TYR C 164 6.46 -51.74 13.69
N LYS C 165 6.37 -52.98 13.24
CA LYS C 165 5.26 -53.85 13.61
C LYS C 165 5.45 -54.44 15.00
N PHE C 166 5.44 -53.58 16.01
CA PHE C 166 5.72 -53.98 17.40
C PHE C 166 4.78 -55.08 17.88
N ARG C 167 3.48 -54.90 17.61
CA ARG C 167 2.46 -55.85 18.04
C ARG C 167 2.77 -57.28 17.57
N ASN C 168 3.43 -57.39 16.43
CA ASN C 168 3.86 -58.69 15.93
C ASN C 168 5.16 -59.14 16.59
N ILE C 169 6.03 -58.18 16.89
CA ILE C 169 7.29 -58.49 17.56
C ILE C 169 7.03 -59.12 18.92
N ILE C 170 5.98 -58.67 19.61
CA ILE C 170 5.61 -59.27 20.89
C ILE C 170 5.31 -60.75 20.72
N ASN C 171 4.49 -61.08 19.73
CA ASN C 171 4.15 -62.48 19.46
C ASN C 171 5.37 -63.28 19.02
N CYS C 172 6.33 -62.60 18.41
CA CYS C 172 7.60 -63.24 18.07
C CYS C 172 8.37 -63.60 19.33
N GLN C 173 8.41 -62.68 20.28
CA GLN C 173 9.05 -62.91 21.57
C GLN C 173 8.37 -64.07 22.28
N ILE C 174 7.05 -64.14 22.14
CA ILE C 174 6.29 -65.25 22.71
C ILE C 174 6.68 -66.55 22.02
N LEU C 175 6.93 -66.49 20.72
CA LEU C 175 7.35 -67.66 19.97
C LEU C 175 8.70 -68.20 20.42
N ILE C 176 9.71 -67.32 20.47
CA ILE C 176 11.04 -67.73 20.93
C ILE C 176 11.01 -68.21 22.38
N ALA C 177 10.19 -67.54 23.20
CA ALA C 177 10.02 -67.95 24.60
C ALA C 177 9.47 -69.37 24.67
N VAL C 178 8.42 -69.64 23.90
CA VAL C 178 7.83 -70.97 23.84
C VAL C 178 8.84 -72.01 23.38
N SER C 179 9.65 -71.65 22.38
CA SER C 179 10.68 -72.55 21.88
C SER C 179 11.72 -72.84 22.95
N TYR C 180 11.99 -71.86 23.81
CA TYR C 180 12.88 -72.05 24.94
C TYR C 180 12.28 -73.01 25.97
N THR C 181 11.02 -72.77 26.31
CA THR C 181 10.34 -73.51 27.37
C THR C 181 10.27 -75.01 27.14
N GLU C 182 10.28 -75.44 25.88
CA GLU C 182 10.12 -76.85 25.56
C GLU C 182 11.45 -77.62 25.69
N LYS C 183 12.49 -76.93 26.14
CA LYS C 183 13.78 -77.55 26.39
C LYS C 183 14.25 -77.22 27.80
N GLY C 184 14.78 -76.02 27.97
CA GLY C 184 15.22 -75.55 29.27
C GLY C 184 15.05 -74.05 29.37
N GLN C 185 16.08 -73.37 29.85
CA GLN C 185 16.07 -71.91 29.99
C GLN C 185 14.82 -71.37 30.68
N TYR C 186 14.33 -72.11 31.67
CA TYR C 186 13.13 -71.72 32.41
C TYR C 186 13.35 -70.38 33.11
N GLU C 187 14.59 -70.12 33.49
CA GLU C 187 14.97 -68.85 34.08
C GLU C 187 14.76 -67.74 33.04
N GLU C 188 15.44 -67.87 31.91
CA GLU C 188 15.37 -66.89 30.83
C GLU C 188 13.94 -66.77 30.30
N ALA C 189 13.23 -67.90 30.24
CA ALA C 189 11.85 -67.91 29.80
C ALA C 189 10.97 -67.09 30.74
N LEU C 190 11.18 -67.28 32.04
CA LEU C 190 10.45 -66.51 33.05
C LEU C 190 10.78 -65.04 32.97
N LYS C 191 12.05 -64.72 32.69
CA LYS C 191 12.47 -63.33 32.53
C LYS C 191 11.74 -62.68 31.36
N MET C 192 11.72 -63.38 30.23
CA MET C 192 11.05 -62.88 29.03
C MET C 192 9.56 -62.69 29.25
N TYR C 193 8.90 -63.73 29.76
CA TYR C 193 7.46 -63.68 30.01
C TYR C 193 7.08 -62.58 31.00
N GLU C 194 7.82 -62.49 32.10
CA GLU C 194 7.57 -61.46 33.11
C GLU C 194 7.81 -60.08 32.52
N SER C 195 8.74 -60.00 31.56
CA SER C 195 9.00 -58.75 30.87
C SER C 195 7.88 -58.45 29.88
N ILE C 196 7.15 -59.46 29.48
CA ILE C 196 6.02 -59.29 28.57
C ILE C 196 4.79 -58.80 29.32
N LEU C 197 4.52 -59.41 30.47
CA LEU C 197 3.37 -59.07 31.30
C LEU C 197 3.30 -57.58 31.62
N ARG C 198 4.46 -56.97 31.86
CA ARG C 198 4.53 -55.55 32.19
C ARG C 198 4.44 -54.68 30.94
N GLU C 199 4.71 -55.27 29.79
CA GLU C 199 4.70 -54.53 28.53
C GLU C 199 3.46 -54.82 27.70
N ALA C 200 2.68 -55.81 28.14
CA ALA C 200 1.43 -56.15 27.49
C ALA C 200 0.27 -55.37 28.09
N THR C 201 0.58 -54.19 28.63
CA THR C 201 -0.42 -53.34 29.25
C THR C 201 -0.57 -52.05 28.45
N SER C 202 0.39 -51.79 27.58
CA SER C 202 0.36 -50.60 26.74
C SER C 202 -0.32 -50.89 25.41
N PHE C 203 -1.04 -52.01 25.34
CA PHE C 203 -1.73 -52.41 24.13
C PHE C 203 -3.24 -52.26 24.27
N ALA C 204 -3.96 -52.48 23.18
CA ALA C 204 -5.41 -52.44 23.17
C ALA C 204 -5.99 -53.84 23.34
N ASP C 205 -5.21 -54.84 22.92
CA ASP C 205 -5.61 -56.23 23.06
C ASP C 205 -4.75 -56.93 24.12
N LYS C 206 -4.84 -56.46 25.35
CA LYS C 206 -4.01 -56.97 26.44
C LYS C 206 -4.44 -58.36 26.90
N ASP C 207 -5.75 -58.58 26.97
CA ASP C 207 -6.32 -59.79 27.55
C ASP C 207 -5.81 -61.10 26.94
N VAL C 208 -5.70 -61.13 25.62
CA VAL C 208 -5.23 -62.33 24.93
C VAL C 208 -3.77 -62.64 25.28
N LEU C 209 -2.92 -61.61 25.20
CA LEU C 209 -1.50 -61.74 25.55
C LEU C 209 -1.34 -62.21 26.98
N LEU C 210 -2.03 -61.55 27.91
CA LEU C 210 -1.99 -61.92 29.31
C LEU C 210 -2.44 -63.36 29.52
N ALA C 211 -3.48 -63.76 28.80
CA ALA C 211 -4.02 -65.11 28.91
C ALA C 211 -2.99 -66.15 28.48
N ILE C 212 -2.47 -66.02 27.26
CA ILE C 212 -1.53 -67.01 26.74
C ILE C 212 -0.20 -67.02 27.50
N THR C 213 0.28 -65.85 27.90
CA THR C 213 1.53 -65.74 28.64
C THR C 213 1.39 -66.31 30.05
N LEU C 214 0.25 -66.08 30.69
CA LEU C 214 -0.02 -66.65 32.01
C LEU C 214 -0.15 -68.17 31.92
N SER C 215 -0.76 -68.65 30.83
CA SER C 215 -0.89 -70.08 30.62
C SER C 215 0.48 -70.73 30.44
N ASN C 216 1.34 -70.08 29.67
CA ASN C 216 2.68 -70.59 29.42
C ASN C 216 3.59 -70.55 30.65
N MET C 217 3.62 -69.41 31.33
CA MET C 217 4.44 -69.27 32.52
C MET C 217 3.93 -70.16 33.64
N GLY C 218 2.62 -70.40 33.65
CA GLY C 218 2.03 -71.33 34.58
C GLY C 218 2.40 -72.75 34.20
N SER C 219 2.59 -72.98 32.90
CA SER C 219 2.98 -74.29 32.39
C SER C 219 4.41 -74.64 32.77
N ILE C 220 5.29 -73.63 32.74
CA ILE C 220 6.69 -73.87 33.12
C ILE C 220 6.91 -73.78 34.62
N TYR C 221 6.02 -73.08 35.32
CA TYR C 221 6.01 -73.13 36.77
C TYR C 221 5.52 -74.50 37.21
N TYR C 222 4.68 -75.10 36.37
CA TYR C 222 4.25 -76.48 36.56
C TYR C 222 5.38 -77.43 36.20
N LYS C 223 6.20 -77.02 35.23
CA LYS C 223 7.30 -77.86 34.77
C LYS C 223 8.46 -77.87 35.76
N LYS C 224 8.62 -76.78 36.51
CA LYS C 224 9.67 -76.69 37.52
C LYS C 224 9.39 -77.63 38.69
N GLY C 225 8.17 -77.55 39.21
CA GLY C 225 7.79 -78.32 40.39
C GLY C 225 7.06 -77.45 41.39
N LYS C 226 6.74 -76.24 40.98
CA LYS C 226 6.01 -75.30 41.82
C LYS C 226 4.62 -75.07 41.25
N TYR C 227 3.70 -75.97 41.60
CA TYR C 227 2.37 -76.02 41.01
C TYR C 227 1.39 -75.12 41.74
N GLN C 228 1.73 -74.78 42.99
CA GLN C 228 0.90 -73.92 43.82
C GLN C 228 0.71 -72.54 43.19
N GLN C 229 1.69 -72.12 42.39
CA GLN C 229 1.59 -70.87 41.65
C GLN C 229 0.98 -71.13 40.28
N ALA C 230 1.19 -72.36 39.80
CA ALA C 230 0.68 -72.78 38.50
C ALA C 230 -0.84 -72.69 38.45
N LYS C 231 -1.50 -73.25 39.47
CA LYS C 231 -2.97 -73.17 39.54
C LYS C 231 -3.46 -71.73 39.55
N LYS C 232 -2.71 -70.87 40.22
CA LYS C 232 -3.02 -69.44 40.28
C LYS C 232 -2.96 -68.80 38.89
N TYR C 233 -1.83 -68.97 38.22
CA TYR C 233 -1.64 -68.39 36.89
C TYR C 233 -2.61 -68.95 35.85
N TYR C 234 -2.93 -70.24 35.97
CA TYR C 234 -3.92 -70.85 35.10
C TYR C 234 -5.29 -70.25 35.34
N LEU C 235 -5.64 -70.09 36.63
CA LEU C 235 -6.91 -69.49 37.01
C LEU C 235 -7.04 -68.09 36.44
N ASP C 236 -5.99 -67.30 36.57
CA ASP C 236 -5.97 -65.94 36.04
C ASP C 236 -6.01 -65.94 34.51
N SER C 237 -5.47 -67.00 33.91
CA SER C 237 -5.51 -67.13 32.45
C SER C 237 -6.93 -67.40 31.98
N LEU C 238 -7.65 -68.25 32.71
CA LEU C 238 -9.04 -68.54 32.38
C LEU C 238 -9.92 -67.33 32.67
N GLN C 239 -9.49 -66.52 33.63
CA GLN C 239 -10.24 -65.34 34.04
C GLN C 239 -10.33 -64.30 32.92
N LEU C 240 -9.32 -64.25 32.06
CA LEU C 240 -9.21 -63.18 31.09
C LEU C 240 -9.48 -63.63 29.64
N GLN C 241 -9.84 -64.89 29.45
CA GLN C 241 -10.18 -65.38 28.11
C GLN C 241 -11.66 -65.15 27.81
N LYS C 242 -11.94 -64.62 26.62
CA LYS C 242 -13.31 -64.30 26.22
C LYS C 242 -13.70 -65.01 24.92
N GLN C 243 -13.05 -66.13 24.63
CA GLN C 243 -13.33 -66.90 23.42
C GLN C 243 -12.83 -68.33 23.57
N ILE C 244 -13.29 -69.20 22.68
CA ILE C 244 -12.86 -70.61 22.69
C ILE C 244 -12.04 -70.94 21.46
N ASP C 245 -10.74 -71.20 21.65
CA ASP C 245 -9.85 -71.57 20.57
C ASP C 245 -8.99 -72.77 20.95
N LEU C 246 -7.89 -72.97 20.24
CA LEU C 246 -6.97 -74.06 20.53
C LEU C 246 -6.24 -73.79 21.84
N ASN C 247 -5.91 -72.53 22.07
CA ASN C 247 -5.21 -72.12 23.28
C ASN C 247 -6.07 -72.32 24.53
N TYR C 248 -7.38 -72.16 24.37
CA TYR C 248 -8.31 -72.36 25.47
C TYR C 248 -8.35 -73.82 25.90
N LEU C 249 -8.53 -74.70 24.93
CA LEU C 249 -8.53 -76.14 25.20
C LEU C 249 -7.16 -76.58 25.73
N ASP C 250 -6.13 -75.89 25.27
CA ASP C 250 -4.76 -76.18 25.72
C ASP C 250 -4.59 -75.85 27.20
N THR C 251 -4.96 -74.65 27.59
CA THR C 251 -4.82 -74.24 28.99
C THR C 251 -5.78 -74.99 29.90
N ILE C 252 -6.90 -75.46 29.35
CA ILE C 252 -7.81 -76.33 30.09
C ILE C 252 -7.15 -77.69 30.32
N TYR C 253 -6.46 -78.18 29.30
CA TYR C 253 -5.72 -79.45 29.38
C TYR C 253 -4.61 -79.36 30.43
N GLU C 254 -3.86 -78.26 30.39
CA GLU C 254 -2.78 -78.02 31.33
C GLU C 254 -3.32 -77.85 32.76
N MET C 255 -4.47 -77.19 32.86
CA MET C 255 -5.15 -77.07 34.15
C MET C 255 -5.50 -78.45 34.68
N ALA C 256 -5.93 -79.33 33.77
CA ALA C 256 -6.23 -80.71 34.13
C ALA C 256 -4.97 -81.43 34.58
N LEU C 257 -3.83 -81.08 34.00
CA LEU C 257 -2.55 -81.64 34.41
C LEU C 257 -2.18 -81.24 35.84
N VAL C 258 -2.15 -79.94 36.09
CA VAL C 258 -1.79 -79.42 37.41
C VAL C 258 -2.83 -79.86 38.45
N CYS C 259 -4.04 -80.19 38.00
CA CYS C 259 -5.06 -80.73 38.90
C CYS C 259 -4.82 -82.21 39.22
N ILE C 260 -4.59 -83.02 38.21
CA ILE C 260 -4.37 -84.46 38.43
C ILE C 260 -3.10 -84.73 39.22
N LYS C 261 -2.10 -83.85 39.09
CA LYS C 261 -0.88 -84.04 39.86
C LYS C 261 -1.06 -83.60 41.31
N LEU C 262 -1.96 -82.63 41.53
CA LEU C 262 -2.20 -82.09 42.85
C LEU C 262 -3.23 -82.93 43.62
N GLU C 263 -3.47 -84.14 43.14
CA GLU C 263 -4.42 -85.08 43.74
C GLU C 263 -5.90 -84.68 43.58
N GLU C 264 -6.15 -83.37 43.47
CA GLU C 264 -7.52 -82.87 43.28
C GLU C 264 -8.10 -83.41 41.98
N LEU C 265 -8.69 -84.59 42.04
CA LEU C 265 -9.15 -85.30 40.86
C LEU C 265 -10.55 -84.89 40.37
N GLU C 266 -11.32 -84.26 41.25
CA GLU C 266 -12.67 -83.83 40.90
C GLU C 266 -12.66 -82.69 39.89
N GLU C 267 -11.88 -81.66 40.18
CA GLU C 267 -11.73 -80.53 39.26
C GLU C 267 -11.11 -81.02 37.96
N ALA C 268 -10.32 -82.08 38.06
CA ALA C 268 -9.72 -82.71 36.90
C ALA C 268 -10.78 -83.34 36.00
N ARG C 269 -11.67 -84.13 36.60
CA ARG C 269 -12.72 -84.79 35.83
C ARG C 269 -13.68 -83.78 35.21
N THR C 270 -13.98 -82.72 35.96
CA THR C 270 -14.87 -81.68 35.46
C THR C 270 -14.22 -80.94 34.30
N LEU C 271 -12.97 -80.54 34.49
CA LEU C 271 -12.22 -79.80 33.46
C LEU C 271 -12.02 -80.62 32.19
N ILE C 272 -11.81 -81.93 32.34
CA ILE C 272 -11.58 -82.77 31.18
C ILE C 272 -12.88 -83.14 30.44
N ASP C 273 -13.96 -83.35 31.19
CA ASP C 273 -15.26 -83.61 30.58
C ASP C 273 -15.70 -82.36 29.81
N LYS C 274 -15.58 -81.21 30.47
CA LYS C 274 -15.88 -79.93 29.87
C LYS C 274 -15.01 -79.67 28.64
N GLY C 275 -13.74 -80.06 28.74
CA GLY C 275 -12.80 -79.87 27.65
C GLY C 275 -13.18 -80.68 26.43
N ILE C 276 -13.41 -81.98 26.62
CA ILE C 276 -13.80 -82.86 25.52
C ILE C 276 -15.11 -82.41 24.89
N ASP C 277 -16.11 -82.12 25.73
CA ASP C 277 -17.41 -81.71 25.25
C ASP C 277 -17.36 -80.38 24.47
N ALA C 278 -16.52 -79.46 24.94
CA ALA C 278 -16.37 -78.17 24.27
C ALA C 278 -15.61 -78.33 22.96
N ALA C 279 -14.71 -79.30 22.92
CA ALA C 279 -13.93 -79.56 21.71
C ALA C 279 -14.72 -80.38 20.70
N LYS C 280 -15.83 -80.96 21.15
CA LYS C 280 -16.65 -81.84 20.31
C LYS C 280 -17.29 -81.13 19.12
N GLN C 281 -17.74 -79.90 19.33
CA GLN C 281 -18.45 -79.15 18.29
C GLN C 281 -17.60 -78.89 17.04
N GLU C 282 -16.61 -78.01 17.17
CA GLU C 282 -15.74 -77.65 16.06
C GLU C 282 -14.93 -78.85 15.56
N GLU C 283 -14.91 -79.04 14.25
CA GLU C 283 -14.18 -80.15 13.65
C GLU C 283 -12.68 -79.84 13.64
N ARG C 284 -12.33 -78.59 13.86
CA ARG C 284 -10.93 -78.17 13.91
C ARG C 284 -10.30 -78.44 15.27
N PHE C 285 -11.16 -78.54 16.29
CA PHE C 285 -10.69 -78.77 17.65
C PHE C 285 -10.37 -80.24 17.90
N ASN C 286 -10.66 -81.09 16.92
CA ASN C 286 -10.45 -82.52 17.06
C ASN C 286 -9.00 -82.88 17.34
N ALA C 287 -8.08 -82.15 16.73
CA ALA C 287 -6.65 -82.36 16.92
C ALA C 287 -6.26 -82.11 18.38
N LYS C 288 -7.02 -81.26 19.05
CA LYS C 288 -6.79 -80.97 20.45
C LYS C 288 -7.75 -81.79 21.32
N LEU C 289 -8.74 -82.39 20.67
CA LEU C 289 -9.72 -83.21 21.37
C LEU C 289 -9.14 -84.61 21.63
N TYR C 290 -8.58 -85.19 20.57
CA TYR C 290 -8.11 -86.57 20.61
C TYR C 290 -6.99 -86.82 21.61
N LEU C 291 -6.38 -85.75 22.09
CA LEU C 291 -5.36 -85.87 23.14
C LEU C 291 -5.98 -85.73 24.53
N LEU C 292 -7.01 -84.89 24.63
CA LEU C 292 -7.73 -84.70 25.89
C LEU C 292 -8.23 -86.03 26.44
N LEU C 293 -8.90 -86.80 25.57
CA LEU C 293 -9.40 -88.11 25.95
C LEU C 293 -8.29 -89.05 26.40
N MET C 294 -7.09 -88.84 25.86
CA MET C 294 -5.95 -89.67 26.24
C MET C 294 -5.63 -89.44 27.72
N LEU C 295 -5.77 -88.20 28.17
CA LEU C 295 -5.57 -87.88 29.57
C LEU C 295 -6.64 -88.56 30.42
N ARG C 296 -7.81 -88.78 29.82
CA ARG C 296 -8.89 -89.48 30.51
C ARG C 296 -8.55 -90.96 30.64
N TYR C 297 -7.73 -91.46 29.71
CA TYR C 297 -7.37 -92.87 29.69
C TYR C 297 -6.43 -93.21 30.84
N LYS C 298 -5.53 -92.29 31.14
CA LYS C 298 -4.51 -92.51 32.17
C LYS C 298 -5.05 -92.26 33.58
N TYR C 299 -6.34 -91.98 33.71
CA TYR C 299 -6.90 -91.59 35.00
C TYR C 299 -8.30 -92.12 35.32
N PHE C 300 -9.05 -92.53 34.30
CA PHE C 300 -10.45 -92.90 34.53
C PHE C 300 -10.85 -94.29 34.06
N GLU C 301 -10.83 -94.54 32.75
CA GLU C 301 -11.10 -95.87 32.25
C GLU C 301 -10.09 -96.86 32.80
N GLU C 302 -8.81 -96.51 32.68
CA GLU C 302 -7.70 -97.22 33.33
C GLU C 302 -7.50 -98.69 32.91
N ALA C 303 -6.27 -98.99 32.48
CA ALA C 303 -5.85 -100.35 32.17
C ALA C 303 -6.71 -101.05 31.11
N LYS C 304 -7.46 -100.27 30.35
CA LYS C 304 -8.25 -100.79 29.25
C LYS C 304 -7.33 -100.89 28.02
N ASP C 305 -7.65 -101.80 27.11
CA ASP C 305 -6.87 -101.98 25.88
C ASP C 305 -6.70 -100.66 25.15
N TYR C 306 -5.50 -100.08 25.25
CA TYR C 306 -5.21 -98.76 24.70
C TYR C 306 -5.53 -98.63 23.22
N LYS C 307 -5.31 -99.71 22.48
CA LYS C 307 -5.49 -99.71 21.02
C LYS C 307 -6.93 -99.47 20.58
N ALA C 308 -7.87 -99.60 21.50
CA ALA C 308 -9.27 -99.34 21.21
C ALA C 308 -9.48 -97.85 20.89
N PHE C 309 -8.89 -96.99 21.72
CA PHE C 309 -8.93 -95.56 21.49
C PHE C 309 -7.77 -95.12 20.59
N LEU C 310 -6.77 -95.98 20.48
CA LEU C 310 -5.55 -95.64 19.75
C LEU C 310 -5.67 -95.92 18.25
N GLU C 311 -6.60 -96.79 17.87
CA GLU C 311 -6.82 -97.08 16.46
C GLU C 311 -7.40 -95.85 15.75
N ASN C 312 -8.10 -95.02 16.49
CA ASN C 312 -8.58 -93.74 15.98
C ASN C 312 -7.61 -92.63 16.35
N GLU C 313 -6.55 -92.99 17.08
CA GLU C 313 -5.52 -92.05 17.48
C GLU C 313 -4.25 -92.32 16.68
N ALA C 314 -4.31 -93.32 15.80
CA ALA C 314 -3.17 -93.67 14.97
C ALA C 314 -3.06 -92.71 13.79
N ILE C 315 -4.20 -92.19 13.35
CA ILE C 315 -4.25 -91.24 12.22
C ILE C 315 -3.83 -89.80 12.59
N PRO C 316 -4.37 -89.24 13.69
CA PRO C 316 -3.95 -87.86 14.01
C PRO C 316 -2.50 -87.74 14.49
N LEU C 317 -1.79 -88.85 14.52
CA LEU C 317 -0.37 -88.85 14.87
C LEU C 317 0.48 -88.92 13.62
N TYR C 318 -0.14 -88.62 12.48
CA TYR C 318 0.51 -88.58 11.16
C TYR C 318 1.44 -89.76 10.90
N LEU C 327 6.08 -84.01 19.60
CA LEU C 327 5.76 -84.72 20.84
C LEU C 327 5.15 -86.09 20.55
N LYS C 328 5.17 -86.49 19.29
CA LYS C 328 4.65 -87.80 18.90
C LYS C 328 5.56 -88.90 19.44
N LYS C 329 6.85 -88.60 19.53
CA LYS C 329 7.83 -89.55 20.03
C LYS C 329 7.64 -89.74 21.54
N VAL C 330 7.15 -88.70 22.19
CA VAL C 330 6.85 -88.77 23.62
C VAL C 330 5.60 -89.63 23.83
N TYR C 331 4.70 -89.60 22.85
CA TYR C 331 3.49 -90.40 22.91
C TYR C 331 3.79 -91.87 22.67
N VAL C 332 4.67 -92.15 21.71
CA VAL C 332 5.09 -93.51 21.42
C VAL C 332 5.91 -94.08 22.58
N GLU C 333 6.75 -93.23 23.15
CA GLU C 333 7.56 -93.62 24.30
C GLU C 333 6.67 -93.90 25.51
N LEU C 334 5.62 -93.09 25.67
CA LEU C 334 4.67 -93.26 26.76
C LEU C 334 3.83 -94.51 26.54
N ALA C 335 3.65 -94.87 25.27
CA ALA C 335 2.93 -96.09 24.91
C ALA C 335 3.73 -97.32 25.34
N GLU C 336 5.03 -97.14 25.53
CA GLU C 336 5.90 -98.19 26.02
C GLU C 336 6.52 -97.86 27.38
N HIS C 337 6.08 -96.75 27.96
CA HIS C 337 6.52 -96.39 29.31
C HIS C 337 5.54 -97.01 30.30
N PHE C 338 4.32 -97.25 29.83
CA PHE C 338 3.30 -97.93 30.63
C PHE C 338 3.55 -99.44 30.58
N SER C 339 4.17 -99.89 29.50
CA SER C 339 4.44 -101.31 29.30
C SER C 339 5.87 -101.67 29.70
N SER C 340 6.35 -101.08 30.80
CA SER C 340 7.66 -101.39 31.34
C SER C 340 7.56 -102.58 32.28
N LEU C 341 6.35 -103.15 32.36
CA LEU C 341 6.09 -104.29 33.23
C LEU C 341 5.93 -105.56 32.41
N SER C 342 5.94 -105.41 31.08
CA SER C 342 5.64 -106.52 30.19
C SER C 342 6.80 -106.92 29.28
N ARG C 343 6.52 -107.87 28.39
CA ARG C 343 7.51 -108.47 27.50
C ARG C 343 6.80 -108.85 26.19
N PHE C 344 7.52 -108.95 25.07
CA PHE C 344 8.97 -108.78 24.98
C PHE C 344 9.37 -108.13 23.65
N GLU C 345 8.73 -108.55 22.57
CA GLU C 345 9.08 -108.09 21.23
C GLU C 345 8.46 -106.74 20.88
N GLU C 346 7.24 -106.50 21.35
CA GLU C 346 6.52 -105.29 21.00
C GLU C 346 7.18 -104.03 21.57
N SER C 347 7.78 -104.18 22.75
CA SER C 347 8.49 -103.07 23.39
C SER C 347 9.70 -102.66 22.55
N ASN C 348 10.53 -103.65 22.23
CA ASN C 348 11.72 -103.42 21.41
C ASN C 348 11.36 -102.92 20.02
N ARG C 349 10.18 -103.34 19.54
CA ARG C 349 9.69 -102.92 18.23
C ARG C 349 9.27 -101.45 18.24
N TYR C 350 8.58 -101.05 19.31
CA TYR C 350 8.22 -99.65 19.47
C TYR C 350 9.47 -98.79 19.65
N TYR C 351 10.48 -99.36 20.32
CA TYR C 351 11.76 -98.69 20.47
C TYR C 351 12.39 -98.46 19.09
N ARG C 352 12.38 -99.50 18.27
CA ARG C 352 12.87 -99.41 16.90
C ARG C 352 12.11 -98.34 16.13
N LEU C 353 10.80 -98.26 16.37
CA LEU C 353 9.94 -97.29 15.68
C LEU C 353 10.31 -95.85 16.05
N VAL C 354 10.33 -95.56 17.35
CA VAL C 354 10.64 -94.21 17.81
C VAL C 354 12.07 -93.79 17.43
N ILE C 355 13.01 -94.72 17.56
CA ILE C 355 14.39 -94.46 17.16
C ILE C 355 14.47 -94.15 15.66
N ASP C 356 13.69 -94.89 14.87
CA ASP C 356 13.65 -94.69 13.43
C ASP C 356 13.02 -93.35 13.07
N LEU C 357 12.10 -92.86 13.90
CA LEU C 357 11.47 -91.57 13.64
C LEU C 357 12.23 -90.41 14.28
N MET C 358 13.26 -90.71 15.06
CA MET C 358 14.08 -89.67 15.69
C MET C 358 14.77 -88.76 14.69
N ASN C 359 15.26 -89.34 13.59
CA ASN C 359 15.99 -88.58 12.59
C ASN C 359 15.09 -87.63 11.80
N GLU D 11 15.32 -55.37 58.26
CA GLU D 11 16.10 -55.23 57.04
C GLU D 11 15.29 -55.65 55.81
N ASP D 12 14.04 -56.05 56.05
CA ASP D 12 13.14 -56.40 54.95
C ASP D 12 12.72 -55.12 54.23
N VAL D 13 12.76 -54.01 54.96
CA VAL D 13 12.45 -52.70 54.41
C VAL D 13 13.42 -52.36 53.27
N LYS D 14 14.66 -52.77 53.42
CA LYS D 14 15.68 -52.56 52.38
C LYS D 14 15.31 -53.25 51.08
N GLY D 15 15.03 -54.55 51.18
CA GLY D 15 14.64 -55.33 50.02
C GLY D 15 13.34 -54.84 49.40
N LYS D 16 12.44 -54.36 50.25
CA LYS D 16 11.17 -53.83 49.78
C LYS D 16 11.38 -52.50 49.05
N LEU D 17 12.42 -51.78 49.47
CA LEU D 17 12.80 -50.53 48.80
C LEU D 17 13.42 -50.84 47.44
N ASP D 18 14.24 -51.89 47.39
CA ASP D 18 14.80 -52.34 46.12
C ASP D 18 13.70 -52.80 45.17
N GLU D 19 12.67 -53.42 45.73
CA GLU D 19 11.51 -53.83 44.96
C GLU D 19 10.75 -52.62 44.45
N TRP D 20 10.66 -51.60 45.29
CA TRP D 20 10.01 -50.35 44.91
C TRP D 20 10.75 -49.69 43.76
N LEU D 21 12.07 -49.77 43.80
CA LEU D 21 12.91 -49.26 42.72
C LEU D 21 12.68 -50.06 41.45
N ASN D 22 12.57 -51.38 41.61
CA ASN D 22 12.30 -52.28 40.49
C ASN D 22 10.98 -51.94 39.82
N ALA D 23 10.00 -51.54 40.61
CA ALA D 23 8.69 -51.16 40.08
C ALA D 23 8.72 -49.75 39.49
N LEU D 24 9.62 -48.92 40.00
CA LEU D 24 9.73 -47.53 39.55
C LEU D 24 10.47 -47.40 38.22
N VAL D 25 11.42 -48.30 37.98
CA VAL D 25 12.19 -48.27 36.73
C VAL D 25 11.39 -48.86 35.58
N HIS D 26 10.48 -49.79 35.91
CA HIS D 26 9.60 -50.38 34.91
C HIS D 26 8.41 -49.47 34.66
N LEU D 27 8.33 -48.40 35.46
CA LEU D 27 7.22 -47.46 35.41
C LEU D 27 5.86 -48.14 35.58
N ASP D 28 5.84 -49.21 36.36
CA ASP D 28 4.60 -49.88 36.70
C ASP D 28 3.75 -48.91 37.53
N LYS D 29 2.44 -49.05 37.45
CA LYS D 29 1.55 -48.08 38.08
C LYS D 29 0.95 -48.58 39.39
N GLN D 30 0.30 -49.75 39.33
CA GLN D 30 -0.39 -50.29 40.49
C GLN D 30 0.58 -50.80 41.55
N GLN D 31 1.63 -51.50 41.11
CA GLN D 31 2.64 -52.02 42.01
C GLN D 31 3.36 -50.90 42.74
N VAL D 32 3.71 -49.84 42.02
CA VAL D 32 4.38 -48.69 42.61
C VAL D 32 3.53 -48.06 43.72
N GLU D 33 2.25 -47.88 43.47
CA GLU D 33 1.34 -47.31 44.45
C GLU D 33 1.20 -48.22 45.67
N ARG D 34 0.98 -49.52 45.41
CA ARG D 34 0.84 -50.51 46.46
C ARG D 34 2.04 -50.50 47.40
N ILE D 35 3.22 -50.71 46.82
CA ILE D 35 4.46 -50.71 47.58
C ILE D 35 4.65 -49.37 48.30
N TYR D 36 4.33 -48.28 47.62
CA TYR D 36 4.45 -46.95 48.22
C TYR D 36 3.66 -46.82 49.50
N GLU D 37 2.38 -47.18 49.47
CA GLU D 37 1.54 -47.03 50.66
C GLU D 37 1.84 -48.05 51.75
N GLU D 38 2.04 -49.32 51.37
CA GLU D 38 2.30 -50.35 52.38
C GLU D 38 3.66 -50.15 53.06
N LEU D 39 4.63 -49.61 52.31
CA LEU D 39 5.94 -49.32 52.87
C LEU D 39 5.90 -47.99 53.62
N GLN D 40 4.97 -47.12 53.23
CA GLN D 40 4.71 -45.89 53.97
C GLN D 40 4.23 -46.28 55.36
N GLY D 41 3.45 -47.35 55.42
CA GLY D 41 2.99 -47.89 56.68
C GLY D 41 4.06 -48.68 57.40
N GLU D 42 4.96 -49.30 56.64
CA GLU D 42 6.01 -50.13 57.22
C GLU D 42 7.21 -49.35 57.72
N MET D 43 7.43 -48.17 57.15
CA MET D 43 8.60 -47.36 57.54
C MET D 43 8.29 -46.37 58.66
N LYS D 44 7.60 -46.85 59.70
CA LYS D 44 7.39 -46.06 60.90
C LYS D 44 8.60 -46.21 61.81
N HIS D 45 9.47 -47.15 61.45
CA HIS D 45 10.68 -47.41 62.21
C HIS D 45 11.87 -46.75 61.51
N VAL D 46 11.77 -45.43 61.34
CA VAL D 46 12.81 -44.66 60.65
C VAL D 46 14.00 -44.39 61.56
N LEU D 47 15.12 -45.05 61.27
CA LEU D 47 16.34 -44.88 62.07
C LEU D 47 17.58 -44.76 61.19
N ASP D 48 17.85 -45.82 60.42
CA ASP D 48 19.03 -45.86 59.55
C ASP D 48 18.99 -44.73 58.53
N PHE D 49 19.93 -43.81 58.65
CA PHE D 49 19.98 -42.60 57.83
C PHE D 49 20.00 -42.89 56.33
N GLU D 50 20.89 -43.79 55.92
CA GLU D 50 21.04 -44.15 54.51
C GLU D 50 19.77 -44.77 53.94
N ILE D 51 19.11 -45.62 54.73
CA ILE D 51 17.86 -46.25 54.31
C ILE D 51 16.76 -45.20 54.16
N ILE D 52 16.64 -44.33 55.15
CA ILE D 52 15.64 -43.26 55.13
C ILE D 52 15.81 -42.37 53.91
N ASN D 53 17.05 -41.97 53.63
CA ASN D 53 17.32 -41.10 52.49
C ASN D 53 17.14 -41.83 51.15
N TYR D 54 17.43 -43.12 51.14
CA TYR D 54 17.16 -43.96 49.98
C TYR D 54 15.67 -43.93 49.69
N TYR D 55 14.86 -44.10 50.74
CA TYR D 55 13.42 -44.01 50.63
C TYR D 55 12.98 -42.62 50.17
N LYS D 56 13.72 -41.59 50.58
CA LYS D 56 13.41 -40.23 50.17
C LYS D 56 13.65 -40.03 48.68
N LEU D 57 14.68 -40.69 48.14
CA LEU D 57 15.00 -40.60 46.73
C LEU D 57 14.05 -41.42 45.87
N LEU D 58 13.69 -42.61 46.37
CA LEU D 58 12.71 -43.44 45.69
C LEU D 58 11.35 -42.73 45.68
N TYR D 59 11.08 -42.00 46.76
CA TYR D 59 9.88 -41.19 46.84
C TYR D 59 10.01 -39.98 45.93
N THR D 60 11.24 -39.58 45.65
CA THR D 60 11.49 -38.49 44.70
C THR D 60 11.10 -38.95 43.30
N ARG D 61 11.55 -40.15 42.93
CA ARG D 61 11.18 -40.70 41.62
C ARG D 61 9.68 -40.97 41.52
N TYR D 62 9.10 -41.51 42.59
CA TYR D 62 7.67 -41.73 42.67
C TYR D 62 6.93 -40.39 42.53
N LEU D 63 7.55 -39.32 43.01
CA LEU D 63 6.99 -37.99 42.93
C LEU D 63 7.06 -37.50 41.49
N ILE D 64 8.13 -37.87 40.79
CA ILE D 64 8.28 -37.54 39.37
C ILE D 64 7.21 -38.26 38.55
N MET D 65 6.87 -39.48 38.98
CA MET D 65 5.88 -40.29 38.27
C MET D 65 4.48 -39.68 38.28
N LYS D 66 4.26 -38.73 39.18
CA LYS D 66 2.94 -38.12 39.32
C LYS D 66 2.93 -36.66 38.85
N ARG D 67 4.08 -36.19 38.37
CA ARG D 67 4.24 -34.84 37.84
C ARG D 67 3.82 -33.73 38.81
N ASP D 68 4.33 -33.81 40.04
CA ASP D 68 4.08 -32.75 41.02
C ASP D 68 5.35 -31.91 41.18
N ILE D 69 5.53 -30.98 40.25
CA ILE D 69 6.77 -30.20 40.12
C ILE D 69 7.20 -29.49 41.41
N SER D 70 6.25 -28.79 42.04
CA SER D 70 6.56 -28.01 43.24
C SER D 70 7.06 -28.89 44.39
N ALA D 71 6.28 -29.90 44.74
CA ALA D 71 6.65 -30.84 45.79
C ALA D 71 7.97 -31.53 45.48
N LEU D 72 8.19 -31.78 44.19
CA LEU D 72 9.43 -32.39 43.73
C LEU D 72 10.62 -31.47 44.01
N GLU D 73 10.45 -30.18 43.72
CA GLU D 73 11.52 -29.21 43.93
C GLU D 73 11.81 -29.01 45.41
N GLU D 74 10.76 -28.90 46.21
CA GLU D 74 10.92 -28.72 47.65
C GLU D 74 11.60 -29.95 48.28
N GLU D 75 11.13 -31.13 47.91
CA GLU D 75 11.71 -32.38 48.40
C GLU D 75 13.17 -32.51 47.98
N LEU D 76 13.47 -32.07 46.76
CA LEU D 76 14.84 -32.10 46.26
C LEU D 76 15.71 -31.06 46.98
N ASP D 77 15.08 -30.03 47.52
CA ASP D 77 15.79 -29.04 48.32
C ASP D 77 16.10 -29.60 49.71
N LYS D 78 15.15 -30.35 50.26
CA LYS D 78 15.38 -31.01 51.55
C LYS D 78 16.44 -32.10 51.40
N LEU D 79 16.47 -32.73 50.23
CA LEU D 79 17.44 -33.76 49.93
C LEU D 79 18.79 -33.13 49.58
N LYS D 80 18.75 -31.86 49.19
CA LYS D 80 19.95 -31.11 48.83
C LYS D 80 20.81 -30.78 50.04
N LYS D 81 20.15 -30.49 51.17
CA LYS D 81 20.85 -30.08 52.39
C LYS D 81 21.78 -31.17 52.94
N VAL D 82 21.43 -32.42 52.70
CA VAL D 82 22.19 -33.53 53.26
C VAL D 82 22.86 -34.42 52.20
N TYR D 83 23.43 -33.78 51.17
CA TYR D 83 24.09 -34.52 50.10
C TYR D 83 25.46 -35.06 50.55
N LYS D 84 26.03 -34.42 51.56
CA LYS D 84 27.39 -34.75 52.02
C LYS D 84 27.53 -36.20 52.50
N LYS D 85 26.46 -36.75 53.07
CA LYS D 85 26.51 -38.10 53.62
C LYS D 85 25.67 -39.08 52.81
N TYR D 86 25.83 -39.04 51.49
CA TYR D 86 25.08 -39.93 50.60
C TYR D 86 25.92 -41.08 50.07
N SER D 87 25.27 -42.23 49.88
CA SER D 87 25.86 -43.34 49.16
C SER D 87 26.01 -42.89 47.70
N PRO D 88 27.01 -43.44 46.98
CA PRO D 88 27.19 -43.12 45.56
C PRO D 88 25.91 -43.33 44.76
N PHE D 89 25.19 -44.41 45.07
CA PHE D 89 23.91 -44.69 44.42
C PHE D 89 22.93 -43.57 44.72
N GLN D 90 22.96 -43.08 45.95
CA GLN D 90 22.06 -42.00 46.38
C GLN D 90 22.40 -40.68 45.68
N LYS D 91 23.69 -40.45 45.46
CA LYS D 91 24.14 -39.28 44.72
C LYS D 91 23.62 -39.36 43.30
N LEU D 92 23.79 -40.53 42.68
CA LEU D 92 23.26 -40.81 41.35
C LEU D 92 21.77 -40.48 41.27
N LEU D 93 21.00 -41.05 42.20
CA LEU D 93 19.56 -40.84 42.26
C LEU D 93 19.22 -39.36 42.41
N TYR D 94 20.00 -38.64 43.20
CA TYR D 94 19.77 -37.20 43.39
C TYR D 94 19.99 -36.45 42.08
N MET D 95 21.08 -36.74 41.40
CA MET D 95 21.39 -36.08 40.13
C MET D 95 20.31 -36.35 39.09
N TYR D 96 19.85 -37.59 39.04
CA TYR D 96 18.79 -37.98 38.12
C TYR D 96 17.50 -37.23 38.44
N GLY D 97 17.16 -37.17 39.73
CA GLY D 97 15.98 -36.49 40.20
C GLY D 97 15.98 -35.01 39.85
N ARG D 98 17.11 -34.36 40.07
CA ARG D 98 17.27 -32.96 39.71
C ARG D 98 17.17 -32.77 38.20
N GLY D 99 17.69 -33.75 37.46
CA GLY D 99 17.62 -33.72 36.01
C GLY D 99 16.20 -33.73 35.49
N LEU D 100 15.42 -34.71 35.94
CA LEU D 100 14.02 -34.81 35.53
C LEU D 100 13.20 -33.63 36.06
N LEU D 101 13.59 -33.11 37.21
CA LEU D 101 12.96 -31.92 37.77
C LEU D 101 13.17 -30.73 36.84
N CYS D 102 14.38 -30.61 36.31
CA CYS D 102 14.69 -29.56 35.35
C CYS D 102 13.97 -29.79 34.03
N CYS D 103 13.75 -31.06 33.71
CA CYS D 103 13.03 -31.41 32.48
C CYS D 103 11.55 -31.03 32.57
N LEU D 104 10.96 -31.21 33.76
CA LEU D 104 9.56 -30.85 33.97
C LEU D 104 9.38 -29.34 33.93
N GLN D 105 10.42 -28.60 34.28
CA GLN D 105 10.38 -27.14 34.25
C GLN D 105 10.83 -26.63 32.89
N TYR D 106 11.00 -27.55 31.95
CA TYR D 106 11.40 -27.24 30.58
C TYR D 106 12.74 -26.51 30.50
N ARG D 107 13.60 -26.77 31.49
CA ARG D 107 14.96 -26.25 31.47
C ARG D 107 15.88 -27.35 30.93
N TRP D 108 15.87 -27.51 29.61
CA TRP D 108 16.53 -28.64 28.97
C TRP D 108 18.06 -28.61 29.08
N LYS D 109 18.63 -27.41 29.22
CA LYS D 109 20.07 -27.27 29.36
C LYS D 109 20.55 -27.85 30.69
N ASP D 110 20.02 -27.29 31.78
CA ASP D 110 20.35 -27.73 33.12
C ASP D 110 20.03 -29.23 33.26
N GLY D 111 18.85 -29.61 32.80
CA GLY D 111 18.43 -31.00 32.80
C GLY D 111 19.44 -31.89 32.11
N LEU D 112 19.93 -31.42 30.96
CA LEU D 112 20.95 -32.16 30.22
C LEU D 112 22.22 -32.31 31.06
N ASP D 113 22.59 -31.23 31.76
CA ASP D 113 23.78 -31.26 32.61
C ASP D 113 23.66 -32.33 33.71
N TYR D 114 22.57 -32.25 34.47
CA TYR D 114 22.31 -33.21 35.53
C TYR D 114 22.22 -34.64 34.98
N LEU D 115 21.70 -34.78 33.78
CA LEU D 115 21.59 -36.09 33.14
C LEU D 115 22.95 -36.63 32.70
N LEU D 116 23.86 -35.73 32.36
CA LEU D 116 25.21 -36.12 31.95
C LEU D 116 26.03 -36.52 33.16
N LYS D 117 25.89 -35.77 34.25
CA LYS D 117 26.55 -36.13 35.50
C LYS D 117 25.99 -37.46 36.01
N THR D 118 24.69 -37.64 35.84
CA THR D 118 24.03 -38.89 36.17
C THR D 118 24.60 -40.00 35.30
N GLU D 119 24.91 -39.67 34.06
CA GLU D 119 25.46 -40.63 33.13
C GLU D 119 26.85 -41.10 33.57
N VAL D 120 27.75 -40.15 33.83
CA VAL D 120 29.10 -40.50 34.25
C VAL D 120 29.10 -41.23 35.59
N MET D 121 28.16 -40.88 36.46
CA MET D 121 28.01 -41.60 37.72
C MET D 121 27.55 -43.03 37.46
N ALA D 122 26.68 -43.19 36.47
CA ALA D 122 26.19 -44.51 36.09
C ALA D 122 27.31 -45.37 35.50
N LYS D 123 28.25 -44.71 34.81
CA LYS D 123 29.40 -45.41 34.25
C LYS D 123 30.36 -45.80 35.38
N GLU D 124 30.47 -44.94 36.37
CA GLU D 124 31.35 -45.20 37.51
C GLU D 124 30.84 -46.35 38.37
N GLN D 125 29.54 -46.40 38.60
CA GLN D 125 28.94 -47.40 39.49
C GLN D 125 28.62 -48.71 38.79
N GLY D 126 28.49 -48.67 37.47
CA GLY D 126 28.14 -49.85 36.71
C GLY D 126 26.65 -50.10 36.70
N TYR D 127 25.89 -49.12 37.17
CA TYR D 127 24.43 -49.21 37.17
C TYR D 127 23.89 -48.77 35.81
N HIS D 128 22.79 -49.39 35.39
CA HIS D 128 22.27 -49.15 34.05
C HIS D 128 20.75 -49.16 33.96
N GLU D 129 20.21 -48.16 33.26
CA GLU D 129 18.80 -48.14 32.90
C GLU D 129 18.58 -47.25 31.67
N THR D 130 17.85 -47.79 30.69
CA THR D 130 17.73 -47.15 29.37
C THR D 130 17.04 -45.79 29.40
N GLY D 131 16.16 -45.62 30.38
CA GLY D 131 15.43 -44.37 30.55
C GLY D 131 16.33 -43.16 30.62
N LEU D 132 17.51 -43.35 31.20
CA LEU D 132 18.51 -42.28 31.30
C LEU D 132 18.94 -41.81 29.91
N TYR D 133 19.40 -42.76 29.10
CA TYR D 133 19.85 -42.46 27.75
C TYR D 133 18.73 -41.84 26.92
N TYR D 134 17.53 -42.40 27.07
CA TYR D 134 16.36 -41.85 26.38
C TYR D 134 16.12 -40.39 26.76
N ASN D 135 16.19 -40.12 28.06
CA ASN D 135 15.98 -38.76 28.56
C ASN D 135 17.05 -37.79 28.05
N ILE D 136 18.28 -38.26 27.97
CA ILE D 136 19.38 -37.44 27.45
C ILE D 136 19.14 -37.12 25.97
N ALA D 137 18.77 -38.15 25.21
CA ALA D 137 18.48 -37.99 23.79
C ALA D 137 17.33 -37.01 23.56
N LEU D 138 16.30 -37.12 24.40
CA LEU D 138 15.13 -36.25 24.32
C LEU D 138 15.55 -34.82 24.62
N ALA D 139 16.37 -34.66 25.65
CA ALA D 139 16.87 -33.35 26.05
C ALA D 139 17.65 -32.69 24.91
N TYR D 140 18.52 -33.46 24.28
CA TYR D 140 19.27 -32.98 23.12
C TYR D 140 18.35 -32.60 21.97
N THR D 141 17.33 -33.42 21.74
CA THR D 141 16.35 -33.18 20.70
C THR D 141 15.65 -31.85 20.92
N HIS D 142 15.36 -31.54 22.19
CA HIS D 142 14.79 -30.25 22.56
C HIS D 142 15.84 -29.14 22.42
N LEU D 143 17.11 -29.52 22.57
CA LEU D 143 18.21 -28.56 22.46
C LEU D 143 18.75 -28.48 21.04
N ASP D 144 17.93 -28.97 20.10
CA ASP D 144 18.12 -28.74 18.65
C ASP D 144 19.04 -29.71 17.91
N ILE D 145 18.44 -30.80 17.43
CA ILE D 145 19.02 -31.71 16.43
C ILE D 145 20.50 -32.00 16.61
N HIS D 146 20.87 -32.39 17.82
CA HIS D 146 22.25 -32.79 18.09
C HIS D 146 22.53 -34.14 17.46
N HIS D 147 23.76 -34.33 17.01
CA HIS D 147 24.22 -35.63 16.53
C HIS D 147 24.19 -36.60 17.70
N LEU D 148 24.40 -36.06 18.90
CA LEU D 148 24.34 -36.84 20.12
C LEU D 148 22.92 -37.26 20.46
N ALA D 149 21.93 -36.60 19.87
CA ALA D 149 20.55 -36.99 20.08
C ALA D 149 20.30 -38.35 19.41
N ILE D 150 20.72 -38.47 18.16
CA ILE D 150 20.62 -39.72 17.43
C ILE D 150 21.56 -40.76 18.05
N HIS D 151 22.75 -40.30 18.42
CA HIS D 151 23.76 -41.16 19.05
C HIS D 151 23.25 -41.81 20.34
N PHE D 152 22.54 -41.02 21.15
CA PHE D 152 21.99 -41.52 22.41
C PHE D 152 20.71 -42.31 22.19
N VAL D 153 19.91 -41.91 21.19
CA VAL D 153 18.65 -42.59 20.91
C VAL D 153 18.88 -43.97 20.30
N ASN D 154 20.06 -44.17 19.70
CA ASN D 154 20.43 -45.49 19.21
C ASN D 154 20.71 -46.46 20.34
N MET D 155 21.42 -45.98 21.36
CA MET D 155 21.67 -46.78 22.55
C MET D 155 20.38 -46.97 23.32
N ALA D 156 19.50 -45.99 23.23
CA ALA D 156 18.18 -46.06 23.83
C ALA D 156 17.39 -47.19 23.18
N LEU D 157 17.45 -47.26 21.86
CA LEU D 157 16.83 -48.35 21.12
C LEU D 157 17.46 -49.69 21.51
N GLU D 158 18.78 -49.68 21.66
CA GLU D 158 19.52 -50.87 22.05
C GLU D 158 19.03 -51.44 23.37
N GLY D 159 18.83 -50.56 24.35
CA GLY D 159 18.36 -50.98 25.65
C GLY D 159 16.89 -51.37 25.65
N PHE D 160 16.06 -50.52 25.05
CA PHE D 160 14.62 -50.76 25.01
C PHE D 160 14.25 -52.07 24.30
N ARG D 161 14.92 -52.34 23.18
CA ARG D 161 14.63 -53.56 22.42
C ARG D 161 15.03 -54.82 23.18
N SER D 162 15.92 -54.66 24.15
CA SER D 162 16.35 -55.78 24.99
C SER D 162 15.44 -55.90 26.20
N GLU D 163 14.74 -54.82 26.52
CA GLU D 163 13.83 -54.79 27.68
C GLU D 163 12.37 -54.77 27.24
N TYR D 164 12.15 -54.96 25.93
CA TYR D 164 10.81 -55.02 25.35
C TYR D 164 10.00 -53.75 25.59
N LYS D 165 10.67 -52.60 25.62
CA LYS D 165 10.01 -51.33 25.88
C LYS D 165 9.53 -50.69 24.58
N PHE D 166 8.64 -51.37 23.88
CA PHE D 166 8.15 -50.95 22.57
C PHE D 166 7.46 -49.59 22.60
N ARG D 167 6.72 -49.33 23.68
CA ARG D 167 6.05 -48.06 23.87
C ARG D 167 7.06 -46.91 23.91
N ASN D 168 8.28 -47.24 24.35
CA ASN D 168 9.36 -46.26 24.36
C ASN D 168 10.12 -46.28 23.04
N ILE D 169 10.20 -47.46 22.43
CA ILE D 169 10.85 -47.63 21.14
C ILE D 169 10.22 -46.72 20.09
N ILE D 170 8.90 -46.72 20.03
CA ILE D 170 8.18 -45.90 19.05
C ILE D 170 8.46 -44.40 19.26
N ASN D 171 8.61 -44.00 20.52
CA ASN D 171 8.96 -42.62 20.84
C ASN D 171 10.38 -42.29 20.39
N CYS D 172 11.28 -43.26 20.53
CA CYS D 172 12.63 -43.12 20.01
C CYS D 172 12.58 -42.90 18.51
N GLN D 173 11.72 -43.68 17.84
CA GLN D 173 11.51 -43.55 16.40
C GLN D 173 10.98 -42.16 16.05
N ILE D 174 10.16 -41.60 16.94
CA ILE D 174 9.67 -40.24 16.77
C ILE D 174 10.82 -39.23 16.87
N LEU D 175 11.74 -39.47 17.81
CA LEU D 175 12.91 -38.62 17.96
C LEU D 175 13.79 -38.65 16.71
N ILE D 176 14.04 -39.84 16.20
CA ILE D 176 14.80 -40.01 14.97
C ILE D 176 14.06 -39.31 13.83
N ALA D 177 12.73 -39.35 13.88
CA ALA D 177 11.89 -38.77 12.85
C ALA D 177 11.98 -37.24 12.81
N VAL D 178 11.94 -36.60 13.98
CA VAL D 178 12.08 -35.15 14.01
C VAL D 178 13.53 -34.75 13.70
N SER D 179 14.46 -35.65 14.03
CA SER D 179 15.86 -35.44 13.69
C SER D 179 16.02 -35.34 12.17
N TYR D 180 15.59 -36.39 11.46
CA TYR D 180 15.62 -36.41 10.00
C TYR D 180 14.79 -35.28 9.42
N THR D 181 13.73 -34.91 10.13
CA THR D 181 12.85 -33.83 9.71
C THR D 181 13.60 -32.51 9.61
N GLU D 182 14.20 -32.09 10.72
CA GLU D 182 14.88 -30.81 10.75
C GLU D 182 16.24 -30.85 10.08
N LYS D 183 16.76 -32.06 9.84
CA LYS D 183 18.06 -32.20 9.18
C LYS D 183 17.95 -31.96 7.67
N GLY D 184 16.74 -32.09 7.13
CA GLY D 184 16.51 -31.85 5.71
C GLY D 184 15.80 -32.98 5.00
N GLN D 185 16.17 -34.22 5.35
CA GLN D 185 15.58 -35.39 4.71
C GLN D 185 14.10 -35.54 5.08
N TYR D 186 13.23 -34.96 4.26
CA TYR D 186 11.79 -34.94 4.55
C TYR D 186 11.11 -36.26 4.21
N GLU D 187 11.46 -36.82 3.05
CA GLU D 187 10.76 -38.00 2.54
C GLU D 187 10.94 -39.23 3.43
N GLU D 188 12.14 -39.44 3.93
CA GLU D 188 12.40 -40.57 4.82
C GLU D 188 11.65 -40.38 6.14
N ALA D 189 11.61 -39.14 6.61
CA ALA D 189 10.88 -38.80 7.82
C ALA D 189 9.40 -39.11 7.64
N LEU D 190 8.88 -38.83 6.45
CA LEU D 190 7.49 -39.14 6.12
C LEU D 190 7.26 -40.65 6.10
N LYS D 191 8.18 -41.37 5.46
CA LYS D 191 8.06 -42.82 5.34
C LYS D 191 8.11 -43.50 6.71
N MET D 192 8.82 -42.89 7.66
CA MET D 192 8.83 -43.40 9.03
C MET D 192 7.54 -43.03 9.75
N TYR D 193 7.12 -41.78 9.62
CA TYR D 193 5.93 -41.26 10.28
C TYR D 193 4.66 -42.02 9.90
N GLU D 194 4.53 -42.37 8.63
CA GLU D 194 3.38 -43.14 8.16
C GLU D 194 3.35 -44.50 8.83
N SER D 195 4.51 -45.13 8.92
CA SER D 195 4.65 -46.41 9.57
C SER D 195 4.29 -46.31 11.05
N ILE D 196 4.62 -45.18 11.65
CA ILE D 196 4.24 -44.91 13.04
C ILE D 196 2.72 -44.81 13.16
N LEU D 197 2.10 -44.08 12.25
CA LEU D 197 0.66 -43.93 12.22
C LEU D 197 -0.06 -45.27 12.11
N ARG D 198 0.47 -46.14 11.23
CA ARG D 198 -0.13 -47.44 11.03
C ARG D 198 -0.06 -48.32 12.28
N GLU D 199 1.05 -48.24 12.99
CA GLU D 199 1.31 -49.11 14.13
C GLU D 199 1.17 -48.43 15.48
N ALA D 200 0.45 -47.30 15.52
CA ALA D 200 0.20 -46.62 16.79
C ALA D 200 -1.16 -47.05 17.35
N THR D 201 -2.06 -47.45 16.46
CA THR D 201 -3.43 -47.81 16.84
C THR D 201 -3.49 -49.03 17.74
N SER D 202 -2.43 -49.84 17.74
CA SER D 202 -2.39 -51.04 18.56
C SER D 202 -2.12 -50.70 20.03
N PHE D 203 -1.64 -49.48 20.27
CA PHE D 203 -1.35 -49.03 21.63
C PHE D 203 -2.60 -48.49 22.31
N ALA D 204 -2.61 -48.53 23.64
CA ALA D 204 -3.75 -48.08 24.42
C ALA D 204 -3.80 -46.56 24.49
N ASP D 205 -2.66 -45.91 24.27
CA ASP D 205 -2.59 -44.45 24.30
C ASP D 205 -2.20 -43.91 22.93
N LYS D 206 -2.93 -44.34 21.90
CA LYS D 206 -2.60 -43.96 20.53
C LYS D 206 -2.77 -42.48 20.26
N ASP D 207 -3.68 -41.83 20.97
CA ASP D 207 -4.05 -40.44 20.70
C ASP D 207 -2.88 -39.45 20.74
N VAL D 208 -2.01 -39.60 21.72
CA VAL D 208 -0.87 -38.69 21.86
C VAL D 208 0.14 -38.89 20.72
N LEU D 209 0.43 -40.15 20.40
CA LEU D 209 1.33 -40.49 19.30
C LEU D 209 0.80 -39.94 17.98
N LEU D 210 -0.50 -40.14 17.75
CA LEU D 210 -1.16 -39.63 16.56
C LEU D 210 -1.06 -38.11 16.51
N ALA D 211 -1.31 -37.46 17.64
CA ALA D 211 -1.26 -36.00 17.72
C ALA D 211 0.12 -35.48 17.33
N ILE D 212 1.15 -35.98 17.99
CA ILE D 212 2.53 -35.58 17.72
C ILE D 212 2.92 -35.84 16.27
N THR D 213 2.62 -37.05 15.80
CA THR D 213 2.97 -37.46 14.44
C THR D 213 2.30 -36.58 13.38
N LEU D 214 1.02 -36.31 13.55
CA LEU D 214 0.28 -35.47 12.61
C LEU D 214 0.76 -34.03 12.65
N SER D 215 1.11 -33.56 13.85
CA SER D 215 1.65 -32.21 14.00
C SER D 215 2.97 -32.07 13.23
N ASN D 216 3.90 -32.97 13.50
CA ASN D 216 5.20 -32.97 12.83
C ASN D 216 5.06 -33.14 11.32
N MET D 217 4.14 -34.00 10.91
CA MET D 217 3.83 -34.17 9.49
C MET D 217 3.38 -32.85 8.89
N GLY D 218 2.53 -32.14 9.64
CA GLY D 218 2.07 -30.83 9.23
C GLY D 218 3.22 -29.87 9.05
N SER D 219 4.19 -29.93 9.95
CA SER D 219 5.38 -29.09 9.85
C SER D 219 6.21 -29.42 8.61
N ILE D 220 6.35 -30.71 8.33
CA ILE D 220 7.12 -31.17 7.17
C ILE D 220 6.46 -30.72 5.87
N TYR D 221 5.16 -30.95 5.76
CA TYR D 221 4.40 -30.50 4.60
C TYR D 221 4.44 -28.99 4.46
N TYR D 222 4.49 -28.30 5.60
CA TYR D 222 4.63 -26.85 5.60
C TYR D 222 5.96 -26.44 5.00
N LYS D 223 7.02 -27.18 5.33
CA LYS D 223 8.36 -26.88 4.82
C LYS D 223 8.53 -27.31 3.37
N LYS D 224 7.70 -28.23 2.91
CA LYS D 224 7.75 -28.69 1.53
C LYS D 224 7.07 -27.68 0.59
N GLY D 225 6.20 -26.85 1.15
CA GLY D 225 5.46 -25.88 0.37
C GLY D 225 4.00 -26.28 0.23
N LYS D 226 3.65 -27.43 0.79
CA LYS D 226 2.28 -27.92 0.77
C LYS D 226 1.51 -27.43 1.98
N TYR D 227 1.08 -26.18 1.93
CA TYR D 227 0.38 -25.56 3.06
C TYR D 227 -1.02 -26.13 3.25
N GLN D 228 -1.54 -26.78 2.21
CA GLN D 228 -2.89 -27.34 2.25
C GLN D 228 -2.99 -28.55 3.17
N GLN D 229 -2.02 -29.46 3.10
CA GLN D 229 -2.01 -30.63 3.96
C GLN D 229 -1.61 -30.27 5.38
N ALA D 230 -0.81 -29.20 5.51
CA ALA D 230 -0.30 -28.78 6.81
C ALA D 230 -1.42 -28.45 7.78
N LYS D 231 -2.30 -27.54 7.39
CA LYS D 231 -3.42 -27.13 8.24
C LYS D 231 -4.38 -28.29 8.49
N LYS D 232 -4.43 -29.23 7.56
CA LYS D 232 -5.26 -30.41 7.70
C LYS D 232 -4.74 -31.30 8.83
N TYR D 233 -3.47 -31.67 8.74
CA TYR D 233 -2.82 -32.49 9.77
C TYR D 233 -2.83 -31.78 11.12
N TYR D 234 -2.71 -30.45 11.09
CA TYR D 234 -2.80 -29.66 12.31
C TYR D 234 -4.20 -29.75 12.90
N LEU D 235 -5.20 -29.75 12.02
CA LEU D 235 -6.59 -29.83 12.44
C LEU D 235 -6.87 -31.17 13.10
N ASP D 236 -6.36 -32.24 12.50
CA ASP D 236 -6.53 -33.57 13.04
C ASP D 236 -5.76 -33.72 14.37
N SER D 237 -4.62 -33.05 14.46
CA SER D 237 -3.82 -33.05 15.68
C SER D 237 -4.59 -32.41 16.82
N LEU D 238 -5.08 -31.19 16.58
CA LEU D 238 -5.91 -30.49 17.55
C LEU D 238 -7.14 -31.31 17.91
N GLN D 239 -7.63 -32.06 16.94
CA GLN D 239 -8.76 -32.96 17.15
C GLN D 239 -8.38 -34.07 18.13
N LEU D 240 -7.13 -34.53 18.06
CA LEU D 240 -6.69 -35.66 18.88
C LEU D 240 -5.98 -35.28 20.18
N GLN D 241 -5.53 -34.03 20.29
CA GLN D 241 -4.87 -33.59 21.52
C GLN D 241 -5.86 -33.48 22.67
N LYS D 242 -5.34 -33.45 23.90
CA LYS D 242 -6.22 -33.44 25.09
C LYS D 242 -5.54 -32.83 26.31
N GLN D 243 -4.39 -32.21 26.12
CA GLN D 243 -3.68 -31.55 27.22
C GLN D 243 -3.13 -30.19 26.83
N ILE D 244 -2.38 -29.58 27.74
CA ILE D 244 -1.81 -28.25 27.51
C ILE D 244 -0.29 -28.22 27.62
N ASP D 245 0.36 -29.25 27.07
CA ASP D 245 1.81 -29.32 27.07
C ASP D 245 2.41 -28.38 26.02
N LEU D 246 3.74 -28.36 25.93
CA LEU D 246 4.42 -27.49 24.97
C LEU D 246 4.13 -27.91 23.53
N ASN D 247 3.78 -29.18 23.34
CA ASN D 247 3.41 -29.69 22.03
C ASN D 247 2.16 -29.00 21.51
N TYR D 248 1.24 -28.70 22.41
CA TYR D 248 0.01 -28.00 22.07
C TYR D 248 0.31 -26.59 21.58
N LEU D 249 1.10 -25.86 22.36
CA LEU D 249 1.47 -24.49 22.03
C LEU D 249 2.25 -24.44 20.71
N ASP D 250 3.13 -25.42 20.54
CA ASP D 250 3.94 -25.48 19.33
C ASP D 250 3.08 -25.78 18.12
N THR D 251 2.10 -26.67 18.30
CA THR D 251 1.18 -27.02 17.23
C THR D 251 0.33 -25.81 16.85
N ILE D 252 -0.06 -25.03 17.86
CA ILE D 252 -0.80 -23.79 17.64
C ILE D 252 0.06 -22.80 16.86
N TYR D 253 1.35 -22.75 17.19
CA TYR D 253 2.29 -21.88 16.51
C TYR D 253 2.45 -22.26 15.04
N GLU D 254 2.59 -23.55 14.78
CA GLU D 254 2.71 -24.06 13.42
C GLU D 254 1.44 -23.75 12.63
N MET D 255 0.28 -23.93 13.28
CA MET D 255 -1.01 -23.62 12.68
C MET D 255 -1.07 -22.13 12.30
N ALA D 256 -0.58 -21.29 13.20
CA ALA D 256 -0.56 -19.84 12.95
C ALA D 256 0.34 -19.52 11.77
N LEU D 257 1.47 -20.23 11.68
CA LEU D 257 2.40 -20.05 10.57
C LEU D 257 1.76 -20.40 9.24
N VAL D 258 1.21 -21.61 9.14
CA VAL D 258 0.60 -22.05 7.89
C VAL D 258 -0.62 -21.21 7.54
N CYS D 259 -1.28 -20.67 8.55
CA CYS D 259 -2.44 -19.80 8.32
C CYS D 259 -2.01 -18.44 7.80
N ILE D 260 -0.89 -17.92 8.30
CA ILE D 260 -0.40 -16.62 7.87
C ILE D 260 0.34 -16.72 6.53
N LYS D 261 0.70 -17.95 6.15
CA LYS D 261 1.30 -18.17 4.84
C LYS D 261 0.24 -18.20 3.76
N LEU D 262 -1.02 -18.37 4.16
CA LEU D 262 -2.15 -18.36 3.24
C LEU D 262 -2.79 -16.98 3.21
N GLU D 263 -2.10 -16.00 3.80
CA GLU D 263 -2.58 -14.62 3.87
C GLU D 263 -3.94 -14.48 4.56
N GLU D 264 -4.20 -15.37 5.52
CA GLU D 264 -5.46 -15.30 6.26
C GLU D 264 -5.36 -14.32 7.42
N LEU D 265 -6.45 -13.64 7.70
CA LEU D 265 -6.46 -12.60 8.72
C LEU D 265 -7.24 -13.01 9.98
N GLU D 266 -6.91 -12.38 11.09
CA GLU D 266 -7.60 -12.58 12.37
C GLU D 266 -7.53 -13.99 12.95
N GLU D 267 -7.71 -15.00 12.10
CA GLU D 267 -7.65 -16.39 12.55
C GLU D 267 -6.30 -16.71 13.18
N ALA D 268 -5.23 -16.30 12.49
CA ALA D 268 -3.88 -16.48 13.01
C ALA D 268 -3.70 -15.69 14.31
N ARG D 269 -4.35 -14.54 14.39
CA ARG D 269 -4.31 -13.71 15.59
C ARG D 269 -5.01 -14.41 16.75
N THR D 270 -6.16 -15.00 16.48
CA THR D 270 -6.89 -15.76 17.49
C THR D 270 -6.07 -16.95 17.95
N LEU D 271 -5.33 -17.54 17.02
CA LEU D 271 -4.44 -18.67 17.34
C LEU D 271 -3.31 -18.25 18.27
N ILE D 272 -2.58 -17.22 17.87
CA ILE D 272 -1.43 -16.76 18.64
C ILE D 272 -1.84 -16.19 20.00
N ASP D 273 -3.06 -15.67 20.09
CA ASP D 273 -3.57 -15.21 21.38
C ASP D 273 -3.96 -16.40 22.25
N LYS D 274 -4.58 -17.39 21.61
CA LYS D 274 -4.97 -18.64 22.25
C LYS D 274 -3.75 -19.35 22.82
N GLY D 275 -2.60 -19.11 22.19
CA GLY D 275 -1.34 -19.61 22.70
C GLY D 275 -0.79 -18.70 23.77
N ILE D 276 -0.94 -17.39 23.57
CA ILE D 276 -0.41 -16.39 24.48
C ILE D 276 -0.97 -16.51 25.90
N ASP D 277 -2.28 -16.66 26.03
CA ASP D 277 -2.88 -16.76 27.35
C ASP D 277 -2.47 -18.07 28.07
N ALA D 278 -2.64 -19.17 27.36
CA ALA D 278 -2.31 -20.50 27.89
C ALA D 278 -0.84 -20.59 28.27
N ALA D 279 0.00 -19.80 27.62
CA ALA D 279 1.42 -19.74 27.95
C ALA D 279 1.66 -18.78 29.12
N LYS D 280 0.80 -17.78 29.24
CA LYS D 280 0.88 -16.84 30.35
C LYS D 280 0.45 -17.53 31.65
N GLN D 281 -0.26 -18.63 31.52
CA GLN D 281 -0.77 -19.36 32.68
C GLN D 281 0.31 -19.91 33.63
N GLU D 282 1.04 -20.94 33.17
CA GLU D 282 1.87 -21.72 34.08
C GLU D 282 3.38 -21.55 33.96
N GLU D 283 3.83 -20.32 33.74
CA GLU D 283 5.26 -19.97 33.80
C GLU D 283 6.19 -20.76 32.87
N ARG D 284 6.10 -22.09 32.91
CA ARG D 284 6.97 -22.98 32.14
C ARG D 284 7.04 -22.62 30.66
N PHE D 285 5.91 -22.14 30.13
CA PHE D 285 5.79 -21.92 28.69
C PHE D 285 6.35 -20.57 28.24
N ASN D 286 6.83 -19.79 29.19
CA ASN D 286 7.29 -18.42 28.92
C ASN D 286 8.23 -18.30 27.71
N ALA D 287 9.25 -19.16 27.67
CA ALA D 287 10.14 -19.24 26.52
C ALA D 287 9.30 -19.36 25.26
N LYS D 288 8.57 -20.47 25.17
CA LYS D 288 7.64 -20.70 24.06
C LYS D 288 6.74 -19.49 23.88
N LEU D 289 6.22 -18.97 24.99
CA LEU D 289 5.36 -17.80 24.95
C LEU D 289 6.04 -16.71 24.15
N TYR D 290 7.25 -16.34 24.60
CA TYR D 290 8.03 -15.31 23.94
C TYR D 290 8.03 -15.53 22.44
N LEU D 291 8.34 -16.77 22.05
CA LEU D 291 8.42 -17.13 20.64
C LEU D 291 7.19 -16.60 19.92
N LEU D 292 6.02 -17.10 20.30
CA LEU D 292 4.82 -16.72 19.57
C LEU D 292 4.56 -15.22 19.67
N LEU D 293 4.80 -14.63 20.84
CA LEU D 293 4.52 -13.20 20.97
C LEU D 293 5.45 -12.45 20.05
N MET D 294 6.68 -12.92 19.95
CA MET D 294 7.67 -12.30 19.08
C MET D 294 7.13 -12.37 17.65
N LEU D 295 6.58 -13.52 17.30
CA LEU D 295 6.00 -13.71 15.98
C LEU D 295 4.94 -12.64 15.73
N ARG D 296 4.10 -12.42 16.74
CA ARG D 296 3.05 -11.42 16.62
C ARG D 296 3.66 -10.04 16.38
N TYR D 297 4.74 -9.74 17.10
CA TYR D 297 5.37 -8.43 16.99
C TYR D 297 5.96 -8.25 15.60
N LYS D 298 6.17 -9.37 14.91
CA LYS D 298 6.73 -9.33 13.58
C LYS D 298 5.64 -9.12 12.53
N TYR D 299 4.42 -9.51 12.86
CA TYR D 299 3.38 -9.58 11.82
C TYR D 299 2.03 -8.95 12.19
N PHE D 300 1.99 -8.15 13.26
CA PHE D 300 0.72 -7.57 13.68
C PHE D 300 0.77 -6.11 14.11
N GLU D 301 1.79 -5.73 14.85
CA GLU D 301 1.93 -4.35 15.30
C GLU D 301 2.68 -3.49 14.28
N GLU D 302 3.48 -4.16 13.44
CA GLU D 302 4.29 -3.48 12.43
C GLU D 302 5.24 -2.43 13.03
N ALA D 303 5.50 -2.54 14.32
CA ALA D 303 6.39 -1.63 15.01
C ALA D 303 7.70 -2.34 15.35
N LYS D 304 8.80 -1.60 15.30
CA LYS D 304 10.12 -2.17 15.57
C LYS D 304 10.44 -2.21 17.06
N ASP D 305 9.41 -1.99 17.88
CA ASP D 305 9.56 -1.99 19.34
C ASP D 305 10.16 -3.30 19.84
N TYR D 306 9.86 -4.38 19.13
CA TYR D 306 10.37 -5.71 19.48
C TYR D 306 11.89 -5.72 19.56
N LYS D 307 12.54 -4.88 18.74
CA LYS D 307 14.00 -4.77 18.76
C LYS D 307 14.48 -4.45 20.16
N ALA D 308 13.82 -3.51 20.83
CA ALA D 308 14.13 -3.21 22.23
C ALA D 308 13.99 -4.50 23.03
N PHE D 309 12.82 -5.12 22.91
CA PHE D 309 12.57 -6.39 23.58
C PHE D 309 13.54 -7.48 23.13
N LEU D 310 14.07 -7.36 21.92
CA LEU D 310 15.07 -8.32 21.45
C LEU D 310 16.26 -8.29 22.40
N GLU D 311 16.70 -7.09 22.75
CA GLU D 311 17.76 -6.93 23.74
C GLU D 311 17.36 -7.67 25.01
N ASN D 312 16.13 -7.46 25.44
CA ASN D 312 15.60 -8.15 26.61
C ASN D 312 15.62 -9.66 26.42
N GLU D 313 15.22 -10.12 25.22
CA GLU D 313 15.18 -11.56 24.98
C GLU D 313 16.59 -12.10 24.73
N ALA D 314 17.56 -11.18 24.68
CA ALA D 314 18.95 -11.59 24.57
C ALA D 314 19.54 -11.80 25.97
N ILE D 315 18.71 -11.57 27.00
CA ILE D 315 19.14 -11.74 28.38
C ILE D 315 19.01 -13.18 28.92
N PRO D 316 17.82 -13.80 28.79
CA PRO D 316 17.73 -15.15 29.35
C PRO D 316 18.46 -16.20 28.50
N LEU D 317 18.66 -15.89 27.23
CA LEU D 317 19.35 -16.82 26.33
C LEU D 317 20.84 -16.91 26.65
N ILE D 325 21.19 -21.89 22.11
CA ILE D 325 20.19 -22.38 21.16
C ILE D 325 20.29 -21.62 19.85
N GLU D 326 20.11 -22.33 18.73
CA GLU D 326 20.20 -21.73 17.41
C GLU D 326 19.08 -20.73 17.14
N LEU D 327 18.06 -20.74 17.99
CA LEU D 327 16.97 -19.77 17.88
C LEU D 327 17.49 -18.36 18.05
N LYS D 328 18.39 -18.18 19.01
CA LYS D 328 19.08 -16.90 19.22
C LYS D 328 19.75 -16.45 17.93
N LYS D 329 20.46 -17.39 17.30
CA LYS D 329 21.10 -17.14 16.01
C LYS D 329 20.09 -16.68 14.97
N VAL D 330 18.92 -17.32 14.95
CA VAL D 330 17.86 -16.96 14.02
C VAL D 330 17.37 -15.53 14.27
N TYR D 331 17.21 -15.16 15.54
CA TYR D 331 16.73 -13.83 15.90
C TYR D 331 17.73 -12.76 15.48
N VAL D 332 18.99 -12.95 15.89
CA VAL D 332 20.03 -11.97 15.63
C VAL D 332 20.36 -11.88 14.14
N GLU D 333 20.17 -12.98 13.41
CA GLU D 333 20.39 -12.95 11.96
C GLU D 333 19.19 -12.33 11.25
N LEU D 334 18.02 -12.39 11.89
CA LEU D 334 16.85 -11.70 11.37
C LEU D 334 17.07 -10.20 11.53
N ALA D 335 17.61 -9.80 12.67
CA ALA D 335 17.98 -8.42 12.89
C ALA D 335 19.12 -8.02 11.96
N GLU D 336 19.91 -9.02 11.55
CA GLU D 336 21.02 -8.78 10.64
C GLU D 336 20.53 -8.49 9.23
N HIS D 337 19.56 -9.27 8.75
CA HIS D 337 19.02 -9.04 7.41
C HIS D 337 18.15 -7.78 7.41
N PHE D 338 17.53 -7.49 8.56
CA PHE D 338 16.76 -6.27 8.71
C PHE D 338 17.68 -5.05 8.65
N SER D 339 18.84 -5.17 9.28
CA SER D 339 19.80 -4.07 9.32
C SER D 339 20.51 -3.91 7.97
N SER D 340 20.72 -5.02 7.27
CA SER D 340 21.35 -4.99 5.96
C SER D 340 20.50 -4.20 4.97
N LEU D 341 19.20 -4.12 5.26
CA LEU D 341 18.28 -3.32 4.48
C LEU D 341 18.49 -1.84 4.77
N SER D 342 19.06 -1.54 5.93
CA SER D 342 19.27 -0.16 6.35
C SER D 342 20.71 0.11 6.80
N ARG D 343 20.98 -0.11 8.08
CA ARG D 343 22.28 0.21 8.67
C ARG D 343 23.22 -1.00 8.70
N PHE D 344 24.41 -0.84 8.13
CA PHE D 344 25.34 -1.95 7.96
C PHE D 344 25.97 -2.46 9.26
N GLU D 345 26.65 -1.57 9.98
CA GLU D 345 27.49 -1.93 11.13
C GLU D 345 26.88 -2.96 12.09
N GLU D 346 25.66 -2.68 12.54
CA GLU D 346 24.96 -3.57 13.45
C GLU D 346 24.78 -4.96 12.85
N SER D 347 24.43 -5.03 11.58
CA SER D 347 24.29 -6.30 10.88
C SER D 347 25.63 -7.02 10.79
N ASN D 348 26.68 -6.24 10.52
CA ASN D 348 28.03 -6.79 10.43
C ASN D 348 28.45 -7.48 11.71
N ARG D 349 28.37 -6.76 12.84
CA ARG D 349 28.74 -7.34 14.12
C ARG D 349 27.80 -8.48 14.51
N TYR D 350 26.52 -8.34 14.16
CA TYR D 350 25.54 -9.38 14.42
C TYR D 350 25.92 -10.70 13.78
N TYR D 351 26.03 -10.71 12.45
CA TYR D 351 26.36 -11.94 11.75
C TYR D 351 27.78 -12.41 12.03
N ARG D 352 28.66 -11.48 12.38
CA ARG D 352 29.98 -11.84 12.85
C ARG D 352 29.83 -12.76 14.05
N LEU D 353 29.10 -12.28 15.05
CA LEU D 353 28.79 -13.09 16.23
C LEU D 353 28.10 -14.40 15.86
N VAL D 354 27.21 -14.35 14.88
CA VAL D 354 26.49 -15.55 14.44
C VAL D 354 27.45 -16.63 13.95
N ILE D 355 28.15 -16.34 12.85
CA ILE D 355 28.99 -17.33 12.21
C ILE D 355 30.23 -17.68 13.03
N ASP D 356 30.61 -16.81 13.96
CA ASP D 356 31.80 -17.08 14.77
C ASP D 356 31.47 -17.83 16.07
N LEU D 357 30.25 -17.67 16.57
CA LEU D 357 29.85 -18.35 17.80
C LEU D 357 29.14 -19.67 17.52
N MET D 358 28.48 -19.76 16.36
CA MET D 358 27.76 -20.98 16.00
C MET D 358 28.71 -22.14 15.73
N ASN D 359 29.88 -21.82 15.18
CA ASN D 359 30.89 -22.82 14.83
C ASN D 359 30.36 -23.88 13.85
N ASP E 12 46.51 -5.02 -63.31
CA ASP E 12 45.13 -5.41 -63.55
C ASP E 12 44.50 -6.05 -62.32
N VAL E 13 45.36 -6.55 -61.42
CA VAL E 13 44.89 -7.18 -60.20
C VAL E 13 44.27 -6.17 -59.23
N LYS E 14 44.96 -5.05 -59.03
CA LYS E 14 44.47 -3.95 -58.21
C LYS E 14 43.10 -3.49 -58.67
N GLY E 15 42.93 -3.40 -59.99
CA GLY E 15 41.65 -3.04 -60.58
C GLY E 15 40.57 -4.04 -60.23
N LYS E 16 40.93 -5.31 -60.19
CA LYS E 16 39.99 -6.37 -59.85
C LYS E 16 39.61 -6.33 -58.37
N LEU E 17 40.55 -5.90 -57.53
CA LEU E 17 40.25 -5.68 -56.11
C LEU E 17 39.30 -4.51 -55.98
N ASP E 18 39.49 -3.50 -56.84
CA ASP E 18 38.59 -2.35 -56.88
C ASP E 18 37.20 -2.77 -57.35
N GLU E 19 37.15 -3.80 -58.19
CA GLU E 19 35.88 -4.36 -58.64
C GLU E 19 35.22 -5.12 -57.50
N TRP E 20 36.04 -5.79 -56.70
CA TRP E 20 35.55 -6.52 -55.54
C TRP E 20 34.95 -5.55 -54.53
N LEU E 21 35.58 -4.38 -54.40
CA LEU E 21 35.08 -3.32 -53.53
C LEU E 21 33.79 -2.73 -54.11
N ASN E 22 33.79 -2.57 -55.44
CA ASN E 22 32.62 -2.05 -56.15
C ASN E 22 31.40 -2.92 -55.91
N ALA E 23 31.61 -4.23 -55.90
CA ALA E 23 30.53 -5.17 -55.63
C ALA E 23 30.26 -5.26 -54.12
N LEU E 24 31.27 -4.92 -53.32
CA LEU E 24 31.14 -4.99 -51.87
C LEU E 24 30.23 -3.89 -51.32
N VAL E 25 30.40 -2.67 -51.84
CA VAL E 25 29.61 -1.54 -51.34
C VAL E 25 28.13 -1.66 -51.71
N HIS E 26 27.84 -2.40 -52.76
CA HIS E 26 26.47 -2.60 -53.23
C HIS E 26 25.87 -3.90 -52.73
N LEU E 27 26.73 -4.78 -52.23
CA LEU E 27 26.34 -6.15 -51.87
C LEU E 27 25.71 -6.81 -53.07
N ASP E 28 26.36 -6.66 -54.22
CA ASP E 28 25.76 -7.00 -55.49
C ASP E 28 25.59 -8.50 -55.69
N LYS E 29 24.64 -9.09 -54.96
CA LYS E 29 24.18 -10.46 -55.21
C LYS E 29 25.27 -11.51 -55.28
N GLN E 30 25.37 -12.15 -56.44
CA GLN E 30 26.26 -13.30 -56.64
C GLN E 30 27.56 -12.88 -57.32
N GLN E 31 27.57 -11.68 -57.88
CA GLN E 31 28.71 -11.18 -58.66
C GLN E 31 29.96 -11.00 -57.80
N VAL E 32 29.76 -10.79 -56.49
CA VAL E 32 30.87 -10.60 -55.57
C VAL E 32 31.68 -11.90 -55.41
N GLU E 33 30.98 -13.02 -55.32
CA GLU E 33 31.62 -14.31 -55.14
C GLU E 33 32.33 -14.79 -56.40
N ARG E 34 31.92 -14.25 -57.56
CA ARG E 34 32.67 -14.45 -58.79
C ARG E 34 34.08 -13.95 -58.54
N ILE E 35 34.18 -12.66 -58.25
CA ILE E 35 35.45 -12.00 -57.97
C ILE E 35 36.20 -12.69 -56.83
N TYR E 36 35.46 -13.23 -55.87
CA TYR E 36 36.08 -14.00 -54.79
C TYR E 36 36.80 -15.22 -55.36
N GLU E 37 36.14 -15.91 -56.28
CA GLU E 37 36.73 -17.11 -56.90
C GLU E 37 37.89 -16.78 -57.82
N GLU E 38 37.77 -15.69 -58.58
CA GLU E 38 38.84 -15.28 -59.49
C GLU E 38 40.07 -14.89 -58.70
N LEU E 39 39.87 -14.06 -57.68
CA LEU E 39 40.95 -13.57 -56.84
C LEU E 39 41.52 -14.67 -55.95
N GLN E 40 40.74 -15.72 -55.75
CA GLN E 40 41.20 -16.88 -54.97
C GLN E 40 42.40 -17.54 -55.65
N GLY E 41 42.43 -17.49 -56.97
CA GLY E 41 43.52 -18.07 -57.74
C GLY E 41 44.28 -17.04 -58.54
N GLU E 42 44.25 -15.79 -58.09
CA GLU E 42 44.93 -14.70 -58.78
C GLU E 42 45.89 -13.99 -57.83
N MET E 43 45.68 -14.19 -56.53
CA MET E 43 46.47 -13.52 -55.50
C MET E 43 47.93 -13.98 -55.46
N LYS E 44 48.19 -15.19 -55.93
CA LYS E 44 49.52 -15.77 -55.89
C LYS E 44 50.48 -15.13 -56.90
N HIS E 45 49.93 -14.36 -57.82
CA HIS E 45 50.72 -13.86 -58.95
C HIS E 45 51.68 -12.71 -58.63
N VAL E 46 51.29 -11.49 -58.97
CA VAL E 46 52.23 -10.37 -59.01
C VAL E 46 51.88 -9.21 -58.07
N LEU E 47 52.90 -8.41 -57.74
CA LEU E 47 52.77 -7.13 -57.04
C LEU E 47 52.53 -7.21 -55.53
N ASP E 48 53.63 -7.28 -54.78
CA ASP E 48 53.62 -7.09 -53.34
C ASP E 48 53.83 -5.59 -53.12
N PHE E 49 53.51 -5.04 -51.94
CA PHE E 49 53.07 -5.78 -50.76
C PHE E 49 51.71 -5.27 -50.29
N GLU E 50 51.29 -4.14 -50.84
CA GLU E 50 50.04 -3.50 -50.46
C GLU E 50 48.83 -4.37 -50.81
N ILE E 51 48.92 -5.04 -51.96
CA ILE E 51 47.82 -5.82 -52.50
C ILE E 51 47.36 -6.94 -51.57
N ILE E 52 48.33 -7.54 -50.86
CA ILE E 52 48.02 -8.63 -49.93
C ILE E 52 47.16 -8.14 -48.77
N ASN E 53 47.56 -7.03 -48.16
CA ASN E 53 46.82 -6.46 -47.04
C ASN E 53 45.48 -5.88 -47.46
N TYR E 54 45.45 -5.23 -48.62
CA TYR E 54 44.21 -4.68 -49.17
C TYR E 54 43.22 -5.81 -49.42
N TYR E 55 43.69 -6.88 -50.04
CA TYR E 55 42.86 -8.05 -50.31
C TYR E 55 42.45 -8.74 -49.02
N LYS E 56 43.27 -8.60 -47.98
CA LYS E 56 42.97 -9.21 -46.69
C LYS E 56 41.84 -8.45 -45.99
N LEU E 57 41.85 -7.13 -46.15
CA LEU E 57 40.80 -6.29 -45.56
C LEU E 57 39.51 -6.38 -46.37
N LEU E 58 39.64 -6.57 -47.67
CA LEU E 58 38.48 -6.80 -48.52
C LEU E 58 37.90 -8.18 -48.23
N TYR E 59 38.78 -9.11 -47.84
CA TYR E 59 38.35 -10.44 -47.41
C TYR E 59 37.66 -10.33 -46.07
N THR E 60 38.10 -9.37 -45.26
CA THR E 60 37.43 -9.06 -44.01
C THR E 60 36.01 -8.60 -44.31
N ARG E 61 35.89 -7.60 -45.19
CA ARG E 61 34.60 -7.08 -45.61
C ARG E 61 33.67 -8.16 -46.15
N TYR E 62 34.22 -9.05 -46.98
CA TYR E 62 33.47 -10.15 -47.55
C TYR E 62 33.02 -11.13 -46.47
N LEU E 63 33.90 -11.34 -45.49
CA LEU E 63 33.60 -12.23 -44.38
C LEU E 63 32.50 -11.64 -43.51
N ILE E 64 32.38 -10.31 -43.55
CA ILE E 64 31.30 -9.61 -42.87
C ILE E 64 30.02 -9.73 -43.68
N MET E 65 30.16 -9.74 -45.01
CA MET E 65 29.01 -9.89 -45.89
C MET E 65 28.32 -11.24 -45.69
N LYS E 66 29.11 -12.28 -45.48
CA LYS E 66 28.59 -13.62 -45.21
C LYS E 66 28.25 -13.75 -43.72
N ARG E 67 28.67 -12.74 -42.96
CA ARG E 67 28.37 -12.65 -41.52
C ARG E 67 28.92 -13.81 -40.69
N ASP E 68 30.24 -13.79 -40.49
CA ASP E 68 30.90 -14.71 -39.57
C ASP E 68 31.59 -13.87 -38.51
N ILE E 69 31.54 -14.30 -37.26
CA ILE E 69 32.03 -13.50 -36.15
C ILE E 69 33.44 -13.88 -35.67
N SER E 70 33.63 -15.17 -35.39
CA SER E 70 34.91 -15.66 -34.87
C SER E 70 36.06 -15.42 -35.84
N ALA E 71 35.85 -15.82 -37.09
CA ALA E 71 36.86 -15.64 -38.13
C ALA E 71 37.17 -14.16 -38.33
N LEU E 72 36.13 -13.33 -38.23
CA LEU E 72 36.28 -11.89 -38.33
C LEU E 72 37.13 -11.35 -37.20
N GLU E 73 36.85 -11.81 -35.98
CA GLU E 73 37.56 -11.36 -34.79
C GLU E 73 39.04 -11.75 -34.86
N GLU E 74 39.31 -12.98 -35.26
CA GLU E 74 40.69 -13.45 -35.39
C GLU E 74 41.42 -12.73 -36.52
N GLU E 75 40.71 -12.44 -37.60
CA GLU E 75 41.28 -11.72 -38.73
C GLU E 75 41.70 -10.32 -38.31
N LEU E 76 40.77 -9.60 -37.66
CA LEU E 76 41.06 -8.27 -37.16
C LEU E 76 42.16 -8.31 -36.09
N ASP E 77 42.25 -9.43 -35.39
CA ASP E 77 43.30 -9.64 -34.41
C ASP E 77 44.67 -9.74 -35.08
N LYS E 78 44.72 -10.41 -36.23
CA LYS E 78 45.97 -10.56 -36.96
C LYS E 78 46.33 -9.29 -37.72
N LEU E 79 45.32 -8.48 -38.03
CA LEU E 79 45.55 -7.25 -38.78
C LEU E 79 45.89 -6.08 -37.86
N LYS E 80 45.49 -6.18 -36.60
CA LYS E 80 45.85 -5.21 -35.57
C LYS E 80 47.37 -5.09 -35.44
N LYS E 81 48.04 -6.23 -35.63
CA LYS E 81 49.49 -6.30 -35.52
C LYS E 81 50.16 -5.64 -36.73
N VAL E 82 49.58 -5.83 -37.90
CA VAL E 82 50.14 -5.28 -39.13
C VAL E 82 49.56 -3.91 -39.44
N TYR E 83 48.84 -3.35 -38.49
CA TYR E 83 48.20 -2.04 -38.65
C TYR E 83 49.20 -0.90 -38.81
N LYS E 84 50.47 -1.14 -38.47
CA LYS E 84 51.50 -0.11 -38.51
C LYS E 84 51.62 0.59 -39.86
N LYS E 85 52.08 -0.14 -40.88
CA LYS E 85 52.21 0.43 -42.21
C LYS E 85 51.03 0.08 -43.10
N TYR E 86 49.97 0.86 -43.00
CA TYR E 86 48.80 0.72 -43.86
C TYR E 86 48.48 2.06 -44.51
N SER E 87 48.32 2.06 -45.83
CA SER E 87 47.88 3.25 -46.54
C SER E 87 46.48 3.60 -46.05
N PRO E 88 46.22 4.91 -45.83
CA PRO E 88 45.02 5.47 -45.20
C PRO E 88 43.70 4.71 -45.46
N PHE E 89 43.50 4.25 -46.69
CA PHE E 89 42.29 3.50 -47.01
C PHE E 89 42.29 2.11 -46.38
N GLN E 90 43.47 1.55 -46.16
CA GLN E 90 43.58 0.26 -45.49
C GLN E 90 43.23 0.40 -44.01
N LYS E 91 43.76 1.44 -43.38
CA LYS E 91 43.43 1.77 -41.99
C LYS E 91 41.93 2.00 -41.89
N LEU E 92 41.39 2.67 -42.91
CA LEU E 92 39.96 2.93 -43.01
C LEU E 92 39.19 1.61 -43.00
N LEU E 93 39.62 0.66 -43.82
CA LEU E 93 38.98 -0.64 -43.90
C LEU E 93 39.04 -1.40 -42.58
N TYR E 94 40.20 -1.38 -41.93
CA TYR E 94 40.37 -2.06 -40.65
C TYR E 94 39.46 -1.48 -39.57
N MET E 95 39.52 -0.16 -39.39
CA MET E 95 38.72 0.52 -38.38
C MET E 95 37.23 0.31 -38.64
N TYR E 96 36.86 0.33 -39.93
CA TYR E 96 35.49 0.04 -40.36
C TYR E 96 35.11 -1.35 -39.87
N GLY E 97 35.96 -2.32 -40.17
CA GLY E 97 35.74 -3.70 -39.79
C GLY E 97 35.52 -3.86 -38.29
N ARG E 98 36.40 -3.27 -37.49
CA ARG E 98 36.26 -3.28 -36.05
C ARG E 98 34.93 -2.68 -35.60
N GLY E 99 34.59 -1.54 -36.21
CA GLY E 99 33.34 -0.86 -35.90
C GLY E 99 32.11 -1.72 -36.11
N LEU E 100 31.89 -2.16 -37.35
CA LEU E 100 30.71 -2.97 -37.64
C LEU E 100 30.79 -4.37 -37.03
N LEU E 101 31.97 -4.77 -36.57
CA LEU E 101 32.12 -6.01 -35.82
C LEU E 101 31.55 -5.81 -34.43
N CYS E 102 31.90 -4.69 -33.80
CA CYS E 102 31.33 -4.36 -32.50
C CYS E 102 29.83 -4.13 -32.63
N CYS E 103 29.39 -3.72 -33.82
CA CYS E 103 27.97 -3.64 -34.14
C CYS E 103 27.37 -5.04 -34.24
N LEU E 104 28.14 -5.98 -34.77
CA LEU E 104 27.71 -7.36 -34.92
C LEU E 104 27.59 -8.03 -33.55
N GLN E 105 28.49 -7.68 -32.64
CA GLN E 105 28.47 -8.22 -31.29
C GLN E 105 27.48 -7.46 -30.41
N TYR E 106 26.80 -6.49 -31.01
CA TYR E 106 25.81 -5.66 -30.32
C TYR E 106 26.42 -4.84 -29.18
N ARG E 107 27.74 -4.67 -29.23
CA ARG E 107 28.44 -3.77 -28.32
C ARG E 107 28.55 -2.43 -29.02
N TRP E 108 27.44 -1.67 -29.01
CA TRP E 108 27.27 -0.53 -29.91
C TRP E 108 28.18 0.68 -29.67
N LYS E 109 28.65 0.87 -28.43
CA LYS E 109 29.48 2.02 -28.13
C LYS E 109 30.83 1.98 -28.85
N ASP E 110 31.55 0.88 -28.67
CA ASP E 110 32.84 0.69 -29.31
C ASP E 110 32.71 0.79 -30.82
N GLY E 111 31.67 0.14 -31.35
CA GLY E 111 31.38 0.19 -32.77
C GLY E 111 31.17 1.61 -33.24
N LEU E 112 30.47 2.40 -32.42
CA LEU E 112 30.26 3.81 -32.72
C LEU E 112 31.58 4.57 -32.76
N ASP E 113 32.47 4.26 -31.82
CA ASP E 113 33.79 4.89 -31.78
C ASP E 113 34.62 4.59 -33.04
N TYR E 114 34.76 3.30 -33.35
CA TYR E 114 35.53 2.89 -34.52
C TYR E 114 34.90 3.41 -35.81
N LEU E 115 33.58 3.53 -35.82
CA LEU E 115 32.87 4.06 -36.98
C LEU E 115 33.03 5.56 -37.11
N LEU E 116 33.26 6.25 -35.99
CA LEU E 116 33.53 7.68 -36.02
C LEU E 116 34.97 7.93 -36.48
N LYS E 117 35.88 7.05 -36.08
CA LYS E 117 37.23 7.09 -36.61
C LYS E 117 37.20 6.83 -38.11
N THR E 118 36.36 5.89 -38.50
CA THR E 118 36.14 5.58 -39.91
C THR E 118 35.57 6.80 -40.63
N GLU E 119 34.77 7.58 -39.90
CA GLU E 119 34.17 8.79 -40.44
C GLU E 119 35.21 9.88 -40.70
N VAL E 120 36.00 10.21 -39.67
CA VAL E 120 37.00 11.25 -39.81
C VAL E 120 38.08 10.86 -40.82
N MET E 121 38.40 9.57 -40.88
CA MET E 121 39.34 9.08 -41.88
C MET E 121 38.73 9.17 -43.28
N ALA E 122 37.44 8.88 -43.38
CA ALA E 122 36.73 8.97 -44.65
C ALA E 122 36.74 10.38 -45.20
N LYS E 123 36.44 11.36 -44.33
CA LYS E 123 36.44 12.75 -44.76
C LYS E 123 37.85 13.30 -44.97
N GLU E 124 38.82 12.73 -44.27
CA GLU E 124 40.21 13.15 -44.43
C GLU E 124 40.80 12.65 -45.74
N GLN E 125 40.37 11.45 -46.15
CA GLN E 125 40.88 10.84 -47.38
C GLN E 125 40.06 11.27 -48.59
N GLY E 126 38.92 11.89 -48.35
CA GLY E 126 38.05 12.35 -49.42
C GLY E 126 37.34 11.20 -50.12
N TYR E 127 37.04 10.16 -49.36
CA TYR E 127 36.33 8.99 -49.90
C TYR E 127 34.88 9.01 -49.43
N HIS E 128 33.98 8.53 -50.29
CA HIS E 128 32.55 8.61 -49.99
C HIS E 128 31.83 7.26 -50.06
N GLU E 129 31.27 6.85 -48.92
CA GLU E 129 30.41 5.67 -48.87
C GLU E 129 29.21 5.94 -47.96
N THR E 130 28.03 6.02 -48.58
CA THR E 130 26.80 6.32 -47.86
C THR E 130 26.48 5.25 -46.82
N GLY E 131 26.96 4.04 -47.06
CA GLY E 131 26.79 2.94 -46.13
C GLY E 131 27.41 3.24 -44.78
N LEU E 132 28.50 3.98 -44.79
CA LEU E 132 29.16 4.39 -43.55
C LEU E 132 28.24 5.29 -42.73
N TYR E 133 27.65 6.28 -43.40
CA TYR E 133 26.74 7.20 -42.75
C TYR E 133 25.52 6.47 -42.21
N TYR E 134 25.02 5.50 -42.99
CA TYR E 134 23.88 4.70 -42.57
C TYR E 134 24.22 3.87 -41.33
N ASN E 135 25.39 3.23 -41.33
CA ASN E 135 25.81 2.41 -40.20
C ASN E 135 26.04 3.23 -38.93
N ILE E 136 26.65 4.40 -39.11
CA ILE E 136 26.87 5.33 -38.01
C ILE E 136 25.54 5.76 -37.41
N ALA E 137 24.60 6.13 -38.28
CA ALA E 137 23.28 6.54 -37.86
C ALA E 137 22.55 5.42 -37.14
N LEU E 138 22.77 4.18 -37.59
CA LEU E 138 22.18 3.00 -36.97
C LEU E 138 22.74 2.85 -35.57
N ALA E 139 24.05 3.03 -35.44
CA ALA E 139 24.71 2.95 -34.15
C ALA E 139 24.16 3.98 -33.18
N TYR E 140 24.02 5.21 -33.64
CA TYR E 140 23.43 6.27 -32.83
C TYR E 140 21.98 5.96 -32.46
N THR E 141 21.28 5.27 -33.36
CA THR E 141 19.90 4.89 -33.13
C THR E 141 19.81 3.85 -32.03
N HIS E 142 20.76 2.92 -32.03
CA HIS E 142 20.82 1.90 -30.98
C HIS E 142 21.21 2.50 -29.63
N LEU E 143 21.77 3.71 -29.65
CA LEU E 143 22.08 4.43 -28.43
C LEU E 143 20.93 5.36 -28.05
N ASP E 144 19.82 5.23 -28.78
CA ASP E 144 18.56 5.94 -28.49
C ASP E 144 18.58 7.45 -28.70
N ILE E 145 17.53 7.95 -29.36
CA ILE E 145 17.22 9.37 -29.45
C ILE E 145 18.23 10.22 -30.25
N HIS E 146 19.52 9.93 -30.10
CA HIS E 146 20.63 10.72 -30.64
C HIS E 146 20.34 11.49 -31.94
N HIS E 147 20.51 12.80 -31.89
CA HIS E 147 20.26 13.68 -33.03
C HIS E 147 21.22 13.42 -34.18
N LEU E 148 22.38 12.85 -33.84
CA LEU E 148 23.37 12.51 -34.85
C LEU E 148 22.85 11.39 -35.74
N ALA E 149 21.92 10.59 -35.22
CA ALA E 149 21.28 9.56 -36.02
C ALA E 149 20.47 10.18 -37.14
N ILE E 150 19.74 11.24 -36.82
CA ILE E 150 18.97 11.98 -37.83
C ILE E 150 19.91 12.69 -38.79
N HIS E 151 20.91 13.36 -38.23
CA HIS E 151 21.92 14.07 -38.99
C HIS E 151 22.63 13.17 -40.00
N PHE E 152 22.74 11.89 -39.67
CA PHE E 152 23.42 10.94 -40.55
C PHE E 152 22.48 10.21 -41.50
N VAL E 153 21.25 9.92 -41.06
CA VAL E 153 20.28 9.29 -41.96
C VAL E 153 19.85 10.27 -43.04
N ASN E 154 20.00 11.56 -42.78
CA ASN E 154 19.68 12.54 -43.82
C ASN E 154 20.73 12.59 -44.93
N MET E 155 22.00 12.48 -44.54
CA MET E 155 23.08 12.44 -45.52
C MET E 155 23.03 11.12 -46.27
N ALA E 156 22.80 10.04 -45.53
CA ALA E 156 22.66 8.72 -46.11
C ALA E 156 21.48 8.68 -47.08
N LEU E 157 20.41 9.38 -46.73
CA LEU E 157 19.23 9.47 -47.58
C LEU E 157 19.58 10.23 -48.84
N GLU E 158 20.27 11.36 -48.67
CA GLU E 158 20.72 12.18 -49.79
C GLU E 158 21.55 11.37 -50.78
N GLY E 159 22.38 10.47 -50.24
CA GLY E 159 23.20 9.62 -51.08
C GLY E 159 22.41 8.51 -51.76
N PHE E 160 21.57 7.83 -50.99
CA PHE E 160 20.78 6.71 -51.47
C PHE E 160 19.82 7.12 -52.58
N ARG E 161 19.27 8.33 -52.47
CA ARG E 161 18.37 8.84 -53.50
C ARG E 161 19.09 9.08 -54.82
N SER E 162 20.39 9.35 -54.73
CA SER E 162 21.21 9.55 -55.92
C SER E 162 21.76 8.22 -56.43
N GLU E 163 21.47 7.14 -55.69
CA GLU E 163 21.93 5.81 -56.07
C GLU E 163 20.73 4.87 -56.21
N TYR E 164 19.53 5.42 -56.08
CA TYR E 164 18.28 4.67 -56.20
C TYR E 164 18.16 3.53 -55.19
N LYS E 165 18.94 3.60 -54.11
CA LYS E 165 18.93 2.58 -53.08
C LYS E 165 17.65 2.63 -52.25
N PHE E 166 16.53 2.28 -52.88
CA PHE E 166 15.22 2.36 -52.24
C PHE E 166 15.10 1.48 -50.99
N ARG E 167 15.62 0.25 -51.09
CA ARG E 167 15.59 -0.70 -49.98
C ARG E 167 16.36 -0.15 -48.78
N ASN E 168 17.36 0.68 -49.06
CA ASN E 168 18.10 1.36 -48.01
C ASN E 168 17.35 2.60 -47.52
N ILE E 169 16.68 3.27 -48.46
CA ILE E 169 15.91 4.46 -48.14
C ILE E 169 14.82 4.15 -47.11
N ILE E 170 14.10 3.06 -47.31
CA ILE E 170 13.04 2.68 -46.38
C ILE E 170 13.61 2.36 -45.00
N ASN E 171 14.83 1.84 -44.97
CA ASN E 171 15.52 1.60 -43.71
C ASN E 171 15.83 2.91 -43.01
N CYS E 172 16.28 3.89 -43.80
CA CYS E 172 16.52 5.23 -43.29
C CYS E 172 15.24 5.77 -42.67
N GLN E 173 14.12 5.59 -43.36
CA GLN E 173 12.82 6.03 -42.87
C GLN E 173 12.45 5.33 -41.56
N ILE E 174 12.81 4.06 -41.46
CA ILE E 174 12.58 3.32 -40.22
C ILE E 174 13.38 3.94 -39.07
N LEU E 175 14.64 4.28 -39.34
CA LEU E 175 15.49 4.92 -38.34
C LEU E 175 14.93 6.27 -37.90
N ILE E 176 14.49 7.07 -38.87
CA ILE E 176 13.88 8.37 -38.59
C ILE E 176 12.65 8.20 -37.73
N ALA E 177 11.83 7.19 -38.06
CA ALA E 177 10.62 6.92 -37.31
C ALA E 177 10.91 6.50 -35.88
N VAL E 178 11.96 5.69 -35.70
CA VAL E 178 12.38 5.28 -34.37
C VAL E 178 12.81 6.51 -33.56
N SER E 179 13.62 7.36 -34.18
CA SER E 179 14.09 8.58 -33.55
C SER E 179 12.93 9.46 -33.11
N TYR E 180 11.98 9.68 -34.03
CA TYR E 180 10.77 10.45 -33.74
C TYR E 180 9.98 9.84 -32.59
N THR E 181 9.93 8.51 -32.55
CA THR E 181 9.21 7.79 -31.51
C THR E 181 9.84 8.03 -30.14
N GLU E 182 11.15 7.83 -30.05
CA GLU E 182 11.87 8.00 -28.79
C GLU E 182 11.90 9.46 -28.36
N LYS E 183 11.77 10.37 -29.33
CA LYS E 183 11.89 11.80 -29.06
C LYS E 183 10.60 12.40 -28.52
N GLY E 184 9.51 11.64 -28.60
CA GLY E 184 8.24 12.08 -28.05
C GLY E 184 7.13 12.33 -29.05
N GLN E 185 7.51 12.56 -30.31
CA GLN E 185 6.52 12.82 -31.34
C GLN E 185 5.95 11.52 -31.91
N TYR E 186 4.76 11.15 -31.44
CA TYR E 186 4.17 9.85 -31.77
C TYR E 186 3.44 9.84 -33.11
N GLU E 187 2.46 10.74 -33.27
CA GLU E 187 1.57 10.76 -34.42
C GLU E 187 2.30 10.74 -35.76
N GLU E 188 3.32 11.59 -35.88
CA GLU E 188 4.12 11.68 -37.10
C GLU E 188 4.78 10.34 -37.40
N ALA E 189 5.38 9.75 -36.36
CA ALA E 189 6.03 8.45 -36.48
C ALA E 189 5.05 7.36 -36.84
N LEU E 190 3.80 7.52 -36.42
CA LEU E 190 2.75 6.55 -36.73
C LEU E 190 2.32 6.67 -38.18
N LYS E 191 2.25 7.89 -38.68
CA LYS E 191 1.95 8.10 -40.10
C LYS E 191 3.06 7.50 -40.95
N MET E 192 4.31 7.78 -40.55
CA MET E 192 5.47 7.22 -41.24
C MET E 192 5.42 5.69 -41.24
N TYR E 193 5.13 5.12 -40.08
CA TYR E 193 5.08 3.67 -39.93
C TYR E 193 3.95 3.03 -40.74
N GLU E 194 2.84 3.73 -40.85
CA GLU E 194 1.72 3.22 -41.64
C GLU E 194 2.04 3.29 -43.13
N SER E 195 2.73 4.35 -43.54
CA SER E 195 3.15 4.48 -44.93
C SER E 195 4.17 3.41 -45.30
N ILE E 196 5.12 3.17 -44.40
CA ILE E 196 6.14 2.13 -44.59
C ILE E 196 5.49 0.74 -44.62
N LEU E 197 4.58 0.51 -43.68
CA LEU E 197 3.84 -0.75 -43.59
C LEU E 197 3.08 -0.99 -44.88
N ARG E 198 2.55 0.08 -45.46
CA ARG E 198 1.81 -0.01 -46.71
C ARG E 198 2.74 -0.31 -47.90
N GLU E 199 3.88 0.36 -47.94
CA GLU E 199 4.77 0.26 -49.10
C GLU E 199 5.86 -0.81 -48.96
N ALA E 200 5.76 -1.63 -47.92
CA ALA E 200 6.75 -2.69 -47.70
C ALA E 200 6.47 -3.91 -48.57
N THR E 201 5.22 -4.08 -48.97
CA THR E 201 4.80 -5.25 -49.73
C THR E 201 5.31 -5.25 -51.17
N SER E 202 5.92 -4.14 -51.57
CA SER E 202 6.48 -4.02 -52.92
C SER E 202 7.90 -4.59 -52.97
N PHE E 203 8.46 -4.87 -51.79
CA PHE E 203 9.80 -5.43 -51.70
C PHE E 203 9.76 -6.94 -51.45
N ALA E 204 10.83 -7.62 -51.85
CA ALA E 204 10.93 -9.06 -51.63
C ALA E 204 11.19 -9.36 -50.17
N ASP E 205 11.77 -8.40 -49.45
CA ASP E 205 12.05 -8.56 -48.03
C ASP E 205 10.92 -7.98 -47.19
N LYS E 206 9.69 -8.19 -47.64
CA LYS E 206 8.52 -7.60 -46.99
C LYS E 206 8.37 -8.01 -45.52
N ASP E 207 8.62 -9.28 -45.22
CA ASP E 207 8.41 -9.82 -43.87
C ASP E 207 9.26 -9.11 -42.80
N VAL E 208 10.48 -8.77 -43.15
CA VAL E 208 11.38 -8.07 -42.23
C VAL E 208 10.84 -6.70 -41.87
N LEU E 209 10.58 -5.91 -42.91
CA LEU E 209 10.05 -4.55 -42.76
C LEU E 209 8.73 -4.57 -41.99
N LEU E 210 7.86 -5.52 -42.33
CA LEU E 210 6.58 -5.64 -41.66
C LEU E 210 6.75 -6.01 -40.19
N ALA E 211 7.71 -6.87 -39.89
CA ALA E 211 7.99 -7.27 -38.52
C ALA E 211 8.45 -6.08 -37.68
N ILE E 212 9.48 -5.40 -38.18
CA ILE E 212 10.01 -4.22 -37.49
C ILE E 212 8.94 -3.15 -37.30
N THR E 213 8.21 -2.88 -38.37
CA THR E 213 7.17 -1.86 -38.35
C THR E 213 6.07 -2.18 -37.34
N LEU E 214 5.56 -3.41 -37.39
CA LEU E 214 4.49 -3.83 -36.49
C LEU E 214 4.96 -3.80 -35.03
N SER E 215 6.19 -4.22 -34.79
CA SER E 215 6.75 -4.19 -33.44
C SER E 215 6.84 -2.75 -32.91
N ASN E 216 7.44 -1.88 -33.71
CA ASN E 216 7.60 -0.48 -33.33
C ASN E 216 6.26 0.23 -33.11
N MET E 217 5.30 -0.06 -33.98
CA MET E 217 3.94 0.46 -33.83
C MET E 217 3.33 -0.07 -32.55
N GLY E 218 3.69 -1.30 -32.20
CA GLY E 218 3.28 -1.88 -30.94
C GLY E 218 3.84 -1.07 -29.77
N SER E 219 5.08 -0.62 -29.92
CA SER E 219 5.70 0.22 -28.89
C SER E 219 5.00 1.57 -28.76
N ILE E 220 4.78 2.24 -29.89
CA ILE E 220 4.11 3.53 -29.89
C ILE E 220 2.71 3.43 -29.29
N TYR E 221 2.00 2.38 -29.66
CA TYR E 221 0.67 2.14 -29.11
C TYR E 221 0.74 1.81 -27.62
N TYR E 222 1.85 1.20 -27.20
CA TYR E 222 2.07 0.92 -25.79
C TYR E 222 2.25 2.24 -25.03
N LYS E 223 2.87 3.21 -25.68
CA LYS E 223 3.09 4.52 -25.07
C LYS E 223 1.83 5.38 -25.01
N LYS E 224 0.86 5.08 -25.87
CA LYS E 224 -0.34 5.92 -25.99
C LYS E 224 -1.57 5.33 -25.30
N GLY E 225 -1.38 4.23 -24.58
CA GLY E 225 -2.50 3.55 -23.94
C GLY E 225 -3.17 2.59 -24.91
N LYS E 226 -4.24 1.94 -24.46
CA LYS E 226 -4.90 0.89 -25.23
C LYS E 226 -3.90 -0.20 -25.61
N TYR E 227 -3.66 -1.10 -24.66
CA TYR E 227 -2.61 -2.11 -24.80
C TYR E 227 -3.00 -3.24 -25.75
N GLN E 228 -4.26 -3.26 -26.16
CA GLN E 228 -4.77 -4.29 -27.07
C GLN E 228 -4.15 -4.19 -28.46
N GLN E 229 -4.11 -2.99 -29.01
CA GLN E 229 -3.49 -2.75 -30.31
C GLN E 229 -2.01 -3.08 -30.22
N ALA E 230 -1.40 -2.76 -29.09
CA ALA E 230 0.01 -3.01 -28.86
C ALA E 230 0.32 -4.51 -28.88
N LYS E 231 -0.40 -5.28 -28.07
CA LYS E 231 -0.19 -6.73 -28.03
C LYS E 231 -0.53 -7.40 -29.35
N LYS E 232 -1.53 -6.84 -30.05
CA LYS E 232 -1.91 -7.36 -31.36
C LYS E 232 -0.77 -7.19 -32.36
N TYR E 233 -0.25 -5.96 -32.45
CA TYR E 233 0.87 -5.68 -33.33
C TYR E 233 2.11 -6.48 -32.94
N TYR E 234 2.27 -6.73 -31.65
CA TYR E 234 3.37 -7.54 -31.15
C TYR E 234 3.28 -8.97 -31.63
N LEU E 235 2.12 -9.59 -31.42
CA LEU E 235 1.92 -10.98 -31.80
C LEU E 235 1.96 -11.15 -33.32
N ASP E 236 1.49 -10.15 -34.05
CA ASP E 236 1.58 -10.15 -35.51
C ASP E 236 3.04 -10.11 -35.96
N SER E 237 3.78 -9.16 -35.40
CA SER E 237 5.20 -9.01 -35.72
C SER E 237 5.97 -10.29 -35.39
N LEU E 238 5.56 -10.96 -34.32
CA LEU E 238 6.17 -12.24 -33.95
C LEU E 238 5.80 -13.34 -34.94
N GLN E 239 4.57 -13.30 -35.44
CA GLN E 239 4.12 -14.26 -36.44
C GLN E 239 4.88 -14.08 -37.76
N LEU E 240 5.31 -12.85 -38.03
CA LEU E 240 6.00 -12.56 -39.29
C LEU E 240 7.51 -12.76 -39.20
N GLN E 241 8.04 -12.92 -37.98
CA GLN E 241 9.48 -13.08 -37.80
C GLN E 241 9.97 -14.48 -38.14
N LYS E 242 11.23 -14.58 -38.55
CA LYS E 242 11.84 -15.85 -38.89
C LYS E 242 13.11 -16.09 -38.08
N GLN E 243 14.07 -15.16 -38.23
CA GLN E 243 15.33 -15.26 -37.51
C GLN E 243 15.19 -14.80 -36.06
N ILE E 244 16.06 -15.31 -35.20
CA ILE E 244 16.07 -14.88 -33.79
C ILE E 244 17.17 -13.85 -33.57
N ASP E 245 16.76 -12.59 -33.44
CA ASP E 245 17.70 -11.49 -33.30
C ASP E 245 17.36 -10.67 -32.06
N LEU E 246 17.98 -9.50 -31.93
CA LEU E 246 17.67 -8.60 -30.81
C LEU E 246 16.28 -7.99 -30.97
N ASN E 247 15.81 -7.94 -32.22
CA ASN E 247 14.48 -7.46 -32.52
C ASN E 247 13.43 -8.40 -31.94
N TYR E 248 13.76 -9.70 -31.94
CA TYR E 248 12.89 -10.73 -31.40
C TYR E 248 12.76 -10.61 -29.88
N LEU E 249 13.89 -10.60 -29.21
CA LEU E 249 13.94 -10.50 -27.75
C LEU E 249 13.32 -9.20 -27.30
N ASP E 250 13.48 -8.17 -28.11
CA ASP E 250 12.92 -6.86 -27.81
C ASP E 250 11.40 -6.88 -28.00
N THR E 251 10.95 -7.60 -29.01
CA THR E 251 9.52 -7.71 -29.29
C THR E 251 8.82 -8.45 -28.16
N ILE E 252 9.42 -9.55 -27.71
CA ILE E 252 8.86 -10.32 -26.61
C ILE E 252 9.04 -9.60 -25.27
N TYR E 253 10.02 -8.71 -25.20
CA TYR E 253 10.22 -7.88 -24.02
C TYR E 253 9.11 -6.84 -23.90
N GLU E 254 8.86 -6.13 -25.00
CA GLU E 254 7.81 -5.13 -25.05
C GLU E 254 6.43 -5.79 -24.89
N MET E 255 6.31 -7.02 -25.38
CA MET E 255 5.07 -7.77 -25.22
C MET E 255 4.90 -8.19 -23.76
N ALA E 256 6.01 -8.54 -23.12
CA ALA E 256 6.00 -8.87 -21.71
C ALA E 256 5.54 -7.66 -20.89
N LEU E 257 6.08 -6.50 -21.22
CA LEU E 257 5.70 -5.26 -20.55
C LEU E 257 4.23 -4.93 -20.79
N VAL E 258 3.79 -5.09 -22.03
CA VAL E 258 2.42 -4.72 -22.39
C VAL E 258 1.39 -5.68 -21.81
N CYS E 259 1.79 -6.92 -21.53
CA CYS E 259 0.88 -7.88 -20.91
C CYS E 259 0.97 -7.82 -19.39
N ILE E 260 2.07 -7.26 -18.89
CA ILE E 260 2.20 -6.99 -17.46
C ILE E 260 1.23 -5.89 -17.05
N LYS E 261 1.15 -4.84 -17.86
CA LYS E 261 0.27 -3.71 -17.59
C LYS E 261 -1.20 -4.12 -17.72
N LEU E 262 -1.45 -5.24 -18.38
CA LEU E 262 -2.80 -5.78 -18.51
C LEU E 262 -3.08 -6.77 -17.39
N GLU E 263 -2.18 -6.80 -16.40
CA GLU E 263 -2.30 -7.68 -15.23
C GLU E 263 -2.34 -9.16 -15.62
N GLU E 264 -1.73 -9.49 -16.75
CA GLU E 264 -1.60 -10.87 -17.18
C GLU E 264 -0.24 -11.41 -16.78
N LEU E 265 -0.04 -11.55 -15.47
CA LEU E 265 1.27 -11.88 -14.90
C LEU E 265 1.76 -13.29 -15.25
N GLU E 266 0.84 -14.22 -15.46
CA GLU E 266 1.22 -15.59 -15.76
C GLU E 266 1.80 -15.71 -17.17
N GLU E 267 1.05 -15.23 -18.15
CA GLU E 267 1.52 -15.20 -19.53
C GLU E 267 2.79 -14.36 -19.63
N ALA E 268 2.86 -13.33 -18.79
CA ALA E 268 4.06 -12.50 -18.69
C ALA E 268 5.25 -13.34 -18.26
N ARG E 269 5.05 -14.15 -17.22
CA ARG E 269 6.10 -15.03 -16.71
C ARG E 269 6.53 -16.04 -17.76
N THR E 270 5.57 -16.54 -18.53
CA THR E 270 5.88 -17.49 -19.60
C THR E 270 6.73 -16.84 -20.69
N LEU E 271 6.34 -15.64 -21.10
CA LEU E 271 7.08 -14.90 -22.12
C LEU E 271 8.48 -14.54 -21.64
N ILE E 272 8.60 -14.17 -20.38
CA ILE E 272 9.89 -13.83 -19.79
C ILE E 272 10.79 -15.06 -19.74
N ASP E 273 10.24 -16.19 -19.28
CA ASP E 273 10.97 -17.45 -19.24
C ASP E 273 11.47 -17.80 -20.65
N LYS E 274 10.60 -17.61 -21.63
CA LYS E 274 10.93 -17.85 -23.03
C LYS E 274 12.08 -16.94 -23.46
N GLY E 275 12.05 -15.70 -22.99
CA GLY E 275 13.08 -14.73 -23.33
C GLY E 275 14.44 -15.08 -22.75
N ILE E 276 14.45 -15.46 -21.47
CA ILE E 276 15.69 -15.85 -20.80
C ILE E 276 16.25 -17.11 -21.44
N ASP E 277 15.37 -18.05 -21.77
CA ASP E 277 15.79 -19.30 -22.38
C ASP E 277 16.33 -19.10 -23.79
N ALA E 278 15.77 -18.11 -24.49
CA ALA E 278 16.20 -17.82 -25.86
C ALA E 278 17.49 -17.01 -25.91
N ALA E 279 17.67 -16.13 -24.92
CA ALA E 279 18.84 -15.26 -24.88
C ALA E 279 20.06 -15.96 -24.31
N LYS E 280 19.89 -17.22 -23.91
CA LYS E 280 20.97 -18.02 -23.35
C LYS E 280 21.96 -18.43 -24.43
N GLN E 281 21.50 -18.43 -25.68
CA GLN E 281 22.29 -18.90 -26.82
C GLN E 281 23.64 -18.19 -26.97
N GLU E 282 23.60 -16.89 -27.19
CA GLU E 282 24.81 -16.12 -27.44
C GLU E 282 24.98 -14.95 -26.46
N GLU E 283 26.23 -14.65 -26.12
CA GLU E 283 26.55 -13.57 -25.19
C GLU E 283 26.17 -12.20 -25.74
N ARG E 284 26.08 -12.08 -27.06
CA ARG E 284 25.79 -10.80 -27.69
C ARG E 284 24.36 -10.32 -27.41
N PHE E 285 23.56 -11.18 -26.79
CA PHE E 285 22.20 -10.81 -26.41
C PHE E 285 22.12 -10.43 -24.94
N ASN E 286 23.22 -10.64 -24.22
CA ASN E 286 23.28 -10.47 -22.77
C ASN E 286 22.58 -9.21 -22.23
N ALA E 287 22.91 -8.07 -22.82
CA ALA E 287 22.29 -6.81 -22.44
C ALA E 287 20.78 -6.97 -22.38
N LYS E 288 20.19 -7.32 -23.51
CA LYS E 288 18.75 -7.55 -23.60
C LYS E 288 18.32 -8.54 -22.54
N LEU E 289 19.06 -9.65 -22.42
CA LEU E 289 18.79 -10.66 -21.43
C LEU E 289 18.69 -10.02 -20.06
N TYR E 290 19.73 -9.26 -19.70
CA TYR E 290 19.77 -8.58 -18.41
C TYR E 290 18.53 -7.74 -18.21
N LEU E 291 18.12 -7.02 -19.26
CA LEU E 291 16.96 -6.15 -19.19
C LEU E 291 15.75 -6.94 -18.72
N LEU E 292 15.56 -8.12 -19.30
CA LEU E 292 14.46 -8.99 -18.91
C LEU E 292 14.58 -9.26 -17.41
N LEU E 293 15.75 -9.74 -17.00
CA LEU E 293 16.01 -10.02 -15.60
C LEU E 293 15.72 -8.78 -14.78
N MET E 294 16.15 -7.63 -15.30
CA MET E 294 16.05 -6.36 -14.58
C MET E 294 14.61 -6.04 -14.18
N LEU E 295 13.64 -6.67 -14.82
CA LEU E 295 12.26 -6.49 -14.40
C LEU E 295 11.77 -7.67 -13.57
N ARG E 296 12.15 -8.88 -14.00
CA ARG E 296 11.58 -10.11 -13.44
C ARG E 296 11.67 -10.17 -11.92
N TYR E 297 12.90 -10.24 -11.43
CA TYR E 297 13.14 -10.26 -9.99
C TYR E 297 12.57 -9.01 -9.32
N LYS E 298 12.59 -7.88 -10.04
CA LYS E 298 12.10 -6.64 -9.46
C LYS E 298 10.58 -6.58 -9.40
N TYR E 299 9.93 -7.64 -9.87
CA TYR E 299 8.48 -7.75 -9.79
C TYR E 299 8.06 -8.97 -8.97
N PHE E 300 8.98 -9.93 -8.83
CA PHE E 300 8.66 -11.21 -8.22
C PHE E 300 9.60 -11.61 -7.08
N GLU E 301 10.91 -11.54 -7.34
CA GLU E 301 11.90 -11.95 -6.34
C GLU E 301 12.34 -10.78 -5.47
N GLU E 302 11.78 -10.69 -4.27
CA GLU E 302 12.05 -9.57 -3.37
C GLU E 302 13.00 -9.96 -2.24
N ALA E 303 13.89 -9.05 -1.84
CA ALA E 303 14.05 -7.76 -2.51
C ALA E 303 15.30 -7.76 -3.35
N LYS E 304 15.99 -8.90 -3.35
CA LYS E 304 17.20 -9.10 -4.14
C LYS E 304 16.94 -8.89 -5.63
N ASP E 305 17.96 -8.53 -6.40
CA ASP E 305 19.32 -8.37 -5.92
C ASP E 305 19.73 -6.90 -5.82
N TYR E 306 19.16 -6.08 -6.70
CA TYR E 306 19.56 -4.67 -6.83
C TYR E 306 21.05 -4.52 -7.12
N LYS E 307 21.82 -4.29 -6.06
CA LYS E 307 23.25 -4.03 -6.18
C LYS E 307 23.99 -5.14 -6.94
N ALA E 308 23.68 -6.39 -6.61
CA ALA E 308 24.32 -7.53 -7.24
C ALA E 308 24.16 -7.51 -8.76
N PHE E 309 23.13 -6.83 -9.24
CA PHE E 309 23.04 -6.53 -10.66
C PHE E 309 23.96 -5.35 -10.92
N LEU E 310 23.58 -4.20 -10.36
CA LEU E 310 24.26 -2.93 -10.60
C LEU E 310 25.78 -2.99 -10.42
N GLU E 311 26.21 -3.42 -9.24
CA GLU E 311 27.64 -3.52 -8.92
C GLU E 311 28.41 -4.24 -10.02
N ASN E 312 27.75 -5.18 -10.68
CA ASN E 312 28.27 -5.75 -11.91
C ASN E 312 27.83 -4.89 -13.10
N GLU E 313 26.52 -4.81 -13.32
CA GLU E 313 25.95 -4.19 -14.52
C GLU E 313 26.38 -2.75 -14.78
N ALA E 314 26.94 -2.09 -13.78
CA ALA E 314 27.40 -0.71 -13.95
C ALA E 314 28.58 -0.64 -14.91
N ILE E 315 29.19 -1.78 -15.21
CA ILE E 315 30.35 -1.82 -16.10
C ILE E 315 30.05 -2.28 -17.55
N PRO E 316 29.42 -3.45 -17.73
CA PRO E 316 29.23 -3.90 -19.12
C PRO E 316 28.07 -3.21 -19.82
N LEU E 317 27.28 -2.42 -19.09
CA LEU E 317 26.18 -1.68 -19.70
C LEU E 317 26.71 -0.39 -20.32
N TYR E 318 27.36 -0.53 -21.48
CA TYR E 318 27.93 0.61 -22.19
C TYR E 318 27.86 0.43 -23.69
N LYS E 328 19.64 2.87 -19.15
CA LYS E 328 21.04 2.71 -18.76
C LYS E 328 21.30 3.37 -17.41
N LYS E 329 21.25 4.70 -17.39
CA LYS E 329 21.47 5.45 -16.16
C LYS E 329 20.15 5.86 -15.52
N VAL E 330 19.05 5.56 -16.22
CA VAL E 330 17.72 5.77 -15.67
C VAL E 330 17.44 4.68 -14.62
N TYR E 331 18.17 3.58 -14.73
CA TYR E 331 18.09 2.49 -13.77
C TYR E 331 18.81 2.93 -12.50
N VAL E 332 19.95 3.58 -12.68
CA VAL E 332 20.67 4.19 -11.58
C VAL E 332 19.78 5.26 -10.96
N GLU E 333 19.01 5.93 -11.80
CA GLU E 333 18.05 6.92 -11.33
C GLU E 333 16.95 6.27 -10.52
N LEU E 334 16.59 5.04 -10.86
CA LEU E 334 15.61 4.29 -10.08
C LEU E 334 16.21 3.91 -8.73
N ALA E 335 17.49 3.56 -8.73
CA ALA E 335 18.21 3.25 -7.51
C ALA E 335 18.21 4.46 -6.58
N GLU E 336 18.49 5.63 -7.16
CA GLU E 336 18.48 6.88 -6.41
C GLU E 336 17.06 7.25 -5.99
N HIS E 337 16.08 6.74 -6.74
CA HIS E 337 14.67 7.01 -6.46
C HIS E 337 14.21 6.20 -5.25
N PHE E 338 14.77 5.01 -5.09
CA PHE E 338 14.43 4.18 -3.95
C PHE E 338 15.45 4.32 -2.82
N SER E 339 16.46 5.16 -3.04
CA SER E 339 17.45 5.45 -2.01
C SER E 339 17.17 6.78 -1.33
N SER E 340 16.38 7.62 -1.99
CA SER E 340 16.05 8.95 -1.47
C SER E 340 15.11 8.88 -0.27
N LEU E 341 14.53 7.70 -0.05
CA LEU E 341 13.66 7.48 1.09
C LEU E 341 14.46 7.11 2.34
N SER E 342 15.78 7.14 2.22
CA SER E 342 16.67 6.85 3.33
C SER E 342 17.95 7.66 3.24
N ARG E 343 19.00 7.06 2.69
CA ARG E 343 20.27 7.75 2.49
C ARG E 343 20.31 8.43 1.13
N PHE E 344 20.27 9.77 1.13
CA PHE E 344 20.17 10.53 -0.10
C PHE E 344 21.43 11.36 -0.39
N GLU E 345 22.58 10.90 0.12
CA GLU E 345 23.84 11.57 -0.15
C GLU E 345 24.53 10.98 -1.38
N GLU E 346 24.38 9.67 -1.56
CA GLU E 346 24.90 8.99 -2.74
C GLU E 346 24.15 9.46 -3.98
N SER E 347 22.85 9.70 -3.80
CA SER E 347 21.98 10.13 -4.90
C SER E 347 22.47 11.43 -5.52
N ASN E 348 22.92 12.37 -4.70
CA ASN E 348 23.37 13.67 -5.19
C ASN E 348 24.65 13.59 -6.02
N ARG E 349 25.62 12.82 -5.55
CA ARG E 349 26.87 12.65 -6.28
C ARG E 349 26.65 11.85 -7.57
N TYR E 350 25.73 10.90 -7.50
CA TYR E 350 25.34 10.17 -8.71
C TYR E 350 24.54 11.05 -9.66
N TYR E 351 23.97 12.13 -9.11
CA TYR E 351 23.31 13.14 -9.93
C TYR E 351 24.37 14.00 -10.59
N ARG E 352 25.48 14.20 -9.90
CA ARG E 352 26.63 14.86 -10.49
C ARG E 352 27.15 13.98 -11.62
N LEU E 353 27.01 12.66 -11.44
CA LEU E 353 27.34 11.71 -12.50
C LEU E 353 26.41 11.88 -13.70
N VAL E 354 25.11 11.93 -13.45
CA VAL E 354 24.15 12.05 -14.55
C VAL E 354 24.20 13.40 -15.25
N ILE E 355 24.72 14.42 -14.58
CA ILE E 355 24.93 15.71 -15.24
C ILE E 355 26.31 15.75 -15.91
N ASP E 356 27.19 14.85 -15.51
CA ASP E 356 28.49 14.73 -16.15
C ASP E 356 28.43 13.88 -17.41
N LEU E 357 27.43 13.01 -17.51
CA LEU E 357 27.24 12.22 -18.73
C LEU E 357 26.39 12.96 -19.75
N MET E 358 25.54 13.86 -19.26
CA MET E 358 24.69 14.68 -20.13
C MET E 358 25.44 15.94 -20.57
N ASN E 359 26.74 15.97 -20.30
CA ASN E 359 27.57 17.11 -20.68
C ASN E 359 27.74 17.22 -22.19
N ARG F 7 -29.37 14.16 -35.40
CA ARG F 7 -28.06 14.57 -34.93
C ARG F 7 -26.96 14.24 -35.92
N ASP F 8 -27.04 13.07 -36.53
CA ASP F 8 -26.01 12.63 -37.48
C ASP F 8 -26.61 12.17 -38.81
N VAL F 9 -25.78 12.19 -39.85
CA VAL F 9 -26.20 11.81 -41.19
C VAL F 9 -26.48 10.32 -41.28
N GLU F 10 -27.48 9.95 -42.08
CA GLU F 10 -27.88 8.55 -42.23
C GLU F 10 -26.84 7.72 -42.97
N GLU F 11 -27.11 6.42 -43.09
CA GLU F 11 -26.27 5.47 -43.82
C GLU F 11 -24.84 5.35 -43.28
N ASP F 12 -24.07 6.43 -43.39
CA ASP F 12 -22.64 6.42 -43.02
C ASP F 12 -21.85 5.39 -43.82
N VAL F 13 -22.37 5.03 -44.99
CA VAL F 13 -21.68 4.14 -45.91
C VAL F 13 -20.75 4.98 -46.77
N LYS F 14 -20.90 6.30 -46.64
CA LYS F 14 -20.05 7.25 -47.35
C LYS F 14 -18.60 7.06 -46.92
N GLY F 15 -18.40 6.78 -45.64
CA GLY F 15 -17.08 6.51 -45.11
C GLY F 15 -16.49 5.24 -45.69
N LYS F 16 -17.34 4.27 -45.97
CA LYS F 16 -16.90 3.01 -46.58
C LYS F 16 -16.47 3.24 -48.02
N LEU F 17 -17.12 4.19 -48.69
CA LEU F 17 -16.74 4.58 -50.04
C LEU F 17 -15.47 5.42 -50.01
N ASP F 18 -15.23 6.09 -48.88
CA ASP F 18 -13.99 6.81 -48.67
C ASP F 18 -12.85 5.82 -48.50
N GLU F 19 -13.12 4.73 -47.77
CA GLU F 19 -12.14 3.67 -47.58
C GLU F 19 -11.85 2.96 -48.89
N TRP F 20 -12.90 2.73 -49.68
CA TRP F 20 -12.73 2.09 -50.98
C TRP F 20 -11.95 3.01 -51.92
N LEU F 21 -12.19 4.30 -51.80
CA LEU F 21 -11.44 5.30 -52.56
C LEU F 21 -9.97 5.23 -52.19
N ASN F 22 -9.70 5.18 -50.89
CA ASN F 22 -8.34 5.08 -50.38
C ASN F 22 -7.65 3.83 -50.91
N ALA F 23 -8.37 2.72 -50.93
CA ALA F 23 -7.85 1.46 -51.45
C ALA F 23 -7.57 1.55 -52.94
N LEU F 24 -8.42 2.27 -53.66
CA LEU F 24 -8.24 2.47 -55.10
C LEU F 24 -7.05 3.36 -55.39
N VAL F 25 -6.74 4.27 -54.46
CA VAL F 25 -5.60 5.16 -54.61
C VAL F 25 -4.30 4.42 -54.31
N HIS F 26 -4.30 3.65 -53.23
CA HIS F 26 -3.10 2.90 -52.83
C HIS F 26 -2.98 1.56 -53.56
N LEU F 27 -3.97 1.25 -54.38
CA LEU F 27 -3.97 0.05 -55.22
C LEU F 27 -3.88 -1.26 -54.42
N ASP F 28 -4.33 -1.24 -53.18
CA ASP F 28 -4.37 -2.45 -52.35
C ASP F 28 -5.45 -3.39 -52.89
N LYS F 29 -5.06 -4.25 -53.83
CA LYS F 29 -6.00 -5.12 -54.53
C LYS F 29 -6.86 -5.99 -53.61
N GLN F 30 -6.28 -6.45 -52.51
CA GLN F 30 -7.03 -7.23 -51.54
C GLN F 30 -8.15 -6.39 -50.91
N GLN F 31 -7.80 -5.20 -50.44
CA GLN F 31 -8.77 -4.29 -49.86
C GLN F 31 -9.80 -3.87 -50.89
N VAL F 32 -9.33 -3.61 -52.11
CA VAL F 32 -10.21 -3.18 -53.19
C VAL F 32 -11.28 -4.22 -53.51
N GLU F 33 -10.86 -5.46 -53.76
CA GLU F 33 -11.78 -6.53 -54.10
C GLU F 33 -12.68 -6.91 -52.92
N ARG F 34 -12.11 -6.91 -51.72
CA ARG F 34 -12.88 -7.24 -50.51
C ARG F 34 -13.98 -6.23 -50.26
N ILE F 35 -13.62 -4.94 -50.27
CA ILE F 35 -14.59 -3.88 -50.08
C ILE F 35 -15.61 -3.87 -51.23
N TYR F 36 -15.15 -4.24 -52.42
CA TYR F 36 -16.05 -4.35 -53.58
C TYR F 36 -17.15 -5.39 -53.33
N GLU F 37 -16.73 -6.63 -53.05
CA GLU F 37 -17.67 -7.71 -52.80
C GLU F 37 -18.55 -7.42 -51.58
N GLU F 38 -17.99 -6.73 -50.60
CA GLU F 38 -18.74 -6.33 -49.42
C GLU F 38 -19.83 -5.33 -49.79
N LEU F 39 -19.50 -4.40 -50.68
CA LEU F 39 -20.46 -3.39 -51.13
C LEU F 39 -21.52 -4.00 -52.02
N GLN F 40 -21.19 -5.11 -52.69
CA GLN F 40 -22.16 -5.79 -53.54
C GLN F 40 -23.42 -6.20 -52.77
N GLY F 41 -23.30 -6.30 -51.45
CA GLY F 41 -24.44 -6.57 -50.60
C GLY F 41 -24.80 -5.37 -49.74
N GLU F 42 -23.84 -4.45 -49.59
CA GLU F 42 -24.05 -3.27 -48.75
C GLU F 42 -24.28 -2.00 -49.57
N MET F 43 -24.86 -2.15 -50.76
CA MET F 43 -25.14 -1.01 -51.62
C MET F 43 -26.43 -1.22 -52.40
N LYS F 44 -26.99 -2.41 -52.27
CA LYS F 44 -28.19 -2.78 -53.02
C LYS F 44 -29.43 -2.02 -52.54
N HIS F 45 -29.38 -1.54 -51.30
CA HIS F 45 -30.53 -0.84 -50.72
C HIS F 45 -30.34 0.68 -50.76
N VAL F 46 -29.16 1.13 -51.17
CA VAL F 46 -28.82 2.55 -51.19
C VAL F 46 -29.77 3.37 -52.07
N LEU F 47 -30.28 4.47 -51.53
CA LEU F 47 -31.27 5.29 -52.22
C LEU F 47 -30.72 6.60 -52.76
N ASP F 48 -29.95 7.31 -51.93
CA ASP F 48 -29.46 8.64 -52.29
C ASP F 48 -28.63 8.63 -53.58
N PHE F 49 -28.87 9.61 -54.43
CA PHE F 49 -28.29 9.64 -55.77
C PHE F 49 -26.82 10.03 -55.78
N GLU F 50 -26.42 10.88 -54.83
CA GLU F 50 -25.04 11.35 -54.73
C GLU F 50 -24.10 10.18 -54.40
N ILE F 51 -24.49 9.38 -53.43
CA ILE F 51 -23.69 8.24 -53.00
C ILE F 51 -23.67 7.17 -54.08
N ILE F 52 -24.80 6.99 -54.75
CA ILE F 52 -24.89 6.08 -55.88
C ILE F 52 -23.92 6.48 -56.99
N ASN F 53 -23.86 7.77 -57.28
CA ASN F 53 -22.91 8.29 -58.26
C ASN F 53 -21.46 8.11 -57.81
N TYR F 54 -21.23 8.30 -56.51
CA TYR F 54 -19.90 8.09 -55.92
C TYR F 54 -19.44 6.67 -56.20
N TYR F 55 -20.28 5.70 -55.84
CA TYR F 55 -20.00 4.29 -56.08
C TYR F 55 -19.82 3.98 -57.55
N LYS F 56 -20.69 4.56 -58.38
CA LYS F 56 -20.65 4.34 -59.82
C LYS F 56 -19.32 4.80 -60.41
N LEU F 57 -18.79 5.90 -59.89
CA LEU F 57 -17.56 6.46 -60.42
C LEU F 57 -16.31 5.80 -59.82
N LEU F 58 -16.42 5.29 -58.61
CA LEU F 58 -15.31 4.53 -58.02
C LEU F 58 -15.18 3.17 -58.70
N TYR F 59 -16.33 2.61 -59.08
CA TYR F 59 -16.36 1.32 -59.78
C TYR F 59 -15.65 1.39 -61.12
N THR F 60 -15.61 2.58 -61.71
CA THR F 60 -14.88 2.80 -62.95
C THR F 60 -13.39 2.60 -62.72
N ARG F 61 -12.88 3.16 -61.64
CA ARG F 61 -11.48 2.98 -61.26
C ARG F 61 -11.22 1.53 -60.90
N TYR F 62 -12.22 0.88 -60.31
CA TYR F 62 -12.14 -0.56 -60.04
C TYR F 62 -11.96 -1.32 -61.34
N LEU F 63 -12.62 -0.85 -62.40
CA LEU F 63 -12.51 -1.46 -63.72
C LEU F 63 -11.14 -1.15 -64.35
N ILE F 64 -10.60 0.01 -64.02
CA ILE F 64 -9.26 0.38 -64.48
C ILE F 64 -8.25 -0.56 -63.84
N MET F 65 -8.52 -0.96 -62.60
CA MET F 65 -7.69 -1.95 -61.90
C MET F 65 -7.95 -3.33 -62.47
N LYS F 66 -9.15 -3.52 -63.00
CA LYS F 66 -9.58 -4.81 -63.54
C LYS F 66 -9.06 -4.97 -64.97
N ARG F 67 -8.63 -3.85 -65.55
CA ARG F 67 -8.14 -3.81 -66.94
C ARG F 67 -9.20 -4.22 -67.95
N ASP F 68 -10.47 -4.10 -67.55
CA ASP F 68 -11.59 -4.42 -68.43
C ASP F 68 -12.00 -3.17 -69.20
N ILE F 69 -11.35 -2.94 -70.33
CA ILE F 69 -11.53 -1.70 -71.09
C ILE F 69 -12.92 -1.58 -71.73
N SER F 70 -13.51 -2.71 -72.12
CA SER F 70 -14.82 -2.71 -72.74
C SER F 70 -15.90 -2.34 -71.73
N ALA F 71 -15.89 -3.02 -70.60
CA ALA F 71 -16.84 -2.75 -69.52
C ALA F 71 -16.66 -1.34 -68.99
N LEU F 72 -15.42 -0.87 -68.98
CA LEU F 72 -15.11 0.47 -68.54
C LEU F 72 -15.68 1.51 -69.50
N GLU F 73 -15.53 1.24 -70.80
CA GLU F 73 -16.03 2.14 -71.83
C GLU F 73 -17.56 2.20 -71.80
N GLU F 74 -18.19 1.06 -71.65
CA GLU F 74 -19.65 1.00 -71.55
C GLU F 74 -20.14 1.74 -70.30
N GLU F 75 -19.45 1.52 -69.18
CA GLU F 75 -19.81 2.15 -67.92
C GLU F 75 -19.65 3.66 -67.99
N LEU F 76 -18.60 4.12 -68.67
CA LEU F 76 -18.38 5.55 -68.85
C LEU F 76 -19.41 6.16 -69.78
N ASP F 77 -19.79 5.42 -70.81
CA ASP F 77 -20.83 5.87 -71.74
C ASP F 77 -22.17 5.98 -71.03
N LYS F 78 -22.43 5.09 -70.08
CA LYS F 78 -23.67 5.14 -69.31
C LYS F 78 -23.62 6.24 -68.25
N LEU F 79 -22.43 6.51 -67.73
CA LEU F 79 -22.28 7.52 -66.69
C LEU F 79 -22.09 8.93 -67.26
N LYS F 80 -21.96 9.02 -68.57
CA LYS F 80 -21.79 10.31 -69.24
C LYS F 80 -23.09 11.09 -69.31
N LYS F 81 -24.20 10.37 -69.45
CA LYS F 81 -25.50 10.99 -69.66
C LYS F 81 -26.02 11.75 -68.44
N VAL F 82 -25.42 11.51 -67.27
CA VAL F 82 -25.86 12.14 -66.03
C VAL F 82 -24.88 13.21 -65.58
N TYR F 83 -23.81 13.39 -66.37
CA TYR F 83 -22.70 14.29 -66.06
C TYR F 83 -23.08 15.61 -65.39
N LYS F 84 -24.10 16.28 -65.91
CA LYS F 84 -24.48 17.61 -65.41
C LYS F 84 -24.99 17.61 -63.97
N LYS F 85 -25.35 16.44 -63.46
CA LYS F 85 -25.83 16.33 -62.08
C LYS F 85 -24.71 15.94 -61.11
N TYR F 86 -23.53 15.67 -61.65
CA TYR F 86 -22.38 15.31 -60.84
C TYR F 86 -21.89 16.45 -59.97
N SER F 87 -21.39 16.11 -58.79
CA SER F 87 -20.69 17.07 -57.95
C SER F 87 -19.33 17.30 -58.58
N PRO F 88 -18.64 18.40 -58.24
CA PRO F 88 -17.33 18.70 -58.85
C PRO F 88 -16.32 17.55 -58.74
N PHE F 89 -16.24 16.93 -57.57
CA PHE F 89 -15.32 15.81 -57.37
C PHE F 89 -15.74 14.61 -58.21
N GLN F 90 -17.04 14.44 -58.38
CA GLN F 90 -17.56 13.38 -59.24
C GLN F 90 -17.16 13.62 -60.68
N LYS F 91 -17.24 14.86 -61.12
CA LYS F 91 -16.80 15.24 -62.46
C LYS F 91 -15.31 14.94 -62.62
N LEU F 92 -14.55 15.24 -61.56
CA LEU F 92 -13.12 14.96 -61.53
C LEU F 92 -12.86 13.46 -61.75
N LEU F 93 -13.57 12.64 -60.98
CA LEU F 93 -13.44 11.18 -61.09
C LEU F 93 -13.78 10.70 -62.50
N TYR F 94 -14.84 11.26 -63.07
CA TYR F 94 -15.25 10.90 -64.43
C TYR F 94 -14.16 11.22 -65.44
N MET F 95 -13.63 12.44 -65.36
CA MET F 95 -12.57 12.87 -66.26
C MET F 95 -11.33 11.98 -66.16
N TYR F 96 -10.94 11.67 -64.93
CA TYR F 96 -9.80 10.79 -64.69
C TYR F 96 -10.06 9.42 -65.30
N GLY F 97 -11.28 8.93 -65.12
CA GLY F 97 -11.70 7.65 -65.67
C GLY F 97 -11.59 7.61 -67.18
N ARG F 98 -12.04 8.67 -67.83
CA ARG F 98 -11.96 8.77 -69.29
C ARG F 98 -10.51 8.83 -69.75
N GLY F 99 -9.69 9.58 -69.02
CA GLY F 99 -8.28 9.71 -69.33
C GLY F 99 -7.57 8.37 -69.30
N LEU F 100 -7.73 7.65 -68.19
CA LEU F 100 -7.11 6.33 -68.06
C LEU F 100 -7.72 5.32 -69.03
N LEU F 101 -8.98 5.52 -69.39
CA LEU F 101 -9.65 4.68 -70.38
C LEU F 101 -8.95 4.83 -71.72
N CYS F 102 -8.68 6.08 -72.11
CA CYS F 102 -7.98 6.35 -73.36
C CYS F 102 -6.55 5.86 -73.30
N CYS F 103 -5.93 5.95 -72.12
CA CYS F 103 -4.56 5.49 -71.95
C CYS F 103 -4.44 3.98 -72.07
N LEU F 104 -5.46 3.26 -71.62
CA LEU F 104 -5.48 1.80 -71.74
C LEU F 104 -5.66 1.39 -73.20
N GLN F 105 -6.33 2.23 -73.97
CA GLN F 105 -6.56 1.97 -75.39
C GLN F 105 -5.43 2.55 -76.23
N TYR F 106 -4.36 2.97 -75.55
CA TYR F 106 -3.18 3.55 -76.21
C TYR F 106 -3.49 4.82 -77.01
N ARG F 107 -4.59 5.48 -76.65
CA ARG F 107 -4.93 6.77 -77.23
C ARG F 107 -4.36 7.88 -76.33
N TRP F 108 -3.06 8.13 -76.48
CA TRP F 108 -2.34 8.99 -75.54
C TRP F 108 -2.67 10.47 -75.64
N LYS F 109 -3.14 10.91 -76.81
CA LYS F 109 -3.48 12.32 -76.99
C LYS F 109 -4.77 12.71 -76.26
N ASP F 110 -5.84 11.98 -76.56
CA ASP F 110 -7.13 12.18 -75.90
C ASP F 110 -6.97 11.99 -74.40
N GLY F 111 -6.26 10.93 -74.04
CA GLY F 111 -5.96 10.65 -72.65
C GLY F 111 -5.24 11.81 -71.99
N LEU F 112 -4.27 12.37 -72.71
CA LEU F 112 -3.54 13.54 -72.22
C LEU F 112 -4.49 14.70 -71.96
N ASP F 113 -5.39 14.95 -72.91
CA ASP F 113 -6.36 16.04 -72.76
C ASP F 113 -7.23 15.85 -71.52
N TYR F 114 -7.83 14.67 -71.38
CA TYR F 114 -8.67 14.36 -70.23
C TYR F 114 -7.89 14.47 -68.92
N LEU F 115 -6.62 14.07 -68.95
CA LEU F 115 -5.78 14.11 -67.76
C LEU F 115 -5.41 15.54 -67.39
N LEU F 116 -5.34 16.42 -68.40
CA LEU F 116 -5.04 17.82 -68.16
C LEU F 116 -6.25 18.56 -67.60
N LYS F 117 -7.42 18.27 -68.15
CA LYS F 117 -8.66 18.80 -67.59
C LYS F 117 -8.81 18.30 -66.16
N THR F 118 -8.47 17.04 -65.94
CA THR F 118 -8.50 16.44 -64.62
C THR F 118 -7.50 17.15 -63.70
N GLU F 119 -6.40 17.61 -64.28
CA GLU F 119 -5.36 18.30 -63.52
C GLU F 119 -5.85 19.67 -63.05
N VAL F 120 -6.38 20.47 -63.98
CA VAL F 120 -6.87 21.80 -63.62
C VAL F 120 -8.06 21.70 -62.66
N MET F 121 -8.89 20.67 -62.83
CA MET F 121 -9.99 20.44 -61.91
C MET F 121 -9.49 20.07 -60.52
N ALA F 122 -8.48 19.22 -60.47
CA ALA F 122 -7.89 18.78 -59.21
C ALA F 122 -7.27 19.97 -58.47
N LYS F 123 -6.63 20.85 -59.23
CA LYS F 123 -6.07 22.08 -58.67
C LYS F 123 -7.19 22.97 -58.13
N GLU F 124 -8.28 23.06 -58.90
CA GLU F 124 -9.42 23.89 -58.54
C GLU F 124 -10.07 23.42 -57.24
N GLN F 125 -10.14 22.11 -57.04
CA GLN F 125 -10.80 21.54 -55.87
C GLN F 125 -9.87 21.36 -54.69
N GLY F 126 -8.58 21.57 -54.91
CA GLY F 126 -7.59 21.38 -53.86
C GLY F 126 -7.38 19.92 -53.53
N TYR F 127 -7.75 19.05 -54.47
CA TYR F 127 -7.59 17.61 -54.29
C TYR F 127 -6.31 17.15 -55.00
N HIS F 128 -5.44 16.47 -54.26
CA HIS F 128 -4.17 16.03 -54.82
C HIS F 128 -4.09 14.51 -54.98
N GLU F 129 -3.47 14.10 -56.07
CA GLU F 129 -3.26 12.68 -56.35
C GLU F 129 -2.04 12.54 -57.28
N THR F 130 -0.93 12.09 -56.72
CA THR F 130 0.34 12.01 -57.44
C THR F 130 0.26 11.18 -58.72
N GLY F 131 -0.56 10.13 -58.66
CA GLY F 131 -0.77 9.27 -59.81
C GLY F 131 -1.24 10.00 -61.05
N LEU F 132 -1.93 11.11 -60.82
CA LEU F 132 -2.40 11.95 -61.92
C LEU F 132 -1.23 12.59 -62.66
N TYR F 133 -0.32 13.21 -61.91
CA TYR F 133 0.86 13.83 -62.49
C TYR F 133 1.75 12.77 -63.14
N TYR F 134 1.84 11.61 -62.52
CA TYR F 134 2.59 10.51 -63.11
C TYR F 134 2.01 10.10 -64.45
N ASN F 135 0.68 10.03 -64.52
CA ASN F 135 -0.01 9.65 -65.75
C ASN F 135 0.15 10.68 -66.86
N ILE F 136 0.10 11.96 -66.49
CA ILE F 136 0.30 13.01 -67.47
C ILE F 136 1.73 12.93 -67.99
N ALA F 137 2.67 12.66 -67.09
CA ALA F 137 4.07 12.50 -67.46
C ALA F 137 4.24 11.34 -68.44
N LEU F 138 3.59 10.22 -68.15
CA LEU F 138 3.66 9.04 -69.00
C LEU F 138 3.04 9.32 -70.36
N ALA F 139 1.95 10.07 -70.37
CA ALA F 139 1.27 10.43 -71.60
C ALA F 139 2.16 11.31 -72.47
N TYR F 140 2.87 12.24 -71.84
CA TYR F 140 3.83 13.08 -72.55
C TYR F 140 4.99 12.24 -73.07
N THR F 141 5.38 11.23 -72.30
CA THR F 141 6.46 10.33 -72.69
C THR F 141 6.09 9.54 -73.94
N HIS F 142 4.87 9.02 -73.97
CA HIS F 142 4.38 8.26 -75.12
C HIS F 142 4.23 9.14 -76.36
N LEU F 143 4.10 10.44 -76.16
CA LEU F 143 4.01 11.38 -77.29
C LEU F 143 5.38 11.94 -77.64
N ASP F 144 6.42 11.17 -77.28
CA ASP F 144 7.81 11.44 -77.66
C ASP F 144 8.52 12.58 -76.94
N ILE F 145 9.40 12.20 -76.02
CA ILE F 145 10.39 13.06 -75.37
C ILE F 145 10.02 14.52 -75.13
N HIS F 146 8.85 14.75 -74.54
CA HIS F 146 8.46 16.10 -74.19
C HIS F 146 9.22 16.59 -72.97
N HIS F 147 9.53 17.89 -72.94
CA HIS F 147 10.11 18.51 -71.76
C HIS F 147 9.09 18.44 -70.64
N LEU F 148 7.82 18.53 -71.02
CA LEU F 148 6.69 18.41 -70.11
C LEU F 148 6.72 17.07 -69.40
N ALA F 149 7.19 16.03 -70.10
CA ALA F 149 7.34 14.71 -69.50
C ALA F 149 8.29 14.77 -68.31
N ILE F 150 9.45 15.38 -68.51
CA ILE F 150 10.42 15.54 -67.43
C ILE F 150 9.84 16.41 -66.30
N HIS F 151 9.08 17.43 -66.67
CA HIS F 151 8.44 18.31 -65.70
C HIS F 151 7.50 17.54 -64.76
N PHE F 152 6.48 16.92 -65.34
CA PHE F 152 5.50 16.17 -64.56
C PHE F 152 6.12 14.96 -63.87
N VAL F 153 7.18 14.40 -64.45
CA VAL F 153 7.91 13.32 -63.79
C VAL F 153 8.55 13.86 -62.52
N ASN F 154 9.12 15.05 -62.61
CA ASN F 154 9.74 15.68 -61.44
C ASN F 154 8.71 15.98 -60.35
N MET F 155 7.55 16.48 -60.74
CA MET F 155 6.48 16.75 -59.78
C MET F 155 6.00 15.46 -59.09
N ALA F 156 5.69 14.46 -59.91
CA ALA F 156 5.24 13.17 -59.43
C ALA F 156 6.29 12.52 -58.54
N LEU F 157 7.55 12.82 -58.83
CA LEU F 157 8.67 12.28 -58.05
C LEU F 157 8.69 12.95 -56.69
N GLU F 158 8.47 14.27 -56.68
CA GLU F 158 8.37 15.03 -55.45
C GLU F 158 7.25 14.48 -54.57
N GLY F 159 6.14 14.09 -55.19
CA GLY F 159 5.04 13.50 -54.44
C GLY F 159 5.35 12.12 -53.90
N PHE F 160 5.80 11.24 -54.80
CA PHE F 160 6.11 9.86 -54.46
C PHE F 160 7.15 9.74 -53.35
N ARG F 161 8.18 10.59 -53.40
CA ARG F 161 9.21 10.57 -52.37
C ARG F 161 8.64 10.85 -50.99
N SER F 162 7.67 11.76 -50.94
CA SER F 162 7.02 12.10 -49.67
C SER F 162 5.99 11.04 -49.28
N GLU F 163 5.54 10.26 -50.26
CA GLU F 163 4.56 9.20 -49.99
C GLU F 163 5.20 7.82 -49.88
N TYR F 164 6.54 7.78 -49.93
CA TYR F 164 7.31 6.53 -49.84
C TYR F 164 6.95 5.53 -50.94
N LYS F 165 6.53 6.03 -52.09
CA LYS F 165 6.12 5.17 -53.20
C LYS F 165 7.30 4.85 -54.11
N PHE F 166 8.22 4.04 -53.63
CA PHE F 166 9.46 3.73 -54.36
C PHE F 166 9.22 2.97 -55.65
N ARG F 167 8.23 2.07 -55.65
CA ARG F 167 7.89 1.28 -56.82
C ARG F 167 7.46 2.18 -57.97
N ASN F 168 6.87 3.32 -57.63
CA ASN F 168 6.50 4.32 -58.63
C ASN F 168 7.70 5.19 -58.98
N ILE F 169 8.52 5.49 -57.98
CA ILE F 169 9.72 6.29 -58.16
C ILE F 169 10.63 5.69 -59.23
N ILE F 170 10.87 4.38 -59.16
CA ILE F 170 11.73 3.72 -60.13
C ILE F 170 11.13 3.79 -61.55
N ASN F 171 9.80 3.76 -61.63
CA ASN F 171 9.12 3.93 -62.91
C ASN F 171 9.34 5.32 -63.47
N CYS F 172 9.30 6.32 -62.59
CA CYS F 172 9.60 7.70 -62.98
C CYS F 172 11.03 7.79 -63.50
N GLN F 173 11.92 7.09 -62.81
CA GLN F 173 13.32 7.02 -63.21
C GLN F 173 13.46 6.42 -64.61
N ILE F 174 12.64 5.41 -64.90
CA ILE F 174 12.63 4.81 -66.23
C ILE F 174 12.09 5.82 -67.26
N LEU F 175 11.13 6.64 -66.84
CA LEU F 175 10.59 7.68 -67.72
C LEU F 175 11.64 8.71 -68.12
N ILE F 176 12.32 9.27 -67.13
CA ILE F 176 13.41 10.21 -67.44
C ILE F 176 14.55 9.50 -68.15
N ALA F 177 14.66 8.19 -67.95
CA ALA F 177 15.67 7.39 -68.63
C ALA F 177 15.41 7.34 -70.13
N VAL F 178 14.17 7.04 -70.51
CA VAL F 178 13.83 7.02 -71.93
C VAL F 178 13.83 8.45 -72.48
N SER F 179 13.61 9.42 -71.61
CA SER F 179 13.68 10.83 -72.00
C SER F 179 15.08 11.20 -72.43
N TYR F 180 16.06 10.97 -71.55
CA TYR F 180 17.46 11.22 -71.89
C TYR F 180 17.89 10.36 -73.07
N THR F 181 17.38 9.13 -73.12
CA THR F 181 17.71 8.19 -74.18
C THR F 181 17.34 8.73 -75.56
N GLU F 182 16.08 9.11 -75.73
CA GLU F 182 15.60 9.56 -77.03
C GLU F 182 15.89 11.05 -77.26
N LYS F 183 16.68 11.65 -76.38
CA LYS F 183 17.09 13.04 -76.54
C LYS F 183 18.56 13.11 -76.92
N GLY F 184 19.21 11.96 -77.01
CA GLY F 184 20.60 11.88 -77.41
C GLY F 184 21.54 11.45 -76.31
N GLN F 185 21.23 11.85 -75.07
CA GLN F 185 22.08 11.53 -73.93
C GLN F 185 22.08 10.04 -73.63
N TYR F 186 22.94 9.30 -74.32
CA TYR F 186 22.98 7.85 -74.21
C TYR F 186 23.73 7.36 -72.97
N GLU F 187 24.85 8.00 -72.65
CA GLU F 187 25.71 7.56 -71.56
C GLU F 187 25.03 7.69 -70.19
N GLU F 188 24.48 8.86 -69.91
CA GLU F 188 23.79 9.10 -68.65
C GLU F 188 22.60 8.16 -68.51
N ALA F 189 21.87 7.97 -69.60
CA ALA F 189 20.73 7.04 -69.62
C ALA F 189 21.19 5.61 -69.35
N LEU F 190 22.40 5.29 -69.81
CA LEU F 190 22.97 3.97 -69.56
C LEU F 190 23.34 3.79 -68.10
N LYS F 191 23.89 4.83 -67.48
CA LYS F 191 24.21 4.79 -66.05
C LYS F 191 22.93 4.60 -65.25
N MET F 192 21.91 5.38 -65.60
CA MET F 192 20.61 5.28 -64.97
C MET F 192 20.05 3.88 -65.10
N TYR F 193 20.15 3.31 -66.29
CA TYR F 193 19.65 1.96 -66.54
C TYR F 193 20.44 0.91 -65.78
N GLU F 194 21.72 1.18 -65.52
CA GLU F 194 22.55 0.28 -64.73
C GLU F 194 22.07 0.27 -63.29
N SER F 195 21.89 1.47 -62.73
CA SER F 195 21.41 1.60 -61.36
C SER F 195 20.01 0.98 -61.19
N ILE F 196 19.14 1.26 -62.15
CA ILE F 196 17.78 0.71 -62.15
C ILE F 196 17.81 -0.80 -62.22
N LEU F 197 18.59 -1.34 -63.15
CA LEU F 197 18.72 -2.78 -63.32
C LEU F 197 19.25 -3.44 -62.06
N ARG F 198 20.13 -2.74 -61.35
CA ARG F 198 20.67 -3.25 -60.09
C ARG F 198 19.62 -3.25 -58.98
N GLU F 199 18.91 -2.14 -58.83
CA GLU F 199 17.99 -1.96 -57.71
C GLU F 199 16.57 -2.49 -57.97
N ALA F 200 16.34 -3.05 -59.15
CA ALA F 200 15.04 -3.60 -59.49
C ALA F 200 14.87 -5.01 -58.94
N THR F 201 16.00 -5.64 -58.60
CA THR F 201 15.99 -7.00 -58.08
C THR F 201 15.51 -7.04 -56.64
N SER F 202 15.36 -5.87 -56.02
CA SER F 202 14.93 -5.78 -54.64
C SER F 202 13.41 -5.70 -54.54
N PHE F 203 12.75 -5.58 -55.69
CA PHE F 203 11.30 -5.49 -55.72
C PHE F 203 10.64 -6.83 -55.96
N ALA F 204 9.36 -6.93 -55.62
CA ALA F 204 8.60 -8.17 -55.76
C ALA F 204 8.42 -8.54 -57.23
N ASP F 205 8.31 -7.53 -58.08
CA ASP F 205 8.16 -7.77 -59.52
C ASP F 205 9.37 -7.30 -60.31
N LYS F 206 10.50 -7.98 -60.09
CA LYS F 206 11.75 -7.64 -60.76
C LYS F 206 11.68 -7.88 -62.27
N ASP F 207 10.85 -8.83 -62.68
CA ASP F 207 10.82 -9.29 -64.07
C ASP F 207 10.41 -8.21 -65.08
N VAL F 208 9.38 -7.44 -64.76
CA VAL F 208 8.89 -6.40 -65.67
C VAL F 208 9.89 -5.24 -65.78
N LEU F 209 10.39 -4.78 -64.64
CA LEU F 209 11.39 -3.73 -64.59
C LEU F 209 12.64 -4.13 -65.37
N LEU F 210 13.07 -5.38 -65.17
CA LEU F 210 14.22 -5.92 -65.87
C LEU F 210 13.96 -6.01 -67.36
N ALA F 211 12.74 -6.38 -67.73
CA ALA F 211 12.36 -6.49 -69.14
C ALA F 211 12.46 -5.14 -69.84
N ILE F 212 11.84 -4.13 -69.23
CA ILE F 212 11.88 -2.77 -69.77
C ILE F 212 13.30 -2.24 -69.85
N THR F 213 14.04 -2.40 -68.76
CA THR F 213 15.42 -1.92 -68.66
C THR F 213 16.32 -2.56 -69.72
N LEU F 214 16.22 -3.87 -69.89
CA LEU F 214 17.03 -4.59 -70.88
C LEU F 214 16.62 -4.22 -72.30
N SER F 215 15.32 -4.03 -72.52
CA SER F 215 14.81 -3.63 -73.82
C SER F 215 15.39 -2.28 -74.23
N ASN F 216 15.23 -1.29 -73.35
CA ASN F 216 15.70 0.06 -73.63
C ASN F 216 17.23 0.16 -73.69
N MET F 217 17.90 -0.65 -72.88
CA MET F 217 19.36 -0.76 -72.96
C MET F 217 19.74 -1.28 -74.33
N GLY F 218 18.97 -2.25 -74.82
CA GLY F 218 19.17 -2.78 -76.16
C GLY F 218 18.97 -1.70 -77.20
N SER F 219 18.02 -0.80 -76.94
CA SER F 219 17.78 0.33 -77.84
C SER F 219 18.97 1.29 -77.87
N ILE F 220 19.49 1.62 -76.70
CA ILE F 220 20.62 2.52 -76.59
C ILE F 220 21.87 1.95 -77.26
N TYR F 221 22.16 0.68 -76.97
CA TYR F 221 23.29 0.01 -77.59
C TYR F 221 23.08 -0.16 -79.09
N TYR F 222 21.83 -0.25 -79.52
CA TYR F 222 21.50 -0.27 -80.93
C TYR F 222 21.87 1.05 -81.57
N LYS F 223 21.55 2.15 -80.88
CA LYS F 223 21.85 3.48 -81.39
C LYS F 223 23.35 3.77 -81.36
N LYS F 224 24.07 3.12 -80.46
CA LYS F 224 25.52 3.25 -80.40
C LYS F 224 26.18 2.43 -81.51
N GLY F 225 25.67 1.22 -81.73
CA GLY F 225 26.15 0.38 -82.81
C GLY F 225 26.84 -0.89 -82.36
N LYS F 226 26.35 -1.49 -81.28
CA LYS F 226 26.88 -2.75 -80.80
C LYS F 226 26.17 -3.92 -81.47
N TYR F 227 24.86 -3.79 -81.61
CA TYR F 227 24.03 -4.73 -82.38
C TYR F 227 24.02 -6.17 -81.85
N GLN F 228 25.19 -6.77 -81.69
CA GLN F 228 25.30 -8.11 -81.14
C GLN F 228 24.86 -8.11 -79.67
N GLN F 229 25.51 -7.26 -78.88
CA GLN F 229 25.17 -7.11 -77.47
C GLN F 229 23.74 -6.60 -77.34
N ALA F 230 23.34 -5.73 -78.26
CA ALA F 230 21.97 -5.22 -78.30
C ALA F 230 21.00 -6.37 -78.52
N LYS F 231 21.31 -7.24 -79.48
CA LYS F 231 20.48 -8.41 -79.77
C LYS F 231 20.37 -9.31 -78.55
N LYS F 232 21.48 -9.48 -77.84
CA LYS F 232 21.47 -10.27 -76.61
C LYS F 232 20.56 -9.65 -75.57
N TYR F 233 20.61 -8.33 -75.44
CA TYR F 233 19.76 -7.60 -74.50
C TYR F 233 18.27 -7.77 -74.83
N TYR F 234 17.94 -7.64 -76.11
CA TYR F 234 16.58 -7.85 -76.57
C TYR F 234 16.13 -9.28 -76.27
N LEU F 235 17.05 -10.23 -76.46
CA LEU F 235 16.76 -11.64 -76.23
C LEU F 235 16.45 -11.90 -74.75
N ASP F 236 17.28 -11.38 -73.87
CA ASP F 236 17.07 -11.52 -72.43
C ASP F 236 15.77 -10.85 -72.00
N SER F 237 15.50 -9.68 -72.58
CA SER F 237 14.27 -8.96 -72.28
C SER F 237 13.06 -9.80 -72.66
N LEU F 238 13.08 -10.37 -73.85
CA LEU F 238 12.02 -11.25 -74.31
C LEU F 238 11.86 -12.46 -73.39
N GLN F 239 12.99 -13.00 -72.96
CA GLN F 239 12.99 -14.16 -72.06
C GLN F 239 12.34 -13.81 -70.72
N LEU F 240 12.50 -12.56 -70.30
CA LEU F 240 11.97 -12.13 -69.01
C LEU F 240 10.49 -11.73 -69.04
N GLN F 241 9.98 -11.43 -70.23
CA GLN F 241 8.59 -11.02 -70.36
C GLN F 241 7.64 -12.19 -70.11
N LYS F 242 6.39 -11.88 -69.76
CA LYS F 242 5.41 -12.92 -69.43
C LYS F 242 4.07 -12.75 -70.13
N GLN F 243 3.82 -11.56 -70.68
CA GLN F 243 2.56 -11.30 -71.37
C GLN F 243 2.72 -10.31 -72.51
N ILE F 244 1.97 -10.54 -73.59
CA ILE F 244 2.08 -9.70 -74.79
C ILE F 244 1.36 -8.36 -74.63
N ASP F 245 2.08 -7.29 -74.96
CA ASP F 245 1.52 -5.94 -74.90
C ASP F 245 2.27 -5.01 -75.84
N LEU F 246 2.20 -3.71 -75.58
CA LEU F 246 2.87 -2.73 -76.42
C LEU F 246 4.38 -2.87 -76.32
N ASN F 247 4.86 -3.12 -75.10
CA ASN F 247 6.30 -3.31 -74.88
C ASN F 247 6.84 -4.50 -75.66
N TYR F 248 6.10 -5.60 -75.64
CA TYR F 248 6.49 -6.80 -76.37
C TYR F 248 6.62 -6.52 -77.86
N LEU F 249 5.59 -5.90 -78.43
CA LEU F 249 5.58 -5.54 -79.84
C LEU F 249 6.73 -4.60 -80.19
N ASP F 250 7.03 -3.68 -79.28
CA ASP F 250 8.13 -2.74 -79.50
C ASP F 250 9.47 -3.45 -79.52
N THR F 251 9.64 -4.39 -78.59
CA THR F 251 10.87 -5.16 -78.51
C THR F 251 11.05 -6.03 -79.75
N ILE F 252 9.96 -6.62 -80.21
CA ILE F 252 9.98 -7.43 -81.43
C ILE F 252 10.34 -6.56 -82.64
N TYR F 253 9.78 -5.36 -82.68
CA TYR F 253 10.06 -4.43 -83.76
C TYR F 253 11.53 -4.02 -83.80
N GLU F 254 12.04 -3.58 -82.66
CA GLU F 254 13.43 -3.14 -82.58
C GLU F 254 14.41 -4.28 -82.81
N MET F 255 14.03 -5.49 -82.40
CA MET F 255 14.86 -6.66 -82.64
C MET F 255 14.85 -7.02 -84.11
N ALA F 256 13.72 -6.77 -84.77
CA ALA F 256 13.62 -6.97 -86.21
C ALA F 256 14.52 -5.97 -86.92
N LEU F 257 14.58 -4.75 -86.39
CA LEU F 257 15.45 -3.72 -86.95
C LEU F 257 16.92 -4.09 -86.80
N VAL F 258 17.32 -4.48 -85.59
CA VAL F 258 18.71 -4.83 -85.32
C VAL F 258 19.12 -6.10 -86.07
N CYS F 259 18.14 -6.95 -86.38
CA CYS F 259 18.40 -8.13 -87.19
C CYS F 259 18.55 -7.73 -88.66
N ILE F 260 17.77 -6.75 -89.09
CA ILE F 260 17.88 -6.23 -90.44
C ILE F 260 19.26 -5.62 -90.67
N LYS F 261 19.72 -4.84 -89.70
CA LYS F 261 21.03 -4.21 -89.79
C LYS F 261 22.16 -5.23 -89.65
N LEU F 262 21.90 -6.32 -88.92
CA LEU F 262 22.88 -7.38 -88.76
C LEU F 262 22.83 -8.36 -89.92
N GLU F 263 22.03 -8.02 -90.93
CA GLU F 263 21.93 -8.80 -92.17
C GLU F 263 21.43 -10.22 -91.95
N GLU F 264 20.64 -10.42 -90.90
CA GLU F 264 19.98 -11.69 -90.66
C GLU F 264 18.52 -11.56 -91.08
N LEU F 265 18.32 -11.37 -92.38
CA LEU F 265 17.01 -11.03 -92.93
C LEU F 265 15.94 -12.12 -92.73
N GLU F 266 16.38 -13.38 -92.63
CA GLU F 266 15.46 -14.48 -92.41
C GLU F 266 14.82 -14.38 -91.03
N GLU F 267 15.66 -14.33 -90.01
CA GLU F 267 15.21 -14.20 -88.63
C GLU F 267 14.42 -12.90 -88.44
N ALA F 268 14.84 -11.86 -89.16
CA ALA F 268 14.15 -10.58 -89.12
C ALA F 268 12.74 -10.72 -89.68
N ARG F 269 12.62 -11.48 -90.76
CA ARG F 269 11.32 -11.74 -91.38
C ARG F 269 10.44 -12.50 -90.40
N THR F 270 11.02 -13.51 -89.75
CA THR F 270 10.31 -14.29 -88.74
C THR F 270 9.78 -13.39 -87.62
N LEU F 271 10.64 -12.51 -87.12
CA LEU F 271 10.26 -11.58 -86.06
C LEU F 271 9.14 -10.64 -86.49
N ILE F 272 9.27 -10.05 -87.67
CA ILE F 272 8.28 -9.07 -88.13
C ILE F 272 6.93 -9.72 -88.44
N ASP F 273 6.92 -10.90 -89.06
CA ASP F 273 5.65 -11.58 -89.32
C ASP F 273 5.02 -12.11 -88.03
N LYS F 274 5.86 -12.46 -87.07
CA LYS F 274 5.39 -12.82 -85.73
C LYS F 274 4.67 -11.63 -85.11
N GLY F 275 5.32 -10.47 -85.15
CA GLY F 275 4.75 -9.25 -84.61
C GLY F 275 3.44 -8.87 -85.27
N ILE F 276 3.39 -8.93 -86.60
CA ILE F 276 2.18 -8.59 -87.35
C ILE F 276 1.05 -9.58 -87.03
N ASP F 277 1.38 -10.87 -87.02
CA ASP F 277 0.39 -11.90 -86.73
C ASP F 277 -0.02 -11.91 -85.25
N ALA F 278 0.71 -11.17 -84.43
CA ALA F 278 0.36 -11.05 -83.02
C ALA F 278 -0.01 -9.61 -82.65
N ALA F 279 -0.67 -8.90 -83.56
CA ALA F 279 -1.06 -7.52 -83.32
C ALA F 279 -2.35 -7.16 -84.05
N LYS F 280 -2.82 -8.06 -84.90
CA LYS F 280 -3.99 -7.79 -85.73
C LYS F 280 -5.31 -8.13 -85.03
N GLN F 281 -5.21 -8.65 -83.81
CA GLN F 281 -6.38 -9.22 -83.14
C GLN F 281 -7.03 -8.30 -82.11
N GLU F 282 -6.28 -7.32 -81.61
CA GLU F 282 -6.78 -6.48 -80.52
C GLU F 282 -7.13 -5.07 -80.95
N GLU F 283 -6.53 -4.63 -82.06
CA GLU F 283 -6.77 -3.30 -82.64
C GLU F 283 -6.23 -2.14 -81.79
N ARG F 284 -6.01 -2.38 -80.50
CA ARG F 284 -5.41 -1.37 -79.64
C ARG F 284 -3.92 -1.26 -79.98
N PHE F 285 -3.39 -2.29 -80.63
CA PHE F 285 -2.00 -2.31 -81.05
C PHE F 285 -1.87 -1.87 -82.50
N ASN F 286 -2.85 -1.10 -82.97
CA ASN F 286 -2.90 -0.67 -84.37
C ASN F 286 -1.69 0.17 -84.79
N ALA F 287 -1.15 0.93 -83.85
CA ALA F 287 0.01 1.77 -84.13
C ALA F 287 1.24 0.94 -84.45
N LYS F 288 1.57 0.01 -83.55
CA LYS F 288 2.71 -0.89 -83.75
C LYS F 288 2.45 -1.81 -84.93
N LEU F 289 1.18 -2.11 -85.16
CA LEU F 289 0.76 -2.92 -86.31
C LEU F 289 1.19 -2.21 -87.59
N TYR F 290 0.77 -0.95 -87.72
CA TYR F 290 1.11 -0.16 -88.90
C TYR F 290 2.60 0.15 -88.99
N LEU F 291 3.28 0.13 -87.85
CA LEU F 291 4.72 0.34 -87.84
C LEU F 291 5.43 -0.87 -88.46
N LEU F 292 5.04 -2.06 -88.00
CA LEU F 292 5.57 -3.31 -88.54
C LEU F 292 5.20 -3.43 -90.02
N LEU F 293 4.01 -2.96 -90.37
CA LEU F 293 3.56 -2.97 -91.76
C LEU F 293 4.45 -2.05 -92.61
N MET F 294 4.77 -0.88 -92.07
CA MET F 294 5.69 0.03 -92.72
C MET F 294 7.04 -0.62 -92.94
N LEU F 295 7.49 -1.37 -91.93
CA LEU F 295 8.75 -2.09 -92.02
C LEU F 295 8.72 -3.12 -93.15
N ARG F 296 7.64 -3.90 -93.21
CA ARG F 296 7.48 -4.91 -94.25
C ARG F 296 7.44 -4.32 -95.65
N TYR F 297 6.61 -3.29 -95.84
CA TYR F 297 6.51 -2.63 -97.13
C TYR F 297 7.82 -1.93 -97.51
N LYS F 298 8.61 -1.58 -96.51
CA LYS F 298 9.89 -0.91 -96.75
C LYS F 298 10.97 -1.90 -97.18
N TYR F 299 10.96 -3.09 -96.59
CA TYR F 299 12.02 -4.06 -96.87
C TYR F 299 11.60 -5.24 -97.74
N PHE F 300 10.43 -5.81 -97.48
CA PHE F 300 10.02 -7.03 -98.15
C PHE F 300 8.99 -6.81 -99.26
N GLU F 301 8.64 -5.55 -99.51
CA GLU F 301 7.71 -5.20 -100.58
C GLU F 301 8.16 -3.96 -101.32
N GLU F 302 9.41 -3.95 -101.75
CA GLU F 302 9.99 -2.79 -102.43
C GLU F 302 9.38 -2.57 -103.82
N ALA F 303 8.47 -1.61 -103.90
CA ALA F 303 7.82 -1.24 -105.15
C ALA F 303 7.08 0.08 -105.01
N LYS F 304 6.09 0.29 -105.87
CA LYS F 304 5.21 1.45 -105.76
C LYS F 304 4.18 1.17 -104.67
N ASP F 305 4.08 -0.09 -104.27
CA ASP F 305 3.17 -0.52 -103.22
C ASP F 305 3.53 0.15 -101.90
N TYR F 306 4.80 0.48 -101.72
CA TYR F 306 5.28 1.15 -100.52
C TYR F 306 4.75 2.57 -100.44
N LYS F 307 4.93 3.33 -101.52
CA LYS F 307 4.45 4.70 -101.58
C LYS F 307 2.93 4.73 -101.51
N ALA F 308 2.29 3.76 -102.14
CA ALA F 308 0.84 3.63 -102.10
C ALA F 308 0.37 3.39 -100.66
N PHE F 309 1.13 2.56 -99.94
CA PHE F 309 0.82 2.25 -98.55
C PHE F 309 1.04 3.46 -97.64
N LEU F 310 2.01 4.29 -98.01
CA LEU F 310 2.30 5.50 -97.25
C LEU F 310 1.24 6.58 -97.47
N GLU F 311 0.75 6.67 -98.69
CA GLU F 311 -0.34 7.60 -99.01
C GLU F 311 -1.65 7.11 -98.40
N ASN F 312 -1.78 5.79 -98.29
CA ASN F 312 -2.95 5.18 -97.69
C ASN F 312 -2.95 5.34 -96.18
N GLU F 313 -1.76 5.28 -95.58
CA GLU F 313 -1.61 5.35 -94.14
C GLU F 313 -1.90 6.75 -93.60
N ALA F 314 -1.95 7.73 -94.50
CA ALA F 314 -2.12 9.14 -94.13
C ALA F 314 -3.33 9.42 -93.24
N ILE F 315 -3.28 8.94 -92.00
CA ILE F 315 -4.31 9.22 -91.01
C ILE F 315 -3.83 9.73 -89.64
N PRO F 316 -2.63 9.30 -89.17
CA PRO F 316 -2.25 9.88 -87.88
C PRO F 316 -1.40 11.14 -88.07
N VAL F 330 7.52 10.17 -88.78
CA VAL F 330 7.76 11.26 -89.71
C VAL F 330 7.98 10.74 -91.13
N TYR F 331 7.14 9.81 -91.55
CA TYR F 331 7.23 9.22 -92.89
C TYR F 331 6.98 10.27 -93.97
N VAL F 332 6.29 11.34 -93.58
CA VAL F 332 6.02 12.45 -94.50
C VAL F 332 7.31 13.16 -94.92
N GLU F 333 8.35 12.99 -94.11
CA GLU F 333 9.68 13.50 -94.45
C GLU F 333 10.45 12.44 -95.23
N LEU F 334 10.12 11.18 -94.96
CA LEU F 334 10.78 10.07 -95.65
C LEU F 334 10.36 10.06 -97.13
N ALA F 335 9.13 10.48 -97.39
CA ALA F 335 8.63 10.59 -98.75
C ALA F 335 9.33 11.74 -99.47
N GLU F 336 9.78 12.72 -98.70
CA GLU F 336 10.59 13.80 -99.24
C GLU F 336 11.95 13.23 -99.60
N HIS F 337 12.55 12.51 -98.66
CA HIS F 337 13.87 11.92 -98.82
C HIS F 337 13.90 10.94 -100.00
N PHE F 338 12.76 10.35 -100.30
CA PHE F 338 12.65 9.41 -101.41
C PHE F 338 12.37 10.14 -102.73
N SER F 339 11.23 10.82 -102.79
CA SER F 339 10.77 11.45 -104.02
C SER F 339 11.58 12.69 -104.41
N SER F 340 12.59 13.03 -103.60
CA SER F 340 13.48 14.14 -103.93
C SER F 340 14.26 13.85 -105.21
N LEU F 341 14.79 12.64 -105.30
CA LEU F 341 15.52 12.23 -106.50
C LEU F 341 14.59 12.27 -107.72
N SER F 342 15.08 12.92 -108.78
CA SER F 342 14.34 13.12 -110.03
C SER F 342 13.21 14.15 -109.97
N ARG F 343 12.36 14.07 -108.96
CA ARG F 343 11.15 14.90 -108.91
C ARG F 343 11.33 16.28 -108.27
N PHE F 344 12.09 16.35 -107.18
CA PHE F 344 12.34 17.60 -106.45
C PHE F 344 11.10 18.22 -105.80
N GLU F 345 10.14 18.64 -106.63
CA GLU F 345 8.98 19.41 -106.17
C GLU F 345 8.04 18.64 -105.23
N GLU F 346 7.66 17.43 -105.65
CA GLU F 346 6.75 16.60 -104.86
C GLU F 346 7.31 16.29 -103.48
N SER F 347 8.63 16.40 -103.34
CA SER F 347 9.30 16.26 -102.06
C SER F 347 9.32 17.60 -101.35
N ASN F 348 9.55 18.66 -102.11
CA ASN F 348 9.56 20.03 -101.58
C ASN F 348 8.30 20.35 -100.80
N ARG F 349 7.14 20.08 -101.42
CA ARG F 349 5.87 20.31 -100.74
C ARG F 349 5.76 19.46 -99.48
N TYR F 350 6.38 18.27 -99.51
CA TYR F 350 6.35 17.36 -98.38
C TYR F 350 7.11 17.90 -97.19
N TYR F 351 8.36 18.35 -97.40
CA TYR F 351 9.09 18.93 -96.28
C TYR F 351 8.43 20.22 -95.82
N ARG F 352 7.86 20.98 -96.76
CA ARG F 352 7.11 22.18 -96.38
C ARG F 352 5.99 21.79 -95.42
N LEU F 353 5.38 20.64 -95.68
CA LEU F 353 4.33 20.12 -94.81
C LEU F 353 4.86 19.70 -93.44
N VAL F 354 6.01 19.00 -93.43
CA VAL F 354 6.56 18.51 -92.16
C VAL F 354 7.12 19.62 -91.29
N ILE F 355 7.54 20.73 -91.90
CA ILE F 355 8.06 21.86 -91.16
C ILE F 355 6.91 22.79 -90.74
N ASP F 356 5.83 22.77 -91.53
CA ASP F 356 4.61 23.47 -91.15
C ASP F 356 4.00 22.77 -89.93
N LEU F 357 4.11 21.45 -89.90
CA LEU F 357 3.62 20.65 -88.78
C LEU F 357 4.60 20.75 -87.61
N MET F 358 5.88 20.92 -87.92
CA MET F 358 6.90 21.05 -86.89
C MET F 358 6.73 22.35 -86.11
N ASN F 359 6.55 23.44 -86.84
CA ASN F 359 6.35 24.75 -86.22
C ASN F 359 5.03 24.83 -85.46
N ASP F 360 3.97 24.31 -86.08
CA ASP F 360 2.65 24.32 -85.47
C ASP F 360 2.48 23.17 -84.49
N VAL G 9 61.44 21.01 -44.61
CA VAL G 9 61.73 21.39 -45.99
C VAL G 9 60.43 21.68 -46.74
N GLU G 10 59.33 21.14 -46.23
CA GLU G 10 58.02 21.35 -46.85
C GLU G 10 57.59 22.81 -46.76
N GLU G 11 57.10 23.34 -47.87
CA GLU G 11 56.73 24.76 -47.94
C GLU G 11 55.47 25.05 -47.12
N ASP G 12 55.35 26.30 -46.69
CA ASP G 12 54.18 26.72 -45.90
C ASP G 12 53.25 27.57 -46.76
N VAL G 13 53.78 28.06 -47.88
CA VAL G 13 53.02 28.93 -48.77
C VAL G 13 52.02 28.12 -49.61
N LYS G 14 52.22 26.81 -49.65
CA LYS G 14 51.31 25.91 -50.37
C LYS G 14 49.92 25.97 -49.75
N GLY G 15 49.88 25.94 -48.43
CA GLY G 15 48.61 26.04 -47.71
C GLY G 15 47.96 27.39 -47.90
N LYS G 16 48.79 28.42 -48.07
CA LYS G 16 48.29 29.77 -48.32
C LYS G 16 47.65 29.83 -49.71
N LEU G 17 48.25 29.12 -50.66
CA LEU G 17 47.70 29.00 -52.00
C LEU G 17 46.41 28.22 -51.98
N ASP G 18 46.32 27.23 -51.08
CA ASP G 18 45.10 26.46 -50.90
C ASP G 18 43.99 27.33 -50.34
N GLU G 19 44.35 28.20 -49.40
CA GLU G 19 43.40 29.15 -48.82
C GLU G 19 42.91 30.11 -49.90
N TRP G 20 43.84 30.58 -50.73
CA TRP G 20 43.49 31.47 -51.83
C TRP G 20 42.58 30.75 -52.81
N LEU G 21 42.78 29.45 -52.96
CA LEU G 21 41.93 28.63 -53.84
C LEU G 21 40.52 28.57 -53.28
N ASN G 22 40.41 28.31 -51.97
CA ASN G 22 39.12 28.30 -51.29
C ASN G 22 38.41 29.64 -51.40
N ALA G 23 39.19 30.71 -51.41
CA ALA G 23 38.63 32.05 -51.54
C ALA G 23 38.27 32.38 -52.99
N LEU G 24 38.88 31.66 -53.92
CA LEU G 24 38.65 31.87 -55.35
C LEU G 24 37.42 31.12 -55.84
N VAL G 25 37.26 29.88 -55.40
CA VAL G 25 36.13 29.06 -55.82
C VAL G 25 34.82 29.53 -55.19
N HIS G 26 34.93 30.18 -54.03
CA HIS G 26 33.77 30.69 -53.33
C HIS G 26 33.54 32.16 -53.66
N LEU G 27 34.49 32.73 -54.39
CA LEU G 27 34.43 34.14 -54.82
C LEU G 27 34.25 35.10 -53.65
N ASP G 28 35.11 34.95 -52.64
CA ASP G 28 35.17 35.90 -51.54
C ASP G 28 36.12 37.02 -51.95
N LYS G 29 35.59 37.97 -52.70
CA LYS G 29 36.37 38.99 -53.40
C LYS G 29 37.44 39.70 -52.57
N GLN G 30 37.05 40.18 -51.39
CA GLN G 30 37.97 40.97 -50.55
C GLN G 30 39.15 40.14 -50.08
N GLN G 31 38.88 38.88 -49.73
CA GLN G 31 39.92 37.96 -49.30
C GLN G 31 40.96 37.76 -50.39
N VAL G 32 40.51 37.46 -51.61
CA VAL G 32 41.41 37.24 -52.73
C VAL G 32 42.12 38.53 -53.14
N GLU G 33 41.49 39.66 -52.84
CA GLU G 33 42.07 40.96 -53.17
C GLU G 33 43.21 41.29 -52.22
N ARG G 34 43.07 40.86 -50.97
CA ARG G 34 44.15 40.99 -49.99
C ARG G 34 45.27 40.02 -50.32
N ILE G 35 44.90 38.78 -50.58
CA ILE G 35 45.87 37.72 -50.86
C ILE G 35 46.68 37.99 -52.13
N TYR G 36 46.08 38.66 -53.11
CA TYR G 36 46.80 39.00 -54.33
C TYR G 36 48.02 39.89 -54.05
N GLU G 37 47.80 40.97 -53.32
CA GLU G 37 48.89 41.87 -52.96
C GLU G 37 49.86 41.22 -51.99
N GLU G 38 49.33 40.51 -51.00
CA GLU G 38 50.16 39.80 -50.02
C GLU G 38 51.10 38.80 -50.68
N LEU G 39 50.63 38.20 -51.79
CA LEU G 39 51.44 37.25 -52.54
C LEU G 39 52.34 37.96 -53.53
N GLN G 40 51.94 39.17 -53.93
CA GLN G 40 52.82 40.02 -54.73
C GLN G 40 54.04 40.37 -53.88
N GLY G 41 53.85 40.39 -52.56
CA GLY G 41 54.94 40.62 -51.64
C GLY G 41 55.64 39.35 -51.19
N GLU G 42 54.94 38.23 -51.21
CA GLU G 42 55.47 36.98 -50.64
C GLU G 42 56.06 36.00 -51.67
N MET G 43 55.36 35.81 -52.78
CA MET G 43 55.71 34.76 -53.74
C MET G 43 57.09 34.93 -54.37
N LYS G 44 57.61 36.16 -54.36
CA LYS G 44 58.92 36.46 -54.94
C LYS G 44 60.05 35.61 -54.34
N HIS G 45 59.87 35.17 -53.10
CA HIS G 45 60.87 34.36 -52.41
C HIS G 45 61.09 33.00 -53.07
N VAL G 46 60.12 32.10 -52.91
CA VAL G 46 60.25 30.71 -53.35
C VAL G 46 60.39 30.61 -54.88
N LEU G 47 61.02 29.53 -55.34
CA LEU G 47 61.27 29.33 -56.76
C LEU G 47 60.88 27.94 -57.24
N ASP G 48 60.07 27.24 -56.43
CA ASP G 48 59.60 25.91 -56.81
C ASP G 48 58.67 26.01 -58.01
N PHE G 49 59.01 25.28 -59.07
CA PHE G 49 58.31 25.35 -60.35
C PHE G 49 56.81 25.08 -60.23
N GLU G 50 56.47 23.97 -59.57
CA GLU G 50 55.08 23.58 -59.36
C GLU G 50 54.29 24.67 -58.62
N ILE G 51 54.91 25.22 -57.58
CA ILE G 51 54.28 26.26 -56.78
C ILE G 51 54.05 27.54 -57.58
N ILE G 52 55.05 27.93 -58.37
CA ILE G 52 54.93 29.12 -59.21
C ILE G 52 53.84 28.94 -60.26
N ASN G 53 53.76 27.74 -60.84
CA ASN G 53 52.70 27.42 -61.79
C ASN G 53 51.32 27.51 -61.14
N TYR G 54 51.21 26.93 -59.94
CA TYR G 54 49.99 26.99 -59.14
C TYR G 54 49.58 28.44 -58.95
N TYR G 55 50.56 29.28 -58.60
CA TYR G 55 50.33 30.70 -58.40
C TYR G 55 49.88 31.42 -59.66
N LYS G 56 50.45 31.05 -60.81
CA LYS G 56 50.09 31.70 -62.06
C LYS G 56 48.70 31.29 -62.54
N LEU G 57 48.30 30.07 -62.19
CA LEU G 57 46.96 29.59 -62.50
C LEU G 57 45.92 30.27 -61.62
N LEU G 58 46.21 30.33 -60.32
CA LEU G 58 45.35 31.05 -59.39
C LEU G 58 45.27 32.52 -59.80
N TYR G 59 46.37 33.03 -60.35
CA TYR G 59 46.42 34.39 -60.86
C TYR G 59 45.59 34.51 -62.13
N THR G 60 45.46 33.41 -62.86
CA THR G 60 44.60 33.40 -64.04
C THR G 60 43.14 33.46 -63.59
N ARG G 61 42.85 32.86 -62.43
CA ARG G 61 41.50 32.92 -61.87
C ARG G 61 41.18 34.33 -61.35
N TYR G 62 42.14 34.92 -60.65
CA TYR G 62 42.02 36.30 -60.19
C TYR G 62 41.86 37.24 -61.38
N LEU G 63 42.57 36.94 -62.46
CA LEU G 63 42.50 37.71 -63.69
C LEU G 63 41.11 37.58 -64.31
N ILE G 64 40.54 36.39 -64.19
CA ILE G 64 39.17 36.16 -64.63
C ILE G 64 38.21 37.00 -63.81
N MET G 65 38.48 37.10 -62.51
CA MET G 65 37.68 37.92 -61.62
C MET G 65 37.74 39.40 -62.00
N LYS G 66 38.93 39.86 -62.40
CA LYS G 66 39.11 41.26 -62.77
C LYS G 66 38.61 41.59 -64.18
N ARG G 67 38.26 40.55 -64.93
CA ARG G 67 37.72 40.69 -66.28
C ARG G 67 38.63 41.48 -67.22
N ASP G 68 39.86 40.99 -67.39
CA ASP G 68 40.80 41.58 -68.33
C ASP G 68 41.16 40.55 -69.39
N ILE G 69 40.49 40.64 -70.55
CA ILE G 69 40.62 39.66 -71.61
C ILE G 69 42.05 39.48 -72.11
N SER G 70 42.73 40.60 -72.40
CA SER G 70 44.08 40.57 -72.96
C SER G 70 45.08 39.84 -72.07
N ALA G 71 45.26 40.36 -70.85
CA ALA G 71 46.20 39.78 -69.89
C ALA G 71 45.91 38.32 -69.63
N LEU G 72 44.63 37.98 -69.55
CA LEU G 72 44.18 36.61 -69.36
C LEU G 72 44.66 35.73 -70.51
N GLU G 73 44.47 36.23 -71.74
CA GLU G 73 44.87 35.50 -72.94
C GLU G 73 46.38 35.26 -72.99
N GLU G 74 47.14 36.33 -72.80
CA GLU G 74 48.60 36.25 -72.83
C GLU G 74 49.13 35.30 -71.76
N GLU G 75 48.62 35.45 -70.54
CA GLU G 75 49.03 34.59 -69.43
C GLU G 75 48.70 33.13 -69.73
N LEU G 76 47.51 32.90 -70.29
CA LEU G 76 47.08 31.55 -70.64
C LEU G 76 47.92 30.94 -71.75
N ASP G 77 48.51 31.79 -72.60
CA ASP G 77 49.46 31.31 -73.60
C ASP G 77 50.77 30.92 -72.91
N LYS G 78 51.22 31.79 -72.01
CA LYS G 78 52.44 31.57 -71.24
C LYS G 78 52.37 30.25 -70.47
N LEU G 79 51.17 29.90 -70.02
CA LEU G 79 50.95 28.63 -69.34
C LEU G 79 50.76 27.50 -70.34
N LYS G 80 50.21 27.85 -71.51
CA LYS G 80 49.97 26.88 -72.58
C LYS G 80 51.26 26.24 -73.04
N LYS G 81 52.32 27.04 -73.16
CA LYS G 81 53.62 26.51 -73.57
C LYS G 81 54.08 25.38 -72.65
N VAL G 82 54.00 25.62 -71.34
CA VAL G 82 54.40 24.63 -70.35
C VAL G 82 53.48 23.42 -70.38
N TYR G 83 52.23 23.63 -69.95
CA TYR G 83 51.19 22.59 -69.92
C TYR G 83 51.61 21.18 -69.52
N LYS G 84 52.42 20.54 -70.35
CA LYS G 84 52.72 19.12 -70.19
C LYS G 84 53.36 18.71 -68.86
N LYS G 85 54.06 19.64 -68.22
CA LYS G 85 54.72 19.34 -66.96
C LYS G 85 53.84 19.64 -65.76
N TYR G 86 52.59 19.98 -66.02
CA TYR G 86 51.64 20.30 -64.95
C TYR G 86 51.12 19.05 -64.24
N SER G 87 50.71 19.22 -63.00
CA SER G 87 49.91 18.23 -62.30
C SER G 87 48.54 18.26 -62.97
N PRO G 88 47.83 17.14 -62.98
CA PRO G 88 46.50 17.08 -63.60
C PRO G 88 45.56 18.18 -63.10
N PHE G 89 45.68 18.53 -61.82
CA PHE G 89 44.90 19.62 -61.24
C PHE G 89 45.28 20.95 -61.87
N GLN G 90 46.56 21.11 -62.19
CA GLN G 90 47.07 22.35 -62.75
C GLN G 90 46.63 22.56 -64.19
N LYS G 91 46.73 21.51 -65.00
CA LYS G 91 46.25 21.56 -66.38
C LYS G 91 44.73 21.66 -66.39
N LEU G 92 44.09 21.17 -65.32
CA LEU G 92 42.67 21.36 -65.12
C LEU G 92 42.36 22.84 -64.96
N LEU G 93 43.16 23.50 -64.12
CA LEU G 93 43.02 24.93 -63.90
C LEU G 93 43.24 25.71 -65.20
N TYR G 94 44.19 25.25 -66.00
CA TYR G 94 44.44 25.86 -67.31
C TYR G 94 43.24 25.73 -68.23
N MET G 95 42.69 24.52 -68.31
CA MET G 95 41.52 24.25 -69.15
C MET G 95 40.33 25.09 -68.73
N TYR G 96 40.12 25.20 -67.41
CA TYR G 96 39.04 26.01 -66.86
C TYR G 96 39.23 27.47 -67.25
N GLY G 97 40.47 27.95 -67.08
CA GLY G 97 40.81 29.32 -67.44
C GLY G 97 40.52 29.60 -68.91
N ARG G 98 40.85 28.65 -69.76
CA ARG G 98 40.59 28.77 -71.19
C ARG G 98 39.08 28.79 -71.47
N GLY G 99 38.34 27.97 -70.73
CA GLY G 99 36.89 27.93 -70.86
C GLY G 99 36.25 29.27 -70.56
N LEU G 100 36.58 29.81 -69.39
CA LEU G 100 36.04 31.11 -68.99
C LEU G 100 36.55 32.23 -69.89
N LEU G 101 37.75 32.06 -70.43
CA LEU G 101 38.30 33.00 -71.39
C LEU G 101 37.41 33.05 -72.62
N CYS G 102 37.13 31.88 -73.19
CA CYS G 102 36.30 31.78 -74.37
C CYS G 102 34.88 32.27 -74.10
N CYS G 103 34.40 32.02 -72.89
CA CYS G 103 33.07 32.49 -72.51
C CYS G 103 33.00 34.01 -72.43
N LEU G 104 34.05 34.63 -71.90
CA LEU G 104 34.10 36.09 -71.79
C LEU G 104 34.20 36.75 -73.16
N GLN G 105 34.74 36.02 -74.14
CA GLN G 105 34.84 36.53 -75.50
C GLN G 105 33.58 36.17 -76.29
N TYR G 106 32.57 35.67 -75.58
CA TYR G 106 31.29 35.29 -76.16
C TYR G 106 31.41 34.21 -77.24
N ARG G 107 32.48 33.42 -77.16
CA ARG G 107 32.64 32.27 -78.03
C ARG G 107 32.28 31.02 -77.24
N TRP G 108 30.98 30.85 -76.99
CA TRP G 108 30.49 29.78 -76.14
C TRP G 108 30.73 28.39 -76.72
N LYS G 109 31.00 28.34 -78.02
CA LYS G 109 31.28 27.08 -78.71
C LYS G 109 32.54 26.42 -78.17
N ASP G 110 33.64 27.17 -78.14
CA ASP G 110 34.91 26.64 -77.65
C ASP G 110 34.90 26.54 -76.12
N GLY G 111 34.25 27.53 -75.49
CA GLY G 111 34.11 27.55 -74.05
C GLY G 111 33.44 26.29 -73.54
N LEU G 112 32.43 25.84 -74.28
CA LEU G 112 31.74 24.60 -73.94
C LEU G 112 32.70 23.41 -73.96
N ASP G 113 33.51 23.34 -75.00
CA ASP G 113 34.48 22.26 -75.15
C ASP G 113 35.46 22.24 -73.98
N TYR G 114 36.05 23.40 -73.69
CA TYR G 114 36.99 23.52 -72.59
C TYR G 114 36.35 23.16 -71.25
N LEU G 115 35.12 23.60 -71.04
CA LEU G 115 34.40 23.32 -69.81
C LEU G 115 34.07 21.83 -69.67
N LEU G 116 33.83 21.17 -70.79
CA LEU G 116 33.56 19.73 -70.80
C LEU G 116 34.83 18.94 -70.49
N LYS G 117 35.93 19.36 -71.09
CA LYS G 117 37.23 18.74 -70.81
C LYS G 117 37.58 18.91 -69.34
N THR G 118 37.33 20.10 -68.81
CA THR G 118 37.57 20.40 -67.40
C THR G 118 36.66 19.54 -66.53
N GLU G 119 35.45 19.30 -67.02
CA GLU G 119 34.46 18.51 -66.28
C GLU G 119 34.88 17.05 -66.17
N VAL G 120 35.25 16.44 -67.29
CA VAL G 120 35.68 15.05 -67.28
C VAL G 120 37.01 14.89 -66.55
N MET G 121 37.84 15.92 -66.61
CA MET G 121 39.12 15.91 -65.91
C MET G 121 38.90 15.93 -64.41
N ALA G 122 38.01 16.81 -63.95
CA ALA G 122 37.67 16.92 -62.54
C ALA G 122 36.92 15.67 -62.08
N LYS G 123 36.23 15.02 -63.02
CA LYS G 123 35.52 13.80 -62.72
C LYS G 123 36.51 12.67 -62.50
N GLU G 124 37.59 12.68 -63.29
CA GLU G 124 38.66 11.70 -63.15
C GLU G 124 39.45 11.92 -61.86
N GLN G 125 39.69 13.18 -61.53
CA GLN G 125 40.46 13.52 -60.33
C GLN G 125 39.60 13.47 -59.08
N GLY G 126 38.28 13.39 -59.25
CA GLY G 126 37.37 13.40 -58.13
C GLY G 126 37.22 14.78 -57.53
N TYR G 127 37.60 15.79 -58.32
CA TYR G 127 37.50 17.18 -57.90
C TYR G 127 36.14 17.75 -58.30
N HIS G 128 35.63 18.68 -57.50
CA HIS G 128 34.28 19.20 -57.72
C HIS G 128 34.15 20.71 -57.52
N GLU G 129 33.57 21.37 -58.52
CA GLU G 129 33.23 22.78 -58.43
C GLU G 129 31.86 23.01 -59.05
N THR G 130 30.91 23.51 -58.24
CA THR G 130 29.56 23.75 -58.70
C THR G 130 29.53 24.79 -59.81
N GLY G 131 30.43 25.76 -59.72
CA GLY G 131 30.55 26.83 -60.68
C GLY G 131 30.84 26.30 -62.08
N LEU G 132 31.52 25.17 -62.15
CA LEU G 132 31.80 24.52 -63.43
C LEU G 132 30.52 24.06 -64.10
N TYR G 133 29.70 23.32 -63.35
CA TYR G 133 28.42 22.84 -63.84
C TYR G 133 27.52 24.01 -64.25
N TYR G 134 27.49 25.05 -63.42
CA TYR G 134 26.71 26.24 -63.74
C TYR G 134 27.18 26.88 -65.04
N ASN G 135 28.49 27.01 -65.21
CA ASN G 135 29.06 27.60 -66.41
C ASN G 135 28.74 26.80 -67.67
N ILE G 136 28.83 25.47 -67.55
CA ILE G 136 28.46 24.59 -68.66
C ILE G 136 27.00 24.80 -69.03
N ALA G 137 26.14 24.83 -68.00
CA ALA G 137 24.71 25.07 -68.20
C ALA G 137 24.47 26.40 -68.90
N LEU G 138 25.22 27.42 -68.53
CA LEU G 138 25.09 28.75 -69.13
C LEU G 138 25.50 28.72 -70.60
N ALA G 139 26.59 28.02 -70.88
CA ALA G 139 27.07 27.86 -72.25
C ALA G 139 25.98 27.20 -73.09
N TYR G 140 25.39 26.14 -72.57
CA TYR G 140 24.29 25.46 -73.25
C TYR G 140 23.09 26.38 -73.44
N THR G 141 22.87 27.28 -72.48
CA THR G 141 21.81 28.26 -72.59
C THR G 141 22.06 29.19 -73.78
N HIS G 142 23.28 29.69 -73.89
CA HIS G 142 23.65 30.58 -74.99
C HIS G 142 23.62 29.86 -76.33
N LEU G 143 23.85 28.55 -76.29
CA LEU G 143 23.91 27.76 -77.51
C LEU G 143 22.53 27.27 -77.96
N ASP G 144 21.53 27.40 -77.08
CA ASP G 144 20.19 26.82 -77.26
C ASP G 144 20.22 25.29 -77.16
N ILE G 145 19.13 24.67 -76.70
CA ILE G 145 17.88 25.34 -76.32
C ILE G 145 17.60 25.58 -74.81
N HIS G 146 17.92 24.67 -73.88
CA HIS G 146 18.56 23.35 -74.08
C HIS G 146 18.06 22.36 -73.04
N HIS G 147 18.15 21.07 -73.36
CA HIS G 147 17.87 20.01 -72.42
C HIS G 147 19.07 19.82 -71.49
N LEU G 148 20.26 19.90 -72.07
CA LEU G 148 21.51 19.78 -71.31
C LEU G 148 21.67 20.95 -70.35
N ALA G 149 21.15 22.12 -70.76
CA ALA G 149 21.15 23.30 -69.89
C ALA G 149 20.40 22.97 -68.61
N ILE G 150 19.24 22.36 -68.75
CA ILE G 150 18.44 21.92 -67.60
C ILE G 150 19.23 20.90 -66.79
N HIS G 151 19.74 19.89 -67.48
CA HIS G 151 20.47 18.79 -66.86
C HIS G 151 21.61 19.26 -65.97
N PHE G 152 22.34 20.27 -66.42
CA PHE G 152 23.45 20.81 -65.62
C PHE G 152 22.98 21.83 -64.59
N VAL G 153 21.92 22.56 -64.93
CA VAL G 153 21.35 23.56 -64.03
C VAL G 153 20.85 22.92 -62.74
N ASN G 154 20.31 21.71 -62.84
CA ASN G 154 19.85 21.02 -61.62
C ASN G 154 20.99 20.54 -60.73
N MET G 155 22.06 20.04 -61.33
CA MET G 155 23.23 19.61 -60.59
C MET G 155 23.87 20.81 -59.89
N ALA G 156 24.01 21.90 -60.64
CA ALA G 156 24.52 23.14 -60.08
C ALA G 156 23.57 23.65 -59.00
N LEU G 157 22.28 23.34 -59.14
CA LEU G 157 21.28 23.76 -58.18
C LEU G 157 21.48 23.06 -56.85
N GLU G 158 21.59 21.74 -56.86
CA GLU G 158 21.82 21.00 -55.62
C GLU G 158 23.19 21.36 -55.02
N GLY G 159 24.15 21.61 -55.90
CA GLY G 159 25.49 22.02 -55.47
C GLY G 159 25.47 23.32 -54.71
N PHE G 160 24.81 24.33 -55.29
CA PHE G 160 24.70 25.64 -54.67
C PHE G 160 23.84 25.59 -53.40
N ARG G 161 22.82 24.75 -53.42
CA ARG G 161 21.98 24.55 -52.25
C ARG G 161 22.80 23.98 -51.10
N SER G 162 23.77 23.13 -51.43
CA SER G 162 24.65 22.56 -50.43
C SER G 162 25.65 23.60 -49.89
N GLU G 163 25.87 24.64 -50.67
CA GLU G 163 26.89 25.65 -50.34
C GLU G 163 26.28 27.00 -49.95
N TYR G 164 24.96 27.01 -49.74
CA TYR G 164 24.23 28.22 -49.33
C TYR G 164 24.37 29.39 -50.30
N LYS G 165 24.81 29.12 -51.53
CA LYS G 165 25.04 30.18 -52.50
C LYS G 165 23.76 30.54 -53.26
N PHE G 166 22.91 31.33 -52.61
CA PHE G 166 21.60 31.68 -53.17
C PHE G 166 21.71 32.65 -54.34
N ARG G 167 22.73 33.50 -54.31
CA ARG G 167 22.95 34.49 -55.37
C ARG G 167 23.19 33.79 -56.71
N ASN G 168 23.72 32.58 -56.66
CA ASN G 168 23.87 31.76 -57.85
C ASN G 168 22.58 31.03 -58.18
N ILE G 169 21.90 30.56 -57.14
CA ILE G 169 20.65 29.82 -57.26
C ILE G 169 19.61 30.61 -58.05
N ILE G 170 19.49 31.90 -57.74
CA ILE G 170 18.52 32.75 -58.44
C ILE G 170 18.84 32.82 -59.93
N ASN G 171 20.13 32.84 -60.28
CA ASN G 171 20.54 32.82 -61.67
C ASN G 171 20.24 31.49 -62.34
N CYS G 172 20.37 30.41 -61.58
CA CYS G 172 19.99 29.08 -62.06
C CYS G 172 18.51 29.09 -62.42
N GLN G 173 17.70 29.64 -61.53
CA GLN G 173 16.26 29.75 -61.76
C GLN G 173 15.96 30.62 -62.98
N ILE G 174 16.78 31.66 -63.19
CA ILE G 174 16.66 32.49 -64.38
C ILE G 174 16.88 31.66 -65.63
N LEU G 175 17.92 30.82 -65.61
CA LEU G 175 18.20 29.93 -66.74
C LEU G 175 17.05 28.97 -66.98
N ILE G 176 16.50 28.42 -65.90
CA ILE G 176 15.34 27.55 -66.00
C ILE G 176 14.19 28.26 -66.69
N ALA G 177 13.90 29.48 -66.26
CA ALA G 177 12.83 30.28 -66.84
C ALA G 177 13.10 30.59 -68.31
N VAL G 178 14.37 30.76 -68.65
CA VAL G 178 14.76 31.00 -70.03
C VAL G 178 14.46 29.78 -70.89
N SER G 179 14.81 28.59 -70.39
CA SER G 179 14.53 27.36 -71.12
C SER G 179 13.03 27.12 -71.29
N TYR G 180 12.29 27.25 -70.19
CA TYR G 180 10.82 27.11 -70.23
C TYR G 180 10.21 28.10 -71.20
N THR G 181 10.79 29.30 -71.27
CA THR G 181 10.34 30.32 -72.21
C THR G 181 10.61 29.86 -73.64
N GLU G 182 11.78 29.27 -73.85
CA GLU G 182 12.18 28.82 -75.18
C GLU G 182 11.50 27.52 -75.59
N LYS G 183 10.72 26.93 -74.68
CA LYS G 183 10.00 25.71 -74.99
C LYS G 183 8.49 25.89 -75.10
N GLY G 184 8.02 27.12 -74.89
CA GLY G 184 6.62 27.43 -75.04
C GLY G 184 5.86 27.55 -73.73
N GLN G 185 6.45 27.04 -72.66
CA GLN G 185 5.84 27.14 -71.34
C GLN G 185 5.97 28.56 -70.79
N TYR G 186 5.18 29.48 -71.35
CA TYR G 186 5.27 30.89 -71.00
C TYR G 186 4.70 31.18 -69.61
N GLU G 187 3.68 30.43 -69.21
CA GLU G 187 3.01 30.67 -67.94
C GLU G 187 3.91 30.36 -66.74
N GLU G 188 4.49 29.17 -66.74
CA GLU G 188 5.38 28.75 -65.66
C GLU G 188 6.58 29.69 -65.58
N ALA G 189 7.09 30.06 -66.75
CA ALA G 189 8.21 30.98 -66.86
C ALA G 189 7.84 32.35 -66.28
N LEU G 190 6.59 32.77 -66.48
CA LEU G 190 6.12 34.04 -65.95
C LEU G 190 5.94 33.97 -64.44
N LYS G 191 5.58 32.80 -63.93
CA LYS G 191 5.44 32.61 -62.49
C LYS G 191 6.80 32.67 -61.82
N MET G 192 7.78 31.97 -62.38
CA MET G 192 9.13 31.99 -61.86
C MET G 192 9.74 33.39 -61.96
N TYR G 193 9.55 34.03 -63.10
CA TYR G 193 10.04 35.39 -63.31
C TYR G 193 9.40 36.36 -62.33
N GLU G 194 8.13 36.14 -62.00
CA GLU G 194 7.45 36.93 -61.01
C GLU G 194 8.10 36.74 -59.64
N SER G 195 8.29 35.49 -59.26
CA SER G 195 8.88 35.16 -57.97
C SER G 195 10.27 35.75 -57.80
N ILE G 196 11.09 35.64 -58.84
CA ILE G 196 12.46 36.16 -58.76
C ILE G 196 12.50 37.68 -58.87
N LEU G 197 11.54 38.26 -59.58
CA LEU G 197 11.43 39.72 -59.68
C LEU G 197 11.06 40.26 -58.31
N ARG G 198 10.33 39.46 -57.54
CA ARG G 198 9.96 39.83 -56.18
C ARG G 198 11.13 39.63 -55.21
N GLU G 199 11.84 38.53 -55.36
CA GLU G 199 12.89 38.15 -54.39
C GLU G 199 14.29 38.60 -54.77
N ALA G 200 14.41 39.40 -55.83
CA ALA G 200 15.72 39.93 -56.23
C ALA G 200 16.08 41.15 -55.41
N THR G 201 15.07 41.77 -54.80
CA THR G 201 15.27 42.99 -54.02
C THR G 201 16.01 42.71 -52.72
N SER G 202 16.13 41.44 -52.36
CA SER G 202 16.82 41.05 -51.13
C SER G 202 18.33 41.11 -51.32
N PHE G 203 18.77 41.02 -52.57
CA PHE G 203 20.20 41.06 -52.88
C PHE G 203 20.70 42.49 -53.06
N ALA G 204 22.01 42.67 -52.98
CA ALA G 204 22.62 43.99 -53.15
C ALA G 204 22.57 44.42 -54.62
N ASP G 205 22.96 43.51 -55.51
CA ASP G 205 22.97 43.81 -56.93
C ASP G 205 21.64 43.46 -57.59
N LYS G 206 20.57 44.04 -57.06
CA LYS G 206 19.22 43.78 -57.57
C LYS G 206 19.01 44.34 -58.98
N ASP G 207 19.84 45.30 -59.36
CA ASP G 207 19.68 46.00 -60.62
C ASP G 207 19.80 45.08 -61.84
N VAL G 208 20.86 44.28 -61.88
CA VAL G 208 21.08 43.37 -63.00
C VAL G 208 20.02 42.27 -63.06
N LEU G 209 19.64 41.76 -61.89
CA LEU G 209 18.59 40.74 -61.80
C LEU G 209 17.27 41.28 -62.35
N LEU G 210 16.89 42.46 -61.89
CA LEU G 210 15.68 43.12 -62.36
C LEU G 210 15.76 43.42 -63.86
N ALA G 211 16.95 43.75 -64.33
CA ALA G 211 17.15 44.06 -65.74
C ALA G 211 16.88 42.84 -66.61
N ILE G 212 17.58 41.75 -66.31
CA ILE G 212 17.41 40.49 -67.04
C ILE G 212 15.98 39.99 -66.95
N THR G 213 15.42 40.03 -65.75
CA THR G 213 14.05 39.58 -65.52
C THR G 213 13.04 40.38 -66.35
N LEU G 214 13.12 41.70 -66.28
CA LEU G 214 12.20 42.56 -67.02
C LEU G 214 12.35 42.39 -68.53
N SER G 215 13.59 42.23 -68.98
CA SER G 215 13.86 42.01 -70.39
C SER G 215 13.21 40.73 -70.88
N ASN G 216 13.49 39.63 -70.18
CA ASN G 216 12.94 38.32 -70.54
C ASN G 216 11.42 38.27 -70.45
N MET G 217 10.86 38.90 -69.42
CA MET G 217 9.41 39.00 -69.30
C MET G 217 8.85 39.80 -70.47
N GLY G 218 9.61 40.79 -70.92
CA GLY G 218 9.26 41.55 -72.09
C GLY G 218 9.21 40.65 -73.31
N SER G 219 10.17 39.73 -73.41
CA SER G 219 10.19 38.78 -74.51
C SER G 219 8.97 37.86 -74.47
N ILE G 220 8.62 37.40 -73.26
CA ILE G 220 7.47 36.52 -73.08
C ILE G 220 6.18 37.23 -73.48
N TYR G 221 6.00 38.46 -73.00
CA TYR G 221 4.81 39.25 -73.33
C TYR G 221 4.77 39.63 -74.81
N TYR G 222 5.95 39.68 -75.43
CA TYR G 222 6.02 39.95 -76.87
C TYR G 222 5.57 38.74 -77.68
N LYS G 223 6.08 37.57 -77.33
CA LYS G 223 5.70 36.34 -78.01
C LYS G 223 4.24 35.99 -77.77
N LYS G 224 3.74 36.36 -76.60
CA LYS G 224 2.37 36.05 -76.21
C LYS G 224 1.38 36.90 -77.00
N GLY G 225 1.69 38.19 -77.15
CA GLY G 225 0.88 39.07 -77.96
C GLY G 225 0.24 40.24 -77.22
N LYS G 226 1.01 40.88 -76.35
CA LYS G 226 0.53 42.07 -75.65
C LYS G 226 1.26 43.33 -76.12
N TYR G 227 2.48 43.15 -76.61
CA TYR G 227 3.24 44.20 -77.27
C TYR G 227 3.52 45.44 -76.40
N GLN G 228 2.48 46.12 -75.96
CA GLN G 228 2.62 47.33 -75.16
C GLN G 228 3.33 47.05 -73.83
N GLN G 229 2.84 46.05 -73.10
CA GLN G 229 3.43 45.66 -71.83
C GLN G 229 4.88 45.22 -72.03
N ALA G 230 5.12 44.55 -73.16
CA ALA G 230 6.46 44.12 -73.52
C ALA G 230 7.40 45.31 -73.67
N LYS G 231 6.91 46.35 -74.36
CA LYS G 231 7.69 47.57 -74.56
C LYS G 231 7.92 48.28 -73.23
N LYS G 232 6.94 48.21 -72.34
CA LYS G 232 7.06 48.77 -71.00
C LYS G 232 8.19 48.10 -70.23
N TYR G 233 8.15 46.77 -70.16
CA TYR G 233 9.20 46.00 -69.48
C TYR G 233 10.55 46.23 -70.13
N TYR G 234 10.56 46.41 -71.45
CA TYR G 234 11.79 46.69 -72.18
C TYR G 234 12.41 48.01 -71.75
N LEU G 235 11.61 49.07 -71.74
CA LEU G 235 12.12 50.39 -71.38
C LEU G 235 12.52 50.46 -69.91
N ASP G 236 11.81 49.72 -69.05
CA ASP G 236 12.21 49.62 -67.65
C ASP G 236 13.56 48.93 -67.53
N SER G 237 13.72 47.84 -68.28
CA SER G 237 14.98 47.10 -68.31
C SER G 237 16.14 47.99 -68.75
N LEU G 238 15.95 48.68 -69.87
CA LEU G 238 16.96 49.61 -70.37
C LEU G 238 17.24 50.73 -69.36
N GLN G 239 16.22 51.12 -68.61
CA GLN G 239 16.38 52.10 -67.56
C GLN G 239 17.27 51.56 -66.44
N LEU G 240 17.21 50.25 -66.22
CA LEU G 240 17.95 49.62 -65.14
C LEU G 240 19.32 49.05 -65.54
N GLN G 241 19.61 49.01 -66.83
CA GLN G 241 20.83 48.36 -67.31
C GLN G 241 22.12 49.15 -67.11
N LYS G 242 22.10 50.43 -67.51
CA LYS G 242 23.27 51.31 -67.41
C LYS G 242 24.45 50.85 -68.26
N GLN G 243 25.12 49.78 -67.84
CA GLN G 243 26.27 49.25 -68.56
C GLN G 243 25.83 48.44 -69.78
N ILE G 244 26.46 48.68 -70.92
CA ILE G 244 26.12 47.96 -72.15
C ILE G 244 26.91 46.65 -72.26
N ASP G 245 26.24 45.63 -72.80
CA ASP G 245 26.85 44.32 -73.00
C ASP G 245 26.01 43.49 -73.96
N LEU G 246 26.03 42.18 -73.78
CA LEU G 246 25.27 41.27 -74.63
C LEU G 246 23.78 41.42 -74.37
N ASN G 247 23.42 41.45 -73.10
CA ASN G 247 22.03 41.62 -72.69
C ASN G 247 21.46 42.97 -73.13
N TYR G 248 22.33 43.98 -73.18
CA TYR G 248 21.92 45.30 -73.62
C TYR G 248 21.54 45.30 -75.10
N LEU G 249 22.44 44.77 -75.92
CA LEU G 249 22.22 44.70 -77.36
C LEU G 249 21.02 43.82 -77.67
N ASP G 250 20.83 42.79 -76.85
CA ASP G 250 19.70 41.90 -77.02
C ASP G 250 18.40 42.58 -76.65
N THR G 251 18.46 43.45 -75.64
CA THR G 251 17.30 44.22 -75.20
C THR G 251 16.91 45.23 -76.27
N ILE G 252 17.90 45.89 -76.84
CA ILE G 252 17.68 46.83 -77.94
C ILE G 252 17.09 46.08 -79.13
N TYR G 253 17.57 44.86 -79.35
CA TYR G 253 17.09 44.01 -80.44
C TYR G 253 15.61 43.66 -80.27
N GLU G 254 15.25 43.16 -79.09
CA GLU G 254 13.88 42.77 -78.82
C GLU G 254 12.94 43.97 -78.81
N MET G 255 13.41 45.10 -78.31
CA MET G 255 12.62 46.33 -78.32
C MET G 255 12.40 46.79 -79.77
N ALA G 256 13.42 46.59 -80.61
CA ALA G 256 13.29 46.90 -82.03
C ALA G 256 12.26 45.98 -82.67
N LEU G 257 12.22 44.73 -82.21
CA LEU G 257 11.24 43.76 -82.71
C LEU G 257 9.82 44.15 -82.31
N VAL G 258 9.65 44.62 -81.08
CA VAL G 258 8.34 45.00 -80.58
C VAL G 258 7.92 46.37 -81.13
N CYS G 259 8.88 47.12 -81.65
CA CYS G 259 8.59 48.41 -82.26
C CYS G 259 8.22 48.28 -83.73
N ILE G 260 8.92 47.40 -84.43
CA ILE G 260 8.61 47.13 -85.84
C ILE G 260 7.20 46.58 -85.99
N LYS G 261 6.85 45.63 -85.13
CA LYS G 261 5.53 45.03 -85.15
C LYS G 261 4.46 45.98 -84.63
N LEU G 262 4.90 47.07 -84.00
CA LEU G 262 3.97 48.08 -83.49
C LEU G 262 3.82 49.21 -84.50
N GLU G 263 4.34 48.99 -85.70
CA GLU G 263 4.27 49.96 -86.79
C GLU G 263 4.90 51.31 -86.46
N GLU G 264 6.02 51.26 -85.74
CA GLU G 264 6.80 52.46 -85.44
C GLU G 264 8.20 52.28 -85.98
N LEU G 265 8.38 52.54 -87.28
CA LEU G 265 9.62 52.25 -87.97
C LEU G 265 10.74 53.26 -87.68
N GLU G 266 10.37 54.46 -87.27
CA GLU G 266 11.35 55.51 -86.99
C GLU G 266 12.14 55.20 -85.72
N GLU G 267 11.42 55.03 -84.62
CA GLU G 267 12.04 54.68 -83.34
C GLU G 267 12.78 53.36 -83.47
N ALA G 268 12.22 52.44 -84.25
CA ALA G 268 12.87 51.16 -84.50
C ALA G 268 14.18 51.35 -85.25
N ARG G 269 14.22 52.32 -86.16
CA ARG G 269 15.43 52.62 -86.92
C ARG G 269 16.49 53.24 -86.03
N THR G 270 16.07 54.15 -85.16
CA THR G 270 16.99 54.75 -84.20
C THR G 270 17.58 53.70 -83.27
N LEU G 271 16.72 52.80 -82.81
CA LEU G 271 17.13 51.72 -81.93
C LEU G 271 18.11 50.76 -82.60
N ILE G 272 17.78 50.31 -83.80
CA ILE G 272 18.64 49.38 -84.53
C ILE G 272 19.98 50.02 -84.89
N ASP G 273 19.95 51.33 -85.19
CA ASP G 273 21.18 52.03 -85.51
C ASP G 273 22.06 52.14 -84.27
N LYS G 274 21.45 52.47 -83.14
CA LYS G 274 22.16 52.56 -81.87
C LYS G 274 22.77 51.21 -81.50
N GLY G 275 22.02 50.14 -81.73
CA GLY G 275 22.47 48.80 -81.45
C GLY G 275 23.63 48.38 -82.32
N ILE G 276 23.54 48.74 -83.61
CA ILE G 276 24.62 48.46 -84.55
C ILE G 276 25.89 49.19 -84.16
N ASP G 277 25.75 50.47 -83.81
CA ASP G 277 26.89 51.28 -83.38
C ASP G 277 27.52 50.72 -82.11
N ALA G 278 26.68 50.31 -81.17
CA ALA G 278 27.16 49.78 -79.89
C ALA G 278 27.81 48.41 -80.05
N ALA G 279 27.35 47.65 -81.03
CA ALA G 279 27.89 46.31 -81.27
C ALA G 279 29.12 46.35 -82.19
N LYS G 280 29.32 47.49 -82.84
CA LYS G 280 30.45 47.64 -83.75
C LYS G 280 31.70 48.07 -83.00
N GLN G 281 31.51 48.53 -81.76
CA GLN G 281 32.62 48.98 -80.93
C GLN G 281 33.57 47.85 -80.57
N GLU G 282 33.02 46.65 -80.35
CA GLU G 282 33.83 45.49 -80.03
C GLU G 282 33.54 44.33 -80.99
N GLU G 283 34.44 43.34 -80.99
CA GLU G 283 34.30 42.19 -81.88
C GLU G 283 33.47 41.08 -81.25
N ARG G 284 33.41 41.07 -79.92
CA ARG G 284 32.64 40.06 -79.20
C ARG G 284 31.14 40.25 -79.37
N PHE G 285 30.75 41.35 -80.02
CA PHE G 285 29.35 41.65 -80.25
C PHE G 285 28.94 41.39 -81.69
N ASN G 286 29.84 40.79 -82.46
CA ASN G 286 29.62 40.62 -83.90
C ASN G 286 28.42 39.74 -84.26
N ALA G 287 28.06 38.82 -83.38
CA ALA G 287 26.93 37.94 -83.61
C ALA G 287 25.62 38.73 -83.54
N LYS G 288 25.42 39.42 -82.43
CA LYS G 288 24.25 40.28 -82.25
C LYS G 288 24.25 41.38 -83.30
N LEU G 289 25.45 41.87 -83.63
CA LEU G 289 25.60 42.87 -84.67
C LEU G 289 25.07 42.36 -85.99
N TYR G 290 25.40 41.11 -86.31
CA TYR G 290 24.94 40.48 -87.54
C TYR G 290 23.45 40.18 -87.50
N LEU G 291 22.92 40.01 -86.28
CA LEU G 291 21.47 39.79 -86.12
C LEU G 291 20.71 41.09 -86.42
N LEU G 292 21.16 42.18 -85.81
CA LEU G 292 20.59 43.50 -86.04
C LEU G 292 20.72 43.86 -87.53
N LEU G 293 21.85 43.50 -88.11
CA LEU G 293 22.09 43.73 -89.54
C LEU G 293 21.16 42.87 -90.39
N MET G 294 20.81 41.70 -89.89
CA MET G 294 19.86 40.82 -90.58
C MET G 294 18.47 41.45 -90.60
N LEU G 295 18.01 41.90 -89.44
CA LEU G 295 16.70 42.53 -89.36
C LEU G 295 16.71 43.89 -90.07
N ARG G 296 17.91 44.42 -90.31
CA ARG G 296 18.06 45.62 -91.12
C ARG G 296 17.83 45.26 -92.58
N TYR G 297 18.51 44.22 -93.05
CA TYR G 297 18.36 43.74 -94.42
C TYR G 297 16.98 43.18 -94.68
N LYS G 298 16.21 42.97 -93.61
CA LYS G 298 14.83 42.52 -93.74
C LYS G 298 14.00 43.52 -94.52
N TYR G 299 14.18 44.80 -94.21
CA TYR G 299 13.46 45.86 -94.90
C TYR G 299 14.39 46.84 -95.60
N PHE G 300 15.66 46.45 -95.75
CA PHE G 300 16.62 47.25 -96.51
C PHE G 300 17.44 46.40 -97.50
N GLU G 301 16.80 45.92 -98.57
CA GLU G 301 15.37 46.06 -98.78
C GLU G 301 14.75 44.75 -99.25
N GLU G 302 13.52 44.50 -98.83
CA GLU G 302 12.72 43.32 -99.21
C GLU G 302 13.50 42.00 -99.34
N ALA G 303 14.53 41.85 -98.50
CA ALA G 303 15.42 40.70 -98.57
C ALA G 303 16.07 40.54 -99.94
N LYS G 304 16.66 41.61 -100.45
CA LYS G 304 17.28 41.61 -101.76
C LYS G 304 18.66 40.95 -101.73
N ASP G 305 19.43 41.26 -100.70
CA ASP G 305 20.78 40.71 -100.56
C ASP G 305 20.85 39.85 -99.31
N TYR G 306 19.71 39.73 -98.64
CA TYR G 306 19.57 38.85 -97.48
C TYR G 306 20.08 37.46 -97.82
N LYS G 307 19.57 36.93 -98.93
CA LYS G 307 20.02 35.63 -99.45
C LYS G 307 21.53 35.60 -99.65
N ALA G 308 22.07 36.64 -100.29
CA ALA G 308 23.49 36.70 -100.59
C ALA G 308 24.34 36.99 -99.35
N PHE G 309 23.89 37.96 -98.55
CA PHE G 309 24.62 38.33 -97.34
C PHE G 309 24.75 37.14 -96.40
N LEU G 310 23.66 36.36 -96.25
CA LEU G 310 23.72 35.17 -95.42
C LEU G 310 24.30 33.98 -96.18
N GLU G 311 24.44 34.12 -97.50
CA GLU G 311 25.13 33.12 -98.30
C GLU G 311 26.61 33.22 -97.96
N ASN G 312 27.05 34.43 -97.66
CA ASN G 312 28.38 34.66 -97.14
C ASN G 312 28.42 34.46 -95.63
N GLU G 313 27.32 34.81 -94.97
CA GLU G 313 27.23 34.70 -93.51
C GLU G 313 26.56 33.41 -93.05
N ALA G 314 26.69 32.36 -93.85
CA ALA G 314 26.17 31.04 -93.48
C ALA G 314 27.16 30.33 -92.57
N ILE G 315 28.43 30.73 -92.68
CA ILE G 315 29.51 30.13 -91.90
C ILE G 315 29.92 30.94 -90.66
N PRO G 316 30.05 32.29 -90.79
CA PRO G 316 30.37 33.06 -89.59
C PRO G 316 29.31 32.93 -88.50
N LEU G 317 28.06 32.69 -88.88
CA LEU G 317 27.01 32.42 -87.91
C LEU G 317 27.00 30.95 -87.52
N TYR G 318 27.95 30.58 -86.66
CA TYR G 318 28.09 29.19 -86.20
C TYR G 318 26.86 28.74 -85.41
N GLU G 326 20.00 26.84 -83.27
CA GLU G 326 18.98 26.80 -84.30
C GLU G 326 18.91 28.12 -85.07
N LEU G 327 20.04 28.83 -85.09
CA LEU G 327 20.13 30.10 -85.82
C LEU G 327 20.06 29.84 -87.33
N LYS G 328 20.82 28.86 -87.78
CA LYS G 328 20.85 28.50 -89.19
C LYS G 328 19.48 28.03 -89.68
N LYS G 329 18.75 27.35 -88.80
CA LYS G 329 17.37 26.97 -89.10
C LYS G 329 16.56 28.21 -89.43
N VAL G 330 16.73 29.24 -88.61
CA VAL G 330 16.01 30.49 -88.77
C VAL G 330 16.38 31.21 -90.08
N TYR G 331 17.67 31.45 -90.30
CA TYR G 331 18.05 32.20 -91.50
C TYR G 331 18.07 31.37 -92.79
N VAL G 332 17.77 30.08 -92.68
CA VAL G 332 17.56 29.25 -93.87
C VAL G 332 16.07 29.17 -94.20
N GLU G 333 15.24 29.06 -93.17
CA GLU G 333 13.79 29.02 -93.34
C GLU G 333 13.27 30.28 -94.05
N LEU G 334 13.96 31.40 -93.84
CA LEU G 334 13.56 32.66 -94.46
C LEU G 334 14.20 32.85 -95.83
N ALA G 335 15.30 32.13 -96.08
CA ALA G 335 16.02 32.26 -97.34
C ALA G 335 15.82 31.04 -98.22
N GLU G 336 14.56 30.66 -98.44
CA GLU G 336 14.25 29.47 -99.22
C GLU G 336 12.79 29.44 -99.67
N HIS G 337 11.93 30.12 -98.91
CA HIS G 337 10.50 30.17 -99.25
C HIS G 337 10.26 30.88 -100.58
N PHE G 338 11.18 31.79 -100.94
CA PHE G 338 11.09 32.47 -102.22
C PHE G 338 11.80 31.66 -103.29
N SER G 339 12.67 30.74 -102.85
CA SER G 339 13.38 29.86 -103.76
C SER G 339 12.46 28.77 -104.28
N SER G 340 11.40 28.49 -103.52
CA SER G 340 10.43 27.47 -103.90
C SER G 340 9.54 27.95 -105.05
N LEU G 341 9.69 29.21 -105.42
CA LEU G 341 8.92 29.81 -106.50
C LEU G 341 9.48 29.41 -107.87
N SER G 342 10.73 28.96 -107.88
CA SER G 342 11.39 28.59 -109.14
C SER G 342 12.55 27.62 -108.92
N ARG G 343 13.41 27.94 -107.95
CA ARG G 343 14.58 27.13 -107.67
C ARG G 343 14.23 25.97 -106.74
N PHE G 344 13.54 24.98 -107.28
CA PHE G 344 13.08 23.84 -106.48
C PHE G 344 14.22 22.95 -106.00
N GLU G 345 15.37 23.07 -106.66
CA GLU G 345 16.53 22.25 -106.32
C GLU G 345 17.17 22.70 -105.01
N GLU G 346 17.38 24.00 -104.86
CA GLU G 346 17.92 24.57 -103.64
C GLU G 346 16.89 24.44 -102.52
N SER G 347 15.62 24.51 -102.92
CA SER G 347 14.49 24.42 -102.00
C SER G 347 14.26 22.98 -101.52
N ASN G 348 15.33 22.20 -101.48
CA ASN G 348 15.33 20.87 -100.90
C ASN G 348 16.71 20.67 -100.28
N ARG G 349 17.69 21.39 -100.81
CA ARG G 349 19.06 21.32 -100.32
C ARG G 349 19.19 22.07 -99.00
N TYR G 350 18.62 23.27 -98.93
CA TYR G 350 18.64 24.02 -97.67
C TYR G 350 17.78 23.30 -96.63
N TYR G 351 16.69 22.70 -97.10
CA TYR G 351 15.85 21.86 -96.26
C TYR G 351 16.65 20.68 -95.72
N ARG G 352 17.57 20.17 -96.54
CA ARG G 352 18.46 19.09 -96.12
C ARG G 352 19.41 19.62 -95.05
N LEU G 353 19.85 20.86 -95.21
CA LEU G 353 20.73 21.50 -94.24
C LEU G 353 20.06 21.59 -92.87
N VAL G 354 18.84 22.13 -92.83
CA VAL G 354 18.12 22.21 -91.57
C VAL G 354 17.71 20.83 -91.05
N ILE G 355 17.64 19.86 -91.95
CA ILE G 355 17.38 18.47 -91.56
C ILE G 355 18.57 17.90 -90.77
N ASP G 356 19.77 18.03 -91.30
CA ASP G 356 20.95 17.55 -90.60
C ASP G 356 21.26 18.43 -89.39
N LEU G 357 20.70 19.63 -89.38
CA LEU G 357 20.81 20.52 -88.22
C LEU G 357 19.94 20.00 -87.08
N MET G 358 18.68 19.70 -87.37
CA MET G 358 17.76 19.24 -86.35
C MET G 358 18.04 17.80 -85.92
N ASN G 359 18.69 17.04 -86.79
CA ASN G 359 19.07 15.66 -86.46
C ASN G 359 20.28 15.59 -85.56
N ASP G 360 21.27 16.44 -85.84
CA ASP G 360 22.50 16.46 -85.05
C ASP G 360 22.41 17.47 -83.91
N GLU H 11 -17.33 47.25 -55.84
CA GLU H 11 -17.94 46.01 -55.37
C GLU H 11 -17.03 44.82 -55.62
N ASP H 12 -16.10 44.97 -56.55
CA ASP H 12 -15.15 43.92 -56.87
C ASP H 12 -13.80 44.14 -56.20
N VAL H 13 -13.83 44.75 -55.03
CA VAL H 13 -12.61 45.04 -54.28
C VAL H 13 -12.09 43.81 -53.56
N LYS H 14 -12.87 42.73 -53.60
CA LYS H 14 -12.49 41.48 -52.94
C LYS H 14 -11.24 40.88 -53.58
N GLY H 15 -11.16 40.97 -54.91
CA GLY H 15 -9.99 40.49 -55.63
C GLY H 15 -8.75 41.29 -55.26
N LYS H 16 -8.95 42.59 -55.06
CA LYS H 16 -7.86 43.47 -54.62
C LYS H 16 -7.45 43.13 -53.20
N LEU H 17 -8.40 42.65 -52.40
CA LEU H 17 -8.12 42.20 -51.05
C LEU H 17 -7.31 40.91 -51.09
N ASP H 18 -7.59 40.07 -52.08
CA ASP H 18 -6.83 38.84 -52.28
C ASP H 18 -5.40 39.17 -52.72
N GLU H 19 -5.27 40.18 -53.58
CA GLU H 19 -3.96 40.63 -54.04
C GLU H 19 -3.16 41.20 -52.87
N TRP H 20 -3.83 41.96 -52.01
CA TRP H 20 -3.17 42.55 -50.85
C TRP H 20 -2.80 41.46 -49.85
N LEU H 21 -3.59 40.38 -49.83
CA LEU H 21 -3.30 39.24 -48.97
C LEU H 21 -2.03 38.54 -49.44
N ASN H 22 -1.99 38.22 -50.73
CA ASN H 22 -0.81 37.58 -51.32
C ASN H 22 0.43 38.45 -51.17
N ALA H 23 0.23 39.77 -51.26
CA ALA H 23 1.32 40.71 -51.08
C ALA H 23 1.79 40.73 -49.63
N LEU H 24 0.85 40.57 -48.71
CA LEU H 24 1.17 40.56 -47.28
C LEU H 24 1.84 39.26 -46.87
N VAL H 25 1.62 38.20 -47.65
CA VAL H 25 2.26 36.92 -47.40
C VAL H 25 3.67 36.92 -48.00
N HIS H 26 3.79 37.43 -49.22
CA HIS H 26 5.08 37.47 -49.91
C HIS H 26 5.94 38.65 -49.45
N LEU H 27 5.35 39.55 -48.67
CA LEU H 27 6.04 40.73 -48.15
C LEU H 27 6.64 41.61 -49.24
N ASP H 28 5.91 41.76 -50.35
CA ASP H 28 6.32 42.67 -51.40
C ASP H 28 5.97 44.10 -50.98
N LYS H 29 6.83 44.67 -50.14
CA LYS H 29 6.56 45.96 -49.48
C LYS H 29 6.11 47.08 -50.40
N GLN H 30 6.62 47.09 -51.63
CA GLN H 30 6.21 48.10 -52.60
C GLN H 30 4.75 47.91 -53.01
N GLN H 31 4.41 46.69 -53.43
CA GLN H 31 3.03 46.36 -53.76
C GLN H 31 2.15 46.42 -52.51
N VAL H 32 2.72 46.06 -51.37
CA VAL H 32 2.01 46.14 -50.10
C VAL H 32 1.55 47.57 -49.83
N GLU H 33 2.48 48.52 -49.94
CA GLU H 33 2.16 49.92 -49.70
C GLU H 33 1.25 50.50 -50.77
N ARG H 34 1.50 50.17 -52.03
CA ARG H 34 0.69 50.65 -53.13
C ARG H 34 -0.76 50.22 -53.00
N ILE H 35 -0.97 48.92 -52.84
CA ILE H 35 -2.32 48.37 -52.66
C ILE H 35 -2.92 48.85 -51.34
N TYR H 36 -2.07 49.12 -50.35
CA TYR H 36 -2.54 49.66 -49.08
C TYR H 36 -3.19 51.02 -49.27
N GLU H 37 -2.47 51.94 -49.91
CA GLU H 37 -3.00 53.27 -50.17
C GLU H 37 -4.21 53.24 -51.10
N GLU H 38 -4.12 52.44 -52.16
CA GLU H 38 -5.20 52.29 -53.11
C GLU H 38 -6.49 51.82 -52.45
N LEU H 39 -6.41 50.71 -51.74
CA LEU H 39 -7.57 50.14 -51.06
C LEU H 39 -8.08 51.06 -49.95
N GLN H 40 -7.16 51.69 -49.23
CA GLN H 40 -7.52 52.65 -48.20
C GLN H 40 -8.32 53.80 -48.80
N GLY H 41 -8.01 54.12 -50.05
CA GLY H 41 -8.77 55.13 -50.78
C GLY H 41 -10.06 54.57 -51.36
N GLU H 42 -10.13 53.24 -51.49
CA GLU H 42 -11.30 52.61 -52.09
C GLU H 42 -12.22 51.89 -51.10
N MET H 43 -11.78 51.78 -49.83
CA MET H 43 -12.57 51.06 -48.83
C MET H 43 -13.20 51.97 -47.79
N LYS H 44 -13.35 53.24 -48.13
CA LYS H 44 -13.97 54.19 -47.21
C LYS H 44 -15.49 54.13 -47.28
N HIS H 45 -16.01 53.83 -48.46
CA HIS H 45 -17.45 53.79 -48.68
C HIS H 45 -18.10 52.54 -48.09
N VAL H 46 -17.26 51.54 -47.79
CA VAL H 46 -17.67 50.24 -47.21
C VAL H 46 -18.77 49.49 -47.98
N LEU H 47 -19.05 48.27 -47.55
CA LEU H 47 -20.09 47.45 -48.20
C LEU H 47 -20.53 46.32 -47.26
N ASP H 48 -20.08 45.11 -47.56
CA ASP H 48 -20.44 43.94 -46.76
C ASP H 48 -19.83 43.98 -45.37
N PHE H 49 -20.40 43.22 -44.45
CA PHE H 49 -19.91 43.15 -43.08
C PHE H 49 -18.57 42.41 -43.01
N GLU H 50 -18.48 41.29 -43.72
CA GLU H 50 -17.29 40.45 -43.70
C GLU H 50 -16.09 41.07 -44.41
N ILE H 51 -16.36 41.82 -45.47
CA ILE H 51 -15.31 42.45 -46.27
C ILE H 51 -14.49 43.45 -45.46
N ILE H 52 -15.17 44.25 -44.64
CA ILE H 52 -14.49 45.21 -43.78
C ILE H 52 -13.57 44.52 -42.79
N ASN H 53 -14.02 43.40 -42.25
CA ASN H 53 -13.23 42.61 -41.32
C ASN H 53 -12.02 41.98 -42.01
N TYR H 54 -12.23 41.57 -43.26
CA TYR H 54 -11.16 41.04 -44.09
C TYR H 54 -10.07 42.10 -44.25
N TYR H 55 -10.50 43.30 -44.65
CA TYR H 55 -9.59 44.42 -44.85
C TYR H 55 -8.88 44.85 -43.58
N LYS H 56 -9.56 44.74 -42.44
CA LYS H 56 -8.97 45.15 -41.17
C LYS H 56 -8.03 44.10 -40.59
N LEU H 57 -8.25 42.84 -40.93
CA LEU H 57 -7.31 41.78 -40.54
C LEU H 57 -6.08 41.87 -41.43
N LEU H 58 -6.29 42.22 -42.70
CA LEU H 58 -5.19 42.50 -43.60
C LEU H 58 -4.43 43.74 -43.11
N TYR H 59 -5.16 44.63 -42.45
CA TYR H 59 -4.55 45.80 -41.84
C TYR H 59 -3.81 45.40 -40.57
N THR H 60 -4.22 44.27 -39.98
CA THR H 60 -3.51 43.73 -38.83
C THR H 60 -2.18 43.12 -39.29
N ARG H 61 -2.19 42.48 -40.45
CA ARG H 61 -0.96 41.94 -41.03
C ARG H 61 -0.04 43.08 -41.46
N TYR H 62 -0.63 44.11 -42.05
CA TYR H 62 0.10 45.31 -42.44
C TYR H 62 0.68 46.01 -41.21
N LEU H 63 -0.01 45.86 -40.08
CA LEU H 63 0.43 46.45 -38.83
C LEU H 63 1.56 45.62 -38.24
N ILE H 64 1.54 44.32 -38.51
CA ILE H 64 2.63 43.42 -38.10
C ILE H 64 3.88 43.76 -38.91
N MET H 65 3.70 44.04 -40.19
CA MET H 65 4.81 44.38 -41.07
C MET H 65 5.54 45.65 -40.62
N LYS H 66 4.79 46.61 -40.11
CA LYS H 66 5.36 47.88 -39.66
C LYS H 66 5.95 47.81 -38.26
N ARG H 67 5.92 46.62 -37.66
CA ARG H 67 6.47 46.39 -36.33
C ARG H 67 5.86 47.30 -35.26
N ASP H 68 4.58 47.62 -35.41
CA ASP H 68 3.88 48.44 -34.43
C ASP H 68 3.19 47.55 -33.42
N ILE H 69 3.71 47.52 -32.20
CA ILE H 69 3.19 46.64 -31.15
C ILE H 69 1.88 47.15 -30.55
N SER H 70 1.87 48.43 -30.18
CA SER H 70 0.72 49.03 -29.52
C SER H 70 -0.56 48.99 -30.37
N ALA H 71 -0.47 49.54 -31.58
CA ALA H 71 -1.61 49.60 -32.49
C ALA H 71 -2.14 48.20 -32.81
N LEU H 72 -1.23 47.25 -33.00
CA LEU H 72 -1.60 45.87 -33.27
C LEU H 72 -2.32 45.27 -32.07
N GLU H 73 -1.84 45.61 -30.87
CA GLU H 73 -2.44 45.11 -29.65
C GLU H 73 -3.86 45.63 -29.48
N GLU H 74 -4.05 46.94 -29.68
CA GLU H 74 -5.35 47.55 -29.57
C GLU H 74 -6.32 47.01 -30.62
N GLU H 75 -5.84 46.88 -31.85
CA GLU H 75 -6.66 46.37 -32.94
C GLU H 75 -7.10 44.93 -32.69
N LEU H 76 -6.15 44.09 -32.31
CA LEU H 76 -6.45 42.68 -32.03
C LEU H 76 -7.34 42.52 -30.80
N ASP H 77 -7.23 43.45 -29.86
CA ASP H 77 -8.10 43.46 -28.70
C ASP H 77 -9.52 43.85 -29.07
N LYS H 78 -9.64 44.79 -30.00
CA LYS H 78 -10.95 45.21 -30.49
C LYS H 78 -11.60 44.12 -31.34
N LEU H 79 -10.77 43.35 -32.03
CA LEU H 79 -11.26 42.25 -32.85
C LEU H 79 -11.40 40.96 -32.04
N LYS H 80 -10.95 41.00 -30.80
CA LYS H 80 -11.07 39.86 -29.90
C LYS H 80 -12.51 39.73 -29.40
N LYS H 81 -13.22 40.85 -29.39
CA LYS H 81 -14.59 40.89 -28.91
C LYS H 81 -15.55 40.24 -29.89
N VAL H 82 -15.36 40.51 -31.18
CA VAL H 82 -16.26 40.00 -32.22
C VAL H 82 -15.62 38.87 -33.02
N TYR H 83 -14.94 37.96 -32.33
CA TYR H 83 -14.26 36.85 -32.98
C TYR H 83 -15.23 35.72 -33.36
N LYS H 84 -16.30 35.58 -32.59
CA LYS H 84 -17.24 34.47 -32.78
C LYS H 84 -18.14 34.62 -34.01
N LYS H 85 -18.02 35.75 -34.70
CA LYS H 85 -18.84 35.99 -35.88
C LYS H 85 -18.02 36.14 -37.15
N TYR H 86 -16.77 35.69 -37.11
CA TYR H 86 -15.89 35.80 -38.27
C TYR H 86 -15.75 34.48 -39.02
N SER H 87 -15.38 34.58 -40.29
CA SER H 87 -15.12 33.42 -41.14
C SER H 87 -13.94 32.64 -40.60
N PRO H 88 -13.93 31.30 -40.82
CA PRO H 88 -12.81 30.45 -40.38
C PRO H 88 -11.46 30.93 -40.92
N PHE H 89 -11.46 31.51 -42.12
CA PHE H 89 -10.26 32.10 -42.68
C PHE H 89 -9.89 33.34 -41.87
N GLN H 90 -10.90 34.14 -41.54
CA GLN H 90 -10.70 35.33 -40.72
C GLN H 90 -10.25 34.94 -39.31
N LYS H 91 -10.77 33.80 -38.83
CA LYS H 91 -10.34 33.24 -37.56
C LYS H 91 -8.85 32.90 -37.65
N LEU H 92 -8.47 32.29 -38.77
CA LEU H 92 -7.08 31.93 -39.03
C LEU H 92 -6.17 33.16 -38.96
N LEU H 93 -6.57 34.20 -39.68
CA LEU H 93 -5.81 35.46 -39.65
C LEU H 93 -5.72 36.04 -38.24
N TYR H 94 -6.81 35.94 -37.50
CA TYR H 94 -6.84 36.43 -36.12
C TYR H 94 -5.84 35.70 -35.24
N MET H 95 -5.85 34.37 -35.30
CA MET H 95 -4.95 33.55 -34.50
C MET H 95 -3.49 33.81 -34.89
N TYR H 96 -3.26 33.97 -36.19
CA TYR H 96 -1.92 34.25 -36.71
C TYR H 96 -1.40 35.57 -36.14
N GLY H 97 -2.21 36.62 -36.29
CA GLY H 97 -1.84 37.93 -35.79
C GLY H 97 -1.63 37.95 -34.28
N ARG H 98 -2.45 37.18 -33.57
CA ARG H 98 -2.33 37.08 -32.12
C ARG H 98 -0.99 36.44 -31.75
N GLY H 99 -0.68 35.34 -32.42
CA GLY H 99 0.58 34.64 -32.20
C GLY H 99 1.79 35.51 -32.48
N LEU H 100 1.75 36.23 -33.61
CA LEU H 100 2.85 37.11 -33.98
C LEU H 100 3.00 38.27 -33.01
N LEU H 101 1.88 38.79 -32.53
CA LEU H 101 1.90 39.85 -31.53
C LEU H 101 2.54 39.34 -30.24
N CYS H 102 2.20 38.11 -29.86
CA CYS H 102 2.80 37.49 -28.69
C CYS H 102 4.30 37.26 -28.89
N CYS H 103 4.69 37.01 -30.14
CA CYS H 103 6.09 36.79 -30.47
C CYS H 103 6.90 38.08 -30.37
N LEU H 104 6.33 39.17 -30.86
CA LEU H 104 6.99 40.47 -30.81
C LEU H 104 7.14 40.96 -29.37
N GLN H 105 6.23 40.54 -28.50
CA GLN H 105 6.29 40.89 -27.09
C GLN H 105 7.11 39.87 -26.32
N TYR H 106 7.82 39.01 -27.06
CA TYR H 106 8.68 37.98 -26.48
C TYR H 106 7.94 37.02 -25.56
N ARG H 107 6.66 36.81 -25.85
CA ARG H 107 5.86 35.82 -25.16
C ARG H 107 5.81 34.56 -26.00
N TRP H 108 6.91 33.82 -25.99
CA TRP H 108 7.11 32.70 -26.92
C TRP H 108 6.16 31.53 -26.70
N LYS H 109 5.76 31.30 -25.45
CA LYS H 109 4.82 30.21 -25.16
C LYS H 109 3.45 30.49 -25.76
N ASP H 110 2.90 31.66 -25.42
CA ASP H 110 1.60 32.08 -25.95
C ASP H 110 1.63 32.14 -27.46
N GLY H 111 2.68 32.73 -28.00
CA GLY H 111 2.86 32.82 -29.43
C GLY H 111 2.85 31.46 -30.10
N LEU H 112 3.60 30.53 -29.53
CA LEU H 112 3.67 29.17 -30.04
C LEU H 112 2.29 28.51 -30.01
N ASP H 113 1.55 28.76 -28.93
CA ASP H 113 0.20 28.22 -28.79
C ASP H 113 -0.74 28.73 -29.88
N TYR H 114 -0.77 30.04 -30.06
CA TYR H 114 -1.61 30.65 -31.09
C TYR H 114 -1.17 30.22 -32.49
N LEU H 115 0.11 29.92 -32.65
CA LEU H 115 0.65 29.49 -33.94
C LEU H 115 0.32 28.03 -34.22
N LEU H 116 0.13 27.23 -33.18
CA LEU H 116 -0.32 25.86 -33.34
C LEU H 116 -1.80 25.83 -33.63
N LYS H 117 -2.55 26.67 -32.92
CA LYS H 117 -3.97 26.84 -33.17
C LYS H 117 -4.20 27.40 -34.57
N THR H 118 -3.19 28.12 -35.07
CA THR H 118 -3.21 28.61 -36.44
C THR H 118 -2.89 27.46 -37.39
N GLU H 119 -1.97 26.60 -36.95
CA GLU H 119 -1.55 25.45 -37.75
C GLU H 119 -2.72 24.51 -38.05
N VAL H 120 -3.45 24.12 -37.01
CA VAL H 120 -4.56 23.19 -37.18
C VAL H 120 -5.65 23.75 -38.10
N MET H 121 -5.92 25.05 -37.98
CA MET H 121 -6.89 25.70 -38.84
C MET H 121 -6.39 25.75 -40.28
N ALA H 122 -5.09 25.94 -40.45
CA ALA H 122 -4.48 25.94 -41.77
C ALA H 122 -4.56 24.56 -42.40
N LYS H 123 -4.50 23.53 -41.56
CA LYS H 123 -4.56 22.15 -42.02
C LYS H 123 -5.98 21.76 -42.41
N GLU H 124 -6.95 22.19 -41.60
CA GLU H 124 -8.34 21.82 -41.81
C GLU H 124 -8.98 22.54 -43.00
N GLN H 125 -8.35 23.61 -43.47
CA GLN H 125 -8.88 24.39 -44.57
C GLN H 125 -8.13 24.15 -45.87
N GLY H 126 -7.02 23.40 -45.78
CA GLY H 126 -6.19 23.14 -46.95
C GLY H 126 -5.45 24.38 -47.39
N TYR H 127 -5.10 25.23 -46.42
CA TYR H 127 -4.38 26.46 -46.70
C TYR H 127 -2.96 26.38 -46.14
N HIS H 128 -1.98 26.59 -47.01
CA HIS H 128 -0.58 26.50 -46.62
C HIS H 128 0.12 27.86 -46.61
N GLU H 129 0.95 28.08 -45.60
CA GLU H 129 1.76 29.29 -45.51
C GLU H 129 3.06 28.99 -44.76
N THR H 130 4.18 29.08 -45.48
CA THR H 130 5.47 28.68 -44.95
C THR H 130 5.91 29.52 -43.75
N GLY H 131 5.53 30.80 -43.77
CA GLY H 131 5.87 31.71 -42.69
C GLY H 131 5.37 31.23 -41.34
N LEU H 132 4.26 30.52 -41.35
CA LEU H 132 3.71 29.93 -40.13
C LEU H 132 4.68 28.90 -39.57
N TYR H 133 5.13 27.99 -40.43
CA TYR H 133 6.08 26.95 -40.04
C TYR H 133 7.39 27.56 -39.55
N TYR H 134 7.85 28.60 -40.24
CA TYR H 134 9.09 29.27 -39.84
C TYR H 134 8.94 29.94 -38.47
N ASN H 135 7.82 30.59 -38.24
CA ASN H 135 7.58 31.27 -36.97
C ASN H 135 7.46 30.30 -35.81
N ILE H 136 6.75 29.19 -36.04
CA ILE H 136 6.66 28.11 -35.06
C ILE H 136 8.07 27.60 -34.75
N ALA H 137 8.85 27.41 -35.81
CA ALA H 137 10.22 26.94 -35.69
C ALA H 137 11.07 27.90 -34.87
N LEU H 138 10.84 29.20 -35.03
CA LEU H 138 11.60 30.22 -34.31
C LEU H 138 11.17 30.24 -32.84
N ALA H 139 9.89 29.94 -32.60
CA ALA H 139 9.39 29.84 -31.23
C ALA H 139 10.08 28.68 -30.51
N TYR H 140 10.04 27.50 -31.12
CA TYR H 140 10.70 26.33 -30.55
C TYR H 140 12.21 26.55 -30.42
N THR H 141 12.78 27.32 -31.35
CA THR H 141 14.20 27.65 -31.30
C THR H 141 14.49 28.53 -30.11
N HIS H 142 13.55 29.43 -29.79
CA HIS H 142 13.68 30.30 -28.64
C HIS H 142 13.48 29.55 -27.33
N LEU H 143 12.73 28.45 -27.39
CA LEU H 143 12.43 27.68 -26.19
C LEU H 143 13.60 26.79 -25.73
N ASP H 144 14.37 26.27 -26.68
CA ASP H 144 15.57 25.46 -26.41
C ASP H 144 15.28 24.12 -25.72
N ILE H 145 15.77 23.02 -26.29
CA ILE H 145 16.40 22.98 -27.60
C ILE H 145 15.65 21.94 -28.40
N HIS H 146 14.73 22.40 -29.24
CA HIS H 146 13.71 21.51 -29.79
C HIS H 146 14.07 20.83 -31.10
N HIS H 147 13.79 19.53 -31.16
CA HIS H 147 13.86 18.76 -32.39
C HIS H 147 12.68 19.16 -33.27
N LEU H 148 11.63 19.65 -32.61
CA LEU H 148 10.47 20.19 -33.31
C LEU H 148 10.91 21.41 -34.11
N ALA H 149 11.88 22.14 -33.59
CA ALA H 149 12.44 23.28 -34.30
C ALA H 149 13.13 22.82 -35.58
N ILE H 150 13.84 21.69 -35.49
CA ILE H 150 14.50 21.10 -36.65
C ILE H 150 13.47 20.66 -37.69
N HIS H 151 12.43 19.98 -37.23
CA HIS H 151 11.34 19.54 -38.09
C HIS H 151 10.71 20.72 -38.83
N PHE H 152 10.36 21.75 -38.07
CA PHE H 152 9.67 22.91 -38.63
C PHE H 152 10.56 23.79 -39.51
N VAL H 153 11.85 23.85 -39.24
CA VAL H 153 12.75 24.58 -40.13
C VAL H 153 13.00 23.77 -41.39
N ASN H 154 12.89 22.45 -41.29
CA ASN H 154 12.98 21.61 -42.48
C ASN H 154 11.77 21.79 -43.38
N MET H 155 10.59 21.78 -42.79
CA MET H 155 9.36 22.04 -43.55
C MET H 155 9.40 23.45 -44.12
N ALA H 156 9.92 24.39 -43.33
CA ALA H 156 10.05 25.77 -43.75
C ALA H 156 11.00 25.89 -44.95
N LEU H 157 12.06 25.08 -44.94
CA LEU H 157 12.99 25.05 -46.06
C LEU H 157 12.30 24.48 -47.30
N GLU H 158 11.55 23.40 -47.10
CA GLU H 158 10.78 22.78 -48.18
C GLU H 158 9.86 23.79 -48.84
N GLY H 159 9.23 24.63 -48.03
CA GLY H 159 8.34 25.66 -48.55
C GLY H 159 9.09 26.80 -49.23
N PHE H 160 10.02 27.40 -48.50
CA PHE H 160 10.77 28.57 -48.97
C PHE H 160 11.54 28.31 -50.26
N ARG H 161 12.15 27.13 -50.39
CA ARG H 161 12.92 26.81 -51.58
C ARG H 161 12.04 26.75 -52.83
N SER H 162 10.76 26.45 -52.64
CA SER H 162 9.81 26.39 -53.75
C SER H 162 9.45 27.78 -54.23
N GLU H 163 9.36 28.72 -53.30
CA GLU H 163 8.96 30.09 -53.62
C GLU H 163 10.14 31.06 -53.60
N TYR H 164 11.35 30.52 -53.65
CA TYR H 164 12.58 31.29 -53.82
C TYR H 164 12.85 32.29 -52.68
N LYS H 165 12.35 31.99 -51.50
CA LYS H 165 12.53 32.87 -50.34
C LYS H 165 13.91 32.68 -49.71
N PHE H 166 14.94 33.11 -50.44
CA PHE H 166 16.34 32.85 -50.06
C PHE H 166 16.75 33.46 -48.71
N ARG H 167 16.28 34.65 -48.41
CA ARG H 167 16.58 35.32 -47.14
C ARG H 167 16.03 34.49 -45.99
N ASN H 168 14.78 34.06 -46.13
CA ASN H 168 14.14 33.22 -45.14
C ASN H 168 14.87 31.88 -45.04
N ILE H 169 15.40 31.42 -46.17
CA ILE H 169 16.18 30.17 -46.19
C ILE H 169 17.44 30.29 -45.34
N ILE H 170 18.21 31.35 -45.54
CA ILE H 170 19.43 31.53 -44.76
C ILE H 170 19.10 31.77 -43.29
N ASN H 171 17.93 32.35 -43.03
CA ASN H 171 17.43 32.45 -41.65
C ASN H 171 17.22 31.07 -41.04
N CYS H 172 16.57 30.20 -41.81
CA CYS H 172 16.35 28.81 -41.40
C CYS H 172 17.68 28.11 -41.12
N GLN H 173 18.66 28.36 -41.97
CA GLN H 173 19.99 27.78 -41.82
C GLN H 173 20.64 28.27 -40.52
N ILE H 174 20.46 29.54 -40.21
CA ILE H 174 20.93 30.08 -38.95
C ILE H 174 20.29 29.34 -37.78
N LEU H 175 18.98 29.10 -37.89
CA LEU H 175 18.26 28.37 -36.86
C LEU H 175 18.81 26.95 -36.67
N ILE H 176 19.04 26.26 -37.78
CA ILE H 176 19.61 24.92 -37.76
C ILE H 176 20.97 24.92 -37.08
N ALA H 177 21.80 25.89 -37.44
CA ALA H 177 23.12 26.03 -36.84
C ALA H 177 23.02 26.25 -35.34
N VAL H 178 22.07 27.08 -34.93
CA VAL H 178 21.83 27.32 -33.50
C VAL H 178 21.48 26.03 -32.79
N SER H 179 20.58 25.25 -33.40
CA SER H 179 20.18 23.96 -32.83
C SER H 179 21.36 23.01 -32.71
N TYR H 180 22.24 23.02 -33.72
CA TYR H 180 23.43 22.17 -33.69
C TYR H 180 24.41 22.59 -32.61
N THR H 181 24.55 23.90 -32.41
CA THR H 181 25.40 24.42 -31.34
C THR H 181 24.87 23.98 -29.99
N GLU H 182 23.56 24.13 -29.80
CA GLU H 182 22.93 23.79 -28.54
C GLU H 182 22.85 22.27 -28.32
N LYS H 183 23.05 21.51 -29.38
CA LYS H 183 23.00 20.05 -29.29
C LYS H 183 24.36 19.43 -28.97
N GLY H 184 25.42 20.01 -29.51
CA GLY H 184 26.76 19.53 -29.24
C GLY H 184 27.77 19.76 -30.34
N GLN H 185 27.38 19.46 -31.58
CA GLN H 185 28.28 19.61 -32.72
C GLN H 185 28.63 21.07 -32.99
N TYR H 186 29.85 21.45 -32.62
CA TYR H 186 30.30 22.83 -32.76
C TYR H 186 30.96 23.09 -34.11
N GLU H 187 31.71 22.11 -34.60
CA GLU H 187 32.46 22.26 -35.85
C GLU H 187 31.54 22.40 -37.07
N GLU H 188 30.52 21.55 -37.11
CA GLU H 188 29.55 21.57 -38.20
C GLU H 188 28.88 22.94 -38.27
N ALA H 189 28.41 23.40 -37.11
CA ALA H 189 27.77 24.71 -37.00
C ALA H 189 28.75 25.82 -37.34
N LEU H 190 30.03 25.60 -37.08
CA LEU H 190 31.06 26.58 -37.42
C LEU H 190 31.19 26.71 -38.93
N LYS H 191 31.19 25.57 -39.63
CA LYS H 191 31.24 25.59 -41.09
C LYS H 191 29.98 26.23 -41.67
N MET H 192 28.84 25.92 -41.07
CA MET H 192 27.57 26.52 -41.45
C MET H 192 27.64 28.04 -41.34
N TYR H 193 28.10 28.52 -40.19
CA TYR H 193 28.24 29.95 -39.94
C TYR H 193 29.25 30.60 -40.87
N GLU H 194 30.26 29.84 -41.27
CA GLU H 194 31.25 30.33 -42.23
C GLU H 194 30.59 30.57 -43.59
N SER H 195 29.80 29.59 -44.02
CA SER H 195 29.07 29.73 -45.28
C SER H 195 28.07 30.88 -45.21
N ILE H 196 27.43 31.02 -44.06
CA ILE H 196 26.47 32.11 -43.83
C ILE H 196 27.15 33.46 -43.94
N LEU H 197 28.28 33.62 -43.26
CA LEU H 197 29.08 34.83 -43.34
C LEU H 197 29.49 35.11 -44.78
N ARG H 198 29.84 34.05 -45.50
CA ARG H 198 30.28 34.16 -46.88
C ARG H 198 29.17 34.70 -47.77
N GLU H 199 27.95 34.19 -47.59
CA GLU H 199 26.85 34.50 -48.48
C GLU H 199 25.99 35.68 -48.03
N ALA H 200 26.25 36.18 -46.82
CA ALA H 200 25.49 37.31 -46.30
C ALA H 200 25.92 38.62 -46.95
N THR H 201 27.10 38.60 -47.55
CA THR H 201 27.63 39.78 -48.23
C THR H 201 26.77 40.14 -49.44
N SER H 202 26.19 39.13 -50.08
CA SER H 202 25.40 39.35 -51.29
C SER H 202 23.99 39.85 -50.98
N PHE H 203 23.65 39.90 -49.69
CA PHE H 203 22.34 40.36 -49.27
C PHE H 203 22.34 41.85 -48.90
N ALA H 204 21.21 42.51 -49.11
CA ALA H 204 21.07 43.93 -48.81
C ALA H 204 21.23 44.20 -47.32
N ASP H 205 20.55 43.41 -46.50
CA ASP H 205 20.68 43.51 -45.05
C ASP H 205 21.81 42.62 -44.54
N LYS H 206 23.01 42.90 -45.02
CA LYS H 206 24.20 42.13 -44.66
C LYS H 206 24.52 42.22 -43.17
N ASP H 207 24.40 43.43 -42.62
CA ASP H 207 24.88 43.74 -41.27
C ASP H 207 24.21 42.92 -40.16
N VAL H 208 22.90 42.72 -40.26
CA VAL H 208 22.19 41.96 -39.23
C VAL H 208 22.62 40.49 -39.24
N LEU H 209 22.71 39.91 -40.43
CA LEU H 209 23.18 38.55 -40.60
C LEU H 209 24.59 38.39 -40.03
N LEU H 210 25.47 39.32 -40.40
CA LEU H 210 26.84 39.32 -39.90
C LEU H 210 26.88 39.39 -38.37
N ALA H 211 26.02 40.24 -37.80
CA ALA H 211 25.97 40.42 -36.34
C ALA H 211 25.56 39.14 -35.64
N ILE H 212 24.42 38.59 -36.05
CA ILE H 212 23.89 37.35 -35.48
C ILE H 212 24.90 36.22 -35.60
N THR H 213 25.42 36.05 -36.81
CA THR H 213 26.38 34.99 -37.09
C THR H 213 27.63 35.10 -36.24
N LEU H 214 28.21 36.30 -36.17
CA LEU H 214 29.43 36.52 -35.40
C LEU H 214 29.22 36.30 -33.91
N SER H 215 28.06 36.75 -33.42
CA SER H 215 27.73 36.54 -32.00
C SER H 215 27.62 35.05 -31.69
N ASN H 216 26.91 34.32 -32.55
CA ASN H 216 26.75 32.88 -32.38
C ASN H 216 28.08 32.12 -32.48
N MET H 217 28.93 32.54 -33.41
CA MET H 217 30.26 31.96 -33.53
C MET H 217 31.06 32.21 -32.25
N GLY H 218 30.91 33.41 -31.71
CA GLY H 218 31.52 33.74 -30.44
C GLY H 218 31.04 32.81 -29.35
N SER H 219 29.76 32.48 -29.38
CA SER H 219 29.18 31.52 -28.45
C SER H 219 29.83 30.15 -28.61
N ILE H 220 30.03 29.74 -29.86
CA ILE H 220 30.67 28.46 -30.16
C ILE H 220 32.09 28.39 -29.60
N TYR H 221 32.89 29.41 -29.92
CA TYR H 221 34.27 29.46 -29.43
C TYR H 221 34.33 29.57 -27.92
N TYR H 222 33.29 30.16 -27.32
CA TYR H 222 33.19 30.22 -25.87
C TYR H 222 32.95 28.83 -25.30
N LYS H 223 32.08 28.07 -25.95
CA LYS H 223 31.77 26.71 -25.51
C LYS H 223 32.92 25.75 -25.81
N LYS H 224 33.81 26.16 -26.71
CA LYS H 224 34.89 25.30 -27.17
C LYS H 224 36.12 25.39 -26.27
N GLY H 225 36.30 26.56 -25.64
CA GLY H 225 37.43 26.76 -24.76
C GLY H 225 38.27 27.97 -25.12
N LYS H 226 38.07 28.48 -26.33
CA LYS H 226 38.81 29.65 -26.80
C LYS H 226 38.08 30.93 -26.41
N TYR H 227 38.56 31.58 -25.36
CA TYR H 227 37.88 32.76 -24.82
C TYR H 227 38.31 34.05 -25.50
N GLN H 228 39.56 34.13 -25.92
CA GLN H 228 40.06 35.32 -26.61
C GLN H 228 39.38 35.47 -27.97
N GLN H 229 39.30 34.36 -28.70
CA GLN H 229 38.61 34.35 -29.99
C GLN H 229 37.14 34.69 -29.82
N ALA H 230 36.53 34.13 -28.78
CA ALA H 230 35.13 34.39 -28.48
C ALA H 230 34.89 35.87 -28.21
N LYS H 231 35.77 36.47 -27.42
CA LYS H 231 35.66 37.90 -27.11
C LYS H 231 35.87 38.75 -28.36
N LYS H 232 36.79 38.33 -29.22
CA LYS H 232 37.06 39.07 -30.45
C LYS H 232 35.86 39.05 -31.39
N TYR H 233 35.28 37.86 -31.58
CA TYR H 233 34.09 37.72 -32.42
C TYR H 233 32.89 38.44 -31.83
N TYR H 234 32.76 38.41 -30.51
CA TYR H 234 31.72 39.16 -29.81
C TYR H 234 31.86 40.64 -30.10
N LEU H 235 33.10 41.11 -30.03
CA LEU H 235 33.41 42.51 -30.25
C LEU H 235 33.07 42.91 -31.69
N ASP H 236 33.46 42.07 -32.64
CA ASP H 236 33.16 42.31 -34.05
C ASP H 236 31.66 42.32 -34.31
N SER H 237 30.93 41.49 -33.57
CA SER H 237 29.47 41.44 -33.70
C SER H 237 28.82 42.68 -33.14
N LEU H 238 29.34 43.15 -32.00
CA LEU H 238 28.81 44.36 -31.36
C LEU H 238 29.13 45.61 -32.17
N GLN H 239 30.23 45.56 -32.93
CA GLN H 239 30.61 46.67 -33.79
C GLN H 239 29.54 46.94 -34.86
N LEU H 240 28.95 45.86 -35.37
CA LEU H 240 27.95 45.98 -36.44
C LEU H 240 26.54 46.20 -35.90
N GLN H 241 26.41 46.29 -34.58
CA GLN H 241 25.12 46.49 -33.95
C GLN H 241 24.97 47.92 -33.43
N LYS H 242 24.27 48.75 -34.19
CA LYS H 242 24.04 50.13 -33.80
C LYS H 242 22.72 50.25 -33.04
N GLN H 243 21.76 49.41 -33.41
CA GLN H 243 20.45 49.41 -32.76
C GLN H 243 20.47 48.52 -31.52
N ILE H 244 19.45 48.64 -30.68
CA ILE H 244 19.37 47.86 -29.45
C ILE H 244 18.14 46.96 -29.43
N ASP H 245 18.38 45.66 -29.32
CA ASP H 245 17.28 44.69 -29.24
C ASP H 245 17.69 43.48 -28.38
N LEU H 246 17.06 42.34 -28.64
CA LEU H 246 17.33 41.13 -27.89
C LEU H 246 18.73 40.59 -28.17
N ASN H 247 19.09 40.57 -29.45
CA ASN H 247 20.38 40.06 -29.88
C ASN H 247 21.54 40.82 -29.28
N TYR H 248 21.37 42.13 -29.12
CA TYR H 248 22.39 42.98 -28.52
C TYR H 248 22.61 42.59 -27.06
N LEU H 249 21.52 42.44 -26.33
CA LEU H 249 21.57 42.07 -24.92
C LEU H 249 22.18 40.69 -24.72
N ASP H 250 21.81 39.75 -25.58
CA ASP H 250 22.36 38.41 -25.51
C ASP H 250 23.86 38.44 -25.81
N THR H 251 24.24 39.25 -26.80
CA THR H 251 25.63 39.35 -27.22
C THR H 251 26.50 39.94 -26.11
N ILE H 252 26.00 40.99 -25.45
CA ILE H 252 26.75 41.60 -24.35
C ILE H 252 26.71 40.75 -23.09
N TYR H 253 25.71 39.89 -22.98
CA TYR H 253 25.61 38.95 -21.87
C TYR H 253 26.70 37.89 -22.01
N GLU H 254 26.79 37.31 -23.21
CA GLU H 254 27.82 36.32 -23.49
C GLU H 254 29.20 36.96 -23.47
N MET H 255 29.24 38.24 -23.82
CA MET H 255 30.47 39.03 -23.72
C MET H 255 30.88 39.14 -22.25
N ALA H 256 29.89 39.34 -21.39
CA ALA H 256 30.13 39.39 -19.95
C ALA H 256 30.67 38.06 -19.46
N LEU H 257 30.09 36.97 -19.97
CA LEU H 257 30.54 35.63 -19.60
C LEU H 257 31.99 35.39 -20.01
N VAL H 258 32.32 35.74 -21.25
CA VAL H 258 33.67 35.52 -21.77
C VAL H 258 34.69 36.47 -21.14
N CYS H 259 34.21 37.59 -20.62
CA CYS H 259 35.09 38.52 -19.90
C CYS H 259 35.31 38.01 -18.49
N ILE H 260 34.31 37.31 -17.95
CA ILE H 260 34.44 36.66 -16.65
C ILE H 260 35.46 35.53 -16.73
N LYS H 261 35.33 34.69 -17.76
CA LYS H 261 36.23 33.57 -17.93
C LYS H 261 37.65 34.00 -18.27
N LEU H 262 37.79 35.21 -18.80
CA LEU H 262 39.11 35.77 -19.10
C LEU H 262 39.67 36.52 -17.90
N GLU H 263 38.97 36.42 -16.77
CA GLU H 263 39.38 37.06 -15.52
C GLU H 263 39.50 38.57 -15.63
N GLU H 264 38.73 39.16 -16.55
CA GLU H 264 38.69 40.61 -16.70
C GLU H 264 37.44 41.15 -16.02
N LEU H 265 37.49 41.29 -14.70
CA LEU H 265 36.33 41.63 -13.90
C LEU H 265 35.80 43.05 -14.15
N GLU H 266 36.71 43.99 -14.37
CA GLU H 266 36.33 45.39 -14.53
C GLU H 266 35.42 45.64 -15.75
N GLU H 267 35.92 45.29 -16.93
CA GLU H 267 35.17 45.48 -18.16
C GLU H 267 33.87 44.68 -18.12
N ALA H 268 33.97 43.46 -17.62
CA ALA H 268 32.81 42.59 -17.46
C ALA H 268 31.72 43.29 -16.65
N ARG H 269 32.08 43.78 -15.47
CA ARG H 269 31.12 44.45 -14.60
C ARG H 269 30.55 45.71 -15.26
N THR H 270 31.40 46.47 -15.95
CA THR H 270 30.95 47.68 -16.61
C THR H 270 29.89 47.40 -17.68
N LEU H 271 30.18 46.47 -18.58
CA LEU H 271 29.22 46.16 -19.65
C LEU H 271 28.01 45.37 -19.13
N ILE H 272 28.18 44.74 -17.96
CA ILE H 272 27.04 44.13 -17.28
C ILE H 272 26.09 45.24 -16.83
N ASP H 273 26.65 46.26 -16.20
CA ASP H 273 25.87 47.41 -15.75
C ASP H 273 25.22 48.12 -16.94
N LYS H 274 25.94 48.19 -18.05
CA LYS H 274 25.41 48.78 -19.27
C LYS H 274 24.23 47.97 -19.79
N GLY H 275 24.37 46.65 -19.76
CA GLY H 275 23.31 45.75 -20.19
C GLY H 275 22.07 45.87 -19.35
N ILE H 276 22.25 45.91 -18.03
CA ILE H 276 21.14 46.07 -17.10
C ILE H 276 20.45 47.42 -17.32
N ASP H 277 21.24 48.46 -17.46
CA ASP H 277 20.72 49.81 -17.67
C ASP H 277 19.95 49.91 -18.98
N ALA H 278 20.37 49.13 -19.98
CA ALA H 278 19.74 49.18 -21.29
C ALA H 278 18.50 48.30 -21.38
N ALA H 279 18.46 47.24 -20.57
CA ALA H 279 17.38 46.27 -20.64
C ALA H 279 16.16 46.65 -19.79
N LYS H 280 16.28 47.75 -19.04
CA LYS H 280 15.21 48.17 -18.13
C LYS H 280 14.10 48.95 -18.82
N GLN H 281 14.41 49.55 -19.96
CA GLN H 281 13.47 50.48 -20.60
C GLN H 281 12.32 49.83 -21.37
N GLU H 282 12.63 49.12 -22.44
CA GLU H 282 11.60 48.67 -23.38
C GLU H 282 10.82 47.44 -22.96
N GLU H 283 10.63 47.26 -21.66
CA GLU H 283 9.77 46.21 -21.07
C GLU H 283 9.87 44.78 -21.63
N ARG H 284 10.04 44.64 -22.93
CA ARG H 284 10.12 43.34 -23.58
C ARG H 284 11.40 42.59 -23.21
N PHE H 285 12.41 43.34 -22.78
CA PHE H 285 13.74 42.79 -22.53
C PHE H 285 13.84 42.15 -21.14
N ASN H 286 12.75 42.21 -20.38
CA ASN H 286 12.70 41.74 -19.00
C ASN H 286 13.32 40.36 -18.75
N ALA H 287 13.25 39.49 -19.76
CA ALA H 287 13.91 38.20 -19.70
C ALA H 287 15.42 38.39 -19.56
N LYS H 288 16.03 38.93 -20.61
CA LYS H 288 17.47 39.18 -20.63
C LYS H 288 17.93 39.95 -19.39
N LEU H 289 17.21 41.02 -19.07
CA LEU H 289 17.43 41.78 -17.84
C LEU H 289 17.60 40.84 -16.65
N TYR H 290 16.59 40.01 -16.41
CA TYR H 290 16.64 39.03 -15.32
C TYR H 290 17.96 38.27 -15.35
N LEU H 291 18.25 37.70 -16.52
CA LEU H 291 19.50 36.96 -16.73
C LEU H 291 20.67 37.79 -16.24
N LEU H 292 20.81 38.99 -16.80
CA LEU H 292 21.86 39.92 -16.39
C LEU H 292 21.84 40.10 -14.87
N LEU H 293 20.68 40.43 -14.33
CA LEU H 293 20.53 40.60 -12.89
C LEU H 293 21.10 39.39 -12.16
N MET H 294 20.70 38.21 -12.61
CA MET H 294 21.16 36.97 -11.99
C MET H 294 22.68 37.00 -11.91
N LEU H 295 23.32 37.25 -13.05
CA LEU H 295 24.76 37.28 -13.14
C LEU H 295 25.31 38.22 -12.09
N ARG H 296 24.78 39.44 -12.06
CA ARG H 296 25.16 40.43 -11.06
C ARG H 296 25.03 39.83 -9.66
N TYR H 297 23.83 39.36 -9.33
CA TYR H 297 23.56 38.82 -8.01
C TYR H 297 24.43 37.60 -7.69
N LYS H 298 25.00 36.98 -8.72
CA LYS H 298 25.84 35.81 -8.53
C LYS H 298 27.31 36.17 -8.39
N TYR H 299 27.69 37.34 -8.91
CA TYR H 299 29.11 37.67 -9.00
C TYR H 299 29.58 38.81 -8.10
N PHE H 300 28.88 39.93 -8.13
CA PHE H 300 29.34 41.12 -7.39
C PHE H 300 28.52 41.44 -6.15
N GLU H 301 27.23 41.15 -6.17
CA GLU H 301 26.42 41.20 -4.96
C GLU H 301 26.85 40.05 -4.06
N GLU H 302 26.72 38.83 -4.59
CA GLU H 302 27.29 37.63 -3.96
C GLU H 302 26.89 37.47 -2.50
N ALA H 303 25.60 37.31 -2.25
CA ALA H 303 25.10 37.18 -0.88
C ALA H 303 23.77 36.43 -0.81
N LYS H 304 22.96 36.79 0.17
CA LYS H 304 21.67 36.14 0.40
C LYS H 304 20.59 36.71 -0.52
N ASP H 305 20.83 37.92 -1.02
CA ASP H 305 19.92 38.57 -1.94
C ASP H 305 19.78 37.73 -3.21
N TYR H 306 20.88 37.12 -3.62
CA TYR H 306 20.91 36.21 -4.75
C TYR H 306 19.90 35.09 -4.56
N LYS H 307 20.09 34.32 -3.49
CA LYS H 307 19.22 33.19 -3.18
C LYS H 307 17.76 33.63 -3.06
N ALA H 308 17.53 34.74 -2.37
CA ALA H 308 16.18 35.25 -2.15
C ALA H 308 15.46 35.58 -3.45
N PHE H 309 16.03 36.50 -4.23
CA PHE H 309 15.38 36.94 -5.46
C PHE H 309 15.40 35.88 -6.56
N LEU H 310 16.32 34.93 -6.47
CA LEU H 310 16.34 33.81 -7.41
C LEU H 310 15.20 32.85 -7.05
N GLU H 311 14.92 32.75 -5.76
CA GLU H 311 13.80 31.94 -5.30
C GLU H 311 12.48 32.63 -5.62
N ASN H 312 12.53 33.96 -5.73
CA ASN H 312 11.33 34.75 -5.95
C ASN H 312 11.02 35.00 -7.43
N GLU H 313 12.01 34.84 -8.31
CA GLU H 313 11.84 35.16 -9.72
C GLU H 313 11.19 34.03 -10.53
N ALA H 314 11.03 32.86 -9.92
CA ALA H 314 10.61 31.67 -10.65
C ALA H 314 9.14 31.66 -11.06
N ILE H 315 8.38 32.67 -10.65
CA ILE H 315 6.94 32.68 -10.92
C ILE H 315 6.51 32.95 -12.38
N PRO H 316 7.01 34.05 -12.99
CA PRO H 316 6.54 34.30 -14.36
C PRO H 316 7.07 33.29 -15.38
N LEU H 317 8.15 32.61 -15.04
CA LEU H 317 8.78 31.66 -15.96
C LEU H 317 8.13 30.28 -15.85
N TYR H 318 8.03 29.59 -16.99
CA TYR H 318 7.44 28.27 -17.05
C TYR H 318 8.35 27.28 -17.76
N GLU H 326 13.56 24.63 -19.51
CA GLU H 326 14.73 24.00 -20.12
C GLU H 326 15.96 24.90 -20.01
N LEU H 327 15.83 26.12 -20.52
CA LEU H 327 16.90 27.11 -20.40
C LEU H 327 17.02 27.59 -18.96
N LYS H 328 15.97 27.34 -18.18
CA LYS H 328 15.98 27.67 -16.76
C LYS H 328 15.82 26.43 -15.89
N LYS H 329 16.58 25.38 -16.21
CA LYS H 329 16.77 24.27 -15.31
C LYS H 329 18.14 24.43 -14.69
N VAL H 330 18.68 25.63 -14.86
CA VAL H 330 20.02 25.97 -14.37
C VAL H 330 19.95 26.66 -13.02
N TYR H 331 18.89 27.44 -12.81
CA TYR H 331 18.74 28.15 -11.53
C TYR H 331 18.51 27.17 -10.38
N VAL H 332 17.70 26.14 -10.64
CA VAL H 332 17.51 25.07 -9.67
C VAL H 332 18.82 24.28 -9.52
N GLU H 333 19.53 24.13 -10.63
CA GLU H 333 20.81 23.44 -10.64
C GLU H 333 21.84 24.14 -9.77
N LEU H 334 22.02 25.43 -10.01
CA LEU H 334 22.98 26.23 -9.25
C LEU H 334 22.55 26.37 -7.79
N ALA H 335 21.24 26.51 -7.57
CA ALA H 335 20.71 26.61 -6.21
C ALA H 335 21.00 25.34 -5.41
N GLU H 336 20.76 24.19 -6.02
CA GLU H 336 21.01 22.92 -5.35
C GLU H 336 22.50 22.57 -5.36
N HIS H 337 23.28 23.34 -6.11
CA HIS H 337 24.72 23.15 -6.13
C HIS H 337 25.40 23.90 -4.98
N PHE H 338 25.02 25.16 -4.78
CA PHE H 338 25.64 25.97 -3.75
C PHE H 338 24.98 25.79 -2.38
N SER H 339 23.93 24.97 -2.33
CA SER H 339 23.26 24.67 -1.06
C SER H 339 23.57 23.26 -0.59
N SER H 340 24.23 22.48 -1.46
CA SER H 340 24.60 21.11 -1.12
C SER H 340 26.00 21.07 -0.51
N LEU H 341 26.25 21.95 0.46
CA LEU H 341 27.52 21.97 1.16
C LEU H 341 27.37 21.34 2.54
N SER H 342 26.13 21.19 2.98
CA SER H 342 25.84 20.57 4.27
C SER H 342 24.53 19.81 4.22
N ARG H 343 23.46 20.51 3.87
CA ARG H 343 22.14 19.89 3.74
C ARG H 343 21.94 19.29 2.35
N PHE H 344 21.05 18.32 2.24
CA PHE H 344 20.79 17.67 0.97
C PHE H 344 19.31 17.33 0.78
N GLU H 345 18.49 17.65 1.79
CA GLU H 345 17.06 17.38 1.74
C GLU H 345 16.37 18.15 0.61
N GLU H 346 16.27 19.46 0.77
CA GLU H 346 15.66 20.32 -0.24
C GLU H 346 16.44 20.26 -1.55
N SER H 347 17.72 19.91 -1.44
CA SER H 347 18.57 19.72 -2.61
C SER H 347 18.06 18.52 -3.41
N ASN H 348 17.99 17.36 -2.76
CA ASN H 348 17.51 16.14 -3.39
C ASN H 348 16.08 16.31 -3.91
N ARG H 349 15.27 17.06 -3.19
CA ARG H 349 13.92 17.38 -3.64
C ARG H 349 13.97 18.20 -4.93
N TYR H 350 14.95 19.11 -5.00
CA TYR H 350 15.13 19.94 -6.19
C TYR H 350 15.64 19.12 -7.38
N TYR H 351 16.43 18.09 -7.10
CA TYR H 351 16.86 17.16 -8.16
C TYR H 351 15.64 16.41 -8.66
N ARG H 352 14.81 15.96 -7.71
CA ARG H 352 13.56 15.27 -8.03
C ARG H 352 12.69 16.13 -8.94
N LEU H 353 12.62 17.42 -8.63
CA LEU H 353 11.86 18.35 -9.47
C LEU H 353 12.53 18.56 -10.83
N VAL H 354 13.87 18.54 -10.84
CA VAL H 354 14.63 18.67 -12.07
C VAL H 354 14.28 17.55 -13.04
N ILE H 355 14.27 16.32 -12.55
CA ILE H 355 13.90 15.20 -13.41
C ILE H 355 12.38 15.18 -13.65
N ASP H 356 11.62 15.78 -12.74
CA ASP H 356 10.18 15.93 -12.96
C ASP H 356 9.92 16.87 -14.13
N LEU H 357 10.88 17.74 -14.41
CA LEU H 357 10.82 18.61 -15.58
C LEU H 357 11.60 18.00 -16.75
N MET H 358 12.36 16.94 -16.45
CA MET H 358 13.16 16.28 -17.47
C MET H 358 12.45 15.06 -18.05
N ASN H 359 11.60 14.43 -17.22
CA ASN H 359 10.85 13.26 -17.65
C ASN H 359 9.77 13.59 -18.68
N ASP H 360 9.42 14.87 -18.78
CA ASP H 360 8.42 15.32 -19.73
C ASP H 360 8.92 15.21 -21.17
N VAL I 9 -36.27 82.97 27.92
CA VAL I 9 -37.15 82.36 28.92
C VAL I 9 -37.95 81.22 28.29
N GLU I 10 -37.94 81.16 26.96
CA GLU I 10 -38.67 80.13 26.22
C GLU I 10 -38.05 78.76 26.45
N GLU I 11 -38.50 78.08 27.50
CA GLU I 11 -37.99 76.75 27.84
C GLU I 11 -38.92 75.65 27.33
N ASP I 12 -39.92 76.06 26.55
CA ASP I 12 -40.84 75.10 25.95
C ASP I 12 -40.12 74.32 24.86
N VAL I 13 -39.27 75.01 24.11
CA VAL I 13 -38.44 74.39 23.09
C VAL I 13 -37.54 73.35 23.74
N LYS I 14 -37.03 73.65 24.93
CA LYS I 14 -36.23 72.71 25.70
C LYS I 14 -37.01 71.43 25.98
N GLY I 15 -38.26 71.60 26.40
CA GLY I 15 -39.14 70.47 26.67
C GLY I 15 -39.38 69.64 25.42
N LYS I 16 -39.59 70.30 24.30
CA LYS I 16 -39.76 69.61 23.03
C LYS I 16 -38.50 68.83 22.67
N LEU I 17 -37.35 69.39 23.01
CA LEU I 17 -36.07 68.73 22.80
C LEU I 17 -35.97 67.48 23.68
N ASP I 18 -36.50 67.56 24.90
CA ASP I 18 -36.54 66.41 25.79
C ASP I 18 -37.44 65.32 25.21
N GLU I 19 -38.56 65.74 24.62
CA GLU I 19 -39.45 64.81 23.94
C GLU I 19 -38.73 64.12 22.79
N TRP I 20 -37.96 64.90 22.02
CA TRP I 20 -37.20 64.35 20.91
C TRP I 20 -36.15 63.38 21.42
N LEU I 21 -35.61 63.66 22.60
CA LEU I 21 -34.65 62.77 23.22
C LEU I 21 -35.31 61.44 23.57
N ASN I 22 -36.49 61.51 24.17
CA ASN I 22 -37.23 60.31 24.52
C ASN I 22 -37.63 59.52 23.28
N ALA I 23 -37.82 60.22 22.17
CA ALA I 23 -38.16 59.57 20.90
C ALA I 23 -36.93 58.86 20.31
N LEU I 24 -35.78 59.53 20.38
CA LEU I 24 -34.54 58.99 19.85
C LEU I 24 -34.04 57.80 20.66
N VAL I 25 -34.34 57.81 21.96
CA VAL I 25 -33.94 56.72 22.83
C VAL I 25 -34.74 55.46 22.53
N HIS I 26 -36.06 55.60 22.45
CA HIS I 26 -36.95 54.48 22.19
C HIS I 26 -37.07 54.19 20.69
N LEU I 27 -36.34 54.96 19.89
CA LEU I 27 -36.30 54.79 18.44
C LEU I 27 -37.67 54.85 17.78
N ASP I 28 -38.53 55.73 18.30
CA ASP I 28 -39.85 55.93 17.74
C ASP I 28 -39.73 56.79 16.48
N LYS I 29 -39.51 56.14 15.34
CA LYS I 29 -39.17 56.83 14.10
C LYS I 29 -40.13 57.94 13.66
N GLN I 30 -41.43 57.69 13.77
CA GLN I 30 -42.42 58.70 13.39
C GLN I 30 -42.37 59.91 14.32
N GLN I 31 -42.21 59.65 15.62
CA GLN I 31 -42.08 60.72 16.60
C GLN I 31 -40.80 61.49 16.34
N VAL I 32 -39.73 60.77 16.04
CA VAL I 32 -38.44 61.39 15.74
C VAL I 32 -38.55 62.34 14.55
N GLU I 33 -39.14 61.86 13.46
CA GLU I 33 -39.32 62.69 12.27
C GLU I 33 -40.22 63.90 12.55
N ARG I 34 -41.35 63.66 13.21
CA ARG I 34 -42.31 64.72 13.50
C ARG I 34 -41.67 65.83 14.32
N ILE I 35 -41.09 65.47 15.47
CA ILE I 35 -40.45 66.43 16.35
C ILE I 35 -39.24 67.08 15.67
N TYR I 36 -38.62 66.35 14.73
CA TYR I 36 -37.53 66.91 13.95
C TYR I 36 -38.02 68.06 13.09
N GLU I 37 -39.12 67.84 12.39
CA GLU I 37 -39.70 68.88 11.54
C GLU I 37 -40.20 70.07 12.35
N GLU I 38 -40.92 69.77 13.43
CA GLU I 38 -41.41 70.81 14.33
C GLU I 38 -40.26 71.64 14.90
N LEU I 39 -39.14 70.96 15.16
CA LEU I 39 -37.93 71.64 15.62
C LEU I 39 -37.38 72.55 14.54
N GLN I 40 -37.30 72.02 13.32
CA GLN I 40 -36.87 72.82 12.17
C GLN I 40 -37.74 74.06 12.01
N GLY I 41 -38.98 73.96 12.46
CA GLY I 41 -39.89 75.09 12.43
C GLY I 41 -39.78 75.99 13.66
N GLU I 42 -39.19 75.47 14.73
CA GLU I 42 -39.13 76.23 15.98
C GLU I 42 -37.70 76.60 16.43
N MET I 43 -36.71 75.90 15.89
CA MET I 43 -35.32 76.14 16.30
C MET I 43 -34.70 77.37 15.64
N LYS I 44 -35.48 78.07 14.82
CA LYS I 44 -34.99 79.26 14.15
C LYS I 44 -35.48 80.52 14.86
N HIS I 45 -35.80 80.39 16.14
CA HIS I 45 -36.25 81.52 16.94
C HIS I 45 -35.73 81.42 18.36
N VAL I 46 -34.79 80.51 18.57
CA VAL I 46 -34.19 80.28 19.88
C VAL I 46 -32.78 80.87 19.91
N LEU I 47 -32.35 81.34 21.08
CA LEU I 47 -31.10 82.07 21.20
C LEU I 47 -29.98 81.34 21.95
N ASP I 48 -30.32 80.79 23.12
CA ASP I 48 -29.33 80.17 24.01
C ASP I 48 -28.51 79.09 23.33
N PHE I 49 -27.18 79.26 23.35
CA PHE I 49 -26.26 78.32 22.72
C PHE I 49 -26.36 76.91 23.30
N GLU I 50 -26.77 76.83 24.58
CA GLU I 50 -26.96 75.55 25.24
C GLU I 50 -28.03 74.73 24.50
N ILE I 51 -29.14 75.38 24.20
CA ILE I 51 -30.24 74.75 23.50
C ILE I 51 -29.83 74.35 22.09
N ILE I 52 -29.09 75.24 21.42
CA ILE I 52 -28.61 74.98 20.05
C ILE I 52 -27.70 73.74 20.01
N ASN I 53 -26.76 73.66 20.94
CA ASN I 53 -25.83 72.53 20.99
C ASN I 53 -26.51 71.23 21.40
N TYR I 54 -27.48 71.35 22.31
CA TYR I 54 -28.32 70.22 22.70
C TYR I 54 -28.99 69.66 21.44
N TYR I 55 -29.62 70.56 20.70
CA TYR I 55 -30.28 70.21 19.44
C TYR I 55 -29.30 69.60 18.45
N LYS I 56 -28.07 70.08 18.45
CA LYS I 56 -27.05 69.57 17.53
C LYS I 56 -26.63 68.15 17.88
N LEU I 57 -26.59 67.84 19.18
CA LEU I 57 -26.25 66.49 19.62
C LEU I 57 -27.40 65.51 19.38
N LEU I 58 -28.62 65.96 19.65
CA LEU I 58 -29.78 65.13 19.36
C LEU I 58 -29.91 64.93 17.85
N TYR I 59 -29.45 65.91 17.08
CA TYR I 59 -29.42 65.79 15.63
C TYR I 59 -28.30 64.84 15.21
N THR I 60 -27.26 64.75 16.04
CA THR I 60 -26.21 63.77 15.83
C THR I 60 -26.80 62.37 15.96
N ARG I 61 -27.59 62.17 17.00
CA ARG I 61 -28.29 60.89 17.17
C ARG I 61 -29.27 60.63 16.03
N TYR I 62 -29.88 61.70 15.54
CA TYR I 62 -30.78 61.63 14.39
C TYR I 62 -30.01 61.14 13.16
N LEU I 63 -28.78 61.61 13.00
CA LEU I 63 -27.93 61.16 11.91
C LEU I 63 -27.54 59.70 12.09
N ILE I 64 -27.36 59.31 13.35
CA ILE I 64 -27.08 57.91 13.67
C ILE I 64 -28.25 57.02 13.24
N MET I 65 -29.47 57.54 13.41
CA MET I 65 -30.66 56.79 13.02
C MET I 65 -30.82 56.67 11.51
N LYS I 66 -30.34 57.67 10.79
CA LYS I 66 -30.46 57.69 9.34
C LYS I 66 -29.26 57.03 8.67
N ARG I 67 -28.34 56.53 9.50
CA ARG I 67 -27.14 55.85 9.03
C ARG I 67 -26.33 56.67 8.03
N ASP I 68 -26.25 57.98 8.27
CA ASP I 68 -25.46 58.86 7.42
C ASP I 68 -24.09 59.10 8.06
N ILE I 69 -23.16 58.19 7.80
CA ILE I 69 -21.86 58.19 8.46
C ILE I 69 -21.02 59.44 8.20
N SER I 70 -20.99 59.91 6.95
CA SER I 70 -20.20 61.08 6.59
C SER I 70 -20.67 62.33 7.32
N ALA I 71 -21.95 62.64 7.17
CA ALA I 71 -22.55 63.79 7.83
C ALA I 71 -22.42 63.68 9.35
N LEU I 72 -22.51 62.45 9.85
CA LEU I 72 -22.34 62.17 11.27
C LEU I 72 -20.95 62.57 11.74
N GLU I 73 -19.94 62.15 10.98
CA GLU I 73 -18.54 62.44 11.32
C GLU I 73 -18.24 63.93 11.25
N GLU I 74 -18.66 64.56 10.16
CA GLU I 74 -18.44 66.00 9.99
C GLU I 74 -19.11 66.80 11.11
N GLU I 75 -20.36 66.44 11.41
CA GLU I 75 -21.10 67.09 12.49
C GLU I 75 -20.41 66.86 13.83
N LEU I 76 -19.86 65.67 14.02
CA LEU I 76 -19.21 65.33 15.29
C LEU I 76 -17.87 66.05 15.47
N ASP I 77 -17.21 66.38 14.36
CA ASP I 77 -16.00 67.19 14.44
C ASP I 77 -16.38 68.64 14.72
N LYS I 78 -17.40 69.10 14.01
CA LYS I 78 -17.96 70.44 14.19
C LYS I 78 -18.37 70.66 15.64
N LEU I 79 -18.85 69.59 16.28
CA LEU I 79 -19.25 69.64 17.68
C LEU I 79 -18.07 69.39 18.61
N LYS I 80 -17.03 68.73 18.09
CA LYS I 80 -15.81 68.51 18.85
C LYS I 80 -15.09 69.83 19.07
N LYS I 81 -15.23 70.73 18.11
CA LYS I 81 -14.61 72.07 18.20
C LYS I 81 -15.00 72.84 19.46
N VAL I 82 -16.12 72.47 20.08
CA VAL I 82 -16.62 73.18 21.26
C VAL I 82 -17.06 72.19 22.35
N TYR I 83 -16.32 71.10 22.47
CA TYR I 83 -16.65 70.04 23.42
C TYR I 83 -16.52 70.46 24.88
N LYS I 84 -15.55 71.33 25.16
CA LYS I 84 -15.26 71.74 26.53
C LYS I 84 -16.35 72.62 27.15
N LYS I 85 -17.12 73.28 26.29
CA LYS I 85 -18.21 74.14 26.74
C LYS I 85 -19.42 73.33 27.18
N TYR I 86 -19.58 72.15 26.57
CA TYR I 86 -20.74 71.30 26.79
C TYR I 86 -21.04 70.97 28.25
N SER I 87 -22.33 70.82 28.55
CA SER I 87 -22.76 70.33 29.85
C SER I 87 -22.36 68.87 29.96
N PRO I 88 -22.27 68.33 31.19
CA PRO I 88 -21.91 66.93 31.40
C PRO I 88 -22.73 65.96 30.56
N PHE I 89 -24.05 66.14 30.56
CA PHE I 89 -24.93 65.29 29.77
C PHE I 89 -24.69 65.45 28.28
N GLN I 90 -24.32 66.67 27.88
CA GLN I 90 -24.00 66.95 26.49
C GLN I 90 -22.70 66.26 26.09
N LYS I 91 -21.74 66.22 27.01
CA LYS I 91 -20.49 65.52 26.79
C LYS I 91 -20.78 64.02 26.67
N LEU I 92 -21.73 63.54 27.47
CA LEU I 92 -22.17 62.16 27.40
C LEU I 92 -22.75 61.86 26.01
N LEU I 93 -23.59 62.77 25.53
CA LEU I 93 -24.20 62.64 24.21
C LEU I 93 -23.14 62.59 23.12
N TYR I 94 -22.13 63.46 23.26
CA TYR I 94 -21.05 63.50 22.28
C TYR I 94 -20.27 62.19 22.27
N MET I 95 -19.94 61.68 23.45
CA MET I 95 -19.20 60.43 23.57
C MET I 95 -19.98 59.25 23.00
N TYR I 96 -21.28 59.23 23.27
CA TYR I 96 -22.16 58.18 22.74
C TYR I 96 -22.19 58.25 21.22
N GLY I 97 -22.38 59.46 20.70
CA GLY I 97 -22.41 59.68 19.26
C GLY I 97 -21.13 59.24 18.58
N ARG I 98 -20.00 59.54 19.20
CA ARG I 98 -18.70 59.12 18.69
C ARG I 98 -18.58 57.60 18.71
N GLY I 99 -19.08 56.99 19.77
CA GLY I 99 -19.05 55.54 19.91
C GLY I 99 -19.82 54.84 18.81
N LEU I 100 -21.07 55.27 18.62
CA LEU I 100 -21.91 54.71 17.57
C LEU I 100 -21.33 54.99 16.19
N LEU I 101 -20.68 56.15 16.04
CA LEU I 101 -20.00 56.49 14.79
C LEU I 101 -18.90 55.48 14.50
N CYS I 102 -18.12 55.14 15.53
CA CYS I 102 -17.05 54.16 15.37
C CYS I 102 -17.60 52.77 15.12
N CYS I 103 -18.77 52.48 15.70
CA CYS I 103 -19.41 51.19 15.50
C CYS I 103 -19.92 51.04 14.07
N LEU I 104 -20.40 52.13 13.49
CA LEU I 104 -20.90 52.13 12.12
C LEU I 104 -19.77 51.94 11.11
N GLN I 105 -18.56 52.32 11.50
CA GLN I 105 -17.40 52.20 10.64
C GLN I 105 -16.63 50.91 10.93
N TYR I 106 -17.23 50.05 11.74
CA TYR I 106 -16.64 48.78 12.13
C TYR I 106 -15.31 48.94 12.87
N ARG I 107 -15.16 50.07 13.54
CA ARG I 107 -14.01 50.30 14.40
C ARG I 107 -14.45 50.05 15.84
N TRP I 108 -14.57 48.77 16.18
CA TRP I 108 -15.21 48.35 17.43
C TRP I 108 -14.40 48.66 18.69
N LYS I 109 -13.09 48.79 18.56
CA LYS I 109 -12.25 49.08 19.71
C LYS I 109 -12.49 50.50 20.21
N ASP I 110 -12.36 51.46 19.30
CA ASP I 110 -12.59 52.87 19.62
C ASP I 110 -14.02 53.08 20.09
N GLY I 111 -14.96 52.44 19.38
CA GLY I 111 -16.37 52.51 19.74
C GLY I 111 -16.59 52.00 21.14
N LEU I 112 -15.91 50.91 21.49
CA LEU I 112 -15.97 50.34 22.82
C LEU I 112 -15.46 51.34 23.86
N ASP I 113 -14.34 52.00 23.54
CA ASP I 113 -13.77 53.01 24.42
C ASP I 113 -14.78 54.12 24.71
N TYR I 114 -15.29 54.72 23.64
CA TYR I 114 -16.26 55.81 23.76
C TYR I 114 -17.53 55.37 24.50
N LEU I 115 -17.95 54.13 24.29
CA LEU I 115 -19.14 53.60 24.95
C LEU I 115 -18.90 53.41 26.45
N LEU I 116 -17.68 53.01 26.80
CA LEU I 116 -17.31 52.84 28.20
C LEU I 116 -17.24 54.18 28.91
N LYS I 117 -16.65 55.18 28.25
CA LYS I 117 -16.63 56.53 28.79
C LYS I 117 -18.05 57.05 28.96
N THR I 118 -18.90 56.75 27.98
CA THR I 118 -20.31 57.12 28.05
C THR I 118 -20.97 56.46 29.25
N GLU I 119 -20.55 55.23 29.54
CA GLU I 119 -21.10 54.48 30.67
C GLU I 119 -20.69 55.10 32.00
N VAL I 120 -19.41 55.43 32.15
CA VAL I 120 -18.95 56.02 33.39
C VAL I 120 -19.56 57.41 33.61
N MET I 121 -19.80 58.14 32.52
CA MET I 121 -20.49 59.42 32.61
C MET I 121 -21.94 59.19 33.02
N ALA I 122 -22.55 58.13 32.50
CA ALA I 122 -23.92 57.77 32.84
C ALA I 122 -24.06 57.43 34.32
N LYS I 123 -23.05 56.74 34.85
CA LYS I 123 -23.01 56.43 36.27
C LYS I 123 -22.83 57.70 37.09
N GLU I 124 -21.95 58.58 36.60
CA GLU I 124 -21.69 59.85 37.28
C GLU I 124 -22.95 60.73 37.34
N GLN I 125 -23.81 60.61 36.34
CA GLN I 125 -25.01 61.44 36.28
C GLN I 125 -26.27 60.68 36.67
N GLY I 126 -26.15 59.38 36.87
CA GLY I 126 -27.28 58.54 37.19
C GLY I 126 -28.22 58.37 36.01
N TYR I 127 -27.69 58.62 34.81
CA TYR I 127 -28.46 58.50 33.59
C TYR I 127 -28.44 57.05 33.10
N HIS I 128 -29.56 56.58 32.56
CA HIS I 128 -29.68 55.19 32.16
C HIS I 128 -30.27 54.99 30.76
N GLU I 129 -29.57 54.21 29.95
CA GLU I 129 -30.06 53.79 28.64
C GLU I 129 -29.65 52.35 28.36
N THR I 130 -30.65 51.47 28.22
CA THR I 130 -30.40 50.05 27.99
C THR I 130 -29.59 49.84 26.71
N GLY I 131 -29.87 50.68 25.70
CA GLY I 131 -29.17 50.62 24.44
C GLY I 131 -27.67 50.75 24.59
N LEU I 132 -27.23 51.44 25.63
CA LEU I 132 -25.81 51.58 25.90
C LEU I 132 -25.21 50.23 26.27
N TYR I 133 -25.84 49.54 27.22
CA TYR I 133 -25.40 48.22 27.63
C TYR I 133 -25.43 47.25 26.47
N TYR I 134 -26.47 47.34 25.64
CA TYR I 134 -26.57 46.48 24.47
C TYR I 134 -25.44 46.73 23.48
N ASN I 135 -25.21 47.99 23.14
CA ASN I 135 -24.15 48.36 22.21
C ASN I 135 -22.78 47.92 22.70
N ILE I 136 -22.55 48.08 24.00
CA ILE I 136 -21.31 47.63 24.63
C ILE I 136 -21.17 46.11 24.48
N ALA I 137 -22.27 45.40 24.74
CA ALA I 137 -22.28 43.94 24.61
C ALA I 137 -21.98 43.51 23.18
N LEU I 138 -22.49 44.26 22.21
CA LEU I 138 -22.28 43.97 20.81
C LEU I 138 -20.82 44.23 20.42
N ALA I 139 -20.27 45.30 20.98
CA ALA I 139 -18.87 45.63 20.74
C ALA I 139 -17.96 44.53 21.27
N TYR I 140 -18.25 44.06 22.48
CA TYR I 140 -17.52 42.95 23.08
C TYR I 140 -17.71 41.66 22.30
N THR I 141 -18.89 41.52 21.69
CA THR I 141 -19.20 40.34 20.89
C THR I 141 -18.38 40.34 19.61
N HIS I 142 -18.18 41.52 19.04
CA HIS I 142 -17.33 41.66 17.86
C HIS I 142 -15.87 41.44 18.21
N LEU I 143 -15.55 41.62 19.49
CA LEU I 143 -14.22 41.32 20.00
C LEU I 143 -14.12 39.86 20.42
N ASP I 144 -15.23 39.14 20.27
CA ASP I 144 -15.28 37.68 20.35
C ASP I 144 -15.20 37.04 21.74
N ILE I 145 -16.07 36.06 21.97
CA ILE I 145 -16.04 35.19 23.16
C ILE I 145 -16.36 35.89 24.49
N HIS I 146 -15.98 37.16 24.57
CA HIS I 146 -16.06 37.97 25.80
C HIS I 146 -17.11 37.61 26.86
N HIS I 147 -16.63 37.43 28.07
CA HIS I 147 -17.46 37.26 29.26
C HIS I 147 -18.16 38.57 29.55
N LEU I 148 -17.46 39.67 29.28
CA LEU I 148 -18.00 41.01 29.41
C LEU I 148 -19.23 41.16 28.52
N ALA I 149 -19.18 40.52 27.34
CA ALA I 149 -20.32 40.52 26.42
C ALA I 149 -21.53 39.90 27.10
N ILE I 150 -21.31 38.78 27.78
CA ILE I 150 -22.38 38.11 28.53
C ILE I 150 -22.92 39.02 29.63
N HIS I 151 -22.02 39.66 30.36
CA HIS I 151 -22.39 40.56 31.45
C HIS I 151 -23.30 41.69 30.97
N PHE I 152 -22.80 42.46 29.99
CA PHE I 152 -23.54 43.60 29.46
C PHE I 152 -24.80 43.20 28.70
N VAL I 153 -24.79 42.04 28.06
CA VAL I 153 -25.97 41.59 27.32
C VAL I 153 -27.04 41.08 28.28
N ASN I 154 -26.62 40.66 29.48
CA ASN I 154 -27.58 40.28 30.51
C ASN I 154 -28.16 41.51 31.20
N MET I 155 -27.32 42.51 31.42
CA MET I 155 -27.81 43.78 31.95
C MET I 155 -28.81 44.40 30.97
N ALA I 156 -28.44 44.39 29.70
CA ALA I 156 -29.29 44.93 28.64
C ALA I 156 -30.56 44.10 28.50
N LEU I 157 -30.44 42.79 28.68
CA LEU I 157 -31.61 41.92 28.61
C LEU I 157 -32.60 42.28 29.72
N GLU I 158 -32.07 42.46 30.94
CA GLU I 158 -32.89 42.86 32.06
C GLU I 158 -33.56 44.21 31.81
N GLY I 159 -32.80 45.15 31.24
CA GLY I 159 -33.31 46.47 30.92
C GLY I 159 -34.43 46.43 29.90
N PHE I 160 -34.23 45.67 28.83
CA PHE I 160 -35.20 45.54 27.74
C PHE I 160 -36.47 44.84 28.20
N ARG I 161 -36.31 43.80 29.01
CA ARG I 161 -37.47 43.06 29.54
C ARG I 161 -38.34 43.96 30.43
N SER I 162 -37.74 45.03 30.93
CA SER I 162 -38.47 45.98 31.77
C SER I 162 -39.04 47.12 30.92
N GLU I 163 -38.72 47.12 29.63
CA GLU I 163 -39.17 48.17 28.72
C GLU I 163 -39.92 47.60 27.52
N TYR I 164 -40.26 46.32 27.60
CA TYR I 164 -41.05 45.63 26.57
C TYR I 164 -40.40 45.62 25.19
N LYS I 165 -39.09 45.82 25.13
CA LYS I 165 -38.40 45.89 23.85
C LYS I 165 -37.98 44.50 23.36
N PHE I 166 -38.97 43.74 22.86
CA PHE I 166 -38.76 42.36 22.44
C PHE I 166 -37.81 42.22 21.25
N ARG I 167 -37.91 43.14 20.30
CA ARG I 167 -37.06 43.13 19.11
C ARG I 167 -35.59 43.26 19.49
N ASN I 168 -35.33 43.90 20.63
CA ASN I 168 -33.98 44.00 21.16
C ASN I 168 -33.61 42.76 21.96
N ILE I 169 -34.58 42.26 22.73
CA ILE I 169 -34.38 41.06 23.54
C ILE I 169 -33.92 39.87 22.70
N ILE I 170 -34.58 39.67 21.56
CA ILE I 170 -34.24 38.56 20.68
C ILE I 170 -32.81 38.71 20.15
N ASN I 171 -32.38 39.94 19.92
CA ASN I 171 -31.01 40.22 19.52
C ASN I 171 -30.03 39.88 20.64
N CYS I 172 -30.44 40.17 21.87
CA CYS I 172 -29.65 39.81 23.04
C CYS I 172 -29.48 38.30 23.10
N GLN I 173 -30.57 37.59 22.83
CA GLN I 173 -30.56 36.13 22.80
C GLN I 173 -29.60 35.62 21.73
N ILE I 174 -29.64 36.25 20.56
CA ILE I 174 -28.73 35.89 19.48
C ILE I 174 -27.27 36.10 19.89
N LEU I 175 -27.02 37.20 20.62
CA LEU I 175 -25.68 37.50 21.10
C LEU I 175 -25.19 36.43 22.08
N ILE I 176 -26.04 36.10 23.05
CA ILE I 176 -25.74 35.05 24.03
C ILE I 176 -25.41 33.75 23.31
N ALA I 177 -26.24 33.40 22.33
CA ALA I 177 -26.04 32.21 21.54
C ALA I 177 -24.69 32.24 20.81
N VAL I 178 -24.33 33.41 20.28
CA VAL I 178 -23.05 33.59 19.61
C VAL I 178 -21.89 33.29 20.56
N SER I 179 -21.98 33.83 21.78
CA SER I 179 -20.96 33.57 22.78
C SER I 179 -20.87 32.08 23.14
N TYR I 180 -22.03 31.47 23.33
CA TYR I 180 -22.10 30.04 23.64
C TYR I 180 -21.45 29.20 22.55
N THR I 181 -21.68 29.57 21.29
CA THR I 181 -21.07 28.87 20.16
C THR I 181 -19.57 29.06 20.16
N GLU I 182 -19.13 30.31 20.34
CA GLU I 182 -17.71 30.64 20.30
C GLU I 182 -16.96 30.15 21.53
N LYS I 183 -17.68 29.62 22.52
CA LYS I 183 -17.02 29.08 23.70
C LYS I 183 -16.99 27.55 23.69
N GLY I 184 -17.96 26.94 23.00
CA GLY I 184 -17.99 25.50 22.87
C GLY I 184 -19.36 24.88 23.02
N GLN I 185 -20.21 25.52 23.82
CA GLN I 185 -21.56 25.01 24.07
C GLN I 185 -22.39 25.05 22.80
N TYR I 186 -22.40 23.94 22.06
CA TYR I 186 -23.05 23.88 20.76
C TYR I 186 -24.54 23.55 20.83
N GLU I 187 -24.90 22.57 21.66
CA GLU I 187 -26.28 22.11 21.76
C GLU I 187 -27.21 23.19 22.31
N GLU I 188 -26.80 23.79 23.42
CA GLU I 188 -27.58 24.85 24.07
C GLU I 188 -27.85 25.98 23.10
N ALA I 189 -26.79 26.43 22.44
CA ALA I 189 -26.89 27.51 21.46
C ALA I 189 -27.73 27.09 20.26
N LEU I 190 -27.74 25.79 19.96
CA LEU I 190 -28.56 25.28 18.87
C LEU I 190 -30.04 25.38 19.22
N LYS I 191 -30.42 24.93 20.40
CA LYS I 191 -31.80 25.04 20.85
C LYS I 191 -32.23 26.50 20.91
N MET I 192 -31.34 27.33 21.46
CA MET I 192 -31.57 28.77 21.53
C MET I 192 -31.85 29.33 20.14
N TYR I 193 -31.07 28.89 19.16
CA TYR I 193 -31.21 29.34 17.79
C TYR I 193 -32.50 28.84 17.15
N GLU I 194 -32.94 27.65 17.54
CA GLU I 194 -34.19 27.09 17.04
C GLU I 194 -35.38 27.93 17.52
N SER I 195 -35.43 28.16 18.83
CA SER I 195 -36.48 29.00 19.40
C SER I 195 -36.42 30.40 18.80
N ILE I 196 -35.21 30.92 18.65
CA ILE I 196 -34.98 32.22 18.06
C ILE I 196 -35.53 32.29 16.64
N LEU I 197 -35.41 31.20 15.90
CA LEU I 197 -35.92 31.11 14.55
C LEU I 197 -37.45 31.15 14.55
N ARG I 198 -38.03 30.16 15.23
CA ARG I 198 -39.47 30.02 15.33
C ARG I 198 -40.15 31.31 15.76
N GLU I 199 -39.52 32.03 16.68
CA GLU I 199 -40.07 33.29 17.16
C GLU I 199 -39.68 34.47 16.28
N ALA I 200 -38.66 34.30 15.47
CA ALA I 200 -38.25 35.34 14.51
C ALA I 200 -39.29 35.41 13.43
N THR I 201 -39.97 34.29 13.21
CA THR I 201 -41.10 34.26 12.28
C THR I 201 -42.16 35.32 12.62
N SER I 202 -42.28 35.64 13.90
CA SER I 202 -43.32 36.55 14.37
C SER I 202 -43.03 38.04 14.16
N PHE I 203 -41.82 38.36 13.73
CA PHE I 203 -41.43 39.76 13.57
C PHE I 203 -41.53 40.25 12.13
N ALA I 204 -41.73 41.55 11.98
CA ALA I 204 -41.79 42.18 10.66
C ALA I 204 -40.40 42.31 10.06
N ASP I 205 -39.39 42.03 10.88
CA ASP I 205 -38.00 42.08 10.45
C ASP I 205 -37.46 40.66 10.37
N LYS I 206 -38.34 39.72 10.03
CA LYS I 206 -38.01 38.29 10.07
C LYS I 206 -36.80 37.92 9.22
N ASP I 207 -36.64 38.57 8.08
CA ASP I 207 -35.59 38.20 7.13
C ASP I 207 -34.18 38.34 7.71
N VAL I 208 -33.93 39.44 8.42
CA VAL I 208 -32.62 39.68 9.02
C VAL I 208 -32.31 38.65 10.11
N LEU I 209 -33.25 38.49 11.03
CA LEU I 209 -33.13 37.52 12.12
C LEU I 209 -32.88 36.12 11.59
N LEU I 210 -33.71 35.67 10.66
CA LEU I 210 -33.57 34.36 10.05
C LEU I 210 -32.23 34.23 9.35
N ALA I 211 -31.80 35.30 8.68
CA ALA I 211 -30.53 35.28 7.96
C ALA I 211 -29.36 35.03 8.90
N ILE I 212 -29.19 35.92 9.88
CA ILE I 212 -28.08 35.80 10.82
C ILE I 212 -28.15 34.52 11.64
N THR I 213 -29.37 34.07 11.94
CA THR I 213 -29.57 32.85 12.73
C THR I 213 -29.14 31.62 11.94
N LEU I 214 -29.60 31.52 10.69
CA LEU I 214 -29.25 30.39 9.84
C LEU I 214 -27.76 30.38 9.53
N SER I 215 -27.18 31.57 9.34
CA SER I 215 -25.74 31.67 9.13
C SER I 215 -24.99 31.15 10.34
N ASN I 216 -25.41 31.59 11.53
CA ASN I 216 -24.80 31.14 12.77
C ASN I 216 -24.93 29.62 12.97
N MET I 217 -26.09 29.07 12.65
CA MET I 217 -26.29 27.63 12.70
C MET I 217 -25.31 26.94 11.77
N GLY I 218 -25.12 27.54 10.59
CA GLY I 218 -24.15 27.04 9.64
C GLY I 218 -22.76 26.99 10.25
N SER I 219 -22.41 28.03 11.00
CA SER I 219 -21.15 28.07 11.72
C SER I 219 -21.05 26.94 12.73
N ILE I 220 -22.14 26.73 13.47
CA ILE I 220 -22.19 25.67 14.47
C ILE I 220 -21.94 24.29 13.86
N TYR I 221 -22.73 23.95 12.85
CA TYR I 221 -22.59 22.65 12.17
C TYR I 221 -21.24 22.51 11.49
N TYR I 222 -20.69 23.62 11.01
CA TYR I 222 -19.36 23.59 10.41
C TYR I 222 -18.31 23.22 11.44
N LYS I 223 -18.41 23.83 12.63
CA LYS I 223 -17.47 23.55 13.70
C LYS I 223 -17.75 22.19 14.35
N LYS I 224 -18.91 21.63 14.06
CA LYS I 224 -19.35 20.40 14.71
C LYS I 224 -18.90 19.16 13.95
N GLY I 225 -18.73 19.30 12.63
CA GLY I 225 -18.27 18.19 11.82
C GLY I 225 -19.14 17.90 10.62
N LYS I 226 -20.41 18.30 10.70
CA LYS I 226 -21.35 18.09 9.60
C LYS I 226 -21.35 19.28 8.66
N TYR I 227 -20.71 19.10 7.50
CA TYR I 227 -20.50 20.20 6.56
C TYR I 227 -21.66 20.40 5.59
N GLN I 228 -22.40 19.32 5.31
CA GLN I 228 -23.55 19.42 4.42
C GLN I 228 -24.65 20.30 5.02
N GLN I 229 -24.92 20.10 6.30
CA GLN I 229 -25.88 20.93 7.01
C GLN I 229 -25.41 22.38 7.05
N ALA I 230 -24.10 22.57 7.19
CA ALA I 230 -23.51 23.91 7.20
C ALA I 230 -23.75 24.61 5.87
N LYS I 231 -23.48 23.90 4.78
CA LYS I 231 -23.72 24.42 3.44
C LYS I 231 -25.19 24.75 3.24
N LYS I 232 -26.06 23.86 3.71
CA LYS I 232 -27.50 24.05 3.64
C LYS I 232 -27.92 25.35 4.32
N TYR I 233 -27.50 25.51 5.57
CA TYR I 233 -27.86 26.69 6.35
C TYR I 233 -27.29 27.98 5.77
N TYR I 234 -26.06 27.91 5.27
CA TYR I 234 -25.44 29.06 4.63
C TYR I 234 -26.22 29.50 3.39
N LEU I 235 -26.50 28.55 2.51
CA LEU I 235 -27.25 28.84 1.28
C LEU I 235 -28.65 29.36 1.59
N ASP I 236 -29.33 28.73 2.53
CA ASP I 236 -30.68 29.14 2.92
C ASP I 236 -30.68 30.52 3.56
N SER I 237 -29.58 30.86 4.23
CA SER I 237 -29.45 32.19 4.83
C SER I 237 -29.21 33.23 3.74
N LEU I 238 -28.48 32.83 2.71
CA LEU I 238 -28.18 33.74 1.59
C LEU I 238 -29.40 34.01 0.72
N GLN I 239 -30.41 33.16 0.83
CA GLN I 239 -31.66 33.36 0.09
C GLN I 239 -32.52 34.42 0.75
N LEU I 240 -32.04 34.97 1.85
CA LEU I 240 -32.78 35.99 2.61
C LEU I 240 -32.04 37.32 2.61
N GLN I 241 -30.72 37.27 2.51
CA GLN I 241 -29.90 38.47 2.54
C GLN I 241 -29.90 39.19 1.19
N LYS I 242 -30.51 40.37 1.16
CA LYS I 242 -30.55 41.18 -0.04
C LYS I 242 -29.88 42.52 0.21
N GLN I 243 -28.74 42.49 0.89
CA GLN I 243 -28.00 43.69 1.23
C GLN I 243 -26.55 43.36 1.54
N ILE I 244 -25.63 44.20 1.09
CA ILE I 244 -24.20 43.97 1.32
C ILE I 244 -23.75 44.59 2.63
N ASP I 245 -23.27 43.76 3.54
CA ASP I 245 -22.79 44.22 4.84
C ASP I 245 -21.75 43.26 5.41
N LEU I 246 -21.41 43.44 6.68
CA LEU I 246 -20.41 42.62 7.35
C LEU I 246 -20.91 41.17 7.44
N ASN I 247 -22.18 41.02 7.79
CA ASN I 247 -22.81 39.71 7.92
C ASN I 247 -22.77 38.92 6.62
N TYR I 248 -22.99 39.63 5.51
CA TYR I 248 -22.98 39.02 4.19
C TYR I 248 -21.57 38.51 3.85
N LEU I 249 -20.58 39.34 4.08
CA LEU I 249 -19.18 38.98 3.82
C LEU I 249 -18.77 37.79 4.68
N ASP I 250 -19.22 37.77 5.93
CA ASP I 250 -18.86 36.71 6.85
C ASP I 250 -19.55 35.40 6.46
N THR I 251 -20.79 35.49 5.99
CA THR I 251 -21.52 34.32 5.53
C THR I 251 -20.84 33.73 4.31
N ILE I 252 -20.47 34.59 3.37
CA ILE I 252 -19.74 34.17 2.18
C ILE I 252 -18.41 33.53 2.56
N TYR I 253 -17.73 34.10 3.53
CA TYR I 253 -16.44 33.58 3.99
C TYR I 253 -16.56 32.20 4.60
N GLU I 254 -17.48 32.04 5.55
CA GLU I 254 -17.69 30.77 6.22
C GLU I 254 -18.16 29.71 5.23
N MET I 255 -18.99 30.11 4.28
CA MET I 255 -19.45 29.19 3.24
C MET I 255 -18.29 28.78 2.34
N ALA I 256 -17.37 29.70 2.11
CA ALA I 256 -16.18 29.41 1.32
C ALA I 256 -15.30 28.42 2.06
N LEU I 257 -15.24 28.56 3.38
CA LEU I 257 -14.47 27.66 4.22
C LEU I 257 -15.07 26.25 4.20
N VAL I 258 -16.38 26.16 4.36
CA VAL I 258 -17.06 24.86 4.34
C VAL I 258 -17.02 24.26 2.94
N CYS I 259 -16.81 25.12 1.93
CA CYS I 259 -16.60 24.64 0.57
C CYS I 259 -15.20 24.08 0.42
N ILE I 260 -14.24 24.70 1.11
CA ILE I 260 -12.87 24.20 1.12
C ILE I 260 -12.81 22.84 1.78
N LYS I 261 -13.51 22.70 2.91
CA LYS I 261 -13.56 21.42 3.62
C LYS I 261 -14.32 20.36 2.85
N LEU I 262 -15.19 20.79 1.94
CA LEU I 262 -15.94 19.86 1.10
C LEU I 262 -15.25 19.65 -0.24
N GLU I 263 -14.02 20.15 -0.35
CA GLU I 263 -13.21 19.99 -1.56
C GLU I 263 -13.86 20.57 -2.81
N GLU I 264 -14.67 21.61 -2.64
CA GLU I 264 -15.26 22.32 -3.78
C GLU I 264 -14.48 23.61 -4.01
N LEU I 265 -13.22 23.45 -4.41
CA LEU I 265 -12.29 24.57 -4.48
C LEU I 265 -12.64 25.62 -5.54
N GLU I 266 -13.31 25.19 -6.61
CA GLU I 266 -13.68 26.11 -7.68
C GLU I 266 -14.72 27.12 -7.21
N GLU I 267 -15.86 26.61 -6.76
CA GLU I 267 -16.94 27.44 -6.23
C GLU I 267 -16.43 28.29 -5.07
N ALA I 268 -15.62 27.67 -4.22
CA ALA I 268 -15.02 28.38 -3.09
C ALA I 268 -14.19 29.56 -3.57
N ARG I 269 -13.43 29.35 -4.64
CA ARG I 269 -12.58 30.40 -5.22
C ARG I 269 -13.43 31.53 -5.79
N THR I 270 -14.51 31.18 -6.48
CA THR I 270 -15.41 32.18 -7.04
C THR I 270 -16.04 33.02 -5.94
N LEU I 271 -16.49 32.36 -4.88
CA LEU I 271 -17.08 33.05 -3.73
C LEU I 271 -16.05 33.94 -3.06
N ILE I 272 -14.81 33.47 -3.02
CA ILE I 272 -13.71 34.24 -2.45
C ILE I 272 -13.50 35.53 -3.23
N ASP I 273 -13.45 35.42 -4.56
CA ASP I 273 -13.25 36.60 -5.41
C ASP I 273 -14.43 37.57 -5.28
N LYS I 274 -15.64 37.02 -5.25
CA LYS I 274 -16.85 37.82 -5.08
C LYS I 274 -16.78 38.62 -3.78
N GLY I 275 -16.46 37.93 -2.70
CA GLY I 275 -16.33 38.56 -1.39
C GLY I 275 -15.22 39.59 -1.37
N ILE I 276 -14.17 39.33 -2.15
CA ILE I 276 -13.05 40.25 -2.26
C ILE I 276 -13.49 41.56 -2.90
N ASP I 277 -14.26 41.46 -3.98
CA ASP I 277 -14.79 42.64 -4.64
C ASP I 277 -15.75 43.40 -3.71
N ALA I 278 -16.68 42.67 -3.12
CA ALA I 278 -17.67 43.25 -2.22
C ALA I 278 -17.01 43.94 -1.03
N ALA I 279 -15.85 43.44 -0.61
CA ALA I 279 -15.10 44.05 0.48
C ALA I 279 -14.27 45.22 -0.03
N LYS I 280 -13.94 45.18 -1.32
CA LYS I 280 -13.20 46.28 -1.94
C LYS I 280 -14.12 47.47 -2.17
N GLN I 281 -15.43 47.22 -2.14
CA GLN I 281 -16.42 48.28 -2.28
C GLN I 281 -16.23 49.38 -1.23
N GLU I 282 -16.59 49.09 0.02
CA GLU I 282 -16.44 50.05 1.11
C GLU I 282 -15.16 49.81 1.90
N GLU I 283 -14.68 50.85 2.57
CA GLU I 283 -13.44 50.78 3.33
C GLU I 283 -13.63 50.06 4.66
N ARG I 284 -14.82 50.19 5.25
CA ARG I 284 -15.10 49.58 6.54
C ARG I 284 -15.10 48.06 6.48
N PHE I 285 -15.07 47.52 5.26
CA PHE I 285 -15.04 46.08 5.05
C PHE I 285 -13.60 45.57 4.98
N ASN I 286 -12.63 46.49 5.06
CA ASN I 286 -11.22 46.14 4.90
C ASN I 286 -10.75 44.96 5.73
N ALA I 287 -11.17 44.92 6.99
CA ALA I 287 -10.86 43.81 7.88
C ALA I 287 -11.24 42.50 7.20
N LYS I 288 -12.52 42.38 6.84
CA LYS I 288 -13.02 41.23 6.13
C LYS I 288 -12.19 40.97 4.88
N LEU I 289 -11.86 42.04 4.16
CA LEU I 289 -11.03 41.93 2.97
C LEU I 289 -9.70 41.29 3.35
N TYR I 290 -9.06 41.85 4.37
CA TYR I 290 -7.78 41.32 4.84
C TYR I 290 -7.94 39.90 5.33
N LEU I 291 -9.16 39.55 5.76
CA LEU I 291 -9.45 38.18 6.15
C LEU I 291 -9.67 37.33 4.90
N LEU I 292 -10.42 37.88 3.95
CA LEU I 292 -10.73 37.15 2.72
C LEU I 292 -9.48 36.92 1.87
N LEU I 293 -8.44 37.70 2.15
CA LEU I 293 -7.15 37.51 1.49
C LEU I 293 -6.31 36.49 2.24
N MET I 294 -6.51 36.42 3.56
CA MET I 294 -5.71 35.55 4.42
C MET I 294 -5.78 34.08 3.99
N LEU I 295 -6.94 33.64 3.53
CA LEU I 295 -7.07 32.28 3.01
C LEU I 295 -6.71 32.23 1.53
N ARG I 296 -6.89 33.35 0.84
CA ARG I 296 -6.56 33.45 -0.58
C ARG I 296 -5.06 33.19 -0.78
N TYR I 297 -4.26 33.71 0.15
CA TYR I 297 -2.82 33.47 0.13
C TYR I 297 -2.49 32.12 0.76
N LYS I 298 -3.40 31.60 1.58
CA LYS I 298 -3.20 30.33 2.26
C LYS I 298 -3.32 29.14 1.31
N TYR I 299 -4.28 29.21 0.41
CA TYR I 299 -4.61 28.05 -0.43
C TYR I 299 -4.17 28.18 -1.88
N PHE I 300 -4.39 29.35 -2.48
CA PHE I 300 -4.25 29.48 -3.93
C PHE I 300 -3.04 30.31 -4.40
N GLU I 301 -2.44 31.07 -3.49
CA GLU I 301 -1.27 31.87 -3.82
C GLU I 301 0.02 31.09 -3.54
N GLU I 302 -0.12 29.97 -2.81
CA GLU I 302 1.00 29.13 -2.39
C GLU I 302 1.86 29.83 -1.32
N ALA I 303 2.50 29.04 -0.47
CA ALA I 303 3.28 29.54 0.66
C ALA I 303 4.29 30.65 0.33
N LYS I 304 4.54 30.88 -0.96
CA LYS I 304 5.41 31.97 -1.38
C LYS I 304 4.83 33.32 -0.99
N ASP I 305 5.58 34.07 -0.19
CA ASP I 305 5.18 35.40 0.27
C ASP I 305 3.86 35.43 1.03
N TYR I 306 3.45 34.28 1.54
CA TYR I 306 2.27 34.20 2.39
C TYR I 306 2.60 34.80 3.75
N LYS I 307 3.63 34.27 4.38
CA LYS I 307 4.09 34.77 5.67
C LYS I 307 4.70 36.16 5.55
N ALA I 308 5.16 36.51 4.35
CA ALA I 308 5.68 37.84 4.09
C ALA I 308 4.55 38.86 4.18
N PHE I 309 3.45 38.58 3.48
CA PHE I 309 2.27 39.43 3.54
C PHE I 309 1.69 39.43 4.95
N LEU I 310 1.75 38.29 5.63
CA LEU I 310 1.27 38.20 6.99
C LEU I 310 2.07 39.11 7.93
N GLU I 311 3.38 39.13 7.76
CA GLU I 311 4.22 40.02 8.55
C GLU I 311 4.03 41.47 8.12
N ASN I 312 3.55 41.67 6.90
CA ASN I 312 3.17 42.99 6.42
C ASN I 312 1.75 43.34 6.86
N GLU I 313 1.05 42.35 7.40
CA GLU I 313 -0.31 42.54 7.88
C GLU I 313 -0.39 42.18 9.36
N ALA I 314 0.78 42.07 9.99
CA ALA I 314 0.85 41.69 11.40
C ALA I 314 0.48 42.85 12.33
N ILE I 315 0.49 44.07 11.79
CA ILE I 315 0.20 45.25 12.60
C ILE I 315 -1.28 45.72 12.62
N PRO I 316 -1.99 45.69 11.48
CA PRO I 316 -3.37 46.19 11.60
C PRO I 316 -4.29 45.16 12.24
N LEU I 317 -3.86 43.90 12.28
CA LEU I 317 -4.67 42.82 12.83
C LEU I 317 -4.33 42.58 14.30
N TYR I 318 -4.49 43.62 15.11
CA TYR I 318 -4.18 43.53 16.54
C TYR I 318 -5.45 43.41 17.37
N GLU I 326 -10.15 39.14 18.35
CA GLU I 326 -8.96 38.53 18.92
C GLU I 326 -8.60 37.24 18.16
N LEU I 327 -8.42 37.36 16.85
CA LEU I 327 -8.07 36.21 16.03
C LEU I 327 -6.58 36.22 15.71
N LYS I 328 -5.86 37.16 16.31
CA LYS I 328 -4.42 37.28 16.14
C LYS I 328 -3.71 36.08 16.77
N LYS I 329 -4.34 35.50 17.78
CA LYS I 329 -3.78 34.36 18.51
C LYS I 329 -3.45 33.19 17.59
N VAL I 330 -4.48 32.61 16.98
CA VAL I 330 -4.29 31.47 16.08
C VAL I 330 -3.49 31.88 14.84
N TYR I 331 -3.45 33.18 14.57
CA TYR I 331 -2.70 33.73 13.46
C TYR I 331 -1.19 33.60 13.67
N VAL I 332 -0.70 34.17 14.77
CA VAL I 332 0.72 34.05 15.09
C VAL I 332 1.07 32.63 15.55
N GLU I 333 0.05 31.88 15.98
CA GLU I 333 0.24 30.48 16.31
C GLU I 333 0.51 29.70 15.03
N LEU I 334 -0.20 30.06 13.96
CA LEU I 334 0.03 29.48 12.65
C LEU I 334 1.40 29.92 12.14
N ALA I 335 1.77 31.16 12.45
CA ALA I 335 3.10 31.66 12.12
C ALA I 335 4.16 30.85 12.84
N GLU I 336 3.82 30.33 14.01
CA GLU I 336 4.70 29.44 14.75
C GLU I 336 4.73 28.07 14.07
N HIS I 337 3.58 27.67 13.52
CA HIS I 337 3.46 26.38 12.84
C HIS I 337 4.28 26.36 11.55
N PHE I 338 4.47 27.53 10.95
CA PHE I 338 5.23 27.65 9.71
C PHE I 338 6.70 27.27 9.88
N SER I 339 7.30 27.73 10.97
CA SER I 339 8.72 27.50 11.22
C SER I 339 8.95 26.34 12.19
N SER I 340 7.94 25.51 12.38
CA SER I 340 8.04 24.39 13.32
C SER I 340 8.94 23.28 12.80
N LEU I 341 8.98 23.12 11.48
CA LEU I 341 9.75 22.03 10.88
C LEU I 341 11.16 22.48 10.51
N SER I 342 11.57 23.64 11.00
CA SER I 342 12.90 24.16 10.70
C SER I 342 13.42 25.13 11.77
N ARG I 343 12.95 26.37 11.71
CA ARG I 343 13.45 27.43 12.59
C ARG I 343 12.71 27.50 13.92
N PHE I 344 13.29 26.88 14.95
CA PHE I 344 12.69 26.86 16.28
C PHE I 344 12.76 28.23 16.96
N GLU I 345 13.64 29.10 16.47
CA GLU I 345 13.83 30.42 17.03
C GLU I 345 12.59 31.30 16.85
N GLU I 346 12.23 31.54 15.58
CA GLU I 346 11.06 32.35 15.24
C GLU I 346 9.81 31.80 15.89
N SER I 347 9.71 30.48 15.92
CA SER I 347 8.58 29.80 16.54
C SER I 347 8.53 30.10 18.04
N ASN I 348 9.70 30.03 18.68
CA ASN I 348 9.81 30.31 20.11
C ASN I 348 9.39 31.74 20.44
N ARG I 349 9.94 32.70 19.68
CA ARG I 349 9.63 34.11 19.90
C ARG I 349 8.15 34.41 19.67
N TYR I 350 7.64 34.00 18.51
CA TYR I 350 6.24 34.21 18.16
C TYR I 350 5.29 33.54 19.16
N TYR I 351 5.74 32.43 19.73
CA TYR I 351 4.91 31.75 20.73
C TYR I 351 4.92 32.49 22.06
N ARG I 352 6.08 33.02 22.44
CA ARG I 352 6.16 33.84 23.64
C ARG I 352 5.23 35.04 23.47
N LEU I 353 5.17 35.55 22.24
CA LEU I 353 4.24 36.62 21.90
C LEU I 353 2.78 36.18 22.03
N VAL I 354 2.46 34.99 21.55
CA VAL I 354 1.08 34.51 21.58
C VAL I 354 0.59 34.21 22.99
N ILE I 355 1.49 33.80 23.88
CA ILE I 355 1.12 33.62 25.28
C ILE I 355 1.16 34.94 26.03
N ASP I 356 1.86 35.91 25.46
CA ASP I 356 1.85 37.26 26.00
C ASP I 356 0.57 37.98 25.61
N LEU I 357 -0.08 37.49 24.56
CA LEU I 357 -1.31 38.10 24.04
C LEU I 357 -2.58 37.40 24.55
N MET I 358 -2.50 36.09 24.72
CA MET I 358 -3.68 35.30 25.10
C MET I 358 -3.96 35.40 26.60
N ASN I 359 -3.03 35.99 27.35
CA ASN I 359 -3.18 36.16 28.78
C ASN I 359 -2.71 37.53 29.24
N ARG J 7 -44.23 -4.06 14.70
CA ARG J 7 -44.01 -3.21 13.54
C ARG J 7 -43.27 -1.93 13.92
N ASP J 8 -42.23 -1.61 13.16
CA ASP J 8 -41.43 -0.41 13.43
C ASP J 8 -42.14 0.85 12.95
N VAL J 9 -43.02 0.70 11.95
CA VAL J 9 -43.76 1.83 11.40
C VAL J 9 -44.65 2.47 12.45
N GLU J 10 -45.36 1.64 13.21
CA GLU J 10 -46.21 2.13 14.29
C GLU J 10 -45.36 2.74 15.41
N GLU J 11 -44.12 2.30 15.50
CA GLU J 11 -43.22 2.76 16.55
C GLU J 11 -42.61 4.11 16.23
N ASP J 12 -42.41 4.39 14.94
CA ASP J 12 -41.83 5.67 14.52
C ASP J 12 -42.89 6.73 14.22
N VAL J 13 -44.07 6.29 13.77
CA VAL J 13 -45.16 7.22 13.50
C VAL J 13 -45.67 7.81 14.81
N LYS J 14 -45.43 7.10 15.91
CA LYS J 14 -45.75 7.58 17.25
C LYS J 14 -44.85 8.77 17.59
N GLY J 15 -43.55 8.60 17.30
CA GLY J 15 -42.59 9.67 17.50
C GLY J 15 -42.89 10.85 16.61
N LYS J 16 -43.40 10.56 15.41
CA LYS J 16 -43.80 11.62 14.49
C LYS J 16 -45.01 12.37 15.03
N LEU J 17 -45.92 11.65 15.68
CA LEU J 17 -47.05 12.27 16.35
C LEU J 17 -46.55 13.16 17.49
N ASP J 18 -45.51 12.71 18.17
CA ASP J 18 -44.90 13.48 19.25
C ASP J 18 -44.27 14.76 18.70
N GLU J 19 -43.68 14.67 17.51
CA GLU J 19 -43.12 15.84 16.85
C GLU J 19 -44.22 16.82 16.44
N TRP J 20 -45.33 16.28 15.98
CA TRP J 20 -46.47 17.11 15.59
C TRP J 20 -47.06 17.81 16.82
N LEU J 21 -47.06 17.11 17.94
CA LEU J 21 -47.51 17.68 19.21
C LEU J 21 -46.58 18.81 19.63
N ASN J 22 -45.28 18.55 19.55
CA ASN J 22 -44.27 19.56 19.87
C ASN J 22 -44.40 20.80 19.00
N ALA J 23 -44.76 20.60 17.74
CA ALA J 23 -44.95 21.71 16.82
C ALA J 23 -46.25 22.45 17.10
N LEU J 24 -47.26 21.72 17.56
CA LEU J 24 -48.56 22.31 17.88
C LEU J 24 -48.49 23.18 19.13
N VAL J 25 -47.78 22.70 20.15
CA VAL J 25 -47.63 23.43 21.39
C VAL J 25 -46.87 24.74 21.16
N HIS J 26 -45.83 24.67 20.33
CA HIS J 26 -45.01 25.84 20.04
C HIS J 26 -45.54 26.64 18.85
N LEU J 27 -46.83 26.47 18.57
CA LEU J 27 -47.55 27.23 17.53
C LEU J 27 -46.83 27.45 16.20
N ASP J 28 -45.99 26.49 15.80
CA ASP J 28 -45.28 26.57 14.53
C ASP J 28 -46.20 26.10 13.40
N LYS J 29 -46.87 27.06 12.76
CA LYS J 29 -47.91 26.75 11.78
C LYS J 29 -47.42 25.99 10.55
N GLN J 30 -46.30 26.42 9.97
CA GLN J 30 -45.79 25.76 8.77
C GLN J 30 -45.39 24.32 9.06
N GLN J 31 -44.88 24.08 10.27
CA GLN J 31 -44.48 22.74 10.68
C GLN J 31 -45.68 21.84 10.97
N VAL J 32 -46.70 22.38 11.63
CA VAL J 32 -47.90 21.58 11.90
C VAL J 32 -48.65 21.28 10.61
N GLU J 33 -48.55 22.19 9.63
CA GLU J 33 -49.15 21.95 8.32
C GLU J 33 -48.37 20.87 7.57
N ARG J 34 -47.05 21.01 7.56
CA ARG J 34 -46.17 20.04 6.91
C ARG J 34 -46.39 18.64 7.45
N ILE J 35 -46.35 18.51 8.77
CA ILE J 35 -46.54 17.22 9.42
C ILE J 35 -47.99 16.73 9.28
N TYR J 36 -48.93 17.66 9.17
CA TYR J 36 -50.32 17.28 8.92
C TYR J 36 -50.46 16.58 7.58
N GLU J 37 -49.92 17.20 6.54
CA GLU J 37 -49.98 16.62 5.20
C GLU J 37 -49.06 15.41 5.07
N GLU J 38 -48.10 15.31 5.99
CA GLU J 38 -47.16 14.20 6.01
C GLU J 38 -47.77 12.98 6.69
N LEU J 39 -48.70 13.22 7.60
CA LEU J 39 -49.36 12.15 8.34
C LEU J 39 -50.68 11.75 7.70
N GLN J 40 -51.16 12.58 6.78
CA GLN J 40 -52.43 12.32 6.11
C GLN J 40 -52.33 11.08 5.21
N GLY J 41 -51.13 10.80 4.73
CA GLY J 41 -50.90 9.63 3.91
C GLY J 41 -50.05 8.60 4.63
N GLU J 42 -49.93 8.77 5.94
CA GLU J 42 -49.12 7.86 6.76
C GLU J 42 -49.97 7.23 7.86
N MET J 43 -51.05 7.92 8.23
CA MET J 43 -51.94 7.43 9.27
C MET J 43 -53.15 6.69 8.69
N LYS J 44 -53.20 6.56 7.37
CA LYS J 44 -54.28 5.85 6.72
C LYS J 44 -54.19 4.36 6.99
N HIS J 45 -53.01 3.91 7.38
CA HIS J 45 -52.78 2.52 7.74
C HIS J 45 -53.23 2.31 9.19
N VAL J 46 -54.54 2.46 9.42
CA VAL J 46 -55.10 2.38 10.77
C VAL J 46 -55.07 0.97 11.35
N LEU J 47 -54.35 0.81 12.47
CA LEU J 47 -54.26 -0.48 13.15
C LEU J 47 -54.30 -0.31 14.66
N ASP J 48 -53.22 0.24 15.22
CA ASP J 48 -53.11 0.43 16.66
C ASP J 48 -54.07 1.52 17.13
N PHE J 49 -54.96 1.15 18.05
CA PHE J 49 -56.02 2.04 18.52
C PHE J 49 -55.49 3.32 19.19
N GLU J 50 -54.52 3.15 20.09
CA GLU J 50 -53.93 4.26 20.83
C GLU J 50 -53.35 5.34 19.90
N ILE J 51 -52.63 4.89 18.87
CA ILE J 51 -52.03 5.80 17.90
C ILE J 51 -53.11 6.56 17.12
N ILE J 52 -54.15 5.84 16.72
CA ILE J 52 -55.26 6.43 16.00
C ILE J 52 -55.92 7.54 16.82
N ASN J 53 -56.24 7.24 18.07
CA ASN J 53 -56.86 8.22 18.95
C ASN J 53 -55.94 9.41 19.26
N TYR J 54 -54.65 9.12 19.37
CA TYR J 54 -53.62 10.15 19.55
C TYR J 54 -53.71 11.13 18.39
N TYR J 55 -53.70 10.58 17.17
CA TYR J 55 -53.84 11.40 15.97
C TYR J 55 -55.15 12.17 15.96
N LYS J 56 -56.22 11.55 16.45
CA LYS J 56 -57.53 12.19 16.49
C LYS J 56 -57.53 13.42 17.38
N LEU J 57 -56.90 13.31 18.54
CA LEU J 57 -56.85 14.43 19.49
C LEU J 57 -55.89 15.52 19.03
N LEU J 58 -54.77 15.12 18.45
CA LEU J 58 -53.85 16.10 17.86
C LEU J 58 -54.56 16.87 16.73
N TYR J 59 -55.41 16.15 15.99
CA TYR J 59 -56.21 16.78 14.96
C TYR J 59 -57.29 17.66 15.57
N THR J 60 -57.71 17.33 16.79
CA THR J 60 -58.63 18.19 17.51
C THR J 60 -57.94 19.53 17.79
N ARG J 61 -56.68 19.45 18.22
CA ARG J 61 -55.87 20.66 18.40
C ARG J 61 -55.73 21.43 17.08
N TYR J 62 -55.48 20.70 15.99
CA TYR J 62 -55.37 21.30 14.67
C TYR J 62 -56.64 22.06 14.32
N LEU J 63 -57.78 21.48 14.66
CA LEU J 63 -59.07 22.09 14.41
C LEU J 63 -59.24 23.34 15.27
N ILE J 64 -58.73 23.29 16.50
CA ILE J 64 -58.73 24.45 17.37
C ILE J 64 -57.95 25.59 16.72
N MET J 65 -56.81 25.25 16.13
CA MET J 65 -55.99 26.23 15.42
C MET J 65 -56.74 26.80 14.22
N LYS J 66 -57.49 25.95 13.52
CA LYS J 66 -58.21 26.37 12.32
C LYS J 66 -59.43 27.24 12.63
N ARG J 67 -59.79 27.33 13.92
CA ARG J 67 -60.87 28.19 14.39
C ARG J 67 -62.23 27.89 13.77
N ASP J 68 -62.55 26.61 13.63
CA ASP J 68 -63.88 26.20 13.17
C ASP J 68 -64.68 25.58 14.30
N ILE J 69 -65.63 26.36 14.84
CA ILE J 69 -66.41 25.94 16.00
C ILE J 69 -67.25 24.70 15.73
N SER J 70 -67.90 24.65 14.57
CA SER J 70 -68.78 23.55 14.22
C SER J 70 -68.05 22.20 14.15
N ALA J 71 -66.98 22.16 13.35
CA ALA J 71 -66.21 20.94 13.18
C ALA J 71 -65.57 20.48 14.48
N LEU J 72 -65.09 21.44 15.27
CA LEU J 72 -64.45 21.14 16.55
C LEU J 72 -65.46 20.55 17.53
N GLU J 73 -66.65 21.15 17.60
CA GLU J 73 -67.68 20.68 18.50
C GLU J 73 -68.19 19.31 18.08
N GLU J 74 -68.35 19.12 16.77
CA GLU J 74 -68.79 17.83 16.24
C GLU J 74 -67.79 16.73 16.57
N GLU J 75 -66.53 16.99 16.26
CA GLU J 75 -65.46 16.02 16.51
C GLU J 75 -65.33 15.70 17.99
N LEU J 76 -65.40 16.73 18.84
CA LEU J 76 -65.29 16.55 20.28
C LEU J 76 -66.47 15.78 20.85
N ASP J 77 -67.67 16.00 20.30
CA ASP J 77 -68.84 15.25 20.70
C ASP J 77 -68.73 13.81 20.23
N LYS J 78 -68.03 13.60 19.14
CA LYS J 78 -67.77 12.25 18.65
C LYS J 78 -66.81 11.52 19.58
N LEU J 79 -65.78 12.23 20.04
CA LEU J 79 -64.74 11.65 20.87
C LEU J 79 -65.15 11.51 22.34
N LYS J 80 -66.33 12.02 22.67
CA LYS J 80 -66.83 11.97 24.05
C LYS J 80 -67.23 10.54 24.43
N LYS J 81 -67.62 9.76 23.44
CA LYS J 81 -68.07 8.39 23.65
C LYS J 81 -66.93 7.48 24.12
N VAL J 82 -65.86 7.46 23.34
CA VAL J 82 -64.72 6.57 23.61
C VAL J 82 -63.76 7.19 24.62
N TYR J 83 -64.19 8.27 25.27
CA TYR J 83 -63.37 8.97 26.27
C TYR J 83 -62.94 8.07 27.41
N LYS J 84 -63.74 7.07 27.73
CA LYS J 84 -63.43 6.14 28.82
C LYS J 84 -62.26 5.23 28.48
N LYS J 85 -61.95 5.11 27.19
CA LYS J 85 -60.85 4.28 26.74
C LYS J 85 -59.69 5.13 26.22
N TYR J 86 -59.22 6.05 27.06
CA TYR J 86 -58.13 6.94 26.69
C TYR J 86 -56.96 6.85 27.67
N SER J 87 -55.77 7.20 27.18
CA SER J 87 -54.60 7.39 28.03
C SER J 87 -54.84 8.66 28.83
N PRO J 88 -54.22 8.77 30.03
CA PRO J 88 -54.35 9.99 30.82
C PRO J 88 -53.98 11.26 30.04
N PHE J 89 -52.94 11.17 29.21
CA PHE J 89 -52.55 12.28 28.36
C PHE J 89 -53.63 12.56 27.33
N GLN J 90 -54.28 11.50 26.86
CA GLN J 90 -55.36 11.63 25.88
C GLN J 90 -56.59 12.29 26.49
N LYS J 91 -56.90 11.93 27.74
CA LYS J 91 -57.99 12.56 28.47
C LYS J 91 -57.65 14.02 28.70
N LEU J 92 -56.38 14.30 28.96
CA LEU J 92 -55.89 15.66 29.12
C LEU J 92 -56.15 16.46 27.84
N LEU J 93 -55.83 15.86 26.70
CA LEU J 93 -56.04 16.50 25.41
C LEU J 93 -57.52 16.75 25.15
N TYR J 94 -58.35 15.80 25.55
CA TYR J 94 -59.80 15.95 25.40
C TYR J 94 -60.31 17.12 26.22
N MET J 95 -59.87 17.19 27.48
CA MET J 95 -60.30 18.27 28.37
C MET J 95 -59.82 19.64 27.90
N TYR J 96 -58.58 19.70 27.44
CA TYR J 96 -58.00 20.93 26.93
C TYR J 96 -58.76 21.40 25.69
N GLY J 97 -58.99 20.47 24.77
CA GLY J 97 -59.73 20.76 23.55
C GLY J 97 -61.14 21.25 23.83
N ARG J 98 -61.80 20.60 24.78
CA ARG J 98 -63.15 20.97 25.19
C ARG J 98 -63.14 22.38 25.79
N GLY J 99 -62.15 22.66 26.61
CA GLY J 99 -62.01 23.97 27.24
C GLY J 99 -61.81 25.09 26.23
N LEU J 100 -60.92 24.85 25.28
CA LEU J 100 -60.65 25.83 24.23
C LEU J 100 -61.88 26.02 23.33
N LEU J 101 -62.63 24.93 23.14
CA LEU J 101 -63.88 25.00 22.40
C LEU J 101 -64.88 25.90 23.13
N CYS J 102 -64.97 25.73 24.45
CA CYS J 102 -65.84 26.56 25.26
C CYS J 102 -65.40 28.02 25.24
N CYS J 103 -64.09 28.23 25.15
CA CYS J 103 -63.53 29.58 25.09
C CYS J 103 -63.87 30.25 23.76
N LEU J 104 -63.83 29.46 22.68
CA LEU J 104 -64.18 29.98 21.36
C LEU J 104 -65.65 30.37 21.27
N GLN J 105 -66.49 29.68 22.05
CA GLN J 105 -67.91 29.96 22.08
C GLN J 105 -68.24 31.05 23.10
N TYR J 106 -67.18 31.68 23.62
CA TYR J 106 -67.30 32.77 24.60
C TYR J 106 -68.03 32.37 25.88
N ARG J 107 -68.04 31.08 26.17
CA ARG J 107 -68.54 30.59 27.45
C ARG J 107 -67.37 30.33 28.38
N TRP J 108 -66.89 31.40 29.03
CA TRP J 108 -65.64 31.36 29.78
C TRP J 108 -65.74 30.61 31.10
N LYS J 109 -66.96 30.36 31.57
CA LYS J 109 -67.17 29.62 32.80
C LYS J 109 -66.80 28.15 32.62
N ASP J 110 -67.51 27.49 31.70
CA ASP J 110 -67.26 26.10 31.37
C ASP J 110 -65.81 25.94 30.89
N GLY J 111 -65.36 26.89 30.08
CA GLY J 111 -63.99 26.90 29.60
C GLY J 111 -63.01 26.90 30.74
N LEU J 112 -63.25 27.77 31.73
CA LEU J 112 -62.41 27.83 32.92
C LEU J 112 -62.40 26.49 33.63
N ASP J 113 -63.57 25.88 33.76
CA ASP J 113 -63.69 24.58 34.41
C ASP J 113 -62.81 23.53 33.73
N TYR J 114 -63.00 23.35 32.43
CA TYR J 114 -62.24 22.36 31.67
C TYR J 114 -60.74 22.67 31.67
N LEU J 115 -60.39 23.94 31.68
CA LEU J 115 -58.98 24.34 31.69
C LEU J 115 -58.34 24.05 33.04
N LEU J 116 -59.13 24.16 34.11
CA LEU J 116 -58.64 23.84 35.45
C LEU J 116 -58.51 22.33 35.63
N LYS J 117 -59.44 21.58 35.05
CA LYS J 117 -59.35 20.13 35.06
C LYS J 117 -58.10 19.69 34.29
N THR J 118 -57.88 20.34 33.15
CA THR J 118 -56.70 20.10 32.35
C THR J 118 -55.45 20.44 33.15
N GLU J 119 -55.56 21.46 33.99
CA GLU J 119 -54.45 21.88 34.84
C GLU J 119 -54.10 20.84 35.89
N VAL J 120 -55.10 20.36 36.63
CA VAL J 120 -54.86 19.37 37.67
C VAL J 120 -54.39 18.04 37.07
N MET J 121 -54.89 17.73 35.88
CA MET J 121 -54.43 16.52 35.19
C MET J 121 -52.98 16.65 34.74
N ALA J 122 -52.63 17.82 34.23
CA ALA J 122 -51.27 18.10 33.77
C ALA J 122 -50.31 18.05 34.95
N LYS J 123 -50.74 18.56 36.09
CA LYS J 123 -49.93 18.55 37.30
C LYS J 123 -49.80 17.11 37.81
N GLU J 124 -50.86 16.33 37.61
CA GLU J 124 -50.86 14.93 38.05
C GLU J 124 -49.91 14.07 37.22
N GLN J 125 -49.84 14.36 35.92
CA GLN J 125 -49.03 13.56 35.01
C GLN J 125 -47.62 14.12 34.83
N GLY J 126 -47.38 15.31 35.35
CA GLY J 126 -46.08 15.96 35.23
C GLY J 126 -45.88 16.61 33.88
N TYR J 127 -46.98 16.99 33.25
CA TYR J 127 -46.95 17.64 31.94
C TYR J 127 -47.18 19.13 32.11
N HIS J 128 -46.63 19.94 31.20
CA HIS J 128 -46.72 21.39 31.33
C HIS J 128 -46.78 22.11 29.98
N GLU J 129 -47.70 23.07 29.88
CA GLU J 129 -47.79 23.95 28.73
C GLU J 129 -48.12 25.37 29.19
N THR J 130 -47.31 26.34 28.76
CA THR J 130 -47.49 27.73 29.15
C THR J 130 -48.82 28.27 28.64
N GLY J 131 -49.21 27.81 27.45
CA GLY J 131 -50.45 28.21 26.82
C GLY J 131 -51.66 27.92 27.69
N LEU J 132 -51.57 26.87 28.50
CA LEU J 132 -52.65 26.53 29.42
C LEU J 132 -52.81 27.61 30.47
N TYR J 133 -51.69 28.02 31.05
CA TYR J 133 -51.69 29.09 32.05
C TYR J 133 -52.20 30.40 31.46
N TYR J 134 -51.74 30.72 30.26
CA TYR J 134 -52.20 31.93 29.58
C TYR J 134 -53.70 31.88 29.31
N ASN J 135 -54.19 30.70 28.94
CA ASN J 135 -55.62 30.52 28.67
C ASN J 135 -56.46 30.66 29.93
N ILE J 136 -55.97 30.12 31.04
CA ILE J 136 -56.65 30.24 32.32
C ILE J 136 -56.70 31.71 32.75
N ALA J 137 -55.56 32.39 32.62
CA ALA J 137 -55.47 33.79 32.96
C ALA J 137 -56.41 34.63 32.09
N LEU J 138 -56.53 34.25 30.83
CA LEU J 138 -57.42 34.95 29.90
C LEU J 138 -58.88 34.72 30.26
N ALA J 139 -59.20 33.48 30.63
CA ALA J 139 -60.54 33.12 31.05
C ALA J 139 -60.94 33.91 32.29
N TYR J 140 -59.99 34.06 33.21
CA TYR J 140 -60.20 34.87 34.41
C TYR J 140 -60.34 36.34 34.05
N THR J 141 -59.62 36.78 33.04
CA THR J 141 -59.69 38.16 32.58
C THR J 141 -61.07 38.48 32.01
N HIS J 142 -61.63 37.53 31.27
CA HIS J 142 -62.99 37.69 30.75
C HIS J 142 -64.02 37.60 31.87
N LEU J 143 -63.65 36.93 32.96
CA LEU J 143 -64.47 36.90 34.17
C LEU J 143 -64.17 38.14 35.01
N ASP J 144 -63.40 39.05 34.43
CA ASP J 144 -63.17 40.39 34.96
C ASP J 144 -62.50 40.42 36.34
N ILE J 145 -63.31 40.59 37.38
CA ILE J 145 -62.82 40.75 38.74
C ILE J 145 -62.00 39.54 39.18
N HIS J 146 -60.71 39.53 38.85
CA HIS J 146 -59.85 38.41 39.22
C HIS J 146 -58.38 38.77 39.45
N HIS J 147 -57.88 38.40 40.62
CA HIS J 147 -56.47 38.49 40.97
C HIS J 147 -55.78 37.24 40.43
N LEU J 148 -56.57 36.19 40.26
CA LEU J 148 -56.09 34.93 39.70
C LEU J 148 -55.63 35.15 38.26
N ALA J 149 -56.18 36.18 37.62
CA ALA J 149 -55.72 36.61 36.32
C ALA J 149 -54.23 36.92 36.40
N ILE J 150 -53.87 37.78 37.35
CA ILE J 150 -52.47 38.11 37.62
C ILE J 150 -51.68 36.85 37.95
N HIS J 151 -52.23 36.06 38.88
CA HIS J 151 -51.57 34.85 39.37
C HIS J 151 -51.13 33.91 38.25
N PHE J 152 -52.03 33.65 37.30
CA PHE J 152 -51.73 32.73 36.21
C PHE J 152 -50.95 33.40 35.09
N VAL J 153 -51.24 34.66 34.82
CA VAL J 153 -50.57 35.37 33.74
C VAL J 153 -49.10 35.63 34.05
N ASN J 154 -48.74 35.58 35.34
CA ASN J 154 -47.34 35.71 35.72
C ASN J 154 -46.55 34.43 35.47
N MET J 155 -47.18 33.29 35.75
CA MET J 155 -46.59 31.99 35.45
C MET J 155 -46.46 31.86 33.94
N ALA J 156 -47.48 32.33 33.24
CA ALA J 156 -47.47 32.37 31.79
C ALA J 156 -46.31 33.23 31.31
N LEU J 157 -46.12 34.37 31.96
CA LEU J 157 -45.00 35.27 31.64
C LEU J 157 -43.67 34.55 31.80
N GLU J 158 -43.52 33.82 32.90
CA GLU J 158 -42.33 33.02 33.15
C GLU J 158 -42.05 32.04 32.02
N GLY J 159 -43.05 31.21 31.72
CA GLY J 159 -42.92 30.22 30.66
C GLY J 159 -42.59 30.81 29.31
N PHE J 160 -43.38 31.79 28.89
CA PHE J 160 -43.18 32.47 27.61
C PHE J 160 -41.80 33.12 27.51
N ARG J 161 -41.33 33.73 28.59
CA ARG J 161 -40.00 34.31 28.61
C ARG J 161 -38.94 33.23 28.46
N SER J 162 -39.19 32.08 29.08
CA SER J 162 -38.26 30.95 28.99
C SER J 162 -38.32 30.28 27.62
N GLU J 163 -39.35 30.60 26.84
CA GLU J 163 -39.54 29.99 25.53
C GLU J 163 -39.37 30.98 24.38
N TYR J 164 -38.91 32.18 24.70
CA TYR J 164 -38.68 33.25 23.72
C TYR J 164 -39.96 33.72 23.00
N LYS J 165 -41.12 33.31 23.50
CA LYS J 165 -42.39 33.63 22.86
C LYS J 165 -42.86 35.04 23.21
N PHE J 166 -42.37 36.03 22.47
CA PHE J 166 -42.59 37.44 22.80
C PHE J 166 -44.00 37.94 22.54
N ARG J 167 -44.64 37.42 21.49
CA ARG J 167 -46.01 37.81 21.15
C ARG J 167 -46.94 37.47 22.31
N ASN J 168 -46.81 36.24 22.81
CA ASN J 168 -47.57 35.81 23.95
C ASN J 168 -47.26 36.66 25.18
N ILE J 169 -46.00 37.06 25.31
CA ILE J 169 -45.58 37.93 26.41
C ILE J 169 -46.32 39.26 26.38
N ILE J 170 -46.36 39.90 25.21
CA ILE J 170 -47.03 41.18 25.08
C ILE J 170 -48.54 41.04 25.25
N ASN J 171 -49.07 39.87 24.90
CA ASN J 171 -50.47 39.57 25.20
C ASN J 171 -50.71 39.52 26.71
N CYS J 172 -49.76 38.91 27.42
CA CYS J 172 -49.79 38.88 28.88
C CYS J 172 -49.73 40.30 29.45
N GLN J 173 -48.91 41.13 28.81
CA GLN J 173 -48.81 42.54 29.20
C GLN J 173 -50.15 43.23 29.06
N ILE J 174 -50.84 42.94 27.96
CA ILE J 174 -52.20 43.45 27.78
C ILE J 174 -53.11 42.98 28.91
N LEU J 175 -52.97 41.71 29.29
CA LEU J 175 -53.77 41.16 30.39
C LEU J 175 -53.56 41.89 31.72
N ILE J 176 -52.31 41.99 32.16
CA ILE J 176 -52.01 42.67 33.43
C ILE J 176 -52.42 44.14 33.37
N ALA J 177 -52.23 44.78 32.22
CA ALA J 177 -52.66 46.17 32.05
C ALA J 177 -54.17 46.29 32.22
N VAL J 178 -54.89 45.31 31.69
CA VAL J 178 -56.35 45.26 31.82
C VAL J 178 -56.76 45.12 33.29
N SER J 179 -56.13 44.19 34.00
CA SER J 179 -56.43 43.99 35.42
C SER J 179 -56.18 45.26 36.22
N TYR J 180 -55.01 45.85 36.01
CA TYR J 180 -54.64 47.11 36.63
C TYR J 180 -55.74 48.14 36.40
N THR J 181 -56.02 48.41 35.13
CA THR J 181 -57.07 49.36 34.74
C THR J 181 -58.39 49.11 35.45
N GLU J 182 -58.78 47.84 35.54
CA GLU J 182 -60.00 47.46 36.23
C GLU J 182 -59.95 47.79 37.71
N LYS J 183 -58.75 47.72 38.30
CA LYS J 183 -58.59 48.05 39.71
C LYS J 183 -58.17 49.50 39.96
N GLY J 184 -57.52 50.12 38.98
CA GLY J 184 -57.06 51.49 39.11
C GLY J 184 -55.73 51.71 38.40
N GLN J 185 -54.83 52.44 39.04
CA GLN J 185 -53.48 52.68 38.52
C GLN J 185 -53.50 53.13 37.06
N TYR J 186 -54.41 54.03 36.73
CA TYR J 186 -54.64 54.47 35.36
C TYR J 186 -53.38 55.00 34.68
N GLU J 187 -52.49 55.61 35.45
CA GLU J 187 -51.25 56.16 34.91
C GLU J 187 -50.28 55.03 34.57
N GLU J 188 -50.20 54.04 35.44
CA GLU J 188 -49.34 52.89 35.21
C GLU J 188 -49.83 52.12 33.99
N ALA J 189 -51.15 51.90 33.94
CA ALA J 189 -51.77 51.25 32.79
C ALA J 189 -51.53 52.05 31.52
N LEU J 190 -51.49 53.38 31.67
CA LEU J 190 -51.25 54.26 30.54
C LEU J 190 -49.82 54.12 30.02
N LYS J 191 -48.87 53.99 30.94
CA LYS J 191 -47.48 53.79 30.56
C LYS J 191 -47.29 52.45 29.89
N MET J 192 -47.89 51.41 30.45
CA MET J 192 -47.82 50.07 29.88
C MET J 192 -48.40 50.07 28.47
N TYR J 193 -49.62 50.59 28.35
CA TYR J 193 -50.29 50.69 27.05
C TYR J 193 -49.50 51.53 26.06
N GLU J 194 -48.75 52.51 26.56
CA GLU J 194 -47.91 53.33 25.70
C GLU J 194 -46.74 52.50 25.14
N SER J 195 -46.06 51.79 26.03
CA SER J 195 -44.93 50.96 25.63
C SER J 195 -45.39 49.87 24.65
N ILE J 196 -46.56 49.30 24.89
CA ILE J 196 -47.13 48.31 23.99
C ILE J 196 -47.48 48.97 22.65
N LEU J 197 -47.97 50.20 22.72
CA LEU J 197 -48.36 50.94 21.53
C LEU J 197 -47.16 51.22 20.64
N ARG J 198 -46.01 51.43 21.26
CA ARG J 198 -44.79 51.68 20.50
C ARG J 198 -44.16 50.39 19.99
N GLU J 199 -44.15 49.37 20.85
CA GLU J 199 -43.48 48.10 20.54
C GLU J 199 -44.29 47.20 19.61
N ALA J 200 -45.57 47.53 19.43
CA ALA J 200 -46.42 46.75 18.55
C ALA J 200 -45.92 46.81 17.10
N THR J 201 -45.38 47.96 16.73
CA THR J 201 -44.91 48.22 15.37
C THR J 201 -43.87 47.19 14.91
N SER J 202 -43.09 46.66 15.84
CA SER J 202 -42.05 45.70 15.50
C SER J 202 -42.61 44.33 15.14
N PHE J 203 -43.88 44.12 15.41
CA PHE J 203 -44.53 42.83 15.17
C PHE J 203 -45.14 42.75 13.77
N ALA J 204 -45.30 41.51 13.28
CA ALA J 204 -45.89 41.28 11.97
C ALA J 204 -47.37 41.65 11.95
N ASP J 205 -48.08 41.36 13.04
CA ASP J 205 -49.49 41.68 13.14
C ASP J 205 -49.72 42.81 14.16
N LYS J 206 -49.19 43.99 13.85
CA LYS J 206 -49.29 45.13 14.76
C LYS J 206 -50.71 45.64 14.93
N ASP J 207 -51.53 45.47 13.88
CA ASP J 207 -52.85 46.09 13.83
C ASP J 207 -53.82 45.63 14.93
N VAL J 208 -53.77 44.35 15.27
CA VAL J 208 -54.65 43.82 16.31
C VAL J 208 -54.25 44.34 17.69
N LEU J 209 -52.94 44.39 17.93
CA LEU J 209 -52.41 44.94 19.17
C LEU J 209 -52.79 46.41 19.30
N LEU J 210 -52.57 47.16 18.24
CA LEU J 210 -52.93 48.57 18.20
C LEU J 210 -54.42 48.77 18.49
N ALA J 211 -55.25 47.99 17.82
CA ALA J 211 -56.70 48.08 18.01
C ALA J 211 -57.09 47.83 19.47
N ILE J 212 -56.64 46.71 20.02
CA ILE J 212 -56.95 46.34 21.39
C ILE J 212 -56.49 47.40 22.39
N THR J 213 -55.21 47.74 22.33
CA THR J 213 -54.63 48.69 23.28
C THR J 213 -55.25 50.08 23.16
N LEU J 214 -55.57 50.51 21.95
CA LEU J 214 -56.20 51.82 21.76
C LEU J 214 -57.62 51.83 22.29
N SER J 215 -58.33 50.72 22.12
CA SER J 215 -59.66 50.57 22.71
C SER J 215 -59.57 50.67 24.23
N ASN J 216 -58.58 49.98 24.79
CA ASN J 216 -58.36 49.99 26.23
C ASN J 216 -58.00 51.37 26.78
N MET J 217 -57.14 52.09 26.06
CA MET J 217 -56.80 53.46 26.43
C MET J 217 -58.05 54.33 26.38
N GLY J 218 -58.88 54.09 25.36
CA GLY J 218 -60.15 54.78 25.25
C GLY J 218 -61.00 54.57 26.49
N SER J 219 -61.03 53.33 26.96
CA SER J 219 -61.75 53.01 28.20
C SER J 219 -61.14 53.74 29.40
N ILE J 220 -59.82 53.82 29.43
CA ILE J 220 -59.12 54.51 30.53
C ILE J 220 -59.48 55.99 30.58
N TYR J 221 -59.33 56.67 29.46
CA TYR J 221 -59.66 58.09 29.35
C TYR J 221 -61.15 58.33 29.64
N TYR J 222 -61.98 57.36 29.27
CA TYR J 222 -63.40 57.45 29.59
C TYR J 222 -63.62 57.38 31.09
N LYS J 223 -62.86 56.52 31.76
CA LYS J 223 -62.94 56.38 33.22
C LYS J 223 -62.43 57.63 33.93
N LYS J 224 -61.42 58.27 33.34
CA LYS J 224 -60.89 59.51 33.90
C LYS J 224 -61.85 60.67 33.70
N GLY J 225 -62.23 60.91 32.45
CA GLY J 225 -63.17 61.97 32.13
C GLY J 225 -62.80 62.73 30.88
N LYS J 226 -61.73 62.33 30.22
CA LYS J 226 -61.28 62.96 28.99
C LYS J 226 -61.97 62.33 27.78
N TYR J 227 -63.23 62.72 27.56
CA TYR J 227 -64.07 62.07 26.56
C TYR J 227 -63.62 62.31 25.12
N GLN J 228 -63.00 63.45 24.86
CA GLN J 228 -62.51 63.77 23.52
C GLN J 228 -61.39 62.84 23.09
N GLN J 229 -60.35 62.76 23.92
CA GLN J 229 -59.21 61.89 23.64
C GLN J 229 -59.65 60.43 23.58
N ALA J 230 -60.59 60.08 24.45
CA ALA J 230 -61.16 58.73 24.49
C ALA J 230 -61.80 58.40 23.15
N LYS J 231 -62.78 59.22 22.76
CA LYS J 231 -63.47 59.05 21.48
C LYS J 231 -62.49 58.98 20.31
N LYS J 232 -61.43 59.78 20.39
CA LYS J 232 -60.35 59.73 19.40
C LYS J 232 -59.74 58.33 19.33
N TYR J 233 -59.35 57.81 20.48
CA TYR J 233 -58.77 56.47 20.57
C TYR J 233 -59.71 55.39 20.05
N TYR J 234 -60.99 55.52 20.36
CA TYR J 234 -62.00 54.60 19.84
C TYR J 234 -62.07 54.69 18.32
N LEU J 235 -61.98 55.90 17.79
CA LEU J 235 -62.00 56.11 16.35
C LEU J 235 -60.84 55.41 15.67
N ASP J 236 -59.63 55.59 16.20
CA ASP J 236 -58.46 54.93 15.64
C ASP J 236 -58.58 53.41 15.74
N SER J 237 -59.05 52.94 16.89
CA SER J 237 -59.24 51.51 17.13
C SER J 237 -60.17 50.89 16.09
N LEU J 238 -61.35 51.49 15.92
CA LEU J 238 -62.29 51.02 14.91
C LEU J 238 -61.70 51.14 13.51
N GLN J 239 -60.88 52.17 13.30
CA GLN J 239 -60.22 52.37 12.02
C GLN J 239 -59.26 51.23 11.72
N LEU J 240 -58.77 50.58 12.77
CA LEU J 240 -57.80 49.50 12.59
C LEU J 240 -58.40 48.08 12.60
N GLN J 241 -59.61 47.94 13.13
CA GLN J 241 -60.24 46.62 13.22
C GLN J 241 -60.78 46.15 11.88
N LYS J 242 -60.48 44.89 11.53
CA LYS J 242 -60.90 44.33 10.26
C LYS J 242 -61.67 43.01 10.42
N GLN J 243 -62.36 42.86 11.54
CA GLN J 243 -63.16 41.66 11.80
C GLN J 243 -64.13 41.90 12.96
N ILE J 244 -65.29 41.25 12.91
CA ILE J 244 -66.28 41.40 13.98
C ILE J 244 -66.11 40.34 15.07
N ASP J 245 -65.75 40.81 16.26
CA ASP J 245 -65.61 39.95 17.43
C ASP J 245 -66.14 40.66 18.67
N LEU J 246 -65.92 40.09 19.84
CA LEU J 246 -66.39 40.71 21.08
C LEU J 246 -65.66 42.01 21.36
N ASN J 247 -64.40 42.09 20.93
CA ASN J 247 -63.62 43.32 21.05
C ASN J 247 -64.28 44.45 20.27
N TYR J 248 -64.76 44.13 19.08
CA TYR J 248 -65.41 45.10 18.20
C TYR J 248 -66.70 45.62 18.82
N LEU J 249 -67.57 44.70 19.23
CA LEU J 249 -68.85 45.05 19.83
C LEU J 249 -68.66 45.86 21.11
N ASP J 250 -67.70 45.44 21.93
CA ASP J 250 -67.42 46.13 23.19
C ASP J 250 -66.87 47.54 22.93
N THR J 251 -66.01 47.66 21.94
CA THR J 251 -65.42 48.95 21.60
C THR J 251 -66.48 49.89 21.06
N ILE J 252 -67.43 49.34 20.30
CA ILE J 252 -68.56 50.12 19.81
C ILE J 252 -69.43 50.57 20.98
N TYR J 253 -69.65 49.67 21.93
CA TYR J 253 -70.44 49.97 23.12
C TYR J 253 -69.83 51.12 23.93
N GLU J 254 -68.53 51.03 24.20
CA GLU J 254 -67.85 52.08 24.95
C GLU J 254 -67.74 53.37 24.13
N MET J 255 -67.76 53.24 22.81
CA MET J 255 -67.83 54.39 21.93
C MET J 255 -69.16 55.11 22.13
N ALA J 256 -70.22 54.32 22.25
CA ALA J 256 -71.54 54.87 22.51
C ALA J 256 -71.57 55.51 23.90
N LEU J 257 -70.83 54.92 24.82
CA LEU J 257 -70.74 55.46 26.17
C LEU J 257 -70.01 56.80 26.21
N VAL J 258 -68.98 56.94 25.37
CA VAL J 258 -68.25 58.20 25.30
C VAL J 258 -68.99 59.21 24.42
N CYS J 259 -69.98 58.72 23.68
CA CYS J 259 -70.81 59.58 22.85
C CYS J 259 -71.96 60.19 23.63
N ILE J 260 -72.57 59.38 24.50
CA ILE J 260 -73.69 59.85 25.31
C ILE J 260 -73.22 60.87 26.35
N LYS J 261 -71.97 60.76 26.76
CA LYS J 261 -71.38 61.72 27.70
C LYS J 261 -71.12 63.06 27.01
N LEU J 262 -70.90 63.01 25.70
CA LEU J 262 -70.71 64.22 24.91
C LEU J 262 -72.03 64.73 24.34
N GLU J 263 -73.12 64.16 24.85
CA GLU J 263 -74.47 64.52 24.40
C GLU J 263 -74.70 64.30 22.91
N GLU J 264 -73.89 63.43 22.31
CA GLU J 264 -74.05 63.07 20.92
C GLU J 264 -74.99 61.88 20.80
N LEU J 265 -76.26 62.12 21.06
CA LEU J 265 -77.26 61.06 21.11
C LEU J 265 -77.49 60.37 19.77
N GLU J 266 -77.33 61.11 18.69
CA GLU J 266 -77.50 60.56 17.35
C GLU J 266 -76.44 59.50 17.07
N GLU J 267 -75.17 59.88 17.25
CA GLU J 267 -74.06 58.96 17.08
C GLU J 267 -74.22 57.74 17.99
N ALA J 268 -74.66 58.00 19.23
CA ALA J 268 -74.85 56.95 20.20
C ALA J 268 -75.90 55.93 19.74
N ARG J 269 -77.01 56.43 19.21
CA ARG J 269 -78.10 55.56 18.77
C ARG J 269 -77.75 54.80 17.51
N THR J 270 -77.11 55.47 16.56
CA THR J 270 -76.67 54.82 15.34
C THR J 270 -75.66 53.71 15.63
N LEU J 271 -74.71 54.03 16.51
CA LEU J 271 -73.66 53.08 16.89
C LEU J 271 -74.20 51.90 17.70
N ILE J 272 -75.17 52.16 18.58
CA ILE J 272 -75.75 51.08 19.36
C ILE J 272 -76.63 50.17 18.49
N ASP J 273 -77.38 50.77 17.57
CA ASP J 273 -78.21 49.99 16.65
C ASP J 273 -77.33 49.14 15.74
N LYS J 274 -76.26 49.73 15.24
CA LYS J 274 -75.26 49.00 14.48
C LYS J 274 -74.71 47.85 15.30
N GLY J 275 -74.48 48.13 16.58
CA GLY J 275 -73.95 47.15 17.52
C GLY J 275 -74.84 45.93 17.67
N ILE J 276 -76.10 46.13 18.04
CA ILE J 276 -77.02 45.03 18.21
C ILE J 276 -77.33 44.32 16.89
N ASP J 277 -77.34 45.08 15.79
CA ASP J 277 -77.59 44.48 14.48
C ASP J 277 -76.43 43.58 14.08
N ALA J 278 -75.24 43.91 14.58
CA ALA J 278 -74.06 43.09 14.31
C ALA J 278 -73.86 42.04 15.40
N ALA J 279 -74.67 42.11 16.45
CA ALA J 279 -74.52 41.22 17.60
C ALA J 279 -75.48 40.02 17.53
N LYS J 280 -76.62 40.22 16.87
CA LYS J 280 -77.64 39.17 16.78
C LYS J 280 -77.20 38.06 15.82
N GLN J 281 -76.11 38.32 15.09
CA GLN J 281 -75.63 37.41 14.06
C GLN J 281 -75.18 36.05 14.61
N GLU J 282 -74.41 36.05 15.69
CA GLU J 282 -73.92 34.82 16.28
C GLU J 282 -74.45 34.56 17.68
N GLU J 283 -74.41 33.30 18.09
CA GLU J 283 -74.89 32.87 19.40
C GLU J 283 -73.99 33.39 20.51
N ARG J 284 -72.68 33.37 20.27
CA ARG J 284 -71.69 33.70 21.28
C ARG J 284 -71.70 35.17 21.67
N PHE J 285 -72.31 36.02 20.84
CA PHE J 285 -72.36 37.45 21.13
C PHE J 285 -73.45 37.80 22.12
N ASN J 286 -74.28 36.81 22.46
CA ASN J 286 -75.47 36.99 23.30
C ASN J 286 -75.28 37.95 24.48
N ALA J 287 -74.31 37.63 25.33
CA ALA J 287 -73.98 38.48 26.47
C ALA J 287 -73.86 39.93 26.02
N LYS J 288 -72.90 40.20 25.14
CA LYS J 288 -72.70 41.53 24.59
C LYS J 288 -74.02 42.10 24.06
N LEU J 289 -74.75 41.28 23.30
CA LEU J 289 -76.05 41.68 22.77
C LEU J 289 -76.89 42.25 23.90
N TYR J 290 -77.13 41.43 24.93
CA TYR J 290 -77.94 41.86 26.07
C TYR J 290 -77.38 43.15 26.65
N LEU J 291 -76.06 43.21 26.78
CA LEU J 291 -75.41 44.41 27.29
C LEU J 291 -75.84 45.64 26.48
N LEU J 292 -75.69 45.56 25.15
CA LEU J 292 -76.14 46.64 24.28
C LEU J 292 -77.63 46.90 24.49
N LEU J 293 -78.42 45.83 24.58
CA LEU J 293 -79.84 45.96 24.85
C LEU J 293 -80.07 46.76 26.11
N MET J 294 -79.29 46.47 27.16
CA MET J 294 -79.39 47.20 28.42
C MET J 294 -79.22 48.68 28.16
N LEU J 295 -78.19 49.03 27.38
CA LEU J 295 -77.92 50.42 27.03
C LEU J 295 -79.14 51.00 26.32
N ARG J 296 -79.71 50.23 25.40
CA ARG J 296 -80.86 50.69 24.64
C ARG J 296 -82.07 50.91 25.53
N TYR J 297 -82.08 50.27 26.69
CA TYR J 297 -83.19 50.43 27.63
C TYR J 297 -82.90 51.53 28.64
N LYS J 298 -81.67 52.05 28.63
CA LYS J 298 -81.30 53.12 29.55
C LYS J 298 -81.38 54.49 28.89
N TYR J 299 -81.23 54.52 27.56
CA TYR J 299 -81.22 55.78 26.83
C TYR J 299 -82.25 55.82 25.71
N PHE J 300 -83.40 55.18 25.94
CA PHE J 300 -84.48 55.19 24.96
C PHE J 300 -85.82 54.83 25.60
N GLU J 301 -85.91 53.62 26.14
CA GLU J 301 -87.12 53.16 26.81
C GLU J 301 -87.41 53.97 28.07
N GLU J 302 -86.60 53.75 29.10
CA GLU J 302 -86.74 54.45 30.37
C GLU J 302 -88.12 54.24 30.99
N ALA J 303 -88.38 53.01 31.44
CA ALA J 303 -89.67 52.68 32.05
C ALA J 303 -89.57 51.40 32.87
N LYS J 304 -90.71 50.72 33.03
CA LYS J 304 -90.74 49.46 33.77
C LYS J 304 -90.19 48.32 32.91
N ASP J 305 -90.03 48.59 31.62
CA ASP J 305 -89.44 47.62 30.71
C ASP J 305 -88.01 47.29 31.10
N TYR J 306 -87.35 48.24 31.74
CA TYR J 306 -86.00 48.03 32.25
C TYR J 306 -86.04 46.96 33.34
N LYS J 307 -87.00 47.09 34.25
CA LYS J 307 -87.19 46.13 35.33
C LYS J 307 -87.53 44.75 34.78
N ALA J 308 -88.55 44.70 33.93
CA ALA J 308 -89.01 43.44 33.36
C ALA J 308 -87.93 42.72 32.56
N PHE J 309 -87.13 43.50 31.82
CA PHE J 309 -86.04 42.95 31.04
C PHE J 309 -84.90 42.48 31.93
N LEU J 310 -84.66 43.22 33.01
CA LEU J 310 -83.64 42.84 33.99
C LEU J 310 -84.01 41.55 34.70
N GLU J 311 -85.32 41.30 34.83
CA GLU J 311 -85.80 40.06 35.43
C GLU J 311 -85.50 38.87 34.52
N ASN J 312 -85.60 39.07 33.21
CA ASN J 312 -85.32 38.02 32.24
C ASN J 312 -83.86 37.96 31.83
N GLU J 313 -83.04 38.79 32.46
CA GLU J 313 -81.61 38.87 32.11
C GLU J 313 -80.74 38.38 33.26
N ALA J 314 -81.37 38.17 34.42
CA ALA J 314 -80.64 37.75 35.62
C ALA J 314 -80.23 36.28 35.59
N ILE J 315 -80.65 35.57 34.55
CA ILE J 315 -80.36 34.14 34.45
C ILE J 315 -79.03 33.77 33.75
N PRO J 316 -78.79 34.26 32.52
CA PRO J 316 -77.59 33.78 31.82
C PRO J 316 -76.28 34.26 32.43
N LEU J 317 -76.31 35.39 33.14
CA LEU J 317 -75.11 35.94 33.74
C LEU J 317 -74.66 35.14 34.97
N TYR J 318 -75.54 34.26 35.44
CA TYR J 318 -75.22 33.38 36.56
C TYR J 318 -74.35 32.21 36.12
N LEU J 327 -69.01 42.42 36.56
CA LEU J 327 -70.04 43.36 36.14
C LEU J 327 -71.39 43.07 36.78
N LYS J 328 -71.36 42.51 37.99
CA LYS J 328 -72.59 42.15 38.70
C LYS J 328 -73.07 43.29 39.59
N LYS J 329 -72.14 43.89 40.32
CA LYS J 329 -72.43 44.97 41.26
C LYS J 329 -73.20 46.11 40.59
N VAL J 330 -72.87 46.38 39.34
CA VAL J 330 -73.51 47.49 38.61
C VAL J 330 -74.99 47.24 38.32
N TYR J 331 -75.32 46.10 37.71
CA TYR J 331 -76.71 45.82 37.39
C TYR J 331 -77.53 45.48 38.64
N VAL J 332 -76.87 44.98 39.67
CA VAL J 332 -77.53 44.77 40.94
C VAL J 332 -77.89 46.11 41.55
N GLU J 333 -76.95 47.06 41.49
CA GLU J 333 -77.18 48.41 41.97
C GLU J 333 -78.31 49.09 41.23
N LEU J 334 -78.33 48.93 39.90
CA LEU J 334 -79.36 49.53 39.07
C LEU J 334 -80.73 48.86 39.29
N ALA J 335 -80.71 47.58 39.65
CA ALA J 335 -81.93 46.85 39.94
C ALA J 335 -82.42 47.18 41.34
N GLU J 336 -81.54 47.74 42.15
CA GLU J 336 -81.88 48.14 43.51
C GLU J 336 -82.43 49.57 43.53
N HIS J 337 -82.13 50.30 42.46
CA HIS J 337 -82.38 51.75 42.39
C HIS J 337 -83.83 52.17 42.70
N PHE J 338 -84.79 51.31 42.38
CA PHE J 338 -86.20 51.68 42.56
C PHE J 338 -86.81 51.13 43.85
N SER J 339 -86.28 50.01 44.33
CA SER J 339 -86.86 49.31 45.48
C SER J 339 -86.75 50.11 46.79
N SER J 340 -85.56 50.64 47.08
CA SER J 340 -85.35 51.40 48.30
C SER J 340 -86.12 52.71 48.30
N LEU J 341 -86.18 53.35 47.13
CA LEU J 341 -86.89 54.62 46.99
C LEU J 341 -88.40 54.41 47.09
N SER J 342 -88.84 53.15 46.94
CA SER J 342 -90.27 52.84 46.95
C SER J 342 -90.67 51.90 48.08
N ARG J 343 -89.67 51.35 48.79
CA ARG J 343 -89.91 50.48 49.94
C ARG J 343 -90.55 49.14 49.52
N PHE J 344 -90.46 48.09 50.35
CA PHE J 344 -89.91 48.12 51.70
C PHE J 344 -88.47 47.61 51.85
N GLU J 345 -88.27 46.30 51.69
CA GLU J 345 -86.97 45.69 51.92
C GLU J 345 -86.52 44.80 50.77
N GLU J 346 -86.96 45.13 49.56
CA GLU J 346 -86.52 44.41 48.37
C GLU J 346 -85.07 44.79 48.09
N SER J 347 -84.75 46.05 48.35
CA SER J 347 -83.38 46.53 48.23
C SER J 347 -82.47 45.82 49.21
N ASN J 348 -83.01 45.52 50.40
CA ASN J 348 -82.27 44.77 51.39
C ASN J 348 -82.03 43.33 50.94
N ARG J 349 -82.96 42.82 50.14
CA ARG J 349 -82.84 41.47 49.59
C ARG J 349 -81.77 41.42 48.51
N TYR J 350 -81.80 42.40 47.61
CA TYR J 350 -80.78 42.50 46.57
C TYR J 350 -79.39 42.72 47.17
N TYR J 351 -79.33 43.59 48.17
CA TYR J 351 -78.09 43.88 48.88
C TYR J 351 -77.57 42.63 49.59
N ARG J 352 -78.48 41.87 50.20
CA ARG J 352 -78.11 40.64 50.88
C ARG J 352 -77.63 39.60 49.89
N LEU J 353 -78.18 39.63 48.69
CA LEU J 353 -77.82 38.67 47.65
C LEU J 353 -76.42 38.97 47.10
N VAL J 354 -76.18 40.23 46.76
CA VAL J 354 -74.88 40.64 46.25
C VAL J 354 -73.80 40.49 47.32
N ILE J 355 -74.16 40.75 48.57
CA ILE J 355 -73.23 40.58 49.68
C ILE J 355 -73.05 39.10 49.99
N ASP J 356 -73.97 38.27 49.52
CA ASP J 356 -73.87 36.83 49.67
C ASP J 356 -72.88 36.31 48.64
N LEU J 357 -72.98 36.80 47.41
CA LEU J 357 -72.05 36.37 46.37
C LEU J 357 -70.67 37.02 46.53
N MET J 358 -70.61 38.08 47.33
CA MET J 358 -69.34 38.75 47.60
C MET J 358 -68.47 37.96 48.57
N ASN J 359 -69.02 37.62 49.73
CA ASN J 359 -68.28 36.90 50.75
C ASN J 359 -68.28 35.39 50.52
N ASP J 360 -68.78 34.98 49.35
CA ASP J 360 -68.76 33.57 48.97
C ASP J 360 -67.33 33.17 48.65
N ASN J 361 -66.74 33.84 47.66
CA ASN J 361 -65.34 33.65 47.31
C ASN J 361 -64.81 34.78 46.43
N GLU K 11 -13.78 66.19 49.67
CA GLU K 11 -13.06 66.43 50.91
C GLU K 11 -13.25 65.28 51.90
N ASP K 12 -12.76 65.47 53.11
CA ASP K 12 -12.86 64.44 54.14
C ASP K 12 -14.29 64.28 54.61
N VAL K 13 -14.92 65.41 54.96
CA VAL K 13 -16.29 65.41 55.46
C VAL K 13 -17.25 64.81 54.43
N LYS K 14 -17.04 65.11 53.15
CA LYS K 14 -17.89 64.59 52.09
C LYS K 14 -17.94 63.06 52.11
N GLY K 15 -16.76 62.44 52.07
CA GLY K 15 -16.65 61.00 52.14
C GLY K 15 -17.19 60.45 53.45
N LYS K 16 -17.01 61.21 54.52
CA LYS K 16 -17.55 60.84 55.83
C LYS K 16 -19.07 60.69 55.78
N LEU K 17 -19.75 61.70 55.27
CA LEU K 17 -21.20 61.72 55.23
C LEU K 17 -21.75 60.74 54.19
N ASP K 18 -21.00 60.52 53.11
CA ASP K 18 -21.41 59.57 52.10
C ASP K 18 -21.35 58.15 52.63
N GLU K 19 -20.18 57.78 53.17
CA GLU K 19 -19.98 56.47 53.77
C GLU K 19 -20.96 56.23 54.90
N TRP K 20 -21.23 57.30 55.67
CA TRP K 20 -22.19 57.20 56.77
C TRP K 20 -23.61 57.01 56.26
N LEU K 21 -23.94 57.63 55.13
CA LEU K 21 -25.24 57.44 54.51
C LEU K 21 -25.40 55.98 54.09
N ASN K 22 -24.39 55.47 53.40
CA ASN K 22 -24.37 54.06 52.99
C ASN K 22 -24.41 53.11 54.18
N ALA K 23 -23.92 53.58 55.32
CA ALA K 23 -23.91 52.76 56.54
C ALA K 23 -25.27 52.73 57.22
N LEU K 24 -25.93 53.88 57.28
CA LEU K 24 -27.23 53.99 57.95
C LEU K 24 -28.34 53.40 57.09
N VAL K 25 -28.14 53.41 55.78
CA VAL K 25 -29.17 52.91 54.86
C VAL K 25 -29.18 51.39 54.80
N HIS K 26 -28.17 50.76 55.39
CA HIS K 26 -28.04 49.30 55.36
C HIS K 26 -28.34 48.63 56.71
N LEU K 27 -28.79 49.44 57.67
CA LEU K 27 -29.19 48.95 58.99
C LEU K 27 -28.09 48.17 59.73
N ASP K 28 -26.87 48.72 59.72
CA ASP K 28 -25.77 48.14 60.49
C ASP K 28 -25.76 48.73 61.89
N LYS K 29 -26.39 48.02 62.83
CA LYS K 29 -26.62 48.55 64.18
C LYS K 29 -25.34 48.93 64.94
N GLN K 30 -24.30 48.10 64.84
CA GLN K 30 -23.04 48.41 65.51
C GLN K 30 -22.38 49.65 64.90
N GLN K 31 -22.43 49.76 63.57
CA GLN K 31 -21.84 50.88 62.87
C GLN K 31 -22.58 52.18 63.16
N VAL K 32 -23.91 52.13 63.14
CA VAL K 32 -24.70 53.30 63.46
C VAL K 32 -24.56 53.65 64.94
N GLU K 33 -24.18 52.67 65.75
CA GLU K 33 -23.96 52.89 67.18
C GLU K 33 -22.65 53.63 67.43
N ARG K 34 -21.57 53.13 66.83
CA ARG K 34 -20.27 53.80 66.97
C ARG K 34 -20.30 55.18 66.35
N ILE K 35 -20.97 55.30 65.20
CA ILE K 35 -21.14 56.61 64.55
C ILE K 35 -21.97 57.53 65.44
N TYR K 36 -23.01 56.99 66.06
CA TYR K 36 -23.82 57.78 67.00
C TYR K 36 -22.96 58.29 68.15
N GLU K 37 -22.07 57.45 68.65
CA GLU K 37 -21.14 57.86 69.70
C GLU K 37 -20.15 58.90 69.20
N GLU K 38 -19.88 58.87 67.90
CA GLU K 38 -18.99 59.86 67.30
C GLU K 38 -19.64 61.24 67.19
N LEU K 39 -20.73 61.32 66.42
CA LEU K 39 -21.38 62.61 66.15
C LEU K 39 -22.00 63.28 67.38
N GLN K 40 -22.10 62.56 68.49
CA GLN K 40 -22.52 63.17 69.74
C GLN K 40 -21.42 64.11 70.25
N GLY K 41 -20.21 63.91 69.74
CA GLY K 41 -19.09 64.77 70.06
C GLY K 41 -18.45 65.36 68.83
N GLU K 42 -19.09 65.16 67.67
CA GLU K 42 -18.59 65.70 66.42
C GLU K 42 -19.53 66.75 65.84
N MET K 43 -20.81 66.66 66.17
CA MET K 43 -21.80 67.64 65.73
C MET K 43 -21.79 68.87 66.63
N LYS K 44 -20.99 68.81 67.70
CA LYS K 44 -20.83 69.94 68.61
C LYS K 44 -19.83 70.96 68.08
N HIS K 45 -19.92 71.26 66.78
CA HIS K 45 -19.01 72.20 66.15
C HIS K 45 -19.75 73.26 65.35
N VAL K 46 -20.10 72.92 64.12
CA VAL K 46 -20.66 73.87 63.17
C VAL K 46 -22.06 74.36 63.54
N LEU K 47 -22.44 75.50 62.99
CA LEU K 47 -23.78 76.04 63.12
C LEU K 47 -24.54 75.71 61.85
N ASP K 48 -24.02 76.21 60.73
CA ASP K 48 -24.51 75.88 59.39
C ASP K 48 -26.03 75.89 59.28
N PHE K 49 -26.57 74.85 58.64
CA PHE K 49 -28.01 74.67 58.49
C PHE K 49 -28.42 73.27 58.02
N GLU K 50 -27.96 72.88 56.83
CA GLU K 50 -28.25 71.55 56.29
C GLU K 50 -27.69 70.44 57.17
N ILE K 51 -26.46 70.65 57.64
CA ILE K 51 -25.74 69.66 58.44
C ILE K 51 -26.48 69.29 59.72
N ILE K 52 -27.11 70.27 60.36
CA ILE K 52 -27.86 70.01 61.58
C ILE K 52 -29.21 69.36 61.30
N ASN K 53 -29.93 69.92 60.32
CA ASN K 53 -31.25 69.40 59.96
C ASN K 53 -31.23 67.94 59.52
N TYR K 54 -30.29 67.61 58.63
CA TYR K 54 -30.18 66.22 58.16
C TYR K 54 -29.82 65.28 59.32
N TYR K 55 -29.28 65.86 60.38
CA TYR K 55 -28.82 65.09 61.53
C TYR K 55 -29.95 64.86 62.50
N LYS K 56 -30.88 65.82 62.58
CA LYS K 56 -32.08 65.61 63.38
C LYS K 56 -33.00 64.62 62.66
N LEU K 57 -33.00 64.68 61.33
CA LEU K 57 -33.76 63.71 60.54
C LEU K 57 -33.14 62.31 60.63
N LEU K 58 -31.81 62.26 60.55
CA LEU K 58 -31.08 61.01 60.72
C LEU K 58 -31.30 60.48 62.13
N TYR K 59 -31.51 61.39 63.08
CA TYR K 59 -31.80 61.03 64.45
C TYR K 59 -33.21 60.45 64.55
N THR K 60 -34.12 60.94 63.71
CA THR K 60 -35.43 60.33 63.58
C THR K 60 -35.23 58.89 63.07
N ARG K 61 -34.33 58.73 62.11
CA ARG K 61 -34.02 57.41 61.58
C ARG K 61 -33.27 56.53 62.59
N TYR K 62 -32.75 57.15 63.66
CA TYR K 62 -32.21 56.39 64.77
C TYR K 62 -33.36 55.92 65.64
N LEU K 63 -34.26 56.85 65.93
CA LEU K 63 -35.40 56.59 66.81
C LEU K 63 -36.29 55.47 66.29
N ILE K 64 -36.51 55.45 64.98
CA ILE K 64 -37.29 54.35 64.40
C ILE K 64 -36.59 53.01 64.60
N MET K 65 -35.26 53.03 64.60
CA MET K 65 -34.47 51.83 64.79
C MET K 65 -34.47 51.39 66.25
N LYS K 66 -34.59 52.35 67.16
CA LYS K 66 -34.55 52.06 68.59
C LYS K 66 -35.95 51.86 69.16
N ARG K 67 -36.97 52.05 68.33
CA ARG K 67 -38.37 51.85 68.73
C ARG K 67 -38.78 52.70 69.93
N ASP K 68 -39.07 53.98 69.68
CA ASP K 68 -39.56 54.87 70.73
C ASP K 68 -40.52 55.92 70.15
N ILE K 69 -41.79 55.80 70.52
CA ILE K 69 -42.83 56.67 69.97
C ILE K 69 -42.75 58.10 70.52
N SER K 70 -42.56 58.22 71.84
CA SER K 70 -42.53 59.52 72.50
C SER K 70 -41.44 60.44 71.96
N ALA K 71 -40.20 59.98 72.00
CA ALA K 71 -39.06 60.74 71.52
C ALA K 71 -39.21 61.09 70.04
N LEU K 72 -39.77 60.15 69.28
CA LEU K 72 -39.97 60.34 67.85
C LEU K 72 -40.97 61.45 67.56
N GLU K 73 -42.07 61.46 68.31
CA GLU K 73 -43.11 62.47 68.14
C GLU K 73 -42.60 63.84 68.60
N GLU K 74 -41.89 63.86 69.72
CA GLU K 74 -41.33 65.10 70.25
C GLU K 74 -40.35 65.72 69.26
N GLU K 75 -39.44 64.90 68.73
CA GLU K 75 -38.48 65.36 67.74
C GLU K 75 -39.19 65.79 66.47
N LEU K 76 -40.24 65.06 66.10
CA LEU K 76 -41.03 65.38 64.91
C LEU K 76 -41.64 66.77 65.03
N ASP K 77 -42.17 67.08 66.21
CA ASP K 77 -42.71 68.41 66.45
C ASP K 77 -41.59 69.44 66.58
N LYS K 78 -40.39 68.97 66.89
CA LYS K 78 -39.20 69.82 66.90
C LYS K 78 -38.65 69.99 65.49
N LEU K 79 -39.28 69.34 64.52
CA LEU K 79 -38.86 69.46 63.13
C LEU K 79 -40.00 69.92 62.22
N LYS K 80 -41.18 70.10 62.78
CA LYS K 80 -42.37 70.42 61.99
C LYS K 80 -42.47 71.89 61.60
N LYS K 81 -42.16 72.77 62.54
CA LYS K 81 -42.31 74.21 62.31
C LYS K 81 -41.21 74.75 61.38
N VAL K 82 -40.07 74.09 61.37
CA VAL K 82 -38.93 74.53 60.58
C VAL K 82 -38.87 73.78 59.24
N TYR K 83 -40.03 73.23 58.84
CA TYR K 83 -40.14 72.45 57.61
C TYR K 83 -40.05 73.31 56.36
N LYS K 84 -40.37 74.60 56.48
CA LYS K 84 -40.47 75.49 55.33
C LYS K 84 -39.13 75.73 54.61
N LYS K 85 -38.04 75.82 55.37
CA LYS K 85 -36.74 76.11 54.78
C LYS K 85 -35.93 74.83 54.52
N TYR K 86 -36.59 73.69 54.65
CA TYR K 86 -35.94 72.41 54.44
C TYR K 86 -35.66 72.12 52.96
N SER K 87 -34.59 71.39 52.70
CA SER K 87 -34.27 70.93 51.36
C SER K 87 -35.26 69.84 50.95
N PRO K 88 -35.41 69.59 49.63
CA PRO K 88 -36.36 68.58 49.17
C PRO K 88 -36.14 67.19 49.77
N PHE K 89 -34.89 66.75 49.83
CA PHE K 89 -34.59 65.44 50.41
C PHE K 89 -34.73 65.46 51.94
N GLN K 90 -34.67 66.65 52.52
CA GLN K 90 -34.91 66.81 53.94
C GLN K 90 -36.40 66.66 54.22
N LYS K 91 -37.22 67.15 53.29
CA LYS K 91 -38.67 66.96 53.37
C LYS K 91 -38.99 65.49 53.14
N LEU K 92 -38.18 64.85 52.29
CA LEU K 92 -38.28 63.41 52.06
C LEU K 92 -38.04 62.64 53.35
N LEU K 93 -36.93 62.95 54.01
CA LEU K 93 -36.57 62.30 55.26
C LEU K 93 -37.59 62.57 56.36
N TYR K 94 -38.12 63.80 56.39
CA TYR K 94 -39.13 64.17 57.37
C TYR K 94 -40.43 63.39 57.19
N MET K 95 -40.96 63.43 55.96
CA MET K 95 -42.19 62.72 55.65
C MET K 95 -42.02 61.21 55.84
N TYR K 96 -40.81 60.73 55.58
CA TYR K 96 -40.49 59.32 55.77
C TYR K 96 -40.55 58.97 57.26
N GLY K 97 -39.93 59.81 58.07
CA GLY K 97 -39.91 59.63 59.51
C GLY K 97 -41.29 59.69 60.12
N ARG K 98 -42.13 60.58 59.61
CA ARG K 98 -43.49 60.71 60.11
C ARG K 98 -44.35 59.54 59.64
N GLY K 99 -44.04 59.02 58.46
CA GLY K 99 -44.71 57.84 57.95
C GLY K 99 -44.43 56.64 58.84
N LEU K 100 -43.15 56.46 59.15
CA LEU K 100 -42.74 55.38 60.06
C LEU K 100 -43.34 55.58 61.45
N LEU K 101 -43.42 56.84 61.89
CA LEU K 101 -44.01 57.17 63.17
C LEU K 101 -45.47 56.76 63.22
N CYS K 102 -46.21 57.07 62.17
CA CYS K 102 -47.62 56.72 62.07
C CYS K 102 -47.78 55.21 61.97
N CYS K 103 -46.80 54.55 61.36
CA CYS K 103 -46.79 53.09 61.31
C CYS K 103 -46.60 52.51 62.71
N LEU K 104 -45.80 53.19 63.52
CA LEU K 104 -45.55 52.76 64.89
C LEU K 104 -46.81 52.89 65.74
N GLN K 105 -47.48 54.02 65.62
CA GLN K 105 -48.71 54.27 66.38
C GLN K 105 -49.90 53.53 65.76
N TYR K 106 -49.62 52.70 64.76
CA TYR K 106 -50.62 51.88 64.08
C TYR K 106 -51.69 52.70 63.38
N ARG K 107 -51.39 53.97 63.11
CA ARG K 107 -52.25 54.80 62.28
C ARG K 107 -51.82 54.63 60.82
N TRP K 108 -52.34 53.59 60.19
CA TRP K 108 -51.83 53.12 58.91
C TRP K 108 -52.13 54.00 57.71
N LYS K 109 -53.29 54.64 57.70
CA LYS K 109 -53.67 55.50 56.59
C LYS K 109 -52.73 56.70 56.48
N ASP K 110 -52.41 57.30 57.62
CA ASP K 110 -51.52 58.44 57.69
C ASP K 110 -50.13 58.06 57.18
N GLY K 111 -49.57 57.00 57.77
CA GLY K 111 -48.27 56.51 57.37
C GLY K 111 -48.22 56.16 55.90
N LEU K 112 -49.34 55.64 55.38
CA LEU K 112 -49.46 55.34 53.96
C LEU K 112 -49.33 56.61 53.14
N ASP K 113 -50.10 57.63 53.50
CA ASP K 113 -50.08 58.91 52.79
C ASP K 113 -48.68 59.53 52.78
N TYR K 114 -48.07 59.60 53.97
CA TYR K 114 -46.73 60.16 54.09
C TYR K 114 -45.72 59.38 53.25
N LEU K 115 -45.80 58.05 53.31
CA LEU K 115 -44.90 57.20 52.54
C LEU K 115 -45.08 57.36 51.03
N LEU K 116 -46.32 57.64 50.61
CA LEU K 116 -46.61 57.89 49.21
C LEU K 116 -46.01 59.23 48.79
N LYS K 117 -46.10 60.21 49.68
CA LYS K 117 -45.48 61.51 49.42
C LYS K 117 -43.96 61.35 49.29
N THR K 118 -43.39 60.49 50.13
CA THR K 118 -41.96 60.21 50.03
C THR K 118 -41.65 59.48 48.74
N GLU K 119 -42.62 58.69 48.27
CA GLU K 119 -42.44 57.94 47.02
C GLU K 119 -42.37 58.92 45.85
N VAL K 120 -43.31 59.85 45.78
CA VAL K 120 -43.33 60.81 44.67
C VAL K 120 -42.17 61.81 44.77
N MET K 121 -41.73 62.08 45.99
CA MET K 121 -40.58 62.98 46.18
C MET K 121 -39.28 62.31 45.73
N ALA K 122 -39.09 61.05 46.14
CA ALA K 122 -37.90 60.29 45.76
C ALA K 122 -37.90 60.01 44.27
N LYS K 123 -39.10 59.85 43.69
CA LYS K 123 -39.23 59.63 42.26
C LYS K 123 -38.94 60.93 41.52
N GLU K 124 -39.28 62.05 42.14
CA GLU K 124 -39.00 63.36 41.57
C GLU K 124 -37.50 63.65 41.58
N GLN K 125 -36.83 63.22 42.65
CA GLN K 125 -35.40 63.45 42.79
C GLN K 125 -34.57 62.44 42.00
N GLY K 126 -34.93 61.16 42.14
CA GLY K 126 -34.19 60.09 41.48
C GLY K 126 -33.51 59.18 42.47
N TYR K 127 -33.57 59.56 43.74
CA TYR K 127 -32.98 58.76 44.82
C TYR K 127 -33.73 57.44 44.98
N HIS K 128 -32.99 56.34 44.92
CA HIS K 128 -33.58 55.00 45.01
C HIS K 128 -33.36 54.38 46.38
N GLU K 129 -34.43 53.90 46.98
CA GLU K 129 -34.36 53.23 48.28
C GLU K 129 -35.46 52.18 48.39
N THR K 130 -35.07 50.90 48.33
CA THR K 130 -36.01 49.79 48.31
C THR K 130 -36.89 49.75 49.56
N GLY K 131 -36.35 50.27 50.66
CA GLY K 131 -37.07 50.36 51.91
C GLY K 131 -38.38 51.12 51.76
N LEU K 132 -38.38 52.11 50.88
CA LEU K 132 -39.59 52.86 50.56
C LEU K 132 -40.68 51.93 50.05
N TYR K 133 -40.36 51.21 48.97
CA TYR K 133 -41.32 50.30 48.35
C TYR K 133 -41.79 49.23 49.33
N TYR K 134 -40.85 48.70 50.12
CA TYR K 134 -41.21 47.70 51.12
C TYR K 134 -42.20 48.25 52.15
N ASN K 135 -41.88 49.40 52.74
CA ASN K 135 -42.73 49.99 53.78
C ASN K 135 -44.10 50.40 53.25
N ILE K 136 -44.13 50.90 52.02
CA ILE K 136 -45.39 51.25 51.38
C ILE K 136 -46.23 49.99 51.18
N ALA K 137 -45.57 48.93 50.73
CA ALA K 137 -46.23 47.64 50.54
C ALA K 137 -46.79 47.09 51.86
N LEU K 138 -46.04 47.31 52.94
CA LEU K 138 -46.45 46.83 54.26
C LEU K 138 -47.64 47.64 54.78
N ALA K 139 -47.58 48.95 54.55
CA ALA K 139 -48.66 49.85 54.94
C ALA K 139 -49.94 49.45 54.22
N TYR K 140 -49.81 49.15 52.92
CA TYR K 140 -50.93 48.65 52.14
C TYR K 140 -51.40 47.29 52.66
N THR K 141 -50.46 46.50 53.16
CA THR K 141 -50.76 45.15 53.65
C THR K 141 -51.62 45.22 54.90
N HIS K 142 -51.26 46.11 55.82
CA HIS K 142 -52.06 46.32 57.04
C HIS K 142 -53.42 46.90 56.69
N LEU K 143 -53.51 47.54 55.53
CA LEU K 143 -54.78 48.08 55.04
C LEU K 143 -55.56 47.03 54.25
N ASP K 144 -55.07 45.79 54.30
CA ASP K 144 -55.80 44.61 53.85
C ASP K 144 -55.97 44.46 52.34
N ILE K 145 -55.59 43.27 51.84
CA ILE K 145 -55.90 42.83 50.48
C ILE K 145 -55.20 43.59 49.33
N HIS K 146 -55.06 44.90 49.50
CA HIS K 146 -54.58 45.83 48.47
C HIS K 146 -53.62 45.28 47.40
N HIS K 147 -53.91 45.60 46.15
CA HIS K 147 -53.13 45.17 45.01
C HIS K 147 -51.82 45.96 44.92
N LEU K 148 -51.86 47.20 45.39
CA LEU K 148 -50.68 48.05 45.43
C LEU K 148 -49.65 47.46 46.39
N ALA K 149 -50.14 46.70 47.37
CA ALA K 149 -49.26 45.95 48.26
C ALA K 149 -48.42 44.98 47.44
N ILE K 150 -49.08 44.23 46.56
CA ILE K 150 -48.39 43.27 45.68
C ILE K 150 -47.43 43.99 44.74
N HIS K 151 -47.92 45.07 44.13
CA HIS K 151 -47.13 45.87 43.20
C HIS K 151 -45.81 46.32 43.83
N PHE K 152 -45.92 47.03 44.95
CA PHE K 152 -44.75 47.53 45.66
C PHE K 152 -43.91 46.40 46.25
N VAL K 153 -44.55 45.26 46.55
CA VAL K 153 -43.83 44.10 47.05
C VAL K 153 -42.87 43.56 45.98
N ASN K 154 -43.36 43.48 44.75
CA ASN K 154 -42.52 43.02 43.65
C ASN K 154 -41.47 44.06 43.27
N MET K 155 -41.86 45.34 43.31
CA MET K 155 -40.92 46.42 43.07
C MET K 155 -39.80 46.41 44.10
N ALA K 156 -40.12 45.95 45.31
CA ALA K 156 -39.13 45.81 46.37
C ALA K 156 -38.31 44.54 46.18
N LEU K 157 -38.94 43.51 45.64
CA LEU K 157 -38.28 42.25 45.39
C LEU K 157 -37.18 42.41 44.35
N GLU K 158 -37.45 43.23 43.33
CA GLU K 158 -36.46 43.50 42.29
C GLU K 158 -35.19 44.11 42.89
N GLY K 159 -35.36 45.06 43.79
CA GLY K 159 -34.23 45.74 44.41
C GLY K 159 -33.51 44.86 45.42
N PHE K 160 -34.27 44.15 46.23
CA PHE K 160 -33.71 43.26 47.25
C PHE K 160 -32.92 42.12 46.63
N ARG K 161 -33.41 41.60 45.51
CA ARG K 161 -32.68 40.56 44.78
C ARG K 161 -31.44 41.14 44.10
N SER K 162 -31.42 42.45 43.97
CA SER K 162 -30.27 43.16 43.41
C SER K 162 -29.31 43.59 44.52
N GLU K 163 -29.78 43.48 45.76
CA GLU K 163 -28.98 43.91 46.91
C GLU K 163 -28.74 42.77 47.90
N TYR K 164 -29.12 41.56 47.50
CA TYR K 164 -28.89 40.34 48.28
C TYR K 164 -29.56 40.37 49.67
N LYS K 165 -30.59 41.18 49.82
CA LYS K 165 -31.26 41.30 51.11
C LYS K 165 -32.30 40.19 51.32
N PHE K 166 -31.80 38.98 51.58
CA PHE K 166 -32.64 37.79 51.65
C PHE K 166 -33.65 37.79 52.80
N ARG K 167 -33.29 38.47 53.89
CA ARG K 167 -34.22 38.61 55.02
C ARG K 167 -35.39 39.47 54.59
N ASN K 168 -35.08 40.59 53.93
CA ASN K 168 -36.11 41.44 53.37
C ASN K 168 -36.92 40.71 52.32
N ILE K 169 -36.25 39.88 51.53
CA ILE K 169 -36.91 39.07 50.50
C ILE K 169 -37.95 38.14 51.12
N ILE K 170 -37.55 37.41 52.17
CA ILE K 170 -38.47 36.50 52.83
C ILE K 170 -39.60 37.26 53.52
N ASN K 171 -39.33 38.49 53.94
CA ASN K 171 -40.39 39.35 54.46
C ASN K 171 -41.42 39.68 53.39
N CYS K 172 -40.92 40.04 52.21
CA CYS K 172 -41.76 40.27 51.05
C CYS K 172 -42.60 39.03 50.77
N GLN K 173 -41.98 37.87 50.91
CA GLN K 173 -42.68 36.61 50.72
C GLN K 173 -43.80 36.43 51.75
N ILE K 174 -43.56 36.90 52.97
CA ILE K 174 -44.60 36.87 54.00
C ILE K 174 -45.77 37.76 53.57
N LEU K 175 -45.45 38.94 53.03
CA LEU K 175 -46.47 39.86 52.55
C LEU K 175 -47.31 39.25 51.42
N ILE K 176 -46.63 38.63 50.46
CA ILE K 176 -47.30 37.93 49.37
C ILE K 176 -48.20 36.84 49.93
N ALA K 177 -47.71 36.14 50.96
CA ALA K 177 -48.44 35.04 51.56
C ALA K 177 -49.73 35.50 52.23
N VAL K 178 -49.66 36.56 53.04
CA VAL K 178 -50.87 37.07 53.69
C VAL K 178 -51.83 37.68 52.67
N SER K 179 -51.29 38.27 51.61
CA SER K 179 -52.12 38.83 50.55
C SER K 179 -52.91 37.74 49.84
N TYR K 180 -52.21 36.68 49.43
CA TYR K 180 -52.84 35.52 48.81
C TYR K 180 -53.85 34.88 49.75
N THR K 181 -53.52 34.89 51.04
CA THR K 181 -54.41 34.32 52.05
C THR K 181 -55.72 35.10 52.14
N GLU K 182 -55.61 36.42 52.15
CA GLU K 182 -56.79 37.28 52.23
C GLU K 182 -57.61 37.25 50.94
N LYS K 183 -56.93 37.06 49.81
CA LYS K 183 -57.62 36.98 48.52
C LYS K 183 -58.48 35.73 48.42
N GLY K 184 -58.09 34.68 49.11
CA GLY K 184 -58.83 33.43 49.10
C GLY K 184 -57.95 32.24 48.75
N GLN K 185 -56.79 32.53 48.18
CA GLN K 185 -55.83 31.49 47.82
C GLN K 185 -55.13 30.96 49.06
N TYR K 186 -55.66 29.88 49.62
CA TYR K 186 -55.14 29.33 50.88
C TYR K 186 -53.97 28.38 50.67
N GLU K 187 -54.11 27.46 49.72
CA GLU K 187 -53.10 26.42 49.51
C GLU K 187 -51.77 26.95 48.99
N GLU K 188 -51.81 27.94 48.12
CA GLU K 188 -50.60 28.56 47.59
C GLU K 188 -49.80 29.20 48.72
N ALA K 189 -50.49 30.04 49.49
CA ALA K 189 -49.88 30.71 50.63
C ALA K 189 -49.40 29.70 51.67
N LEU K 190 -50.10 28.58 51.78
CA LEU K 190 -49.73 27.53 52.72
C LEU K 190 -48.42 26.86 52.29
N LYS K 191 -48.28 26.61 50.99
CA LYS K 191 -47.05 26.02 50.46
C LYS K 191 -45.88 26.98 50.61
N MET K 192 -46.12 28.26 50.33
CA MET K 192 -45.13 29.29 50.55
C MET K 192 -44.68 29.28 52.01
N TYR K 193 -45.66 29.24 52.90
CA TYR K 193 -45.41 29.22 54.33
C TYR K 193 -44.58 28.02 54.76
N GLU K 194 -44.85 26.87 54.15
CA GLU K 194 -44.06 25.67 54.41
C GLU K 194 -42.62 25.91 53.99
N SER K 195 -42.46 26.46 52.79
CA SER K 195 -41.13 26.73 52.24
C SER K 195 -40.32 27.64 53.16
N ILE K 196 -40.90 28.76 53.57
CA ILE K 196 -40.19 29.70 54.44
C ILE K 196 -40.06 29.15 55.86
N LEU K 197 -40.90 28.18 56.20
CA LEU K 197 -40.83 27.54 57.51
C LEU K 197 -39.58 26.67 57.54
N ARG K 198 -39.32 25.98 56.44
CA ARG K 198 -38.10 25.20 56.31
C ARG K 198 -36.87 26.10 56.20
N GLU K 199 -37.01 27.20 55.48
CA GLU K 199 -35.86 28.06 55.20
C GLU K 199 -35.58 29.10 56.29
N ALA K 200 -36.44 29.15 57.29
CA ALA K 200 -36.26 30.09 58.39
C ALA K 200 -35.06 29.71 59.26
N THR K 201 -34.86 28.41 59.43
CA THR K 201 -33.78 27.91 60.28
C THR K 201 -32.40 28.06 59.64
N SER K 202 -32.16 29.20 59.01
CA SER K 202 -30.86 29.52 58.42
C SER K 202 -30.56 30.99 58.67
N PHE K 203 -31.51 31.68 59.28
CA PHE K 203 -31.34 33.08 59.64
C PHE K 203 -31.07 33.22 61.13
N ALA K 204 -30.34 34.28 61.50
CA ALA K 204 -29.95 34.51 62.88
C ALA K 204 -31.14 34.79 63.78
N ASP K 205 -32.26 35.21 63.19
CA ASP K 205 -33.46 35.53 63.95
C ASP K 205 -34.67 34.75 63.43
N LYS K 206 -34.56 33.43 63.42
CA LYS K 206 -35.62 32.56 62.90
C LYS K 206 -36.87 32.58 63.77
N ASP K 207 -36.72 33.06 65.01
CA ASP K 207 -37.81 33.01 65.98
C ASP K 207 -39.03 33.84 65.59
N VAL K 208 -38.78 35.09 65.17
CA VAL K 208 -39.86 35.98 64.75
C VAL K 208 -40.58 35.41 63.53
N LEU K 209 -39.79 34.98 62.56
CA LEU K 209 -40.30 34.35 61.35
C LEU K 209 -41.22 33.20 61.68
N LEU K 210 -40.71 32.25 62.48
CA LEU K 210 -41.50 31.10 62.90
C LEU K 210 -42.76 31.51 63.63
N ALA K 211 -42.67 32.56 64.45
CA ALA K 211 -43.83 33.04 65.20
C ALA K 211 -44.94 33.52 64.27
N ILE K 212 -44.64 34.51 63.45
CA ILE K 212 -45.65 35.08 62.55
C ILE K 212 -46.14 34.05 61.52
N THR K 213 -45.26 33.14 61.13
CA THR K 213 -45.58 32.13 60.14
C THR K 213 -46.53 31.06 60.69
N LEU K 214 -46.27 30.62 61.91
CA LEU K 214 -47.15 29.65 62.56
C LEU K 214 -48.48 30.32 62.92
N SER K 215 -48.43 31.60 63.23
CA SER K 215 -49.64 32.37 63.49
C SER K 215 -50.53 32.40 62.25
N ASN K 216 -49.96 32.84 61.13
CA ASN K 216 -50.69 32.91 59.88
C ASN K 216 -51.12 31.55 59.34
N MET K 217 -50.31 30.53 59.61
CA MET K 217 -50.67 29.16 59.29
C MET K 217 -51.92 28.78 60.07
N GLY K 218 -51.94 29.15 61.35
CA GLY K 218 -53.09 28.94 62.19
C GLY K 218 -54.32 29.64 61.63
N SER K 219 -54.11 30.84 61.11
CA SER K 219 -55.20 31.59 60.48
C SER K 219 -55.74 30.85 59.26
N ILE K 220 -54.84 30.36 58.42
CA ILE K 220 -55.22 29.62 57.21
C ILE K 220 -56.00 28.36 57.56
N TYR K 221 -55.48 27.59 58.52
CA TYR K 221 -56.15 26.37 58.95
C TYR K 221 -57.49 26.66 59.64
N TYR K 222 -57.61 27.86 60.21
CA TYR K 222 -58.88 28.28 60.79
C TYR K 222 -59.89 28.56 59.69
N LYS K 223 -59.44 29.23 58.63
CA LYS K 223 -60.30 29.51 57.48
C LYS K 223 -60.58 28.23 56.69
N LYS K 224 -59.79 27.20 56.96
CA LYS K 224 -59.92 25.92 56.26
C LYS K 224 -60.96 25.04 56.95
N GLY K 225 -60.95 25.05 58.28
CA GLY K 225 -61.93 24.32 59.05
C GLY K 225 -61.40 23.10 59.77
N LYS K 226 -60.22 23.24 60.38
CA LYS K 226 -59.63 22.15 61.14
C LYS K 226 -59.53 22.51 62.63
N TYR K 227 -59.44 23.81 62.91
CA TYR K 227 -59.50 24.34 64.27
C TYR K 227 -58.39 23.83 65.20
N GLN K 228 -58.42 22.54 65.49
CA GLN K 228 -57.49 21.95 66.47
C GLN K 228 -56.03 22.13 66.07
N GLN K 229 -55.70 21.76 64.84
CA GLN K 229 -54.35 21.91 64.33
C GLN K 229 -53.96 23.38 64.30
N ALA K 230 -54.91 24.23 63.91
CA ALA K 230 -54.71 25.67 63.91
C ALA K 230 -54.40 26.16 65.32
N LYS K 231 -55.11 25.59 66.30
CA LYS K 231 -54.88 25.90 67.70
C LYS K 231 -53.46 25.49 68.11
N LYS K 232 -53.00 24.36 67.57
CA LYS K 232 -51.66 23.89 67.85
C LYS K 232 -50.62 24.87 67.29
N TYR K 233 -50.84 25.32 66.06
CA TYR K 233 -49.97 26.30 65.43
C TYR K 233 -49.95 27.59 66.25
N TYR K 234 -51.11 27.96 66.79
CA TYR K 234 -51.22 29.13 67.66
C TYR K 234 -50.38 28.94 68.92
N LEU K 235 -50.43 27.73 69.48
CA LEU K 235 -49.65 27.39 70.66
C LEU K 235 -48.16 27.54 70.40
N ASP K 236 -47.68 26.89 69.34
CA ASP K 236 -46.27 26.94 68.97
C ASP K 236 -45.84 28.37 68.63
N SER K 237 -46.76 29.16 68.11
CA SER K 237 -46.47 30.56 67.80
C SER K 237 -46.32 31.38 69.07
N LEU K 238 -47.18 31.13 70.05
CA LEU K 238 -47.15 31.85 71.31
C LEU K 238 -45.98 31.43 72.19
N GLN K 239 -45.50 30.21 72.00
CA GLN K 239 -44.35 29.73 72.75
C GLN K 239 -43.03 30.17 72.12
N LEU K 240 -43.04 31.34 71.50
CA LEU K 240 -41.85 31.88 70.85
C LEU K 240 -41.92 33.40 70.80
N GLN K 241 -43.07 33.95 71.17
CA GLN K 241 -43.26 35.39 71.25
C GLN K 241 -42.39 35.97 72.35
N LYS K 242 -41.30 36.64 71.97
CA LYS K 242 -40.35 37.16 72.93
C LYS K 242 -40.45 38.67 73.10
N GLN K 243 -41.57 39.24 72.67
CA GLN K 243 -41.86 40.66 72.86
C GLN K 243 -43.36 40.90 72.96
N ILE K 244 -43.75 42.16 73.03
CA ILE K 244 -45.16 42.52 73.06
C ILE K 244 -45.48 43.57 72.01
N ASP K 245 -46.31 43.20 71.03
CA ASP K 245 -46.70 44.11 69.97
C ASP K 245 -48.04 43.69 69.35
N LEU K 246 -48.12 43.77 68.03
CA LEU K 246 -49.35 43.43 67.33
C LEU K 246 -49.53 41.91 67.18
N ASN K 247 -48.46 41.24 66.76
CA ASN K 247 -48.48 39.80 66.49
C ASN K 247 -49.01 38.97 67.65
N TYR K 248 -48.55 39.28 68.85
CA TYR K 248 -48.92 38.52 70.04
C TYR K 248 -50.42 38.52 70.29
N LEU K 249 -50.99 39.70 70.52
CA LEU K 249 -52.41 39.79 70.86
C LEU K 249 -53.30 39.53 69.65
N ASP K 250 -52.74 39.63 68.45
CA ASP K 250 -53.46 39.23 67.26
C ASP K 250 -53.62 37.70 67.29
N THR K 251 -52.54 37.03 67.67
CA THR K 251 -52.56 35.59 67.85
C THR K 251 -53.49 35.22 68.99
N ILE K 252 -53.61 36.12 69.97
CA ILE K 252 -54.54 35.94 71.08
C ILE K 252 -55.98 36.01 70.58
N TYR K 253 -56.26 36.94 69.67
CA TYR K 253 -57.59 37.06 69.10
C TYR K 253 -57.94 35.85 68.25
N GLU K 254 -56.96 35.38 67.47
CA GLU K 254 -57.15 34.20 66.65
C GLU K 254 -57.40 32.97 67.53
N MET K 255 -56.68 32.89 68.64
CA MET K 255 -56.82 31.79 69.59
C MET K 255 -58.19 31.80 70.23
N ALA K 256 -58.64 32.99 70.65
CA ALA K 256 -59.93 33.15 71.27
C ALA K 256 -61.04 32.80 70.28
N LEU K 257 -60.84 33.20 69.02
CA LEU K 257 -61.82 32.96 67.98
C LEU K 257 -61.94 31.48 67.64
N VAL K 258 -60.80 30.79 67.61
CA VAL K 258 -60.80 29.35 67.31
C VAL K 258 -61.29 28.54 68.51
N CYS K 259 -61.12 29.10 69.71
CA CYS K 259 -61.64 28.46 70.91
C CYS K 259 -63.15 28.65 70.99
N ILE K 260 -63.63 29.75 70.43
CA ILE K 260 -65.06 30.03 70.36
C ILE K 260 -65.78 28.97 69.52
N LYS K 261 -65.20 28.66 68.36
CA LYS K 261 -65.76 27.64 67.48
C LYS K 261 -65.48 26.23 67.98
N LEU K 262 -64.66 26.14 69.02
CA LEU K 262 -64.35 24.85 69.63
C LEU K 262 -65.12 24.69 70.94
N GLU K 263 -66.02 25.64 71.19
CA GLU K 263 -66.85 25.65 72.40
C GLU K 263 -66.05 25.64 73.69
N GLU K 264 -64.88 26.28 73.65
CA GLU K 264 -64.07 26.46 74.85
C GLU K 264 -64.23 27.90 75.31
N LEU K 265 -65.48 28.33 75.46
CA LEU K 265 -65.82 29.73 75.73
C LEU K 265 -65.24 30.27 77.04
N GLU K 266 -64.95 29.37 77.98
CA GLU K 266 -64.33 29.80 79.24
C GLU K 266 -62.84 30.08 79.04
N GLU K 267 -62.15 29.19 78.35
CA GLU K 267 -60.75 29.38 78.01
C GLU K 267 -60.64 30.55 77.05
N ALA K 268 -61.61 30.64 76.14
CA ALA K 268 -61.68 31.75 75.20
C ALA K 268 -61.87 33.07 75.94
N ARG K 269 -62.64 33.03 77.01
CA ARG K 269 -62.87 34.22 77.82
C ARG K 269 -61.60 34.62 78.55
N THR K 270 -60.94 33.67 79.18
CA THR K 270 -59.70 33.94 79.90
C THR K 270 -58.62 34.50 78.98
N LEU K 271 -58.52 33.93 77.78
CA LEU K 271 -57.51 34.38 76.82
C LEU K 271 -57.86 35.73 76.21
N ILE K 272 -59.16 35.97 75.99
CA ILE K 272 -59.58 37.24 75.41
C ILE K 272 -59.46 38.39 76.40
N ASP K 273 -59.70 38.12 77.69
CA ASP K 273 -59.52 39.14 78.71
C ASP K 273 -58.04 39.28 79.06
N LYS K 274 -57.27 38.23 78.78
CA LYS K 274 -55.82 38.32 78.84
C LYS K 274 -55.35 39.29 77.78
N GLY K 275 -55.98 39.21 76.61
CA GLY K 275 -55.68 40.12 75.52
C GLY K 275 -56.09 41.55 75.84
N ILE K 276 -57.29 41.71 76.38
CA ILE K 276 -57.82 43.02 76.73
C ILE K 276 -56.98 43.70 77.81
N ASP K 277 -56.68 42.96 78.87
CA ASP K 277 -55.90 43.50 79.99
C ASP K 277 -54.49 43.87 79.57
N ALA K 278 -54.04 43.30 78.46
CA ALA K 278 -52.72 43.61 77.92
C ALA K 278 -52.83 44.59 76.75
N ALA K 279 -54.03 45.14 76.57
CA ALA K 279 -54.28 46.05 75.45
C ALA K 279 -54.49 47.49 75.90
N LYS K 280 -54.77 47.68 77.19
CA LYS K 280 -55.04 49.00 77.73
C LYS K 280 -53.76 49.80 78.02
N GLN K 281 -52.63 49.09 78.06
CA GLN K 281 -51.36 49.72 78.41
C GLN K 281 -50.76 50.52 77.26
N GLU K 282 -51.48 50.62 76.15
CA GLU K 282 -50.99 51.35 75.00
C GLU K 282 -52.14 51.81 74.11
N GLU K 283 -51.93 52.92 73.40
CA GLU K 283 -52.95 53.46 72.50
C GLU K 283 -52.89 52.75 71.15
N ARG K 284 -51.90 51.88 70.99
CA ARG K 284 -51.71 51.14 69.76
C ARG K 284 -52.69 49.97 69.64
N PHE K 285 -53.11 49.45 70.78
CA PHE K 285 -53.96 48.27 70.81
C PHE K 285 -55.44 48.62 70.86
N ASN K 286 -55.75 49.90 70.66
CA ASN K 286 -57.12 50.41 70.80
C ASN K 286 -58.18 49.69 69.98
N ALA K 287 -58.01 49.64 68.66
CA ALA K 287 -58.97 49.01 67.78
C ALA K 287 -59.07 47.50 68.04
N LYS K 288 -57.93 46.89 68.32
CA LYS K 288 -57.87 45.48 68.64
C LYS K 288 -58.65 45.19 69.93
N LEU K 289 -58.48 46.08 70.91
CA LEU K 289 -59.25 46.00 72.14
C LEU K 289 -60.74 46.15 71.83
N TYR K 290 -61.05 47.01 70.86
CA TYR K 290 -62.42 47.23 70.43
C TYR K 290 -63.05 45.98 69.83
N LEU K 291 -62.27 45.22 69.07
CA LEU K 291 -62.79 43.97 68.50
C LEU K 291 -62.86 42.83 69.53
N LEU K 292 -61.93 42.83 70.47
CA LEU K 292 -61.99 41.87 71.58
C LEU K 292 -63.27 42.10 72.39
N LEU K 293 -63.51 43.37 72.75
CA LEU K 293 -64.72 43.76 73.44
C LEU K 293 -65.94 43.55 72.55
N MET K 294 -65.72 43.55 71.24
CA MET K 294 -66.80 43.29 70.29
C MET K 294 -67.21 41.83 70.34
N LEU K 295 -66.25 40.95 70.61
CA LEU K 295 -66.53 39.53 70.78
C LEU K 295 -67.19 39.30 72.15
N ARG K 296 -66.63 39.92 73.17
CA ARG K 296 -67.17 39.82 74.53
C ARG K 296 -68.62 40.30 74.58
N TYR K 297 -68.93 41.32 73.79
CA TYR K 297 -70.30 41.81 73.68
C TYR K 297 -71.11 40.92 72.74
N LYS K 298 -70.41 40.28 71.80
CA LYS K 298 -71.06 39.38 70.85
C LYS K 298 -71.68 38.19 71.58
N TYR K 299 -70.98 37.65 72.56
CA TYR K 299 -71.48 36.47 73.27
C TYR K 299 -71.96 36.70 74.70
N PHE K 300 -71.25 37.51 75.46
CA PHE K 300 -71.46 37.57 76.91
C PHE K 300 -72.37 38.71 77.37
N GLU K 301 -72.96 39.44 76.41
CA GLU K 301 -73.85 40.56 76.75
C GLU K 301 -75.10 40.58 75.89
N GLU K 302 -75.17 39.68 74.91
CA GLU K 302 -76.31 39.58 74.00
C GLU K 302 -76.61 40.92 73.31
N ALA K 303 -77.90 41.19 73.11
CA ALA K 303 -78.33 42.41 72.44
C ALA K 303 -78.07 43.65 73.29
N LYS K 304 -76.81 44.08 73.35
CA LYS K 304 -76.43 45.28 74.09
C LYS K 304 -76.40 46.48 73.15
N ASP K 305 -75.94 47.61 73.65
CA ASP K 305 -75.83 48.82 72.84
C ASP K 305 -74.55 48.83 72.01
N TYR K 306 -74.50 47.98 70.98
CA TYR K 306 -73.34 47.91 70.10
C TYR K 306 -73.14 49.21 69.35
N LYS K 307 -74.23 49.74 68.79
CA LYS K 307 -74.20 50.92 67.93
C LYS K 307 -73.46 52.11 68.54
N ALA K 308 -73.67 52.33 69.84
CA ALA K 308 -73.03 53.44 70.54
C ALA K 308 -71.50 53.30 70.53
N PHE K 309 -71.02 52.08 70.68
CA PHE K 309 -69.59 51.81 70.66
C PHE K 309 -69.13 51.28 69.31
N LEU K 310 -69.99 51.40 68.31
CA LEU K 310 -69.65 50.99 66.95
C LEU K 310 -69.64 52.19 66.00
N GLU K 311 -70.24 53.30 66.45
CA GLU K 311 -70.26 54.52 65.65
C GLU K 311 -69.11 55.45 66.05
N ASN K 312 -68.53 55.21 67.22
CA ASN K 312 -67.35 55.95 67.64
C ASN K 312 -66.09 55.33 67.04
N GLU K 313 -66.26 54.15 66.43
CA GLU K 313 -65.18 53.47 65.75
C GLU K 313 -65.21 53.84 64.27
N ALA K 314 -66.20 54.62 63.90
CA ALA K 314 -66.37 55.06 62.51
C ALA K 314 -65.44 56.22 62.17
N ILE K 315 -65.06 56.98 63.20
CA ILE K 315 -64.18 58.13 63.01
C ILE K 315 -62.67 57.83 62.82
N PRO K 316 -62.09 56.93 63.64
CA PRO K 316 -60.65 56.70 63.47
C PRO K 316 -60.28 56.13 62.11
N LEU K 317 -60.98 55.08 61.68
CA LEU K 317 -60.71 54.45 60.40
C LEU K 317 -61.99 53.98 59.72
N LYS K 328 -65.56 47.79 55.18
CA LYS K 328 -65.91 47.64 56.59
C LYS K 328 -67.26 46.96 56.76
N LYS K 329 -67.40 45.80 56.16
CA LYS K 329 -68.64 45.03 56.23
C LYS K 329 -68.86 44.49 57.65
N VAL K 330 -67.77 44.37 58.40
CA VAL K 330 -67.74 43.74 59.71
C VAL K 330 -68.87 44.17 60.65
N TYR K 331 -69.04 45.47 60.84
CA TYR K 331 -70.01 45.97 61.80
C TYR K 331 -71.33 46.42 61.16
N VAL K 332 -71.29 46.81 59.90
CA VAL K 332 -72.51 47.24 59.21
C VAL K 332 -73.40 46.04 58.87
N GLU K 333 -72.79 44.90 58.61
CA GLU K 333 -73.56 43.69 58.36
C GLU K 333 -74.30 43.29 59.63
N LEU K 334 -73.67 43.57 60.77
CA LEU K 334 -74.31 43.34 62.07
C LEU K 334 -75.34 44.41 62.36
N ALA K 335 -75.15 45.59 61.79
CA ALA K 335 -76.10 46.68 61.94
C ALA K 335 -77.37 46.38 61.16
N GLU K 336 -77.24 45.61 60.09
CA GLU K 336 -78.39 45.14 59.34
C GLU K 336 -78.90 43.83 59.94
N HIS K 337 -78.03 43.17 60.71
CA HIS K 337 -78.39 41.93 61.38
C HIS K 337 -79.41 42.19 62.48
N PHE K 338 -79.27 43.32 63.16
CA PHE K 338 -80.28 43.76 64.12
C PHE K 338 -81.51 44.23 63.35
N SER K 339 -81.30 44.59 62.09
CA SER K 339 -82.38 45.06 61.24
C SER K 339 -83.01 43.93 60.43
N SER K 340 -83.38 42.85 61.12
CA SER K 340 -84.10 41.75 60.48
C SER K 340 -85.44 42.27 59.99
N LEU K 341 -86.04 43.15 60.80
CA LEU K 341 -87.27 43.84 60.42
C LEU K 341 -87.20 45.30 60.84
N SER K 342 -86.00 45.75 61.21
CA SER K 342 -85.81 47.10 61.73
C SER K 342 -85.39 48.10 60.66
N ARG K 343 -84.37 48.89 60.97
CA ARG K 343 -83.94 50.00 60.11
C ARG K 343 -83.54 49.59 58.70
N PHE K 344 -84.01 50.36 57.71
CA PHE K 344 -83.79 50.07 56.31
C PHE K 344 -83.03 51.18 55.60
N GLU K 345 -83.33 52.43 55.96
CA GLU K 345 -82.68 53.59 55.37
C GLU K 345 -81.19 53.58 55.74
N GLU K 346 -80.92 53.34 57.02
CA GLU K 346 -79.56 53.24 57.51
C GLU K 346 -78.78 52.16 56.77
N SER K 347 -79.47 51.08 56.42
CA SER K 347 -78.85 50.00 55.66
C SER K 347 -78.37 50.50 54.30
N ASN K 348 -79.27 51.16 53.57
CA ASN K 348 -78.94 51.73 52.28
C ASN K 348 -77.77 52.70 52.38
N ARG K 349 -77.75 53.50 53.44
CA ARG K 349 -76.65 54.42 53.69
C ARG K 349 -75.34 53.66 53.91
N TYR K 350 -75.42 52.57 54.66
CA TYR K 350 -74.27 51.72 54.94
C TYR K 350 -73.67 51.18 53.65
N TYR K 351 -74.53 50.58 52.82
CA TYR K 351 -74.07 49.99 51.58
C TYR K 351 -73.53 51.04 50.60
N ARG K 352 -74.17 52.21 50.57
CA ARG K 352 -73.67 53.29 49.74
C ARG K 352 -72.29 53.76 50.17
N LEU K 353 -72.08 53.89 51.48
CA LEU K 353 -70.79 54.35 51.99
C LEU K 353 -69.69 53.30 51.85
N VAL K 354 -70.02 52.03 52.06
CA VAL K 354 -69.03 50.96 51.91
C VAL K 354 -68.71 50.73 50.44
N ILE K 355 -69.65 51.01 49.56
CA ILE K 355 -69.38 50.96 48.12
C ILE K 355 -68.48 52.13 47.75
N ASP K 356 -68.75 53.29 48.34
CA ASP K 356 -67.95 54.49 48.11
C ASP K 356 -66.50 54.27 48.55
N LEU K 357 -66.32 53.55 49.66
CA LEU K 357 -64.98 53.27 50.18
C LEU K 357 -64.32 52.09 49.47
N MET K 358 -65.14 51.21 48.89
CA MET K 358 -64.62 50.06 48.17
C MET K 358 -64.10 50.47 46.79
N ASN K 359 -64.80 51.41 46.17
CA ASN K 359 -64.39 51.92 44.86
C ASN K 359 -63.09 52.73 44.94
N ASP K 360 -63.22 53.98 45.40
CA ASP K 360 -62.08 54.89 45.55
C ASP K 360 -61.30 55.06 44.24
N ASP L 8 -54.83 -5.63 51.80
CA ASP L 8 -54.27 -4.61 50.92
C ASP L 8 -52.77 -4.82 50.77
N VAL L 9 -52.10 -3.88 50.11
CA VAL L 9 -50.66 -3.98 49.86
C VAL L 9 -49.85 -3.92 51.16
N GLU L 10 -48.77 -4.68 51.21
CA GLU L 10 -47.89 -4.67 52.38
C GLU L 10 -46.87 -3.55 52.26
N GLU L 11 -46.34 -3.13 53.41
CA GLU L 11 -45.32 -2.08 53.49
C GLU L 11 -45.75 -0.73 52.93
N ASP L 12 -46.13 0.18 53.83
CA ASP L 12 -46.38 1.57 53.47
C ASP L 12 -45.16 2.40 53.85
N VAL L 13 -44.07 1.69 54.15
CA VAL L 13 -42.80 2.31 54.50
C VAL L 13 -42.27 3.17 53.36
N LYS L 14 -42.57 2.74 52.13
CA LYS L 14 -42.17 3.48 50.93
C LYS L 14 -42.63 4.94 51.01
N GLY L 15 -43.88 5.13 51.41
CA GLY L 15 -44.44 6.47 51.56
C GLY L 15 -43.74 7.26 52.65
N LYS L 16 -43.17 6.56 53.62
CA LYS L 16 -42.44 7.22 54.71
C LYS L 16 -41.05 7.67 54.27
N LEU L 17 -40.29 6.76 53.67
CA LEU L 17 -38.94 7.09 53.23
C LEU L 17 -38.91 7.95 51.97
N ASP L 18 -40.05 8.08 51.31
CA ASP L 18 -40.19 9.07 50.25
C ASP L 18 -40.19 10.45 50.88
N GLU L 19 -40.87 10.56 52.02
CA GLU L 19 -40.89 11.78 52.80
C GLU L 19 -39.52 12.02 53.44
N TRP L 20 -38.82 10.94 53.76
CA TRP L 20 -37.46 11.05 54.26
C TRP L 20 -36.54 11.57 53.17
N LEU L 21 -36.83 11.17 51.93
CA LEU L 21 -36.12 11.70 50.77
C LEU L 21 -36.41 13.18 50.65
N ASN L 22 -37.67 13.55 50.87
CA ASN L 22 -38.06 14.96 50.88
C ASN L 22 -37.29 15.74 51.95
N ALA L 23 -37.00 15.10 53.06
CA ALA L 23 -36.23 15.73 54.13
C ALA L 23 -34.75 15.79 53.79
N LEU L 24 -34.27 14.82 53.00
CA LEU L 24 -32.86 14.76 52.63
C LEU L 24 -32.51 15.78 51.55
N VAL L 25 -33.44 16.00 50.63
CA VAL L 25 -33.23 16.95 49.53
C VAL L 25 -33.15 18.38 50.04
N HIS L 26 -34.04 18.73 50.96
CA HIS L 26 -34.07 20.08 51.52
C HIS L 26 -33.07 20.24 52.66
N LEU L 27 -32.36 19.16 52.98
CA LEU L 27 -31.35 19.16 54.03
C LEU L 27 -31.92 19.55 55.40
N ASP L 28 -33.19 19.25 55.62
CA ASP L 28 -33.84 19.56 56.88
C ASP L 28 -33.38 18.58 57.95
N LYS L 29 -32.20 18.82 58.50
CA LYS L 29 -31.58 17.93 59.48
C LYS L 29 -32.46 17.63 60.68
N GLN L 30 -33.15 18.65 61.17
CA GLN L 30 -34.01 18.52 62.35
C GLN L 30 -35.14 17.50 62.16
N GLN L 31 -35.48 17.22 60.91
CA GLN L 31 -36.48 16.20 60.61
C GLN L 31 -35.81 14.88 60.26
N VAL L 32 -34.70 14.95 59.53
CA VAL L 32 -33.95 13.77 59.14
C VAL L 32 -33.53 12.93 60.34
N GLU L 33 -32.95 13.60 61.34
CA GLU L 33 -32.52 12.92 62.55
C GLU L 33 -33.69 12.42 63.40
N ARG L 34 -34.90 12.88 63.05
CA ARG L 34 -36.11 12.45 63.76
C ARG L 34 -36.73 11.23 63.07
N ILE L 35 -36.57 11.17 61.75
CA ILE L 35 -37.10 10.06 60.96
C ILE L 35 -36.16 8.86 61.01
N TYR L 36 -34.86 9.13 61.12
CA TYR L 36 -33.83 8.09 61.13
C TYR L 36 -34.09 7.00 62.17
N GLU L 37 -34.31 7.41 63.42
CA GLU L 37 -34.57 6.47 64.50
C GLU L 37 -35.84 5.65 64.26
N GLU L 38 -36.87 6.33 63.74
CA GLU L 38 -38.12 5.66 63.39
C GLU L 38 -37.87 4.60 62.33
N LEU L 39 -36.91 4.86 61.45
CA LEU L 39 -36.51 3.90 60.43
C LEU L 39 -35.71 2.77 61.04
N GLN L 40 -34.99 3.06 62.12
CA GLN L 40 -34.32 1.99 62.87
C GLN L 40 -35.37 1.11 63.54
N GLY L 41 -36.54 1.67 63.78
CA GLY L 41 -37.63 0.94 64.39
C GLY L 41 -38.53 0.19 63.41
N GLU L 42 -38.55 0.65 62.16
CA GLU L 42 -39.45 0.07 61.16
C GLU L 42 -38.74 -0.84 60.15
N MET L 43 -37.56 -0.44 59.71
CA MET L 43 -36.85 -1.15 58.65
C MET L 43 -36.26 -2.48 59.13
N LYS L 44 -36.30 -2.71 60.44
CA LYS L 44 -35.64 -3.87 61.03
C LYS L 44 -36.37 -5.19 60.70
N HIS L 45 -37.62 -5.09 60.26
CA HIS L 45 -38.39 -6.29 59.92
C HIS L 45 -39.09 -6.17 58.57
N VAL L 46 -38.44 -5.50 57.63
CA VAL L 46 -38.99 -5.32 56.28
C VAL L 46 -38.46 -6.41 55.34
N LEU L 47 -39.37 -6.97 54.54
CA LEU L 47 -39.03 -8.11 53.69
C LEU L 47 -38.69 -7.71 52.25
N ASP L 48 -39.37 -6.70 51.72
CA ASP L 48 -39.19 -6.27 50.34
C ASP L 48 -37.74 -5.83 50.07
N PHE L 49 -37.23 -6.19 48.90
CA PHE L 49 -35.82 -5.91 48.56
C PHE L 49 -35.62 -4.51 47.97
N GLU L 50 -36.56 -4.09 47.15
CA GLU L 50 -36.45 -2.80 46.46
C GLU L 50 -36.37 -1.63 47.43
N ILE L 51 -37.29 -1.61 48.39
CA ILE L 51 -37.33 -0.52 49.37
C ILE L 51 -36.19 -0.64 50.38
N ILE L 52 -35.57 -1.80 50.45
CA ILE L 52 -34.37 -1.97 51.27
C ILE L 52 -33.20 -1.24 50.61
N ASN L 53 -33.02 -1.47 49.31
CA ASN L 53 -32.00 -0.76 48.54
C ASN L 53 -32.28 0.74 48.53
N TYR L 54 -33.55 1.09 48.45
CA TYR L 54 -33.98 2.48 48.53
C TYR L 54 -33.52 3.06 49.85
N TYR L 55 -33.81 2.34 50.94
CA TYR L 55 -33.41 2.77 52.28
C TYR L 55 -31.90 2.92 52.42
N LYS L 56 -31.15 2.04 51.77
CA LYS L 56 -29.70 2.07 51.85
C LYS L 56 -29.10 3.22 51.02
N LEU L 57 -29.82 3.62 49.97
CA LEU L 57 -29.39 4.74 49.16
C LEU L 57 -29.71 6.07 49.84
N LEU L 58 -30.87 6.13 50.46
CA LEU L 58 -31.23 7.30 51.25
C LEU L 58 -30.33 7.38 52.48
N TYR L 59 -29.82 6.22 52.90
CA TYR L 59 -28.84 6.14 53.98
C TYR L 59 -27.49 6.61 53.44
N THR L 60 -27.27 6.41 52.16
CA THR L 60 -26.06 6.92 51.51
C THR L 60 -26.08 8.44 51.55
N ARG L 61 -27.23 9.03 51.17
CA ARG L 61 -27.37 10.48 51.25
C ARG L 61 -27.30 10.97 52.70
N TYR L 62 -27.80 10.14 53.61
CA TYR L 62 -27.72 10.43 55.05
C TYR L 62 -26.27 10.52 55.51
N LEU L 63 -25.43 9.63 54.98
CA LEU L 63 -24.01 9.64 55.30
C LEU L 63 -23.31 10.79 54.60
N ILE L 64 -23.84 11.23 53.46
CA ILE L 64 -23.35 12.42 52.80
C ILE L 64 -23.59 13.63 53.72
N MET L 65 -24.74 13.64 54.37
CA MET L 65 -25.08 14.70 55.32
C MET L 65 -24.14 14.74 56.51
N LYS L 66 -23.77 13.56 57.01
CA LYS L 66 -22.91 13.46 58.18
C LYS L 66 -21.43 13.57 57.84
N ARG L 67 -21.11 13.69 56.56
CA ARG L 67 -19.74 13.80 56.08
C ARG L 67 -18.86 12.63 56.52
N ASP L 68 -19.44 11.44 56.58
CA ASP L 68 -18.70 10.24 56.95
C ASP L 68 -18.17 9.58 55.67
N ILE L 69 -17.02 10.05 55.20
CA ILE L 69 -16.46 9.61 53.92
C ILE L 69 -16.18 8.11 53.86
N SER L 70 -15.46 7.59 54.85
CA SER L 70 -15.05 6.19 54.87
C SER L 70 -16.25 5.23 54.86
N ALA L 71 -17.14 5.40 55.82
CA ALA L 71 -18.33 4.56 55.93
C ALA L 71 -19.21 4.66 54.69
N LEU L 72 -19.26 5.85 54.11
CA LEU L 72 -20.02 6.06 52.89
C LEU L 72 -19.42 5.30 51.72
N GLU L 73 -18.09 5.29 51.65
CA GLU L 73 -17.38 4.58 50.60
C GLU L 73 -17.58 3.07 50.76
N GLU L 74 -17.58 2.61 52.00
CA GLU L 74 -17.85 1.21 52.31
C GLU L 74 -19.26 0.83 51.86
N GLU L 75 -20.22 1.69 52.18
CA GLU L 75 -21.62 1.43 51.86
C GLU L 75 -21.85 1.43 50.35
N LEU L 76 -21.25 2.38 49.65
CA LEU L 76 -21.40 2.48 48.20
C LEU L 76 -20.68 1.35 47.48
N ASP L 77 -19.58 0.88 48.04
CA ASP L 77 -18.89 -0.28 47.49
C ASP L 77 -19.72 -1.54 47.76
N LYS L 78 -20.51 -1.50 48.82
CA LYS L 78 -21.41 -2.60 49.16
C LYS L 78 -22.62 -2.60 48.24
N LEU L 79 -23.00 -1.41 47.77
CA LEU L 79 -24.19 -1.25 46.93
C LEU L 79 -23.87 -1.29 45.44
N LYS L 80 -22.58 -1.35 45.12
CA LYS L 80 -22.14 -1.37 43.72
C LYS L 80 -22.46 -2.72 43.07
N LYS L 81 -22.54 -3.76 43.89
CA LYS L 81 -22.79 -5.12 43.41
C LYS L 81 -24.18 -5.27 42.79
N VAL L 82 -25.20 -4.81 43.50
CA VAL L 82 -26.58 -4.97 43.05
C VAL L 82 -27.08 -3.79 42.23
N TYR L 83 -26.15 -3.01 41.69
CA TYR L 83 -26.50 -1.85 40.86
C TYR L 83 -27.31 -2.24 39.63
N LYS L 84 -27.05 -3.44 39.12
CA LYS L 84 -27.76 -3.96 37.96
C LYS L 84 -29.22 -4.22 38.29
N LYS L 85 -29.49 -4.49 39.56
CA LYS L 85 -30.83 -4.86 40.01
C LYS L 85 -31.59 -3.65 40.53
N TYR L 86 -31.12 -2.47 40.18
CA TYR L 86 -31.72 -1.23 40.68
C TYR L 86 -32.78 -0.65 39.77
N SER L 87 -33.71 0.10 40.37
CA SER L 87 -34.66 0.90 39.62
C SER L 87 -33.90 2.08 39.03
N PRO L 88 -34.40 2.65 37.93
CA PRO L 88 -33.77 3.84 37.33
C PRO L 88 -33.52 4.95 38.34
N PHE L 89 -34.49 5.19 39.22
CA PHE L 89 -34.32 6.20 40.26
C PHE L 89 -33.24 5.80 41.25
N GLN L 90 -33.16 4.50 41.53
CA GLN L 90 -32.13 3.98 42.42
C GLN L 90 -30.75 4.14 41.79
N LYS L 91 -30.66 3.94 40.48
CA LYS L 91 -29.43 4.17 39.75
C LYS L 91 -29.05 5.65 39.84
N LEU L 92 -30.05 6.51 39.69
CA LEU L 92 -29.87 7.94 39.83
C LEU L 92 -29.25 8.29 41.19
N LEU L 93 -29.84 7.74 42.24
CA LEU L 93 -29.35 7.96 43.60
C LEU L 93 -27.92 7.46 43.77
N TYR L 94 -27.63 6.31 43.17
CA TYR L 94 -26.29 5.74 43.24
C TYR L 94 -25.25 6.64 42.59
N MET L 95 -25.55 7.10 41.37
CA MET L 95 -24.64 7.98 40.66
C MET L 95 -24.44 9.30 41.39
N TYR L 96 -25.52 9.84 41.94
CA TYR L 96 -25.45 11.08 42.70
C TYR L 96 -24.56 10.91 43.92
N GLY L 97 -24.79 9.84 44.67
CA GLY L 97 -24.02 9.56 45.87
C GLY L 97 -22.55 9.34 45.57
N ARG L 98 -22.27 8.70 44.43
CA ARG L 98 -20.90 8.46 44.01
C ARG L 98 -20.23 9.78 43.66
N GLY L 99 -20.97 10.65 42.97
CA GLY L 99 -20.47 11.97 42.61
C GLY L 99 -20.13 12.81 43.83
N LEU L 100 -21.04 12.84 44.78
CA LEU L 100 -20.81 13.58 46.02
C LEU L 100 -19.69 12.95 46.84
N LEU L 101 -19.51 11.65 46.70
CA LEU L 101 -18.41 10.96 47.37
C LEU L 101 -17.11 11.46 46.80
N CYS L 102 -17.02 11.52 45.47
CA CYS L 102 -15.82 12.02 44.80
C CYS L 102 -15.59 13.50 45.11
N CYS L 103 -16.67 14.23 45.34
CA CYS L 103 -16.56 15.65 45.66
C CYS L 103 -16.10 15.88 47.10
N LEU L 104 -16.44 14.94 47.98
CA LEU L 104 -16.02 15.04 49.38
C LEU L 104 -14.57 14.61 49.55
N GLN L 105 -13.99 14.04 48.50
CA GLN L 105 -12.59 13.65 48.52
C GLN L 105 -11.78 14.55 47.60
N TYR L 106 -12.40 15.66 47.21
CA TYR L 106 -11.77 16.67 46.35
C TYR L 106 -11.34 16.10 45.00
N ARG L 107 -12.05 15.06 44.55
CA ARG L 107 -11.82 14.49 43.22
C ARG L 107 -12.88 15.03 42.27
N TRP L 108 -12.65 16.26 41.79
CA TRP L 108 -13.68 17.00 41.07
C TRP L 108 -13.97 16.48 39.65
N LYS L 109 -13.01 15.79 39.05
CA LYS L 109 -13.19 15.24 37.72
C LYS L 109 -14.23 14.12 37.73
N ASP L 110 -13.93 13.05 38.47
CA ASP L 110 -14.83 11.91 38.59
C ASP L 110 -16.18 12.35 39.12
N GLY L 111 -16.17 13.21 40.13
CA GLY L 111 -17.38 13.77 40.69
C GLY L 111 -18.20 14.46 39.61
N LEU L 112 -17.54 15.26 38.79
CA LEU L 112 -18.19 15.93 37.67
C LEU L 112 -18.86 14.92 36.75
N ASP L 113 -18.12 13.87 36.39
CA ASP L 113 -18.66 12.82 35.52
C ASP L 113 -19.93 12.20 36.09
N TYR L 114 -19.86 11.74 37.34
CA TYR L 114 -20.99 11.12 38.00
C TYR L 114 -22.18 12.08 38.12
N LEU L 115 -21.89 13.36 38.32
CA LEU L 115 -22.94 14.36 38.42
C LEU L 115 -23.60 14.63 37.08
N LEU L 116 -22.82 14.52 36.01
CA LEU L 116 -23.36 14.71 34.66
C LEU L 116 -24.24 13.52 34.27
N LYS L 117 -23.78 12.32 34.60
CA LYS L 117 -24.59 11.12 34.37
C LYS L 117 -25.87 11.19 35.20
N THR L 118 -25.74 11.74 36.40
CA THR L 118 -26.88 11.97 37.27
C THR L 118 -27.83 12.96 36.62
N GLU L 119 -27.27 13.94 35.92
CA GLU L 119 -28.07 14.94 35.22
C GLU L 119 -28.88 14.31 34.08
N VAL L 120 -28.21 13.56 33.22
CA VAL L 120 -28.90 12.94 32.08
C VAL L 120 -29.92 11.91 32.55
N MET L 121 -29.64 11.21 33.65
CA MET L 121 -30.61 10.30 34.23
C MET L 121 -31.82 11.07 34.74
N ALA L 122 -31.56 12.20 35.39
CA ALA L 122 -32.63 13.06 35.91
C ALA L 122 -33.51 13.57 34.79
N LYS L 123 -32.91 13.86 33.65
CA LYS L 123 -33.66 14.30 32.47
C LYS L 123 -34.47 13.15 31.90
N GLU L 124 -33.88 11.96 31.86
CA GLU L 124 -34.56 10.78 31.35
C GLU L 124 -35.78 10.40 32.18
N GLN L 125 -35.69 10.63 33.49
CA GLN L 125 -36.77 10.21 34.39
C GLN L 125 -37.71 11.36 34.76
N GLY L 126 -37.42 12.55 34.25
CA GLY L 126 -38.24 13.72 34.55
C GLY L 126 -38.13 14.14 36.00
N TYR L 127 -36.99 13.83 36.60
CA TYR L 127 -36.74 14.17 38.00
C TYR L 127 -35.89 15.44 38.07
N HIS L 128 -36.04 16.19 39.17
CA HIS L 128 -35.33 17.46 39.30
C HIS L 128 -34.88 17.78 40.72
N GLU L 129 -33.61 18.15 40.85
CA GLU L 129 -33.06 18.66 42.10
C GLU L 129 -32.10 19.80 41.80
N THR L 130 -32.37 20.97 42.36
CA THR L 130 -31.54 22.15 42.14
C THR L 130 -30.12 21.91 42.64
N GLY L 131 -30.01 21.14 43.72
CA GLY L 131 -28.74 20.80 44.32
C GLY L 131 -27.81 20.12 43.35
N LEU L 132 -28.36 19.39 42.39
CA LEU L 132 -27.56 18.72 41.38
C LEU L 132 -26.88 19.73 40.47
N TYR L 133 -27.66 20.68 39.96
CA TYR L 133 -27.12 21.73 39.10
C TYR L 133 -26.11 22.59 39.86
N TYR L 134 -26.40 22.83 41.14
CA TYR L 134 -25.47 23.58 41.99
C TYR L 134 -24.14 22.83 42.15
N ASN L 135 -24.22 21.54 42.44
CA ASN L 135 -23.01 20.73 42.63
C ASN L 135 -22.20 20.60 41.35
N ILE L 136 -22.90 20.56 40.21
CA ILE L 136 -22.22 20.55 38.92
C ILE L 136 -21.50 21.88 38.71
N ALA L 137 -22.19 22.97 39.05
CA ALA L 137 -21.62 24.30 38.94
C ALA L 137 -20.38 24.45 39.83
N LEU L 138 -20.42 23.80 40.98
CA LEU L 138 -19.31 23.84 41.93
C LEU L 138 -18.15 22.99 41.42
N ALA L 139 -18.47 21.87 40.79
CA ALA L 139 -17.47 21.00 40.20
C ALA L 139 -16.74 21.73 39.08
N TYR L 140 -17.50 22.53 38.32
CA TYR L 140 -16.91 23.34 37.27
C TYR L 140 -16.17 24.54 37.86
N THR L 141 -16.57 24.95 39.06
CA THR L 141 -15.95 26.09 39.73
C THR L 141 -14.55 25.75 40.21
N HIS L 142 -14.39 24.55 40.76
CA HIS L 142 -13.08 24.10 41.24
C HIS L 142 -12.09 23.89 40.10
N LEU L 143 -12.60 23.90 38.87
CA LEU L 143 -11.75 23.89 37.69
C LEU L 143 -11.56 25.33 37.21
N ASP L 144 -11.67 26.27 38.15
CA ASP L 144 -11.45 27.69 37.91
C ASP L 144 -12.35 28.32 36.84
N ILE L 145 -11.74 28.99 35.88
CA ILE L 145 -12.48 29.71 34.84
C ILE L 145 -13.38 28.80 34.02
N HIS L 146 -14.69 29.09 34.04
CA HIS L 146 -15.66 28.28 33.32
C HIS L 146 -16.94 29.05 33.00
N HIS L 147 -17.32 29.03 31.73
CA HIS L 147 -18.60 29.57 31.30
C HIS L 147 -19.69 28.60 31.75
N LEU L 148 -19.35 27.33 31.75
CA LEU L 148 -20.24 26.26 32.17
C LEU L 148 -20.63 26.42 33.64
N ALA L 149 -19.67 26.82 34.46
CA ALA L 149 -19.92 27.05 35.87
C ALA L 149 -20.98 28.13 36.06
N ILE L 150 -20.81 29.22 35.33
CA ILE L 150 -21.75 30.35 35.37
C ILE L 150 -23.13 29.91 34.90
N HIS L 151 -23.16 29.11 33.85
CA HIS L 151 -24.41 28.58 33.29
C HIS L 151 -25.17 27.76 34.33
N PHE L 152 -24.53 26.69 34.79
CA PHE L 152 -25.15 25.78 35.76
C PHE L 152 -25.50 26.48 37.07
N VAL L 153 -24.69 27.44 37.49
CA VAL L 153 -24.97 28.16 38.73
C VAL L 153 -26.10 29.17 38.54
N ASN L 154 -26.34 29.57 37.29
CA ASN L 154 -27.49 30.42 37.00
C ASN L 154 -28.79 29.62 36.94
N MET L 155 -28.72 28.42 36.37
CA MET L 155 -29.85 27.51 36.38
C MET L 155 -30.21 27.18 37.82
N ALA L 156 -29.18 26.85 38.60
CA ALA L 156 -29.32 26.55 40.02
C ALA L 156 -29.81 27.77 40.77
N LEU L 157 -29.45 28.96 40.29
CA LEU L 157 -29.89 30.19 40.92
C LEU L 157 -31.39 30.37 40.72
N GLU L 158 -31.86 30.09 39.51
CA GLU L 158 -33.29 30.10 39.23
C GLU L 158 -34.03 29.09 40.12
N GLY L 159 -33.47 27.89 40.19
CA GLY L 159 -34.04 26.84 41.02
C GLY L 159 -34.19 27.26 42.47
N PHE L 160 -33.09 27.74 43.05
CA PHE L 160 -33.08 28.17 44.45
C PHE L 160 -34.03 29.33 44.70
N ARG L 161 -34.04 30.30 43.79
CA ARG L 161 -34.96 31.43 43.90
C ARG L 161 -36.41 30.98 43.87
N SER L 162 -36.69 29.93 43.10
CA SER L 162 -38.04 29.40 43.00
C SER L 162 -38.51 28.76 44.30
N GLU L 163 -37.58 28.17 45.04
CA GLU L 163 -37.93 27.48 46.28
C GLU L 163 -37.35 28.16 47.53
N TYR L 164 -37.09 29.46 47.40
CA TYR L 164 -36.70 30.32 48.53
C TYR L 164 -35.40 29.92 49.23
N LYS L 165 -34.57 29.13 48.57
CA LYS L 165 -33.30 28.69 49.17
C LYS L 165 -32.26 29.81 49.17
N PHE L 166 -32.40 30.74 50.12
CA PHE L 166 -31.51 31.91 50.19
C PHE L 166 -30.08 31.55 50.56
N ARG L 167 -29.94 30.66 51.54
CA ARG L 167 -28.64 30.22 52.02
C ARG L 167 -27.82 29.58 50.89
N ASN L 168 -28.53 29.03 49.90
CA ASN L 168 -27.88 28.49 48.71
C ASN L 168 -27.63 29.58 47.68
N ILE L 169 -28.57 30.51 47.57
CA ILE L 169 -28.45 31.62 46.64
C ILE L 169 -27.17 32.42 46.89
N ILE L 170 -26.89 32.71 48.16
CA ILE L 170 -25.69 33.45 48.51
C ILE L 170 -24.42 32.68 48.11
N ASN L 171 -24.47 31.36 48.21
CA ASN L 171 -23.36 30.52 47.77
C ASN L 171 -23.18 30.60 46.25
N CYS L 172 -24.29 30.64 45.53
CA CYS L 172 -24.26 30.81 44.08
C CYS L 172 -23.62 32.15 43.73
N GLN L 173 -23.99 33.18 44.48
CA GLN L 173 -23.41 34.52 44.31
C GLN L 173 -21.90 34.47 44.53
N ILE L 174 -21.48 33.74 45.55
CA ILE L 174 -20.06 33.54 45.80
C ILE L 174 -19.40 32.87 44.60
N LEU L 175 -20.10 31.90 44.02
CA LEU L 175 -19.58 31.19 42.85
C LEU L 175 -19.36 32.09 41.65
N ILE L 176 -20.39 32.85 41.27
CA ILE L 176 -20.23 33.78 40.14
C ILE L 176 -19.21 34.87 40.44
N ALA L 177 -19.08 35.23 41.72
CA ALA L 177 -18.07 36.18 42.13
C ALA L 177 -16.67 35.59 41.90
N VAL L 178 -16.53 34.31 42.18
CA VAL L 178 -15.27 33.61 41.95
C VAL L 178 -14.96 33.54 40.46
N SER L 179 -15.98 33.28 39.66
CA SER L 179 -15.81 33.23 38.20
C SER L 179 -15.36 34.58 37.66
N TYR L 180 -16.05 35.64 38.08
CA TYR L 180 -15.68 37.00 37.70
C TYR L 180 -14.25 37.31 38.12
N THR L 181 -13.91 36.92 39.34
CA THR L 181 -12.56 37.12 39.88
C THR L 181 -11.50 36.47 39.01
N GLU L 182 -11.72 35.21 38.67
CA GLU L 182 -10.76 34.44 37.90
C GLU L 182 -10.72 34.88 36.43
N LYS L 183 -11.77 35.54 35.97
CA LYS L 183 -11.81 36.03 34.60
C LYS L 183 -11.09 37.37 34.43
N GLY L 184 -11.16 38.22 35.45
CA GLY L 184 -10.47 39.50 35.42
C GLY L 184 -11.31 40.66 35.92
N GLN L 185 -12.62 40.46 36.00
CA GLN L 185 -13.52 41.51 36.48
C GLN L 185 -13.37 41.72 37.98
N TYR L 186 -12.29 42.40 38.36
CA TYR L 186 -11.94 42.58 39.77
C TYR L 186 -12.92 43.47 40.53
N GLU L 187 -13.32 44.58 39.91
CA GLU L 187 -14.18 45.55 40.59
C GLU L 187 -15.57 45.00 40.88
N GLU L 188 -16.18 44.41 39.85
CA GLU L 188 -17.50 43.80 39.99
C GLU L 188 -17.49 42.70 41.05
N ALA L 189 -16.44 41.88 41.02
CA ALA L 189 -16.26 40.83 42.01
C ALA L 189 -16.15 41.42 43.40
N LEU L 190 -15.46 42.55 43.52
CA LEU L 190 -15.29 43.22 44.79
C LEU L 190 -16.60 43.76 45.34
N LYS L 191 -17.42 44.32 44.46
CA LYS L 191 -18.71 44.85 44.86
C LYS L 191 -19.66 43.73 45.29
N MET L 192 -19.66 42.66 44.52
CA MET L 192 -20.44 41.48 44.86
C MET L 192 -20.03 40.95 46.22
N TYR L 193 -18.72 40.84 46.42
CA TYR L 193 -18.17 40.38 47.69
C TYR L 193 -18.53 41.32 48.84
N GLU L 194 -18.64 42.61 48.55
CA GLU L 194 -19.06 43.60 49.54
C GLU L 194 -20.50 43.35 49.97
N SER L 195 -21.37 43.15 48.98
CA SER L 195 -22.78 42.89 49.27
C SER L 195 -22.96 41.59 50.06
N ILE L 196 -22.27 40.55 49.62
CA ILE L 196 -22.30 39.26 50.31
C ILE L 196 -21.76 39.41 51.73
N LEU L 197 -20.77 40.28 51.89
CA LEU L 197 -20.14 40.52 53.18
C LEU L 197 -21.13 41.15 54.15
N ARG L 198 -21.77 42.24 53.71
CA ARG L 198 -22.73 42.94 54.55
C ARG L 198 -24.01 42.13 54.78
N GLU L 199 -24.28 41.18 53.89
CA GLU L 199 -25.48 40.36 54.02
C GLU L 199 -25.22 39.02 54.71
N ALA L 200 -23.96 38.72 54.96
CA ALA L 200 -23.59 37.45 55.57
C ALA L 200 -24.04 37.37 57.02
N THR L 201 -23.95 38.48 57.73
CA THR L 201 -24.27 38.53 59.16
C THR L 201 -25.75 38.33 59.44
N SER L 202 -26.54 38.15 58.39
CA SER L 202 -27.98 37.92 58.53
C SER L 202 -28.29 36.44 58.70
N PHE L 203 -27.30 35.59 58.40
CA PHE L 203 -27.47 34.15 58.53
C PHE L 203 -26.93 33.65 59.86
N ALA L 204 -27.27 32.40 60.19
CA ALA L 204 -26.79 31.79 61.43
C ALA L 204 -25.31 31.41 61.32
N ASP L 205 -24.93 30.85 60.18
CA ASP L 205 -23.55 30.44 59.95
C ASP L 205 -22.80 31.51 59.15
N LYS L 206 -22.75 32.73 59.68
CA LYS L 206 -22.12 33.84 58.98
C LYS L 206 -20.60 33.69 58.88
N ASP L 207 -20.03 32.93 59.81
CA ASP L 207 -18.58 32.82 59.93
C ASP L 207 -17.89 32.24 58.69
N VAL L 208 -18.43 31.14 58.18
CA VAL L 208 -17.86 30.51 56.99
C VAL L 208 -17.97 31.43 55.77
N LEU L 209 -19.12 32.07 55.61
CA LEU L 209 -19.34 33.03 54.53
C LEU L 209 -18.30 34.14 54.59
N LEU L 210 -18.14 34.72 55.78
CA LEU L 210 -17.17 35.79 55.98
C LEU L 210 -15.74 35.32 55.68
N ALA L 211 -15.43 34.09 56.09
CA ALA L 211 -14.11 33.53 55.83
C ALA L 211 -13.82 33.44 54.33
N ILE L 212 -14.73 32.78 53.62
CA ILE L 212 -14.60 32.61 52.17
C ILE L 212 -14.51 33.95 51.44
N THR L 213 -15.44 34.85 51.75
CA THR L 213 -15.49 36.15 51.09
C THR L 213 -14.24 36.99 51.35
N LEU L 214 -13.81 37.06 52.62
CA LEU L 214 -12.63 37.84 52.97
C LEU L 214 -11.37 37.28 52.33
N SER L 215 -11.25 35.94 52.35
CA SER L 215 -10.12 35.29 51.71
C SER L 215 -10.08 35.63 50.23
N ASN L 216 -11.22 35.53 49.58
CA ASN L 216 -11.33 35.84 48.15
C ASN L 216 -11.02 37.30 47.83
N MET L 217 -11.46 38.21 48.69
CA MET L 217 -11.12 39.62 48.55
C MET L 217 -9.60 39.78 48.64
N GLY L 218 -9.00 39.03 49.55
CA GLY L 218 -7.54 39.01 49.68
C GLY L 218 -6.89 38.58 48.38
N SER L 219 -7.45 37.54 47.77
CA SER L 219 -6.96 37.07 46.48
C SER L 219 -7.07 38.14 45.40
N ILE L 220 -8.20 38.85 45.38
CA ILE L 220 -8.42 39.91 44.41
C ILE L 220 -7.40 41.02 44.57
N TYR L 221 -7.24 41.50 45.80
CA TYR L 221 -6.29 42.56 46.10
C TYR L 221 -4.86 42.13 45.79
N TYR L 222 -4.58 40.83 45.93
CA TYR L 222 -3.28 40.31 45.55
C TYR L 222 -3.10 40.34 44.04
N LYS L 223 -4.17 40.03 43.31
CA LYS L 223 -4.12 40.01 41.85
C LYS L 223 -4.02 41.41 41.25
N LYS L 224 -4.59 42.39 41.95
CA LYS L 224 -4.52 43.78 41.50
C LYS L 224 -3.12 44.36 41.66
N GLY L 225 -2.54 44.15 42.84
CA GLY L 225 -1.22 44.66 43.14
C GLY L 225 -1.14 45.24 44.54
N LYS L 226 -2.26 45.21 45.25
CA LYS L 226 -2.32 45.71 46.62
C LYS L 226 -2.04 44.57 47.60
N TYR L 227 -0.76 44.30 47.83
CA TYR L 227 -0.34 43.15 48.62
C TYR L 227 -0.65 43.28 50.11
N GLN L 228 -0.43 44.47 50.67
CA GLN L 228 -0.58 44.69 52.10
C GLN L 228 -2.02 44.49 52.57
N GLN L 229 -2.96 45.18 51.93
CA GLN L 229 -4.37 45.07 52.27
C GLN L 229 -4.87 43.66 52.02
N ALA L 230 -4.30 43.01 51.00
CA ALA L 230 -4.60 41.61 50.71
C ALA L 230 -4.23 40.74 51.91
N LYS L 231 -3.01 40.90 52.37
CA LYS L 231 -2.50 40.18 53.54
C LYS L 231 -3.40 40.42 54.75
N LYS L 232 -3.82 41.67 54.92
CA LYS L 232 -4.74 42.02 56.01
C LYS L 232 -6.05 41.25 55.88
N TYR L 233 -6.53 41.11 54.65
CA TYR L 233 -7.77 40.37 54.40
C TYR L 233 -7.63 38.88 54.68
N TYR L 234 -6.50 38.31 54.29
CA TYR L 234 -6.20 36.91 54.60
C TYR L 234 -6.18 36.70 56.11
N LEU L 235 -5.54 37.64 56.81
CA LEU L 235 -5.50 37.61 58.26
C LEU L 235 -6.90 37.64 58.85
N ASP L 236 -7.71 38.60 58.40
CA ASP L 236 -9.08 38.74 58.89
C ASP L 236 -9.92 37.50 58.58
N SER L 237 -9.54 36.78 57.54
CA SER L 237 -10.25 35.56 57.16
C SER L 237 -9.87 34.40 58.08
N LEU L 238 -8.58 34.25 58.34
CA LEU L 238 -8.06 33.14 59.13
C LEU L 238 -8.59 33.11 60.57
N GLN L 239 -9.02 34.26 61.08
CA GLN L 239 -9.51 34.35 62.45
C GLN L 239 -10.92 33.79 62.64
N LEU L 240 -11.50 33.28 61.55
CA LEU L 240 -12.85 32.72 61.61
C LEU L 240 -12.87 31.25 61.22
N GLN L 241 -11.86 30.83 60.45
CA GLN L 241 -11.76 29.45 60.02
C GLN L 241 -11.35 28.55 61.18
N LYS L 242 -12.33 27.93 61.82
CA LYS L 242 -12.08 27.10 62.99
C LYS L 242 -11.73 25.66 62.61
N GLN L 243 -12.06 25.27 61.38
CA GLN L 243 -11.74 23.94 60.89
C GLN L 243 -10.55 23.96 59.95
N ILE L 244 -10.02 22.79 59.62
CA ILE L 244 -8.90 22.68 58.70
C ILE L 244 -9.32 21.97 57.42
N ASP L 245 -9.74 22.74 56.43
CA ASP L 245 -10.23 22.18 55.17
C ASP L 245 -9.41 22.64 53.97
N LEU L 246 -10.00 22.52 52.78
CA LEU L 246 -9.34 22.91 51.54
C LEU L 246 -9.15 24.43 51.48
N ASN L 247 -10.20 25.15 51.87
CA ASN L 247 -10.16 26.60 51.90
C ASN L 247 -9.05 27.12 52.82
N TYR L 248 -8.84 26.41 53.93
CA TYR L 248 -7.79 26.76 54.88
C TYR L 248 -6.43 26.70 54.20
N LEU L 249 -6.13 25.55 53.60
CA LEU L 249 -4.86 25.34 52.92
C LEU L 249 -4.66 26.35 51.79
N ASP L 250 -5.74 26.67 51.09
CA ASP L 250 -5.67 27.65 50.01
C ASP L 250 -5.32 29.04 50.55
N THR L 251 -5.97 29.43 51.64
CA THR L 251 -5.71 30.72 52.27
C THR L 251 -4.26 30.81 52.76
N ILE L 252 -3.78 29.74 53.38
CA ILE L 252 -2.40 29.70 53.86
C ILE L 252 -1.42 29.81 52.68
N TYR L 253 -1.72 29.08 51.62
CA TYR L 253 -0.89 29.09 50.41
C TYR L 253 -0.79 30.49 49.80
N GLU L 254 -1.94 31.09 49.52
CA GLU L 254 -1.98 32.41 48.91
C GLU L 254 -1.40 33.50 49.82
N MET L 255 -1.58 33.33 51.12
CA MET L 255 -0.99 34.26 52.09
C MET L 255 0.53 34.15 52.04
N ALA L 256 1.02 32.92 51.92
CA ALA L 256 2.45 32.70 51.75
C ALA L 256 2.90 33.34 50.44
N LEU L 257 2.01 33.38 49.47
CA LEU L 257 2.30 34.02 48.19
C LEU L 257 2.37 35.54 48.29
N VAL L 258 1.58 36.14 49.18
CA VAL L 258 1.67 37.57 49.40
C VAL L 258 2.83 37.88 50.34
N CYS L 259 3.35 36.86 51.00
CA CYS L 259 4.48 37.03 51.90
C CYS L 259 5.82 36.92 51.18
N ILE L 260 5.90 36.04 50.18
CA ILE L 260 7.15 35.84 49.45
C ILE L 260 7.55 37.05 48.60
N LYS L 261 6.56 37.81 48.14
CA LYS L 261 6.82 38.98 47.30
C LYS L 261 6.92 40.27 48.12
N LEU L 262 7.04 40.11 49.44
CA LEU L 262 7.21 41.25 50.33
C LEU L 262 8.57 41.19 51.03
N GLU L 263 9.42 40.29 50.55
CA GLU L 263 10.72 40.04 51.14
C GLU L 263 10.62 39.63 52.61
N GLU L 264 9.49 39.02 52.95
CA GLU L 264 9.26 38.51 54.30
C GLU L 264 9.24 36.99 54.23
N LEU L 265 10.36 36.42 53.81
CA LEU L 265 10.46 34.99 53.53
C LEU L 265 10.39 34.10 54.77
N GLU L 266 10.61 34.68 55.94
CA GLU L 266 10.58 33.91 57.19
C GLU L 266 9.17 33.41 57.49
N GLU L 267 8.22 34.34 57.55
CA GLU L 267 6.83 34.00 57.79
C GLU L 267 6.30 33.14 56.65
N ALA L 268 6.90 33.29 55.48
CA ALA L 268 6.58 32.44 54.34
C ALA L 268 7.01 31.01 54.62
N ARG L 269 8.19 30.84 55.20
CA ARG L 269 8.69 29.52 55.58
C ARG L 269 7.77 28.90 56.62
N THR L 270 7.38 29.70 57.61
CA THR L 270 6.49 29.22 58.67
C THR L 270 5.14 28.77 58.11
N LEU L 271 4.56 29.59 57.24
CA LEU L 271 3.26 29.29 56.65
C LEU L 271 3.30 28.08 55.72
N ILE L 272 4.35 27.99 54.91
CA ILE L 272 4.52 26.85 54.02
C ILE L 272 4.68 25.56 54.81
N ASP L 273 5.60 25.57 55.77
CA ASP L 273 5.85 24.41 56.61
C ASP L 273 4.59 24.00 57.39
N LYS L 274 3.83 24.99 57.85
CA LYS L 274 2.58 24.72 58.57
C LYS L 274 1.56 24.06 57.66
N GLY L 275 1.38 24.64 56.48
CA GLY L 275 0.45 24.11 55.49
C GLY L 275 0.77 22.69 55.10
N ILE L 276 2.04 22.43 54.81
CA ILE L 276 2.49 21.09 54.46
C ILE L 276 2.30 20.14 55.64
N ASP L 277 2.54 20.63 56.85
CA ASP L 277 2.36 19.84 58.06
C ASP L 277 0.89 19.45 58.25
N ALA L 278 0.00 20.30 57.77
CA ALA L 278 -1.43 20.05 57.89
C ALA L 278 -2.00 19.37 56.63
N ALA L 279 -1.15 19.19 55.63
CA ALA L 279 -1.59 18.64 54.35
C ALA L 279 -1.32 17.13 54.23
N LYS L 280 -0.26 16.67 54.89
CA LYS L 280 0.11 15.26 54.83
C LYS L 280 -0.80 14.39 55.69
N GLN L 281 -1.66 15.03 56.48
CA GLN L 281 -2.55 14.32 57.40
C GLN L 281 -3.61 13.53 56.65
N GLU L 282 -4.30 14.19 55.72
CA GLU L 282 -5.33 13.53 54.93
C GLU L 282 -4.92 13.44 53.46
N GLU L 283 -5.51 12.49 52.75
CA GLU L 283 -5.19 12.30 51.34
C GLU L 283 -5.80 13.40 50.48
N ARG L 284 -7.01 13.83 50.84
CA ARG L 284 -7.75 14.86 50.11
C ARG L 284 -6.94 16.13 49.86
N PHE L 285 -5.93 16.37 50.69
CA PHE L 285 -5.15 17.61 50.64
C PHE L 285 -3.97 17.52 49.68
N ASN L 286 -3.69 16.31 49.20
CA ASN L 286 -2.53 16.03 48.35
C ASN L 286 -2.37 16.98 47.17
N ALA L 287 -3.49 17.56 46.73
CA ALA L 287 -3.46 18.58 45.68
C ALA L 287 -2.77 19.85 46.18
N LYS L 288 -3.37 20.49 47.18
CA LYS L 288 -2.83 21.73 47.74
C LYS L 288 -1.41 21.51 48.25
N LEU L 289 -1.18 20.34 48.82
CA LEU L 289 0.15 19.93 49.24
C LEU L 289 1.13 20.12 48.09
N TYR L 290 0.81 19.53 46.95
CA TYR L 290 1.68 19.60 45.77
C TYR L 290 1.89 21.04 45.30
N LEU L 291 0.99 21.93 45.66
CA LEU L 291 1.20 23.35 45.40
C LEU L 291 2.27 23.85 46.36
N LEU L 292 1.99 23.70 47.66
CA LEU L 292 2.86 24.20 48.71
C LEU L 292 4.31 23.77 48.52
N LEU L 293 4.52 22.46 48.41
CA LEU L 293 5.83 21.89 48.13
C LEU L 293 6.52 22.66 47.02
N MET L 294 5.84 22.78 45.88
CA MET L 294 6.41 23.45 44.72
C MET L 294 6.94 24.83 45.12
N LEU L 295 6.11 25.59 45.82
CA LEU L 295 6.47 26.92 46.27
C LEU L 295 7.79 26.85 47.05
N ARG L 296 7.82 25.96 48.04
CA ARG L 296 9.03 25.70 48.80
C ARG L 296 10.16 25.36 47.85
N TYR L 297 9.92 24.36 47.00
CA TYR L 297 10.93 23.88 46.07
C TYR L 297 11.38 24.97 45.09
N LYS L 298 10.60 26.04 45.01
CA LYS L 298 10.94 27.13 44.09
C LYS L 298 11.64 28.27 44.80
N TYR L 299 11.43 28.40 46.11
CA TYR L 299 11.90 29.58 46.81
C TYR L 299 12.84 29.31 47.99
N PHE L 300 12.96 28.04 48.39
CA PHE L 300 13.80 27.72 49.54
C PHE L 300 14.76 26.56 49.28
N GLU L 301 14.35 25.62 48.43
CA GLU L 301 15.29 24.65 47.89
C GLU L 301 16.18 25.45 46.94
N GLU L 302 15.53 26.23 46.08
CA GLU L 302 16.17 27.27 45.29
C GLU L 302 17.36 26.79 44.47
N ALA L 303 17.09 26.08 43.39
CA ALA L 303 18.13 25.61 42.48
C ALA L 303 17.53 25.16 41.15
N LYS L 304 18.30 24.42 40.37
CA LYS L 304 17.81 23.87 39.11
C LYS L 304 17.65 22.35 39.26
N ASP L 305 17.47 21.90 40.49
CA ASP L 305 17.40 20.47 40.79
C ASP L 305 15.97 19.99 40.99
N TYR L 306 15.07 20.91 41.35
CA TYR L 306 13.70 20.55 41.67
C TYR L 306 12.83 20.37 40.42
N LYS L 307 13.47 20.43 39.26
CA LYS L 307 12.76 20.21 38.00
C LYS L 307 12.40 18.73 37.84
N ALA L 308 13.28 17.87 38.37
CA ALA L 308 13.03 16.43 38.36
C ALA L 308 11.84 16.11 39.25
N PHE L 309 11.61 16.96 40.25
CA PHE L 309 10.42 16.85 41.09
C PHE L 309 9.19 17.30 40.33
N LEU L 310 9.35 18.33 39.51
CA LEU L 310 8.26 18.81 38.66
C LEU L 310 7.91 17.80 37.59
N GLU L 311 8.86 16.91 37.28
CA GLU L 311 8.63 15.85 36.31
C GLU L 311 7.56 14.89 36.82
N ASN L 312 7.72 14.42 38.05
CA ASN L 312 6.74 13.52 38.65
C ASN L 312 5.51 14.27 39.15
N GLU L 313 5.67 15.58 39.36
CA GLU L 313 4.56 16.42 39.78
C GLU L 313 3.62 16.68 38.60
N ALA L 314 4.17 16.61 37.39
CA ALA L 314 3.40 16.84 36.18
C ALA L 314 2.64 15.59 35.74
N ILE L 315 2.29 14.74 36.71
CA ILE L 315 1.55 13.51 36.42
C ILE L 315 0.14 13.49 37.05
N PRO L 316 0.04 13.77 38.37
CA PRO L 316 -1.32 13.71 38.94
C PRO L 316 -1.98 15.09 39.01
N LEU L 317 -1.36 16.10 38.42
CA LEU L 317 -1.85 17.47 38.53
C LEU L 317 -3.14 17.67 37.73
N TYR L 318 -3.07 17.44 36.43
CA TYR L 318 -4.23 17.58 35.54
C TYR L 318 -4.86 18.97 35.62
N LEU L 327 -3.92 26.35 36.12
CA LEU L 327 -2.99 25.94 37.17
C LEU L 327 -1.87 25.07 36.62
N LYS L 328 -2.24 23.94 36.03
CA LYS L 328 -1.28 23.02 35.43
C LYS L 328 -0.55 23.71 34.28
N LYS L 329 -1.28 24.55 33.56
CA LYS L 329 -0.74 25.31 32.44
C LYS L 329 0.44 26.16 32.89
N VAL L 330 0.33 26.72 34.10
CA VAL L 330 1.39 27.54 34.67
C VAL L 330 2.61 26.68 35.03
N TYR L 331 2.35 25.44 35.43
CA TYR L 331 3.43 24.51 35.73
C TYR L 331 4.18 24.14 34.46
N VAL L 332 3.45 23.95 33.37
CA VAL L 332 4.08 23.72 32.08
C VAL L 332 4.79 24.99 31.61
N GLU L 333 4.31 26.13 32.07
CA GLU L 333 4.97 27.41 31.79
C GLU L 333 6.33 27.47 32.49
N LEU L 334 6.38 26.97 33.72
CA LEU L 334 7.65 26.86 34.44
C LEU L 334 8.55 25.86 33.72
N ALA L 335 7.93 24.81 33.20
CA ALA L 335 8.65 23.78 32.45
C ALA L 335 9.36 24.36 31.24
N GLU L 336 8.63 25.10 30.42
CA GLU L 336 9.23 25.74 29.24
C GLU L 336 10.18 26.86 29.65
N HIS L 337 9.91 27.48 30.80
CA HIS L 337 10.79 28.53 31.32
C HIS L 337 12.18 28.00 31.63
N PHE L 338 12.24 26.81 32.25
CA PHE L 338 13.52 26.18 32.55
C PHE L 338 14.25 25.73 31.29
N SER L 339 13.53 25.70 30.16
CA SER L 339 14.10 25.26 28.90
C SER L 339 14.23 26.41 27.90
N SER L 340 13.88 27.62 28.33
CA SER L 340 13.87 28.77 27.44
C SER L 340 15.17 29.58 27.48
N LEU L 341 15.99 29.34 28.49
CA LEU L 341 17.21 30.11 28.71
C LEU L 341 18.15 30.13 27.51
N SER L 342 18.39 28.95 26.92
CA SER L 342 19.25 28.85 25.75
C SER L 342 18.93 27.60 24.94
N ARG L 343 18.11 26.73 25.50
CA ARG L 343 17.72 25.49 24.82
C ARG L 343 16.50 25.74 23.95
N PHE L 344 16.68 26.53 22.89
CA PHE L 344 15.59 26.94 22.01
C PHE L 344 14.81 25.78 21.40
N GLU L 345 15.50 24.69 21.10
CA GLU L 345 14.88 23.55 20.42
C GLU L 345 13.97 22.74 21.34
N GLU L 346 14.12 22.93 22.65
CA GLU L 346 13.36 22.15 23.62
C GLU L 346 12.17 22.90 24.21
N SER L 347 12.28 24.22 24.33
CA SER L 347 11.21 25.03 24.88
C SER L 347 10.01 25.05 23.94
N ASN L 348 10.29 24.90 22.64
CA ASN L 348 9.25 24.89 21.62
C ASN L 348 8.29 23.71 21.81
N ARG L 349 8.79 22.63 22.40
CA ARG L 349 8.00 21.42 22.60
C ARG L 349 6.99 21.59 23.73
N TYR L 350 7.44 22.14 24.84
CA TYR L 350 6.54 22.47 25.95
C TYR L 350 5.57 23.55 25.52
N TYR L 351 6.05 24.46 24.68
CA TYR L 351 5.20 25.45 24.04
C TYR L 351 4.07 24.76 23.30
N ARG L 352 4.44 23.78 22.48
CA ARG L 352 3.48 23.02 21.71
C ARG L 352 2.51 22.23 22.60
N LEU L 353 2.98 21.86 23.80
CA LEU L 353 2.10 21.19 24.76
C LEU L 353 1.05 22.16 25.28
N VAL L 354 1.49 23.35 25.68
CA VAL L 354 0.60 24.39 26.18
C VAL L 354 -0.44 24.77 25.12
N ILE L 355 0.01 24.90 23.87
CA ILE L 355 -0.90 25.26 22.79
C ILE L 355 -1.76 24.06 22.37
N ASP L 356 -1.33 22.86 22.73
CA ASP L 356 -2.10 21.66 22.42
C ASP L 356 -3.27 21.52 23.40
N LEU L 357 -3.02 21.85 24.66
CA LEU L 357 -4.08 21.77 25.66
C LEU L 357 -5.07 22.93 25.54
N MET L 358 -4.72 23.91 24.73
CA MET L 358 -5.59 25.07 24.51
C MET L 358 -6.18 25.12 23.10
N ASN L 359 -5.78 24.15 22.26
CA ASN L 359 -6.31 24.09 20.90
C ASN L 359 -7.61 23.31 20.85
N ASP L 360 -7.79 22.39 21.80
CA ASP L 360 -9.00 21.58 21.87
C ASP L 360 -10.08 22.28 22.67
N ASN L 361 -9.67 23.08 23.66
CA ASN L 361 -10.61 23.79 24.51
C ASN L 361 -10.59 25.29 24.25
N SER M 1 40.90 -34.28 6.28
CA SER M 1 40.73 -35.60 6.89
C SER M 1 41.09 -36.70 5.90
N SER M 2 41.23 -37.92 6.41
CA SER M 2 41.55 -39.07 5.56
C SER M 2 40.37 -40.02 5.45
N LYS M 3 39.90 -40.24 4.23
CA LYS M 3 38.76 -41.11 3.99
C LYS M 3 39.19 -42.30 3.15
N PRO M 4 38.65 -43.50 3.47
CA PRO M 4 39.01 -44.73 2.77
C PRO M 4 38.71 -44.69 1.28
N ASP M 5 39.22 -45.68 0.55
CA ASP M 5 39.01 -45.77 -0.89
C ASP M 5 37.65 -46.39 -1.18
N ILE M 6 37.20 -46.27 -2.43
CA ILE M 6 35.89 -46.78 -2.83
C ILE M 6 35.87 -48.31 -2.93
N VAL M 7 34.72 -48.85 -3.34
CA VAL M 7 34.59 -50.28 -3.57
C VAL M 7 34.86 -50.60 -5.03
N GLY M 8 35.89 -51.40 -5.28
CA GLY M 8 36.28 -51.76 -6.63
C GLY M 8 37.78 -51.78 -6.84
N SER N 1 33.68 -83.15 12.12
CA SER N 1 33.33 -81.74 12.26
C SER N 1 34.48 -80.93 12.85
N SER N 2 34.83 -79.83 12.18
CA SER N 2 35.91 -78.98 12.65
C SER N 2 35.40 -77.69 13.30
N LYS N 3 36.12 -77.22 14.31
CA LYS N 3 35.71 -76.09 15.14
C LYS N 3 36.81 -75.03 15.27
N PRO N 4 36.43 -73.75 15.43
CA PRO N 4 37.44 -72.73 15.68
C PRO N 4 38.09 -72.90 17.04
N ASP N 5 39.18 -72.19 17.28
CA ASP N 5 39.88 -72.28 18.55
C ASP N 5 39.28 -71.31 19.57
N ILE N 6 39.64 -71.51 20.85
CA ILE N 6 39.13 -70.69 21.93
C ILE N 6 39.70 -69.28 21.90
N VAL N 7 39.19 -68.43 22.78
CA VAL N 7 39.77 -67.10 22.98
C VAL N 7 40.98 -67.21 23.91
N GLY N 8 42.08 -66.61 23.50
CA GLY N 8 43.30 -66.64 24.30
C GLY N 8 44.54 -66.67 23.42
N SER O 1 1.05 -75.91 25.72
CA SER O 1 1.41 -74.50 25.70
C SER O 1 0.58 -73.72 24.69
N SER O 2 -0.01 -72.61 25.13
CA SER O 2 -0.80 -71.77 24.26
C SER O 2 0.11 -70.99 23.30
N LYS O 3 -0.36 -70.80 22.07
CA LYS O 3 0.42 -70.11 21.05
C LYS O 3 -0.31 -68.89 20.49
N PRO O 4 0.44 -67.88 20.05
CA PRO O 4 -0.16 -66.70 19.40
C PRO O 4 -0.89 -67.05 18.11
N ASP O 5 -1.45 -66.02 17.46
CA ASP O 5 -2.31 -66.22 16.30
C ASP O 5 -1.64 -65.86 14.96
N ILE O 6 -2.20 -66.41 13.90
CA ILE O 6 -1.79 -66.17 12.51
C ILE O 6 -1.87 -64.70 12.09
N VAL O 7 -0.96 -64.27 11.22
CA VAL O 7 -1.05 -62.93 10.65
C VAL O 7 -2.17 -62.86 9.60
N GLY O 8 -3.10 -61.93 9.81
CA GLY O 8 -4.24 -61.77 8.91
C GLY O 8 -5.55 -61.52 9.62
N SER P 1 7.07 -29.67 15.15
CA SER P 1 8.02 -29.47 16.23
C SER P 1 7.46 -30.00 17.54
N SER P 2 7.03 -31.25 17.54
CA SER P 2 6.45 -31.85 18.73
C SER P 2 7.25 -33.06 19.18
N LYS P 3 7.56 -33.11 20.48
CA LYS P 3 8.39 -34.19 21.00
C LYS P 3 7.61 -35.00 22.06
N PRO P 4 7.89 -36.31 22.14
CA PRO P 4 7.19 -37.18 23.09
C PRO P 4 7.50 -36.84 24.55
N ASP P 5 7.03 -37.68 25.46
CA ASP P 5 7.21 -37.45 26.89
C ASP P 5 8.42 -38.21 27.43
N ILE P 6 8.96 -37.71 28.55
CA ILE P 6 10.10 -38.32 29.22
C ILE P 6 9.74 -39.68 29.83
N VAL P 7 10.75 -40.46 30.18
CA VAL P 7 10.52 -41.69 30.95
C VAL P 7 10.81 -41.42 32.42
N GLY P 8 9.79 -41.56 33.26
CA GLY P 8 9.93 -41.28 34.68
C GLY P 8 8.61 -40.92 35.32
N SER Q 1 12.21 -1.32 -29.35
CA SER Q 1 12.52 -0.60 -30.59
C SER Q 1 13.28 -1.47 -31.58
N SER Q 2 12.55 -2.09 -32.52
CA SER Q 2 13.22 -2.93 -33.52
C SER Q 2 13.91 -2.04 -34.56
N LYS Q 3 15.13 -2.41 -34.94
CA LYS Q 3 15.93 -1.60 -35.84
C LYS Q 3 16.43 -2.42 -37.05
N PRO Q 4 16.61 -1.74 -38.22
CA PRO Q 4 17.03 -2.44 -39.44
C PRO Q 4 18.42 -3.06 -39.36
N ASP Q 5 18.89 -3.60 -40.48
CA ASP Q 5 20.17 -4.30 -40.53
C ASP Q 5 21.30 -3.47 -41.15
N ILE Q 6 22.53 -3.95 -40.99
CA ILE Q 6 23.72 -3.31 -41.55
C ILE Q 6 23.78 -3.40 -43.09
N VAL Q 7 24.17 -2.30 -43.75
CA VAL Q 7 24.48 -2.36 -45.17
C VAL Q 7 25.80 -3.11 -45.32
N GLY Q 8 25.69 -4.43 -45.36
CA GLY Q 8 26.84 -5.31 -45.35
C GLY Q 8 26.47 -6.78 -45.32
N SER R 1 10.91 2.23 -77.92
CA SER R 1 11.13 2.42 -76.49
C SER R 1 10.08 1.70 -75.66
N SER R 2 10.49 1.21 -74.50
CA SER R 2 9.57 0.54 -73.60
C SER R 2 9.21 1.41 -72.41
N LYS R 3 7.92 1.70 -72.25
CA LYS R 3 7.44 2.51 -71.14
C LYS R 3 6.70 1.66 -70.14
N PRO R 4 6.83 1.98 -68.84
CA PRO R 4 6.13 1.23 -67.81
C PRO R 4 4.62 1.41 -67.88
N ASP R 5 3.89 0.58 -67.14
CA ASP R 5 2.43 0.69 -67.10
C ASP R 5 1.99 1.91 -66.33
N ILE R 6 0.69 2.21 -66.40
CA ILE R 6 0.11 3.35 -65.69
C ILE R 6 -0.13 3.05 -64.21
N VAL R 7 -0.70 4.02 -63.50
CA VAL R 7 -1.13 3.77 -62.13
C VAL R 7 -2.64 3.54 -62.09
N GLY R 8 -3.01 2.31 -61.79
CA GLY R 8 -4.41 1.91 -61.72
C GLY R 8 -4.59 0.41 -61.55
N SER S 1 16.75 37.29 -75.57
CA SER S 1 16.62 36.79 -74.20
C SER S 1 17.89 37.05 -73.38
N SER S 2 17.81 37.95 -72.41
CA SER S 2 18.95 38.26 -71.54
C SER S 2 19.30 37.08 -70.64
N LYS S 3 20.60 36.81 -70.50
CA LYS S 3 21.07 35.72 -69.67
C LYS S 3 21.99 36.21 -68.55
N PRO S 4 22.04 35.48 -67.43
CA PRO S 4 22.94 35.87 -66.33
C PRO S 4 24.40 35.82 -66.74
N ASP S 5 25.28 36.18 -65.82
CA ASP S 5 26.72 36.13 -66.07
C ASP S 5 27.33 34.88 -65.45
N ILE S 6 28.56 34.59 -65.84
CA ILE S 6 29.28 33.42 -65.33
C ILE S 6 29.59 33.56 -63.84
N VAL S 7 30.03 32.47 -63.20
CA VAL S 7 30.55 32.54 -61.85
C VAL S 7 32.06 32.33 -61.91
N GLY S 8 32.82 33.33 -61.46
CA GLY S 8 34.27 33.29 -61.55
C GLY S 8 34.92 34.66 -61.49
N SER T 1 23.21 31.87 -30.15
CA SER T 1 22.09 32.24 -29.27
C SER T 1 21.37 33.51 -29.73
N SER T 2 21.97 34.26 -30.64
CA SER T 2 21.27 35.36 -31.29
C SER T 2 20.45 34.80 -32.44
N LYS T 3 19.21 35.27 -32.58
CA LYS T 3 18.25 34.64 -33.49
C LYS T 3 17.69 35.63 -34.52
N PRO T 4 17.43 35.13 -35.76
CA PRO T 4 16.88 35.96 -36.83
C PRO T 4 15.51 36.53 -36.48
N ASP T 5 15.08 37.56 -37.20
CA ASP T 5 13.76 38.14 -37.00
C ASP T 5 12.68 37.25 -37.60
N ILE T 6 11.45 37.42 -37.13
CA ILE T 6 10.30 36.64 -37.62
C ILE T 6 9.92 37.01 -39.04
N VAL T 7 8.98 36.27 -39.61
CA VAL T 7 8.47 36.57 -40.95
C VAL T 7 7.14 37.34 -40.83
N GLY T 8 7.09 38.49 -41.50
CA GLY T 8 5.89 39.33 -41.47
C GLY T 8 6.22 40.80 -41.65
N SER U 1 -19.03 34.71 12.04
CA SER U 1 -20.38 34.68 12.56
C SER U 1 -21.17 35.95 12.20
N SER U 2 -22.47 35.93 12.46
CA SER U 2 -23.33 37.08 12.20
C SER U 2 -23.95 37.64 13.48
N LYS U 3 -23.71 38.93 13.75
CA LYS U 3 -24.25 39.61 14.91
C LYS U 3 -25.28 40.66 14.50
N PRO U 4 -26.28 40.93 15.37
CA PRO U 4 -27.31 41.93 15.06
C PRO U 4 -26.76 43.33 14.92
N ASP U 5 -27.67 44.29 14.75
CA ASP U 5 -27.30 45.69 14.56
C ASP U 5 -27.36 46.49 15.86
N ILE U 6 -26.75 47.67 15.86
CA ILE U 6 -26.71 48.54 17.04
C ILE U 6 -28.08 49.10 17.38
N VAL U 7 -28.19 49.73 18.55
CA VAL U 7 -29.41 50.46 18.90
C VAL U 7 -29.18 51.95 18.65
N GLY U 8 -29.68 52.43 17.52
CA GLY U 8 -29.46 53.81 17.12
C GLY U 8 -30.23 54.19 15.87
N SER V 1 -60.43 47.49 27.74
CA SER V 1 -61.61 46.64 27.88
C SER V 1 -61.56 45.46 26.92
N SER V 2 -60.78 45.62 25.85
CA SER V 2 -60.65 44.56 24.85
C SER V 2 -59.61 43.54 25.30
N LYS V 3 -59.93 42.27 25.12
CA LYS V 3 -59.02 41.20 25.52
C LYS V 3 -58.43 40.51 24.29
N PRO V 4 -57.17 40.06 24.40
CA PRO V 4 -56.49 39.38 23.29
C PRO V 4 -57.14 38.03 22.96
N ASP V 5 -56.74 37.46 21.83
CA ASP V 5 -57.19 36.13 21.43
C ASP V 5 -56.52 35.08 22.29
N ILE V 6 -57.03 33.85 22.26
CA ILE V 6 -56.44 32.73 22.98
C ILE V 6 -55.12 32.29 22.38
N VAL V 7 -54.47 31.28 22.96
CA VAL V 7 -53.28 30.71 22.36
C VAL V 7 -53.60 29.35 21.74
N GLY V 8 -53.47 29.27 20.42
CA GLY V 8 -53.81 28.07 19.68
C GLY V 8 -54.23 28.34 18.23
N SER W 1 -54.46 37.83 62.09
CA SER W 1 -53.70 37.89 60.84
C SER W 1 -52.36 38.57 61.08
N SER W 2 -51.41 37.80 61.63
CA SER W 2 -50.11 38.36 61.99
C SER W 2 -49.29 38.78 60.77
N LYS W 3 -48.60 39.91 60.90
CA LYS W 3 -47.89 40.51 59.77
C LYS W 3 -46.46 40.85 60.17
N PRO W 4 -45.53 40.83 59.20
CA PRO W 4 -44.12 41.09 59.56
C PRO W 4 -43.89 42.52 59.98
N ASP W 5 -42.63 42.84 60.27
CA ASP W 5 -42.29 44.17 60.75
C ASP W 5 -41.65 45.02 59.66
N ILE W 6 -41.72 46.33 59.84
CA ILE W 6 -41.15 47.30 58.90
C ILE W 6 -39.63 47.26 58.89
N VAL W 7 -39.02 48.01 57.97
CA VAL W 7 -37.57 48.22 58.02
C VAL W 7 -37.26 49.42 58.91
N GLY W 8 -36.14 49.34 59.63
CA GLY W 8 -35.77 50.37 60.58
C GLY W 8 -35.48 49.78 61.95
N SER X 1 -8.41 31.39 46.35
CA SER X 1 -9.75 31.11 45.85
C SER X 1 -10.46 30.11 46.76
N SER X 2 -11.44 30.59 47.51
CA SER X 2 -12.22 29.73 48.38
C SER X 2 -13.63 29.57 47.83
N LYS X 3 -14.12 28.32 47.83
CA LYS X 3 -15.41 27.98 47.29
C LYS X 3 -16.33 27.46 48.39
N PRO X 4 -17.65 27.63 48.23
CA PRO X 4 -18.61 27.09 49.21
C PRO X 4 -18.60 25.58 49.26
N ASP X 5 -19.48 25.02 50.08
CA ASP X 5 -19.57 23.58 50.27
C ASP X 5 -20.65 22.97 49.39
N ILE X 6 -20.58 21.66 49.18
CA ILE X 6 -21.58 20.94 48.39
C ILE X 6 -22.95 20.97 49.06
N VAL X 7 -24.00 20.67 48.29
CA VAL X 7 -25.34 20.52 48.85
C VAL X 7 -25.67 19.05 49.09
N GLY X 8 -25.66 18.64 50.35
CA GLY X 8 -25.89 17.25 50.71
C GLY X 8 -25.60 16.98 52.17
#